data_6RT8
#
_entry.id   6RT8
#
_cell.length_a   81.540
_cell.length_b   121.030
_cell.length_c   157.980
_cell.angle_alpha   90.000
_cell.angle_beta   99.020
_cell.angle_gamma   90.000
#
_symmetry.space_group_name_H-M   'P 1 21 1'
#
loop_
_entity.id
_entity.type
_entity.pdbx_description
1 polymer 'Catharanthine synthase'
2 non-polymer 18-carboxymethoxy-cleaviminium
3 non-polymer 'HEXAETHYLENE GLYCOL'
4 water water
#
_entity_poly.entity_id   1
_entity_poly.type   'polypeptide(L)'
_entity_poly.pdbx_seq_one_letter_code
;GPASQTPTSDETIWDLSPYIKIFKDGRVERLHNSPYVPPSLNDPETGVSWKDVPISSQVSARVYIPKISDHEKLPIFVYV
HGAGFCLESAFRSFFHTFVKHFVAETKVIGVSIEYRLAPEHLLPAAYEDCWEALQWVASHVGLDNSGLKTAIDKDPWIIN
YGDFDRLYLAGDSPGANIVHNTLIRAGKEKLKGGVKILGAILYYPYFIIPTSTKLSDDFEYNYTCYWKLAYPNAPGGMNN
PMINPIAENAPDLAGYGCSRLLVTLVSMISTTPDETKDINAVYIEALEKSGWKGELEVADFDADYFELFTLETEMGKNMF
RRLASFIKHE
;
_entity_poly.pdbx_strand_id   A,B,C,D,E,F,G,H
#
loop_
_chem_comp.id
_chem_comp.type
_chem_comp.name
_chem_comp.formula
KJE non-polymer 18-carboxymethoxy-cleaviminium 'C21 H25 N2 O2 1'
P6G non-polymer 'HEXAETHYLENE GLYCOL' 'C12 H26 O7'
#
# COMPACT_ATOMS: atom_id res chain seq x y z
N ASP A 10 30.13 -43.60 -30.06
CA ASP A 10 31.19 -44.18 -29.17
C ASP A 10 30.73 -44.06 -27.71
N GLU A 11 31.51 -44.62 -26.77
CA GLU A 11 31.27 -44.62 -25.30
C GLU A 11 31.14 -43.17 -24.81
N THR A 12 30.34 -42.91 -23.78
CA THR A 12 30.21 -41.57 -23.14
C THR A 12 30.65 -41.63 -21.67
N ILE A 13 31.14 -40.51 -21.15
CA ILE A 13 31.47 -40.31 -19.72
C ILE A 13 30.19 -39.81 -19.02
N TRP A 14 29.55 -38.81 -19.61
CA TRP A 14 28.29 -38.20 -19.12
C TRP A 14 27.21 -38.30 -20.21
N ASP A 15 26.22 -39.18 -20.01
CA ASP A 15 24.97 -39.27 -20.80
C ASP A 15 23.85 -38.58 -19.99
N LEU A 16 23.68 -37.28 -20.21
CA LEU A 16 22.68 -36.45 -19.52
C LEU A 16 21.60 -36.07 -20.58
N SER A 17 21.30 -36.99 -21.51
CA SER A 17 20.09 -36.95 -22.38
C SER A 17 18.89 -36.53 -21.53
N PRO A 18 18.06 -35.56 -21.97
CA PRO A 18 18.15 -34.96 -23.30
C PRO A 18 18.87 -33.60 -23.37
N TYR A 19 19.77 -33.32 -22.43
CA TYR A 19 20.45 -31.99 -22.29
C TYR A 19 21.85 -32.02 -22.95
N ILE A 20 22.72 -32.96 -22.58
CA ILE A 20 24.13 -33.02 -23.06
C ILE A 20 24.68 -34.44 -22.96
N LYS A 21 25.53 -34.80 -23.91
CA LYS A 21 26.35 -36.04 -23.92
C LYS A 21 27.82 -35.62 -24.06
N ILE A 22 28.70 -36.09 -23.17
CA ILE A 22 30.17 -35.85 -23.21
C ILE A 22 30.83 -37.21 -23.42
N PHE A 23 31.51 -37.38 -24.56
CA PHE A 23 32.05 -38.67 -25.05
C PHE A 23 33.46 -38.89 -24.50
N LYS A 24 33.88 -40.17 -24.36
CA LYS A 24 35.28 -40.52 -23.97
C LYS A 24 36.26 -39.82 -24.91
N ASP A 25 35.92 -39.68 -26.20
CA ASP A 25 36.81 -39.13 -27.27
C ASP A 25 36.77 -37.58 -27.31
N GLY A 26 36.14 -36.89 -26.36
CA GLY A 26 36.20 -35.43 -26.24
C GLY A 26 35.03 -34.69 -26.89
N ARG A 27 34.31 -35.32 -27.82
CA ARG A 27 33.10 -34.77 -28.49
C ARG A 27 32.03 -34.40 -27.45
N VAL A 28 31.35 -33.27 -27.66
CA VAL A 28 30.26 -32.75 -26.80
C VAL A 28 29.04 -32.56 -27.71
N GLU A 29 27.99 -33.36 -27.50
CA GLU A 29 26.69 -33.21 -28.21
C GLU A 29 25.74 -32.44 -27.31
N ARG A 30 25.29 -31.27 -27.77
CA ARG A 30 24.32 -30.43 -27.05
C ARG A 30 22.95 -30.67 -27.69
N LEU A 31 22.20 -31.58 -27.06
CA LEU A 31 20.85 -32.08 -27.46
C LEU A 31 19.81 -30.95 -27.26
N HIS A 32 19.82 -30.26 -26.09
CA HIS A 32 19.07 -29.02 -25.81
C HIS A 32 19.97 -27.83 -26.20
N ASN A 33 19.97 -27.48 -27.50
CA ASN A 33 20.59 -26.22 -27.97
C ASN A 33 19.53 -25.43 -28.75
N SER A 34 18.88 -24.46 -28.08
CA SER A 34 17.85 -23.62 -28.71
C SER A 34 18.49 -22.81 -29.84
N PRO A 35 17.75 -22.48 -30.91
CA PRO A 35 18.34 -21.76 -32.04
C PRO A 35 18.90 -20.37 -31.69
N TYR A 36 19.92 -19.98 -32.45
CA TYR A 36 20.49 -18.62 -32.44
C TYR A 36 19.41 -17.66 -32.89
N VAL A 37 19.35 -16.50 -32.25
CA VAL A 37 18.45 -15.40 -32.64
C VAL A 37 19.35 -14.19 -32.86
N PRO A 38 19.41 -13.64 -34.10
CA PRO A 38 20.29 -12.53 -34.40
C PRO A 38 19.85 -11.22 -33.76
N PRO A 39 20.75 -10.21 -33.73
CA PRO A 39 20.39 -8.87 -33.25
C PRO A 39 19.14 -8.37 -34.00
N SER A 40 18.35 -7.52 -33.34
CA SER A 40 17.11 -6.94 -33.91
C SER A 40 16.88 -5.54 -33.33
N LEU A 41 16.38 -4.64 -34.17
CA LEU A 41 15.97 -3.26 -33.79
C LEU A 41 14.43 -3.20 -33.80
N ASN A 42 13.81 -2.68 -32.73
CA ASN A 42 12.34 -2.47 -32.63
C ASN A 42 11.62 -3.80 -32.93
N ASP A 43 11.91 -4.83 -32.13
CA ASP A 43 11.23 -6.15 -32.20
C ASP A 43 9.74 -5.89 -32.36
N PRO A 44 9.05 -6.46 -33.38
CA PRO A 44 7.62 -6.21 -33.55
C PRO A 44 6.81 -6.54 -32.28
N GLU A 45 7.02 -7.70 -31.67
CA GLU A 45 6.23 -8.13 -30.48
C GLU A 45 6.46 -7.15 -29.32
N THR A 46 7.70 -6.81 -28.97
CA THR A 46 8.04 -6.21 -27.64
C THR A 46 8.58 -4.77 -27.74
N GLY A 47 8.97 -4.31 -28.93
CA GLY A 47 9.69 -3.02 -29.09
C GLY A 47 11.12 -3.04 -28.54
N VAL A 48 11.61 -4.16 -28.03
CA VAL A 48 13.01 -4.26 -27.50
C VAL A 48 13.98 -4.36 -28.69
N SER A 49 15.16 -3.77 -28.54
CA SER A 49 16.30 -3.86 -29.48
C SER A 49 17.48 -4.53 -28.78
N TRP A 50 18.29 -5.32 -29.49
CA TRP A 50 19.47 -5.95 -28.87
C TRP A 50 20.64 -6.08 -29.85
N LYS A 51 21.85 -6.13 -29.28
CA LYS A 51 23.14 -6.18 -30.00
C LYS A 51 24.11 -7.02 -29.17
N ASP A 52 25.08 -7.65 -29.84
CA ASP A 52 26.11 -8.53 -29.25
C ASP A 52 27.46 -7.82 -29.32
N VAL A 53 28.01 -7.51 -28.14
CA VAL A 53 29.16 -6.57 -28.01
C VAL A 53 30.28 -7.31 -27.28
N PRO A 54 31.54 -6.99 -27.62
CA PRO A 54 32.68 -7.65 -27.00
C PRO A 54 33.07 -6.94 -25.71
N ILE A 55 33.46 -7.72 -24.71
CA ILE A 55 34.01 -7.23 -23.41
C ILE A 55 35.52 -7.51 -23.40
N SER A 56 35.93 -8.70 -23.84
CA SER A 56 37.35 -9.10 -24.01
C SER A 56 37.48 -9.99 -25.26
N SER A 57 38.62 -10.64 -25.45
CA SER A 57 38.79 -11.59 -26.57
C SER A 57 38.02 -12.88 -26.28
N GLN A 58 37.58 -13.10 -25.03
CA GLN A 58 36.91 -14.37 -24.62
C GLN A 58 35.49 -14.14 -24.06
N VAL A 59 35.07 -12.91 -23.81
CA VAL A 59 33.76 -12.61 -23.15
C VAL A 59 33.01 -11.58 -23.96
N SER A 60 31.72 -11.83 -24.18
CA SER A 60 30.81 -10.90 -24.89
C SER A 60 29.49 -10.85 -24.11
N ALA A 61 28.56 -10.01 -24.56
CA ALA A 61 27.24 -9.86 -23.93
C ALA A 61 26.21 -9.42 -24.97
N ARG A 62 24.97 -9.89 -24.82
CA ARG A 62 23.80 -9.32 -25.51
C ARG A 62 23.25 -8.17 -24.65
N VAL A 63 23.27 -6.98 -25.21
CA VAL A 63 22.75 -5.75 -24.55
C VAL A 63 21.37 -5.46 -25.14
N TYR A 64 20.41 -5.17 -24.26
CA TYR A 64 18.98 -4.96 -24.58
C TYR A 64 18.57 -3.55 -24.14
N ILE A 65 17.82 -2.86 -25.00
CA ILE A 65 17.16 -1.58 -24.64
C ILE A 65 15.69 -1.68 -25.05
N PRO A 66 14.74 -1.23 -24.19
CA PRO A 66 13.31 -1.22 -24.54
C PRO A 66 12.93 0.03 -25.33
N LYS A 67 11.73 0.05 -25.92
CA LYS A 67 11.06 1.26 -26.51
C LYS A 67 11.37 2.46 -25.60
N ILE A 68 11.90 3.56 -26.14
CA ILE A 68 12.34 4.73 -25.33
C ILE A 68 11.26 5.82 -25.45
N SER A 69 10.88 6.46 -24.33
CA SER A 69 9.98 7.66 -24.27
C SER A 69 10.83 8.93 -24.00
N ASP A 70 11.31 9.10 -22.77
CA ASP A 70 12.02 10.31 -22.25
C ASP A 70 13.51 10.23 -22.63
N HIS A 71 14.34 11.08 -22.01
CA HIS A 71 15.82 10.93 -21.89
C HIS A 71 16.13 10.03 -20.69
N GLU A 72 15.10 9.60 -19.93
CA GLU A 72 15.15 9.08 -18.53
C GLU A 72 16.00 7.82 -18.41
N LYS A 73 16.81 7.72 -17.35
CA LYS A 73 17.74 6.58 -17.13
C LYS A 73 16.98 5.42 -16.49
N LEU A 74 17.39 4.19 -16.82
CA LEU A 74 16.70 2.92 -16.47
C LEU A 74 17.59 2.09 -15.55
N PRO A 75 16.99 1.20 -14.74
CA PRO A 75 17.78 0.23 -13.99
C PRO A 75 18.59 -0.59 -15.00
N ILE A 76 19.72 -1.10 -14.52
CA ILE A 76 20.62 -1.98 -15.31
C ILE A 76 20.42 -3.39 -14.77
N PHE A 77 20.02 -4.30 -15.64
CA PHE A 77 19.72 -5.71 -15.32
C PHE A 77 20.79 -6.57 -15.96
N VAL A 78 21.77 -7.04 -15.17
CA VAL A 78 22.86 -7.93 -15.66
C VAL A 78 22.41 -9.36 -15.43
N TYR A 79 22.23 -10.14 -16.50
CA TYR A 79 21.73 -11.52 -16.39
C TYR A 79 22.86 -12.50 -16.70
N VAL A 80 22.90 -13.59 -15.95
CA VAL A 80 23.85 -14.72 -16.13
C VAL A 80 23.03 -15.99 -16.34
N HIS A 81 22.88 -16.43 -17.58
CA HIS A 81 22.09 -17.65 -17.90
C HIS A 81 22.67 -18.85 -17.17
N GLY A 82 21.88 -19.88 -16.97
CA GLY A 82 22.31 -21.17 -16.41
C GLY A 82 22.30 -22.26 -17.46
N ALA A 83 21.92 -23.46 -17.06
CA ALA A 83 21.93 -24.70 -17.86
C ALA A 83 23.28 -25.38 -17.74
N GLY A 84 23.54 -25.97 -16.57
CA GLY A 84 24.55 -27.03 -16.32
C GLY A 84 26.00 -26.53 -16.32
N PHE A 85 26.25 -25.22 -16.41
CA PHE A 85 27.57 -24.59 -16.65
C PHE A 85 28.10 -24.97 -18.04
N CYS A 86 27.30 -25.67 -18.86
CA CYS A 86 27.75 -26.37 -20.09
C CYS A 86 26.78 -26.27 -21.27
N LEU A 87 25.71 -25.45 -21.22
CA LEU A 87 24.65 -25.47 -22.29
C LEU A 87 24.17 -24.05 -22.59
N GLU A 88 23.59 -23.88 -23.79
CA GLU A 88 22.85 -22.65 -24.18
C GLU A 88 23.78 -21.43 -24.19
N SER A 89 23.20 -20.24 -24.29
CA SER A 89 23.87 -19.00 -24.74
C SER A 89 22.94 -17.82 -24.49
N ALA A 90 23.54 -16.67 -24.19
CA ALA A 90 22.84 -15.37 -24.18
C ALA A 90 22.20 -15.10 -25.56
N PHE A 91 22.68 -15.75 -26.61
CA PHE A 91 22.33 -15.43 -28.03
C PHE A 91 21.31 -16.42 -28.59
N ARG A 92 20.96 -17.45 -27.83
CA ARG A 92 20.00 -18.50 -28.27
C ARG A 92 18.64 -18.27 -27.59
N SER A 93 17.55 -18.77 -28.18
CA SER A 93 16.16 -18.31 -27.90
C SER A 93 15.75 -18.63 -26.45
N PHE A 94 16.20 -19.75 -25.89
CA PHE A 94 15.73 -20.18 -24.55
C PHE A 94 15.94 -19.04 -23.54
N PHE A 95 17.15 -18.51 -23.40
CA PHE A 95 17.39 -17.45 -22.40
C PHE A 95 17.09 -16.08 -23.01
N HIS A 96 17.33 -15.89 -24.31
CA HIS A 96 17.14 -14.59 -24.99
C HIS A 96 15.67 -14.17 -24.89
N THR A 97 14.74 -15.10 -25.14
CA THR A 97 13.28 -14.84 -25.16
C THR A 97 12.85 -14.33 -23.77
N PHE A 98 13.30 -15.00 -22.73
CA PHE A 98 13.08 -14.57 -21.34
C PHE A 98 13.61 -13.15 -21.14
N VAL A 99 14.88 -12.89 -21.45
CA VAL A 99 15.51 -11.58 -21.10
C VAL A 99 14.79 -10.49 -21.88
N LYS A 100 14.45 -10.77 -23.14
CA LYS A 100 13.76 -9.80 -24.03
C LYS A 100 12.45 -9.37 -23.37
N HIS A 101 11.61 -10.34 -23.02
CA HIS A 101 10.29 -10.09 -22.39
C HIS A 101 10.52 -9.35 -21.06
N PHE A 102 11.47 -9.79 -20.25
CA PHE A 102 11.77 -9.17 -18.94
C PHE A 102 12.15 -7.70 -19.13
N VAL A 103 12.94 -7.41 -20.16
CA VAL A 103 13.41 -6.03 -20.46
C VAL A 103 12.19 -5.17 -20.82
N ALA A 104 11.32 -5.69 -21.69
CA ALA A 104 10.10 -4.99 -22.16
C ALA A 104 9.22 -4.62 -20.97
N GLU A 105 9.02 -5.59 -20.07
CA GLU A 105 8.08 -5.51 -18.92
C GLU A 105 8.65 -4.57 -17.86
N THR A 106 9.93 -4.69 -17.48
CA THR A 106 10.55 -3.93 -16.36
C THR A 106 11.15 -2.60 -16.85
N LYS A 107 11.27 -2.37 -18.16
CA LYS A 107 11.89 -1.14 -18.73
C LYS A 107 13.29 -0.94 -18.11
N VAL A 108 14.19 -1.86 -18.41
CA VAL A 108 15.61 -1.88 -17.93
C VAL A 108 16.56 -1.97 -19.13
N ILE A 109 17.81 -1.55 -18.95
CA ILE A 109 18.96 -1.92 -19.83
C ILE A 109 19.38 -3.35 -19.43
N GLY A 110 19.24 -4.28 -20.35
CA GLY A 110 19.64 -5.69 -20.17
C GLY A 110 21.06 -5.92 -20.66
N VAL A 111 21.83 -6.68 -19.89
CA VAL A 111 23.20 -7.15 -20.25
C VAL A 111 23.28 -8.62 -19.89
N SER A 112 23.04 -9.48 -20.87
CA SER A 112 23.06 -10.96 -20.74
C SER A 112 24.45 -11.46 -21.14
N ILE A 113 25.17 -12.06 -20.21
CA ILE A 113 26.63 -12.30 -20.37
C ILE A 113 26.84 -13.61 -21.12
N GLU A 114 27.67 -13.59 -22.16
CA GLU A 114 28.11 -14.81 -22.89
C GLU A 114 29.46 -15.20 -22.32
N TYR A 115 29.44 -16.13 -21.38
CA TYR A 115 30.61 -16.65 -20.64
C TYR A 115 31.00 -18.01 -21.24
N ARG A 116 32.25 -18.43 -21.03
CA ARG A 116 32.74 -19.71 -21.60
C ARG A 116 32.12 -20.90 -20.86
N LEU A 117 31.68 -21.89 -21.62
CA LEU A 117 30.99 -23.11 -21.10
C LEU A 117 31.99 -24.25 -20.86
N ALA A 118 31.73 -25.08 -19.85
CA ALA A 118 32.37 -26.40 -19.67
C ALA A 118 31.75 -27.37 -20.66
N PRO A 119 32.39 -28.51 -21.00
CA PRO A 119 33.72 -28.86 -20.53
C PRO A 119 34.91 -28.24 -21.30
N GLU A 120 34.67 -27.53 -22.39
CA GLU A 120 35.72 -26.89 -23.24
C GLU A 120 36.52 -25.88 -22.39
N HIS A 121 35.85 -25.13 -21.54
CA HIS A 121 36.48 -24.19 -20.57
C HIS A 121 35.91 -24.50 -19.18
N LEU A 122 36.67 -25.27 -18.41
CA LEU A 122 36.34 -25.66 -17.03
C LEU A 122 36.25 -24.41 -16.15
N LEU A 123 35.49 -24.51 -15.06
CA LEU A 123 35.51 -23.48 -14.01
C LEU A 123 36.94 -23.42 -13.49
N PRO A 124 37.43 -22.25 -13.02
CA PRO A 124 36.60 -21.04 -12.84
C PRO A 124 36.48 -20.05 -14.02
N ALA A 125 36.63 -20.52 -15.26
CA ALA A 125 36.48 -19.65 -16.45
C ALA A 125 35.18 -18.81 -16.33
N ALA A 126 34.02 -19.45 -16.13
CA ALA A 126 32.71 -18.75 -16.12
C ALA A 126 32.74 -17.64 -15.07
N TYR A 127 33.28 -17.92 -13.88
CA TYR A 127 33.34 -16.96 -12.76
C TYR A 127 34.16 -15.75 -13.18
N GLU A 128 35.33 -16.00 -13.77
CA GLU A 128 36.27 -14.94 -14.25
C GLU A 128 35.55 -14.10 -15.31
N ASP A 129 34.87 -14.75 -16.23
CA ASP A 129 34.22 -14.08 -17.38
C ASP A 129 33.14 -13.14 -16.86
N CYS A 130 32.30 -13.63 -15.95
CA CYS A 130 31.15 -12.86 -15.42
C CYS A 130 31.65 -11.72 -14.55
N TRP A 131 32.73 -11.92 -13.79
CA TRP A 131 33.38 -10.81 -13.04
C TRP A 131 33.89 -9.76 -14.02
N GLU A 132 34.54 -10.20 -15.09
CA GLU A 132 35.11 -9.26 -16.10
C GLU A 132 33.95 -8.47 -16.72
N ALA A 133 32.84 -9.14 -17.02
CA ALA A 133 31.66 -8.51 -17.67
C ALA A 133 31.04 -7.49 -16.72
N LEU A 134 30.94 -7.81 -15.44
CA LEU A 134 30.33 -6.90 -14.44
C LEU A 134 31.21 -5.65 -14.33
N GLN A 135 32.54 -5.83 -14.28
CA GLN A 135 33.50 -4.70 -14.18
C GLN A 135 33.38 -3.85 -15.44
N TRP A 136 33.14 -4.49 -16.57
CA TRP A 136 32.93 -3.80 -17.86
C TRP A 136 31.70 -2.90 -17.73
N VAL A 137 30.58 -3.44 -17.23
CA VAL A 137 29.33 -2.66 -17.01
C VAL A 137 29.67 -1.47 -16.08
N ALA A 138 30.26 -1.73 -14.92
CA ALA A 138 30.67 -0.69 -13.94
C ALA A 138 31.51 0.41 -14.60
N SER A 139 32.31 0.06 -15.62
CA SER A 139 33.32 0.97 -16.19
C SER A 139 32.63 2.10 -16.96
N HIS A 140 31.33 1.97 -17.25
CA HIS A 140 30.57 3.05 -17.95
C HIS A 140 30.17 4.18 -16.99
N VAL A 141 30.26 4.00 -15.67
CA VAL A 141 29.73 5.01 -14.71
C VAL A 141 30.39 6.37 -14.98
N GLY A 142 29.57 7.41 -15.14
CA GLY A 142 29.99 8.81 -15.25
C GLY A 142 30.71 9.12 -16.55
N LEU A 143 30.22 8.63 -17.71
CA LEU A 143 30.86 8.89 -19.03
C LEU A 143 30.00 9.84 -19.90
N ASP A 144 28.95 10.47 -19.37
CA ASP A 144 28.15 11.48 -20.11
C ASP A 144 29.03 12.64 -20.60
N THR A 150 34.79 8.48 -26.19
CA THR A 150 34.57 7.12 -25.60
C THR A 150 35.44 6.10 -26.35
N ALA A 151 36.23 5.30 -25.62
CA ALA A 151 36.95 4.08 -26.05
C ALA A 151 36.02 3.11 -26.79
N ILE A 152 36.61 2.25 -27.63
CA ILE A 152 35.86 1.44 -28.64
C ILE A 152 35.01 0.37 -27.94
N ASP A 153 35.32 0.00 -26.70
CA ASP A 153 34.65 -1.13 -26.01
C ASP A 153 33.39 -0.67 -25.26
N LYS A 154 33.16 0.64 -25.13
CA LYS A 154 32.10 1.22 -24.24
C LYS A 154 30.77 1.29 -24.99
N ASP A 155 29.70 0.82 -24.37
CA ASP A 155 28.35 0.77 -24.98
C ASP A 155 27.63 2.10 -24.77
N PRO A 156 27.24 2.83 -25.83
CA PRO A 156 26.49 4.09 -25.66
C PRO A 156 25.09 3.91 -25.03
N TRP A 157 24.47 2.73 -25.18
CA TRP A 157 23.18 2.41 -24.52
C TRP A 157 23.38 2.51 -23.00
N ILE A 158 24.40 1.85 -22.47
CA ILE A 158 24.69 1.87 -21.00
C ILE A 158 25.06 3.30 -20.60
N ILE A 159 25.86 3.99 -21.40
CA ILE A 159 26.35 5.34 -21.00
C ILE A 159 25.13 6.25 -20.88
N ASN A 160 24.23 6.18 -21.85
CA ASN A 160 23.14 7.17 -22.03
C ASN A 160 21.95 6.82 -21.14
N TYR A 161 21.66 5.55 -20.88
CA TYR A 161 20.35 5.10 -20.30
C TYR A 161 20.53 4.29 -19.02
N GLY A 162 21.77 3.92 -18.65
CA GLY A 162 22.04 3.07 -17.48
C GLY A 162 22.07 3.89 -16.20
N ASP A 163 21.24 3.50 -15.22
CA ASP A 163 21.19 4.14 -13.89
C ASP A 163 21.99 3.27 -12.93
N PHE A 164 23.18 3.73 -12.56
CA PHE A 164 24.15 2.98 -11.71
C PHE A 164 23.66 2.97 -10.26
N ASP A 165 22.68 3.82 -9.91
CA ASP A 165 22.01 3.80 -8.58
C ASP A 165 21.03 2.61 -8.49
N ARG A 166 20.66 2.00 -9.61
CA ARG A 166 19.70 0.88 -9.65
C ARG A 166 20.26 -0.26 -10.52
N LEU A 167 21.42 -0.79 -10.14
CA LEU A 167 22.07 -1.93 -10.82
C LEU A 167 21.59 -3.22 -10.16
N TYR A 168 21.10 -4.16 -10.96
CA TYR A 168 20.67 -5.50 -10.50
C TYR A 168 21.51 -6.55 -11.22
N LEU A 169 21.81 -7.62 -10.49
CA LEU A 169 22.54 -8.81 -10.99
C LEU A 169 21.68 -10.04 -10.75
N ALA A 170 21.34 -10.77 -11.80
CA ALA A 170 20.38 -11.90 -11.74
C ALA A 170 20.94 -13.09 -12.52
N GLY A 171 20.59 -14.29 -12.08
CA GLY A 171 20.94 -15.54 -12.76
C GLY A 171 20.05 -16.69 -12.34
N ASP A 172 20.09 -17.76 -13.13
CA ASP A 172 19.36 -19.01 -12.83
C ASP A 172 20.32 -20.18 -12.79
N SER A 173 19.98 -21.20 -11.99
CA SER A 173 20.71 -22.49 -11.88
C SER A 173 22.21 -22.17 -11.80
N PRO A 174 23.16 -22.85 -12.51
CA PRO A 174 24.56 -22.47 -12.37
C PRO A 174 24.84 -20.96 -12.53
N GLY A 175 24.03 -20.25 -13.31
CA GLY A 175 24.10 -18.77 -13.42
C GLY A 175 23.88 -18.10 -12.06
N ALA A 176 22.98 -18.66 -11.25
CA ALA A 176 22.70 -18.17 -9.88
C ALA A 176 23.89 -18.49 -8.98
N ASN A 177 24.57 -19.62 -9.24
CA ASN A 177 25.82 -19.97 -8.53
C ASN A 177 26.88 -18.92 -8.89
N ILE A 178 26.97 -18.55 -10.15
CA ILE A 178 27.93 -17.50 -10.61
C ILE A 178 27.58 -16.21 -9.89
N VAL A 179 26.30 -15.85 -9.83
CA VAL A 179 25.87 -14.57 -9.21
C VAL A 179 26.28 -14.60 -7.74
N HIS A 180 26.07 -15.74 -7.05
CA HIS A 180 26.45 -15.91 -5.63
C HIS A 180 27.93 -15.55 -5.49
N ASN A 181 28.78 -16.16 -6.32
CA ASN A 181 30.25 -16.03 -6.17
C ASN A 181 30.64 -14.59 -6.54
N THR A 182 29.96 -14.00 -7.51
CA THR A 182 30.18 -12.59 -7.95
C THR A 182 29.79 -11.63 -6.81
N LEU A 183 28.72 -11.92 -6.05
CA LEU A 183 28.26 -11.05 -4.93
C LEU A 183 29.32 -11.09 -3.83
N ILE A 184 29.85 -12.27 -3.51
CA ILE A 184 30.95 -12.41 -2.51
C ILE A 184 32.11 -11.52 -2.97
N ARG A 185 32.46 -11.63 -4.25
CA ARG A 185 33.62 -10.94 -4.83
C ARG A 185 33.36 -9.43 -4.80
N ALA A 186 32.16 -8.99 -5.23
CA ALA A 186 31.78 -7.55 -5.24
C ALA A 186 31.93 -7.00 -3.83
N GLY A 187 31.65 -7.83 -2.82
CA GLY A 187 31.81 -7.52 -1.40
C GLY A 187 33.24 -7.28 -1.01
N LYS A 188 34.16 -8.17 -1.42
CA LYS A 188 35.59 -8.13 -1.01
C LYS A 188 36.30 -7.04 -1.83
N GLU A 189 36.15 -7.03 -3.17
CA GLU A 189 37.01 -6.28 -4.10
C GLU A 189 36.46 -4.87 -4.39
N LYS A 190 35.15 -4.69 -4.44
CA LYS A 190 34.53 -3.44 -4.95
C LYS A 190 34.63 -3.43 -6.48
N LEU A 191 33.79 -2.62 -7.11
CA LEU A 191 33.67 -2.43 -8.56
C LEU A 191 34.25 -1.08 -8.93
N LYS A 192 34.58 -0.92 -10.21
CA LYS A 192 35.12 0.37 -10.73
C LYS A 192 34.13 1.49 -10.41
N GLY A 193 34.66 2.67 -10.14
CA GLY A 193 33.88 3.92 -9.99
C GLY A 193 33.06 3.94 -8.72
N GLY A 194 33.22 2.94 -7.85
CA GLY A 194 32.44 2.79 -6.61
C GLY A 194 31.03 2.27 -6.88
N VAL A 195 30.77 1.78 -8.08
CA VAL A 195 29.45 1.18 -8.45
C VAL A 195 29.11 0.12 -7.39
N LYS A 196 27.88 0.16 -6.88
CA LYS A 196 27.35 -0.83 -5.91
C LYS A 196 26.21 -1.57 -6.62
N ILE A 197 26.13 -2.89 -6.48
CA ILE A 197 24.94 -3.67 -6.90
C ILE A 197 23.79 -3.36 -5.92
N LEU A 198 22.67 -2.79 -6.39
CA LEU A 198 21.50 -2.51 -5.52
C LEU A 198 20.87 -3.84 -5.10
N GLY A 199 20.51 -4.68 -6.07
CA GLY A 199 19.80 -5.94 -5.80
C GLY A 199 20.25 -7.08 -6.68
N ALA A 200 20.02 -8.30 -6.23
CA ALA A 200 20.36 -9.53 -6.97
C ALA A 200 19.20 -10.54 -6.88
N ILE A 201 19.08 -11.39 -7.89
CA ILE A 201 18.06 -12.46 -8.02
C ILE A 201 18.76 -13.79 -8.27
N LEU A 202 18.48 -14.80 -7.46
CA LEU A 202 18.82 -16.21 -7.73
C LEU A 202 17.51 -16.94 -8.02
N TYR A 203 17.25 -17.28 -9.28
CA TYR A 203 16.16 -18.21 -9.66
C TYR A 203 16.73 -19.63 -9.73
N TYR A 204 16.25 -20.52 -8.88
CA TYR A 204 16.73 -21.92 -8.73
C TYR A 204 18.20 -21.89 -8.40
N PRO A 205 18.61 -21.59 -7.15
CA PRO A 205 20.02 -21.61 -6.79
C PRO A 205 20.64 -22.97 -7.13
N TYR A 206 21.95 -22.99 -7.42
CA TYR A 206 22.72 -24.24 -7.64
C TYR A 206 23.83 -24.27 -6.60
N PHE A 207 23.51 -24.93 -5.47
CA PHE A 207 24.46 -25.26 -4.39
C PHE A 207 24.43 -26.77 -4.16
N ILE A 208 25.52 -27.30 -3.62
CA ILE A 208 25.60 -28.67 -3.07
C ILE A 208 26.04 -28.53 -1.62
N ILE A 209 25.19 -28.95 -0.70
CA ILE A 209 25.40 -28.91 0.78
C ILE A 209 24.90 -30.23 1.32
N PRO A 210 25.70 -30.92 2.17
CA PRO A 210 25.19 -32.01 2.99
C PRO A 210 24.08 -31.52 3.93
N THR A 211 22.93 -32.21 3.91
CA THR A 211 21.76 -31.99 4.79
C THR A 211 21.44 -33.30 5.51
N SER A 212 20.43 -33.31 6.38
CA SER A 212 20.08 -34.49 7.22
C SER A 212 19.38 -35.56 6.37
N THR A 213 18.65 -35.16 5.32
CA THR A 213 18.06 -36.12 4.33
C THR A 213 18.96 -36.13 3.08
N LYS A 214 19.51 -37.30 2.74
CA LYS A 214 20.23 -37.59 1.48
C LYS A 214 19.28 -37.30 0.31
N LEU A 215 19.81 -36.78 -0.81
CA LEU A 215 19.11 -36.74 -2.13
C LEU A 215 18.91 -38.19 -2.57
N SER A 216 17.90 -38.48 -3.39
CA SER A 216 17.71 -39.82 -4.00
C SER A 216 18.88 -40.09 -4.96
N ASP A 217 19.20 -41.36 -5.22
CA ASP A 217 20.36 -41.76 -6.06
C ASP A 217 20.27 -41.01 -7.41
N ASP A 218 19.15 -41.15 -8.14
CA ASP A 218 19.00 -40.61 -9.52
C ASP A 218 19.11 -39.09 -9.49
N PHE A 219 18.48 -38.41 -8.55
CA PHE A 219 18.50 -36.92 -8.51
C PHE A 219 19.92 -36.45 -8.17
N GLU A 220 20.56 -37.09 -7.18
CA GLU A 220 21.96 -36.77 -6.77
C GLU A 220 22.86 -36.84 -8.02
N TYR A 221 22.78 -37.91 -8.80
CA TYR A 221 23.60 -38.12 -10.01
C TYR A 221 23.33 -36.99 -11.02
N ASN A 222 22.06 -36.67 -11.27
CA ASN A 222 21.63 -35.74 -12.35
C ASN A 222 21.70 -34.30 -11.89
N TYR A 223 21.98 -34.04 -10.62
CA TYR A 223 22.10 -32.67 -10.06
C TYR A 223 23.58 -32.33 -9.89
N THR A 224 24.35 -33.22 -9.22
CA THR A 224 25.77 -32.97 -8.88
C THR A 224 26.67 -33.11 -10.13
N CYS A 225 26.23 -33.84 -11.15
CA CYS A 225 27.01 -34.08 -12.40
C CYS A 225 27.53 -32.75 -12.97
N TYR A 226 26.75 -31.66 -12.90
CA TYR A 226 27.11 -30.38 -13.56
C TYR A 226 28.38 -29.81 -12.89
N TRP A 227 28.42 -29.80 -11.57
CA TRP A 227 29.61 -29.38 -10.81
C TRP A 227 30.80 -30.30 -11.11
N LYS A 228 30.55 -31.61 -11.19
CA LYS A 228 31.62 -32.61 -11.43
C LYS A 228 32.27 -32.42 -12.82
N LEU A 229 31.47 -32.13 -13.85
CA LEU A 229 31.98 -32.04 -15.24
C LEU A 229 32.56 -30.64 -15.46
N ALA A 230 32.08 -29.63 -14.74
CA ALA A 230 32.49 -28.22 -14.91
C ALA A 230 33.76 -27.90 -14.10
N TYR A 231 33.96 -28.56 -12.96
CA TYR A 231 35.07 -28.27 -12.03
C TYR A 231 35.59 -29.58 -11.45
N PRO A 232 36.08 -30.51 -12.31
CA PRO A 232 36.49 -31.83 -11.83
C PRO A 232 37.58 -31.78 -10.78
N ASN A 233 38.47 -30.79 -10.84
CA ASN A 233 39.66 -30.70 -9.98
C ASN A 233 39.43 -29.62 -8.90
N ALA A 234 38.19 -29.38 -8.51
CA ALA A 234 37.84 -28.33 -7.52
C ALA A 234 38.50 -28.71 -6.21
N PRO A 235 39.27 -27.80 -5.56
CA PRO A 235 39.79 -28.11 -4.23
C PRO A 235 38.60 -28.27 -3.27
N GLY A 236 38.54 -29.41 -2.57
CA GLY A 236 37.47 -29.81 -1.66
C GLY A 236 36.28 -30.49 -2.36
N GLY A 237 36.35 -30.65 -3.70
CA GLY A 237 35.31 -31.30 -4.51
C GLY A 237 33.97 -30.58 -4.38
N MET A 238 32.94 -31.26 -3.89
CA MET A 238 31.59 -30.67 -3.71
C MET A 238 31.49 -29.90 -2.39
N ASN A 239 32.59 -29.81 -1.63
CA ASN A 239 32.71 -28.93 -0.43
C ASN A 239 33.59 -27.71 -0.75
N ASN A 240 33.92 -27.50 -2.01
CA ASN A 240 34.53 -26.23 -2.48
C ASN A 240 33.59 -25.09 -2.08
N PRO A 241 34.09 -24.02 -1.43
CA PRO A 241 33.25 -22.88 -1.03
C PRO A 241 32.38 -22.25 -2.12
N MET A 242 32.74 -22.44 -3.40
CA MET A 242 32.04 -21.80 -4.53
C MET A 242 30.79 -22.58 -4.91
N ILE A 243 30.68 -23.85 -4.44
CA ILE A 243 29.49 -24.73 -4.63
C ILE A 243 28.78 -24.96 -3.29
N ASN A 244 29.53 -24.93 -2.18
CA ASN A 244 28.99 -25.17 -0.82
C ASN A 244 29.23 -23.91 0.00
N PRO A 245 28.24 -22.99 0.07
CA PRO A 245 28.48 -21.67 0.65
C PRO A 245 28.55 -21.65 2.19
N ILE A 246 28.44 -22.81 2.85
CA ILE A 246 28.64 -22.97 4.33
C ILE A 246 29.78 -23.97 4.64
N ALA A 247 30.67 -24.25 3.69
CA ALA A 247 31.88 -25.09 3.90
C ALA A 247 32.76 -24.44 4.98
N GLU A 248 33.62 -25.25 5.65
CA GLU A 248 34.59 -24.80 6.69
C GLU A 248 35.30 -23.51 6.25
N ASN A 249 35.81 -23.45 5.02
CA ASN A 249 36.68 -22.36 4.52
C ASN A 249 35.87 -21.32 3.74
N ALA A 250 34.53 -21.31 3.84
CA ALA A 250 33.66 -20.52 2.94
C ALA A 250 33.71 -19.06 3.34
N PRO A 251 33.65 -18.11 2.37
CA PRO A 251 33.57 -16.69 2.72
C PRO A 251 32.27 -16.34 3.46
N ASP A 252 32.38 -15.44 4.44
CA ASP A 252 31.26 -14.90 5.25
C ASP A 252 30.22 -14.29 4.32
N LEU A 253 28.96 -14.72 4.46
CA LEU A 253 27.82 -14.25 3.62
C LEU A 253 27.46 -12.79 3.97
N ALA A 254 27.87 -12.29 5.13
CA ALA A 254 27.71 -10.88 5.56
C ALA A 254 28.37 -9.94 4.55
N GLY A 255 29.35 -10.45 3.79
CA GLY A 255 30.11 -9.68 2.79
C GLY A 255 29.33 -9.45 1.49
N TYR A 256 28.23 -10.19 1.25
CA TYR A 256 27.42 -10.09 0.01
C TYR A 256 27.33 -8.62 -0.40
N GLY A 257 27.73 -8.28 -1.61
CA GLY A 257 27.80 -6.89 -2.11
C GLY A 257 26.53 -6.49 -2.83
N CYS A 258 25.37 -6.65 -2.18
CA CYS A 258 24.08 -6.07 -2.61
C CYS A 258 23.27 -5.67 -1.35
N SER A 259 22.30 -4.79 -1.48
CA SER A 259 21.39 -4.33 -0.39
C SER A 259 20.10 -5.16 -0.36
N ARG A 260 19.71 -5.76 -1.49
CA ARG A 260 18.43 -6.49 -1.67
C ARG A 260 18.73 -7.81 -2.38
N LEU A 261 18.08 -8.89 -1.97
CA LEU A 261 18.25 -10.22 -2.58
C LEU A 261 16.90 -10.94 -2.68
N LEU A 262 16.55 -11.37 -3.90
CA LEU A 262 15.39 -12.25 -4.17
C LEU A 262 15.90 -13.66 -4.46
N VAL A 263 15.50 -14.64 -3.65
CA VAL A 263 15.73 -16.09 -3.92
C VAL A 263 14.39 -16.71 -4.31
N THR A 264 14.28 -17.21 -5.53
CA THR A 264 13.04 -17.85 -6.07
C THR A 264 13.29 -19.36 -6.18
N LEU A 265 12.45 -20.17 -5.56
CA LEU A 265 12.54 -21.65 -5.53
C LEU A 265 11.34 -22.24 -6.28
N VAL A 266 11.56 -23.41 -6.89
CA VAL A 266 10.52 -24.17 -7.65
C VAL A 266 10.55 -25.61 -7.13
N SER A 267 9.63 -26.45 -7.58
CA SER A 267 9.36 -27.78 -7.00
C SER A 267 9.55 -28.89 -8.05
N MET A 268 9.62 -28.53 -9.34
CA MET A 268 9.70 -29.53 -10.43
C MET A 268 10.81 -29.13 -11.43
N ILE A 269 11.53 -30.14 -11.90
CA ILE A 269 12.35 -30.06 -13.14
C ILE A 269 11.58 -30.85 -14.20
N SER A 270 10.88 -30.15 -15.09
CA SER A 270 9.97 -30.78 -16.06
C SER A 270 8.99 -31.69 -15.27
N THR A 271 8.94 -33.00 -15.49
CA THR A 271 8.02 -33.91 -14.77
C THR A 271 8.74 -34.64 -13.61
N THR A 272 9.91 -34.17 -13.20
CA THR A 272 10.73 -34.77 -12.12
C THR A 272 10.63 -33.90 -10.87
N PRO A 273 10.21 -34.46 -9.71
CA PRO A 273 10.32 -33.77 -8.44
C PRO A 273 11.74 -33.27 -8.14
N ASP A 274 11.87 -31.96 -7.98
CA ASP A 274 13.10 -31.30 -7.48
C ASP A 274 13.33 -31.63 -6.01
N GLU A 275 14.60 -31.68 -5.56
CA GLU A 275 14.98 -32.10 -4.19
C GLU A 275 15.94 -31.09 -3.55
N THR A 276 15.96 -29.84 -4.01
CA THR A 276 16.89 -28.80 -3.48
C THR A 276 16.28 -28.01 -2.31
N LYS A 277 15.05 -28.32 -1.86
CA LYS A 277 14.37 -27.60 -0.75
C LYS A 277 15.36 -27.53 0.43
N ASP A 278 15.90 -28.67 0.88
CA ASP A 278 16.75 -28.72 2.11
C ASP A 278 18.02 -27.88 1.93
N ILE A 279 18.69 -28.05 0.79
CA ILE A 279 19.94 -27.29 0.46
C ILE A 279 19.67 -25.78 0.54
N ASN A 280 18.63 -25.31 -0.12
CA ASN A 280 18.32 -23.87 -0.26
C ASN A 280 17.89 -23.30 1.10
N ALA A 281 17.23 -24.13 1.93
CA ALA A 281 16.84 -23.76 3.31
C ALA A 281 18.11 -23.48 4.12
N VAL A 282 19.10 -24.38 4.08
CA VAL A 282 20.39 -24.22 4.83
C VAL A 282 21.07 -22.93 4.36
N TYR A 283 21.08 -22.67 3.04
CA TYR A 283 21.69 -21.46 2.45
C TYR A 283 21.00 -20.22 3.04
N ILE A 284 19.67 -20.18 2.96
CA ILE A 284 18.87 -18.99 3.38
C ILE A 284 19.09 -18.75 4.89
N GLU A 285 18.99 -19.80 5.72
CA GLU A 285 19.20 -19.73 7.20
C GLU A 285 20.59 -19.15 7.46
N ALA A 286 21.59 -19.52 6.65
CA ALA A 286 23.00 -19.09 6.84
C ALA A 286 23.11 -17.59 6.53
N LEU A 287 22.50 -17.16 5.42
CA LEU A 287 22.46 -15.73 5.05
C LEU A 287 21.78 -14.95 6.18
N GLU A 288 20.56 -15.36 6.60
CA GLU A 288 19.76 -14.68 7.67
C GLU A 288 20.60 -14.64 8.96
N LYS A 289 21.34 -15.70 9.29
CA LYS A 289 22.15 -15.80 10.55
C LYS A 289 23.50 -15.05 10.38
N SER A 290 23.86 -14.55 9.20
CA SER A 290 25.22 -14.04 8.87
C SER A 290 25.48 -12.65 9.45
N GLY A 291 24.44 -11.82 9.58
CA GLY A 291 24.66 -10.40 9.95
C GLY A 291 24.70 -9.50 8.74
N TRP A 292 24.49 -10.05 7.54
CA TRP A 292 24.10 -9.31 6.32
C TRP A 292 22.82 -8.54 6.66
N LYS A 293 22.80 -7.21 6.55
CA LYS A 293 21.65 -6.40 7.07
C LYS A 293 20.81 -5.92 5.87
N GLY A 294 20.85 -6.66 4.76
CA GLY A 294 20.08 -6.35 3.55
C GLY A 294 18.64 -6.84 3.63
N GLU A 295 17.82 -6.48 2.63
CA GLU A 295 16.43 -6.93 2.45
C GLU A 295 16.45 -8.29 1.74
N LEU A 296 16.03 -9.35 2.42
CA LEU A 296 15.91 -10.71 1.85
C LEU A 296 14.45 -10.95 1.43
N GLU A 297 14.26 -11.42 0.21
CA GLU A 297 12.95 -11.81 -0.36
C GLU A 297 13.06 -13.26 -0.82
N VAL A 298 12.19 -14.14 -0.34
CA VAL A 298 12.05 -15.53 -0.84
C VAL A 298 10.68 -15.70 -1.50
N ALA A 299 10.65 -16.39 -2.63
CA ALA A 299 9.47 -16.73 -3.44
C ALA A 299 9.52 -18.22 -3.76
N ASP A 300 8.66 -19.03 -3.16
CA ASP A 300 8.68 -20.50 -3.24
C ASP A 300 7.41 -20.93 -4.00
N PHE A 301 7.54 -21.42 -5.23
CA PHE A 301 6.41 -21.79 -6.12
C PHE A 301 6.35 -23.31 -6.31
N ASP A 302 5.13 -23.83 -6.42
CA ASP A 302 4.81 -25.17 -6.98
C ASP A 302 4.75 -24.97 -8.50
N ALA A 303 5.89 -25.17 -9.14
CA ALA A 303 6.15 -24.80 -10.54
C ALA A 303 7.34 -25.60 -11.05
N ASP A 304 7.40 -25.67 -12.38
CA ASP A 304 8.50 -26.26 -13.18
C ASP A 304 9.54 -25.16 -13.42
N TYR A 305 10.82 -25.43 -13.11
CA TYR A 305 11.98 -24.57 -13.45
C TYR A 305 11.77 -23.91 -14.81
N PHE A 306 11.38 -24.71 -15.82
CA PHE A 306 11.36 -24.30 -17.26
C PHE A 306 10.29 -23.24 -17.55
N GLU A 307 9.22 -23.17 -16.75
CA GLU A 307 8.00 -22.35 -17.05
C GLU A 307 8.34 -20.86 -17.02
N LEU A 308 9.35 -20.44 -16.26
CA LEU A 308 9.74 -19.01 -16.18
C LEU A 308 10.13 -18.51 -17.57
N PHE A 309 10.81 -19.35 -18.36
CA PHE A 309 11.52 -18.97 -19.60
C PHE A 309 10.54 -19.01 -20.78
N THR A 310 9.70 -20.05 -20.82
CA THR A 310 8.73 -20.37 -21.91
C THR A 310 7.50 -19.44 -21.83
N LEU A 311 7.06 -19.05 -20.63
CA LEU A 311 5.97 -18.05 -20.37
C LEU A 311 4.65 -18.46 -21.05
N GLU A 312 4.38 -19.77 -21.17
CA GLU A 312 3.19 -20.34 -21.83
C GLU A 312 2.08 -20.59 -20.80
N THR A 313 2.47 -20.83 -19.54
CA THR A 313 1.57 -21.19 -18.42
C THR A 313 1.36 -20.01 -17.46
N GLU A 314 0.24 -20.05 -16.74
CA GLU A 314 -0.10 -19.02 -15.73
C GLU A 314 0.97 -19.03 -14.63
N MET A 315 1.42 -20.20 -14.17
CA MET A 315 2.45 -20.26 -13.10
C MET A 315 3.76 -19.62 -13.60
N GLY A 316 4.10 -19.85 -14.87
CA GLY A 316 5.27 -19.21 -15.51
C GLY A 316 5.14 -17.70 -15.44
N LYS A 317 3.97 -17.18 -15.84
CA LYS A 317 3.67 -15.74 -15.84
C LYS A 317 3.71 -15.19 -14.40
N ASN A 318 3.22 -15.93 -13.40
CA ASN A 318 3.27 -15.49 -11.98
C ASN A 318 4.72 -15.28 -11.54
N MET A 319 5.59 -16.26 -11.82
CA MET A 319 7.01 -16.21 -11.41
C MET A 319 7.68 -15.04 -12.14
N PHE A 320 7.36 -14.85 -13.41
CA PHE A 320 7.90 -13.73 -14.21
C PHE A 320 7.55 -12.41 -13.52
N ARG A 321 6.26 -12.26 -13.18
CA ARG A 321 5.75 -11.03 -12.54
C ARG A 321 6.39 -10.85 -11.15
N ARG A 322 6.65 -11.95 -10.41
CA ARG A 322 7.30 -11.84 -9.08
C ARG A 322 8.70 -11.21 -9.29
N LEU A 323 9.50 -11.72 -10.23
CA LEU A 323 10.86 -11.20 -10.50
C LEU A 323 10.74 -9.73 -10.96
N ALA A 324 9.77 -9.43 -11.82
CA ALA A 324 9.55 -8.05 -12.32
C ALA A 324 9.29 -7.10 -11.14
N SER A 325 8.53 -7.54 -10.13
CA SER A 325 8.19 -6.74 -8.92
C SER A 325 9.45 -6.40 -8.10
N PHE A 326 10.45 -7.27 -8.07
CA PHE A 326 11.72 -7.02 -7.36
C PHE A 326 12.42 -5.79 -7.96
N ILE A 327 12.28 -5.51 -9.26
CA ILE A 327 12.83 -4.28 -9.91
C ILE A 327 11.83 -3.12 -9.77
N LYS A 328 12.24 -2.01 -9.15
CA LYS A 328 11.41 -0.79 -9.00
C LYS A 328 12.21 0.44 -9.46
N ASP B 10 12.98 -38.29 -45.37
CA ASP B 10 11.85 -38.22 -46.34
C ASP B 10 12.39 -37.70 -47.68
N GLU B 11 11.56 -37.68 -48.72
CA GLU B 11 11.88 -37.21 -50.09
C GLU B 11 12.35 -35.74 -50.02
N THR B 12 13.21 -35.31 -50.94
CA THR B 12 13.72 -33.91 -51.06
C THR B 12 13.31 -33.28 -52.40
N ILE B 13 13.22 -31.96 -52.42
CA ILE B 13 13.09 -31.13 -53.65
C ILE B 13 14.51 -30.85 -54.17
N TRP B 14 15.39 -30.38 -53.29
CA TRP B 14 16.82 -30.07 -53.58
C TRP B 14 17.71 -30.88 -52.64
N ASP B 15 18.47 -31.84 -53.18
CA ASP B 15 19.60 -32.52 -52.49
C ASP B 15 20.89 -31.92 -53.05
N LEU B 16 21.40 -30.88 -52.39
CA LEU B 16 22.71 -30.26 -52.71
C LEU B 16 23.71 -30.59 -51.58
N SER B 17 23.64 -31.81 -51.05
CA SER B 17 24.71 -32.45 -50.25
C SER B 17 26.07 -32.12 -50.86
N PRO B 18 27.08 -31.67 -50.09
CA PRO B 18 27.02 -31.63 -48.63
C PRO B 18 26.63 -30.28 -48.01
N TYR B 19 25.97 -29.38 -48.75
CA TYR B 19 25.74 -27.99 -48.32
C TYR B 19 24.30 -27.81 -47.78
N ILE B 20 23.30 -28.19 -48.57
CA ILE B 20 21.88 -27.96 -48.20
C ILE B 20 20.99 -29.04 -48.82
N LYS B 21 20.02 -29.47 -48.03
CA LYS B 21 18.91 -30.37 -48.41
C LYS B 21 17.62 -29.63 -48.05
N ILE B 22 16.72 -29.50 -49.03
CA ILE B 22 15.37 -28.90 -48.85
C ILE B 22 14.35 -30.00 -49.12
N PHE B 23 13.59 -30.37 -48.10
CA PHE B 23 12.71 -31.57 -48.08
C PHE B 23 11.31 -31.18 -48.59
N LYS B 24 10.57 -32.13 -49.19
CA LYS B 24 9.16 -31.94 -49.62
C LYS B 24 8.35 -31.43 -48.41
N ASP B 25 8.66 -31.88 -47.18
CA ASP B 25 7.91 -31.54 -45.93
C ASP B 25 8.35 -30.20 -45.32
N GLY B 26 9.18 -29.40 -46.01
CA GLY B 26 9.50 -28.01 -45.59
C GLY B 26 10.82 -27.88 -44.83
N ARG B 27 11.30 -28.97 -44.20
CA ARG B 27 12.57 -29.02 -43.43
C ARG B 27 13.76 -28.59 -44.31
N VAL B 28 14.69 -27.83 -43.72
CA VAL B 28 15.96 -27.39 -44.35
C VAL B 28 17.12 -27.90 -43.50
N GLU B 29 17.93 -28.83 -44.03
CA GLU B 29 19.18 -29.30 -43.38
C GLU B 29 20.37 -28.56 -43.99
N ARG B 30 21.09 -27.77 -43.20
CA ARG B 30 22.44 -27.29 -43.57
C ARG B 30 23.46 -27.95 -42.64
N LEU B 31 23.93 -29.17 -42.91
CA LEU B 31 24.75 -29.97 -41.96
C LEU B 31 26.18 -29.39 -41.85
N HIS B 32 26.84 -29.04 -42.96
CA HIS B 32 28.23 -28.46 -42.91
C HIS B 32 28.29 -26.92 -43.00
N ASN B 33 27.61 -26.23 -42.12
CA ASN B 33 27.67 -24.75 -41.91
C ASN B 33 28.88 -24.51 -40.99
N SER B 34 29.79 -23.58 -41.31
CA SER B 34 30.94 -23.25 -40.44
C SER B 34 30.45 -22.76 -39.08
N PRO B 35 31.20 -23.02 -37.99
CA PRO B 35 30.76 -22.63 -36.66
C PRO B 35 30.58 -21.12 -36.46
N TYR B 36 29.67 -20.78 -35.55
CA TYR B 36 29.48 -19.38 -35.05
C TYR B 36 30.75 -18.97 -34.33
N VAL B 37 31.15 -17.72 -34.53
CA VAL B 37 32.27 -17.10 -33.80
C VAL B 37 31.71 -15.87 -33.11
N PRO B 38 31.75 -15.81 -31.76
CA PRO B 38 31.16 -14.69 -31.03
C PRO B 38 31.94 -13.39 -31.19
N PRO B 39 31.33 -12.23 -30.83
CA PRO B 39 32.04 -10.96 -30.81
C PRO B 39 33.33 -11.09 -30.00
N SER B 40 34.34 -10.30 -30.34
CA SER B 40 35.66 -10.30 -29.66
C SER B 40 36.27 -8.90 -29.69
N LEU B 41 36.93 -8.51 -28.60
CA LEU B 41 37.72 -7.27 -28.49
C LEU B 41 39.21 -7.62 -28.54
N ASN B 42 39.99 -6.92 -29.38
CA ASN B 42 41.48 -7.05 -29.47
C ASN B 42 41.83 -8.53 -29.70
N ASP B 43 41.32 -9.09 -30.80
CA ASP B 43 41.63 -10.48 -31.25
C ASP B 43 43.14 -10.69 -31.09
N PRO B 44 43.62 -11.73 -30.37
CA PRO B 44 45.06 -11.92 -30.20
C PRO B 44 45.80 -12.01 -31.56
N GLU B 45 45.31 -12.79 -32.52
CA GLU B 45 45.97 -12.98 -33.83
C GLU B 45 46.07 -11.62 -34.57
N THR B 46 44.99 -10.86 -34.71
CA THR B 46 44.89 -9.75 -35.71
C THR B 46 44.75 -8.36 -35.07
N GLY B 47 44.42 -8.26 -33.78
CA GLY B 47 44.07 -6.98 -33.12
C GLY B 47 42.72 -6.42 -33.57
N VAL B 48 41.98 -7.10 -34.43
CA VAL B 48 40.64 -6.64 -34.88
C VAL B 48 39.63 -6.92 -33.75
N SER B 49 38.65 -6.03 -33.61
CA SER B 49 37.48 -6.16 -32.71
C SER B 49 36.21 -6.21 -33.57
N TRP B 50 35.19 -6.98 -33.14
CA TRP B 50 33.91 -7.02 -33.88
C TRP B 50 32.71 -7.17 -32.94
N LYS B 51 31.58 -6.70 -33.43
CA LYS B 51 30.28 -6.68 -32.70
C LYS B 51 29.16 -6.91 -33.70
N ASP B 52 28.04 -7.45 -33.24
CA ASP B 52 26.84 -7.75 -34.08
C ASP B 52 25.73 -6.78 -33.71
N VAL B 53 25.32 -5.95 -34.65
CA VAL B 53 24.45 -4.77 -34.39
C VAL B 53 23.21 -4.89 -35.27
N PRO B 54 22.07 -4.38 -34.78
CA PRO B 54 20.83 -4.42 -35.54
C PRO B 54 20.73 -3.23 -36.48
N ILE B 55 20.18 -3.49 -37.65
CA ILE B 55 19.85 -2.45 -38.67
C ILE B 55 18.32 -2.29 -38.69
N SER B 56 17.59 -3.40 -38.69
CA SER B 56 16.11 -3.42 -38.60
C SER B 56 15.67 -4.62 -37.76
N SER B 57 14.38 -4.94 -37.77
CA SER B 57 13.87 -6.15 -37.05
C SER B 57 14.27 -7.40 -37.84
N GLN B 58 14.74 -7.28 -39.08
CA GLN B 58 15.06 -8.44 -39.96
C GLN B 58 16.53 -8.47 -40.43
N VAL B 59 17.28 -7.39 -40.26
CA VAL B 59 18.65 -7.25 -40.83
C VAL B 59 19.61 -6.81 -39.73
N SER B 60 20.77 -7.45 -39.68
CA SER B 60 21.87 -7.11 -38.75
C SER B 60 23.20 -7.13 -39.52
N ALA B 61 24.28 -6.80 -38.84
CA ALA B 61 25.63 -6.78 -39.45
C ALA B 61 26.69 -7.01 -38.39
N ARG B 62 27.77 -7.68 -38.76
CA ARG B 62 29.02 -7.72 -37.96
C ARG B 62 29.87 -6.52 -38.39
N VAL B 63 30.15 -5.66 -37.45
CA VAL B 63 30.99 -4.45 -37.65
C VAL B 63 32.38 -4.75 -37.08
N TYR B 64 33.41 -4.42 -37.84
CA TYR B 64 34.84 -4.72 -37.54
C TYR B 64 35.61 -3.39 -37.46
N ILE B 65 36.48 -3.27 -36.48
CA ILE B 65 37.47 -2.16 -36.38
C ILE B 65 38.84 -2.78 -36.10
N PRO B 66 39.90 -2.32 -36.79
CA PRO B 66 41.26 -2.81 -36.56
C PRO B 66 41.94 -2.04 -35.41
N LYS B 67 43.07 -2.55 -34.90
CA LYS B 67 44.01 -1.85 -33.95
C LYS B 67 44.09 -0.39 -34.39
N ILE B 68 43.86 0.59 -33.51
CA ILE B 68 43.76 2.03 -33.89
C ILE B 68 45.08 2.72 -33.48
N SER B 69 45.67 3.55 -34.37
CA SER B 69 46.92 4.33 -34.15
C SER B 69 46.59 5.81 -33.90
N ASP B 70 46.19 6.55 -34.95
CA ASP B 70 45.84 8.02 -34.88
C ASP B 70 44.39 8.18 -34.39
N HIS B 71 43.80 9.38 -34.56
CA HIS B 71 42.33 9.62 -34.57
C HIS B 71 41.79 9.37 -35.99
N GLU B 72 42.68 9.05 -36.95
CA GLU B 72 42.49 9.10 -38.43
C GLU B 72 41.35 8.20 -38.90
N LYS B 73 40.55 8.68 -39.86
CA LYS B 73 39.36 7.98 -40.40
C LYS B 73 39.79 6.97 -41.46
N LEU B 74 39.06 5.87 -41.57
CA LEU B 74 39.38 4.67 -42.40
C LEU B 74 38.35 4.50 -43.51
N PRO B 75 38.71 3.85 -44.61
CA PRO B 75 37.72 3.45 -45.60
C PRO B 75 36.70 2.55 -44.92
N ILE B 76 35.48 2.56 -45.47
CA ILE B 76 34.35 1.71 -45.00
C ILE B 76 34.18 0.60 -46.03
N PHE B 77 34.28 -0.63 -45.57
CA PHE B 77 34.24 -1.85 -46.40
C PHE B 77 32.96 -2.60 -46.03
N VAL B 78 31.94 -2.50 -46.87
CA VAL B 78 30.65 -3.21 -46.69
C VAL B 78 30.72 -4.53 -47.45
N TYR B 79 30.64 -5.66 -46.76
CA TYR B 79 30.77 -7.00 -47.37
C TYR B 79 29.42 -7.71 -47.37
N VAL B 80 29.13 -8.41 -48.45
CA VAL B 80 27.92 -9.24 -48.63
C VAL B 80 28.39 -10.67 -48.95
N HIS B 81 28.38 -11.55 -47.96
CA HIS B 81 28.83 -12.95 -48.14
C HIS B 81 27.98 -13.63 -49.22
N GLY B 82 28.52 -14.68 -49.83
CA GLY B 82 27.80 -15.54 -50.79
C GLY B 82 27.48 -16.88 -50.18
N ALA B 83 27.59 -17.94 -50.99
CA ALA B 83 27.19 -19.33 -50.63
C ALA B 83 25.68 -19.52 -50.90
N GLY B 84 25.31 -19.55 -52.19
CA GLY B 84 24.08 -20.14 -52.72
C GLY B 84 22.82 -19.32 -52.47
N PHE B 85 22.93 -18.10 -51.91
CA PHE B 85 21.79 -17.29 -51.41
C PHE B 85 21.11 -17.99 -50.22
N CYS B 86 21.66 -19.12 -49.75
CA CYS B 86 20.96 -20.06 -48.84
C CYS B 86 21.87 -20.67 -47.76
N LEU B 87 23.12 -20.21 -47.58
CA LEU B 87 24.07 -20.88 -46.65
C LEU B 87 24.91 -19.84 -45.90
N GLU B 88 25.49 -20.27 -44.77
CA GLU B 88 26.53 -19.51 -44.02
C GLU B 88 25.95 -18.19 -43.50
N SER B 89 26.81 -17.30 -43.01
CA SER B 89 26.43 -16.16 -42.14
C SER B 89 27.63 -15.24 -42.00
N ALA B 90 27.39 -13.96 -41.84
CA ALA B 90 28.41 -12.97 -41.44
C ALA B 90 29.02 -13.36 -40.10
N PHE B 91 28.34 -14.21 -39.31
CA PHE B 91 28.71 -14.50 -37.90
C PHE B 91 29.42 -15.86 -37.80
N ARG B 92 29.51 -16.60 -38.90
CA ARG B 92 30.17 -17.94 -38.92
C ARG B 92 31.57 -17.83 -39.54
N SER B 93 32.47 -18.76 -39.21
CA SER B 93 33.94 -18.59 -39.40
C SER B 93 34.33 -18.49 -40.88
N PHE B 94 33.62 -19.17 -41.79
CA PHE B 94 34.02 -19.20 -43.21
C PHE B 94 34.18 -17.75 -43.72
N PHE B 95 33.15 -16.93 -43.60
CA PHE B 95 33.21 -15.54 -44.14
C PHE B 95 33.82 -14.61 -43.10
N HIS B 96 33.59 -14.84 -41.82
CA HIS B 96 34.08 -13.96 -40.72
C HIS B 96 35.62 -13.92 -40.74
N THR B 97 36.26 -15.09 -40.90
CA THR B 97 37.73 -15.24 -40.87
C THR B 97 38.33 -14.39 -42.01
N PHE B 98 37.77 -14.50 -43.20
CA PHE B 98 38.14 -13.67 -44.36
C PHE B 98 38.02 -12.18 -44.00
N VAL B 99 36.84 -11.74 -43.55
CA VAL B 99 36.59 -10.28 -43.37
C VAL B 99 37.54 -9.75 -42.29
N LYS B 100 37.75 -10.56 -41.24
CA LYS B 100 38.63 -10.19 -40.10
C LYS B 100 40.04 -9.90 -40.62
N HIS B 101 40.61 -10.85 -41.36
CA HIS B 101 41.97 -10.76 -41.94
C HIS B 101 42.00 -9.55 -42.89
N PHE B 102 40.99 -9.41 -43.75
CA PHE B 102 40.92 -8.30 -44.73
C PHE B 102 40.93 -6.96 -44.00
N VAL B 103 40.20 -6.87 -42.89
CA VAL B 103 40.10 -5.61 -42.10
C VAL B 103 41.48 -5.30 -41.52
N ALA B 104 42.15 -6.30 -40.95
CA ALA B 104 43.49 -6.15 -40.32
C ALA B 104 44.49 -5.62 -41.36
N GLU B 105 44.47 -6.22 -42.56
CA GLU B 105 45.42 -5.96 -43.67
C GLU B 105 45.16 -4.58 -44.27
N THR B 106 43.91 -4.23 -44.58
CA THR B 106 43.56 -2.98 -45.31
C THR B 106 43.32 -1.81 -44.32
N LYS B 107 43.19 -2.05 -43.02
CA LYS B 107 42.87 -1.02 -42.01
C LYS B 107 41.61 -0.25 -42.45
N VAL B 108 40.48 -0.96 -42.47
CA VAL B 108 39.12 -0.42 -42.83
C VAL B 108 38.13 -0.70 -41.69
N ILE B 109 37.04 0.07 -41.63
CA ILE B 109 35.81 -0.28 -40.86
C ILE B 109 35.04 -1.30 -41.73
N GLY B 110 34.91 -2.51 -41.20
CA GLY B 110 34.17 -3.61 -41.87
C GLY B 110 32.73 -3.65 -41.43
N VAL B 111 31.83 -3.87 -42.38
CA VAL B 111 30.36 -4.05 -42.13
C VAL B 111 29.91 -5.23 -42.98
N SER B 112 29.86 -6.41 -42.38
CA SER B 112 29.50 -7.68 -43.05
C SER B 112 28.02 -7.94 -42.77
N ILE B 113 27.21 -7.95 -43.82
CA ILE B 113 25.73 -7.86 -43.68
C ILE B 113 25.16 -9.25 -43.44
N GLU B 114 24.30 -9.38 -42.41
CA GLU B 114 23.55 -10.62 -42.13
C GLU B 114 22.16 -10.41 -42.73
N TYR B 115 21.97 -10.92 -43.95
CA TYR B 115 20.75 -10.84 -44.76
C TYR B 115 20.00 -12.17 -44.63
N ARG B 116 18.69 -12.15 -44.89
CA ARG B 116 17.86 -13.37 -44.75
C ARG B 116 18.15 -14.31 -45.92
N LEU B 117 18.28 -15.61 -45.60
CA LEU B 117 18.64 -16.69 -46.55
C LEU B 117 17.39 -17.34 -47.13
N ALA B 118 17.47 -17.81 -48.38
CA ALA B 118 16.51 -18.76 -48.98
C ALA B 118 16.80 -20.14 -48.40
N PRO B 119 15.87 -21.12 -48.42
CA PRO B 119 14.52 -20.91 -48.93
C PRO B 119 13.51 -20.29 -47.94
N GLU B 120 13.87 -20.09 -46.67
CA GLU B 120 12.97 -19.53 -45.62
C GLU B 120 12.51 -18.13 -46.05
N HIS B 121 13.40 -17.33 -46.62
CA HIS B 121 13.11 -15.98 -47.16
C HIS B 121 13.64 -15.92 -48.60
N LEU B 122 12.76 -16.17 -49.55
CA LEU B 122 13.04 -16.16 -51.02
C LEU B 122 13.47 -14.76 -51.43
N LEU B 123 14.22 -14.66 -52.52
CA LEU B 123 14.53 -13.36 -53.15
C LEU B 123 13.19 -12.74 -53.53
N PRO B 124 13.05 -11.40 -53.54
CA PRO B 124 14.15 -10.47 -53.30
C PRO B 124 14.49 -10.03 -51.85
N ALA B 125 14.18 -10.86 -50.85
CA ALA B 125 14.48 -10.54 -49.43
C ALA B 125 15.95 -10.09 -49.30
N ALA B 126 16.90 -10.89 -49.77
CA ALA B 126 18.36 -10.58 -49.63
C ALA B 126 18.65 -9.19 -50.21
N TYR B 127 18.10 -8.89 -51.38
CA TYR B 127 18.33 -7.60 -52.10
C TYR B 127 17.83 -6.46 -51.22
N GLU B 128 16.61 -6.60 -50.69
CA GLU B 128 15.97 -5.59 -49.81
C GLU B 128 16.83 -5.39 -48.57
N ASP B 129 17.29 -6.49 -47.96
CA ASP B 129 18.06 -6.44 -46.70
C ASP B 129 19.36 -5.68 -46.92
N CYS B 130 20.07 -6.01 -48.01
CA CYS B 130 21.40 -5.42 -48.30
C CYS B 130 21.24 -3.94 -48.67
N TRP B 131 20.16 -3.58 -49.37
CA TRP B 131 19.84 -2.16 -49.64
C TRP B 131 19.62 -1.44 -48.32
N GLU B 132 18.85 -2.05 -47.41
CA GLU B 132 18.50 -1.41 -46.12
C GLU B 132 19.81 -1.23 -45.34
N ALA B 133 20.69 -2.23 -45.36
CA ALA B 133 21.97 -2.19 -44.62
C ALA B 133 22.87 -1.07 -45.16
N LEU B 134 22.92 -0.93 -46.48
CA LEU B 134 23.78 0.10 -47.12
C LEU B 134 23.26 1.49 -46.72
N GLN B 135 21.94 1.68 -46.75
CA GLN B 135 21.31 2.97 -46.38
C GLN B 135 21.59 3.25 -44.91
N TRP B 136 21.63 2.19 -44.10
CA TRP B 136 21.94 2.31 -42.65
C TRP B 136 23.37 2.85 -42.52
N VAL B 137 24.31 2.27 -43.26
CA VAL B 137 25.73 2.74 -43.26
C VAL B 137 25.75 4.23 -43.67
N ALA B 138 25.15 4.56 -44.81
CA ALA B 138 25.08 5.94 -45.32
C ALA B 138 24.52 6.90 -44.26
N SER B 139 23.62 6.43 -43.40
CA SER B 139 22.87 7.31 -42.47
C SER B 139 23.80 7.86 -41.39
N HIS B 140 25.01 7.32 -41.25
CA HIS B 140 25.99 7.82 -40.25
C HIS B 140 26.71 9.08 -40.76
N VAL B 141 26.64 9.42 -42.05
CA VAL B 141 27.44 10.54 -42.60
C VAL B 141 27.14 11.82 -41.81
N GLY B 142 28.18 12.49 -41.33
CA GLY B 142 28.14 13.83 -40.70
C GLY B 142 27.47 13.81 -39.34
N LEU B 143 27.78 12.84 -38.46
CA LEU B 143 27.17 12.75 -37.11
C LEU B 143 28.15 13.09 -35.97
N ASP B 144 29.25 13.78 -36.23
CA ASP B 144 30.23 14.24 -35.17
C ASP B 144 29.97 15.61 -34.46
N THR B 150 23.07 11.02 -31.05
CA THR B 150 22.94 9.84 -31.96
C THR B 150 21.82 8.93 -31.43
N ALA B 151 20.86 8.56 -32.28
CA ALA B 151 19.84 7.50 -32.07
C ALA B 151 20.47 6.16 -31.69
N ILE B 152 19.69 5.27 -31.09
CA ILE B 152 20.15 3.97 -30.52
C ILE B 152 20.67 3.04 -31.63
N ASP B 153 20.30 3.22 -32.90
CA ASP B 153 20.68 2.27 -33.97
C ASP B 153 22.03 2.62 -34.62
N LYS B 154 22.60 3.79 -34.28
CA LYS B 154 23.80 4.36 -34.96
C LYS B 154 25.07 3.81 -34.29
N ASP B 155 26.01 3.35 -35.11
CA ASP B 155 27.26 2.72 -34.63
C ASP B 155 28.33 3.79 -34.38
N PRO B 156 28.84 3.95 -33.14
CA PRO B 156 29.90 4.94 -32.88
C PRO B 156 31.22 4.63 -33.61
N TRP B 157 31.52 3.37 -33.93
CA TRP B 157 32.71 2.99 -34.73
C TRP B 157 32.61 3.67 -36.09
N ILE B 158 31.48 3.53 -36.78
CA ILE B 158 31.26 4.17 -38.11
C ILE B 158 31.29 5.69 -37.95
N ILE B 159 30.68 6.22 -36.91
CA ILE B 159 30.57 7.69 -36.76
C ILE B 159 31.98 8.25 -36.61
N ASN B 160 32.79 7.60 -35.77
CA ASN B 160 34.09 8.14 -35.32
C ASN B 160 35.20 7.85 -36.34
N TYR B 161 35.15 6.72 -37.06
CA TYR B 161 36.30 6.20 -37.84
C TYR B 161 35.96 5.98 -39.31
N GLY B 162 34.69 6.13 -39.71
CA GLY B 162 34.24 5.84 -41.09
C GLY B 162 34.47 7.04 -42.00
N ASP B 163 35.20 6.83 -43.09
CA ASP B 163 35.46 7.87 -44.10
C ASP B 163 34.52 7.63 -45.28
N PHE B 164 33.50 8.48 -45.39
CA PHE B 164 32.42 8.37 -46.41
C PHE B 164 32.94 8.74 -47.79
N ASP B 165 34.12 9.37 -47.87
CA ASP B 165 34.82 9.66 -49.17
C ASP B 165 35.45 8.36 -49.71
N ARG B 166 35.60 7.31 -48.89
CA ARG B 166 36.22 6.03 -49.33
C ARG B 166 35.34 4.87 -48.88
N LEU B 167 34.10 4.83 -49.37
CA LEU B 167 33.14 3.73 -49.10
C LEU B 167 33.28 2.68 -50.20
N TYR B 168 33.46 1.43 -49.81
CA TYR B 168 33.56 0.26 -50.74
C TYR B 168 32.44 -0.71 -50.40
N LEU B 169 31.90 -1.35 -51.43
CA LEU B 169 30.86 -2.40 -51.34
C LEU B 169 31.38 -3.63 -52.08
N ALA B 170 31.46 -4.76 -51.41
CA ALA B 170 32.11 -5.98 -51.93
C ALA B 170 31.25 -7.19 -51.61
N GLY B 171 31.31 -8.20 -52.47
CA GLY B 171 30.64 -9.48 -52.26
C GLY B 171 31.22 -10.59 -53.11
N ASP B 172 30.92 -11.83 -52.76
CA ASP B 172 31.33 -13.02 -53.53
C ASP B 172 30.11 -13.84 -53.93
N SER B 173 30.21 -14.55 -55.05
CA SER B 173 29.19 -15.50 -55.57
C SER B 173 27.81 -14.83 -55.43
N PRO B 174 26.71 -15.46 -54.97
CA PRO B 174 25.44 -14.72 -54.89
C PRO B 174 25.55 -13.34 -54.21
N GLY B 175 26.47 -13.18 -53.25
CA GLY B 175 26.79 -11.87 -52.63
C GLY B 175 27.19 -10.84 -53.66
N ALA B 176 27.96 -11.27 -54.67
CA ALA B 176 28.39 -10.41 -55.79
C ALA B 176 27.19 -10.07 -56.67
N ASN B 177 26.26 -11.01 -56.79
CA ASN B 177 24.98 -10.74 -57.50
C ASN B 177 24.20 -9.68 -56.72
N ILE B 178 24.17 -9.79 -55.40
CA ILE B 178 23.47 -8.79 -54.55
C ILE B 178 24.16 -7.43 -54.75
N VAL B 179 25.51 -7.42 -54.76
CA VAL B 179 26.26 -6.13 -54.90
C VAL B 179 25.90 -5.53 -56.26
N HIS B 180 25.85 -6.34 -57.32
CA HIS B 180 25.47 -5.88 -58.68
C HIS B 180 24.13 -5.15 -58.58
N ASN B 181 23.13 -5.79 -57.98
CA ASN B 181 21.73 -5.26 -57.98
C ASN B 181 21.71 -4.01 -57.08
N THR B 182 22.50 -4.01 -56.00
CA THR B 182 22.64 -2.84 -55.08
C THR B 182 23.27 -1.65 -55.81
N LEU B 183 24.26 -1.91 -56.67
CA LEU B 183 24.96 -0.84 -57.43
C LEU B 183 23.97 -0.20 -58.40
N ILE B 184 23.17 -1.01 -59.09
CA ILE B 184 22.11 -0.50 -60.02
C ILE B 184 21.19 0.41 -59.20
N ARG B 185 20.78 -0.06 -58.03
CA ARG B 185 19.84 0.66 -57.17
C ARG B 185 20.47 1.97 -56.68
N ALA B 186 21.72 1.91 -56.20
CA ALA B 186 22.47 3.11 -55.71
C ALA B 186 22.50 4.14 -56.83
N GLY B 187 22.59 3.67 -58.08
CA GLY B 187 22.55 4.48 -59.30
C GLY B 187 21.23 5.19 -59.49
N LYS B 188 20.10 4.48 -59.34
CA LYS B 188 18.73 4.99 -59.62
C LYS B 188 18.31 5.89 -58.45
N GLU B 189 18.44 5.41 -57.20
CA GLU B 189 17.77 6.00 -56.03
C GLU B 189 18.67 7.03 -55.32
N LYS B 190 19.99 6.84 -55.30
CA LYS B 190 20.91 7.66 -54.46
C LYS B 190 20.77 7.23 -52.99
N LEU B 191 21.79 7.52 -52.20
CA LEU B 191 21.90 7.12 -50.77
C LEU B 191 21.70 8.36 -49.92
N LYS B 192 21.38 8.15 -48.65
CA LYS B 192 21.18 9.24 -47.67
C LYS B 192 22.45 10.11 -47.62
N GLY B 193 22.25 11.41 -47.42
CA GLY B 193 23.32 12.38 -47.13
C GLY B 193 24.16 12.67 -48.36
N GLY B 194 23.82 12.12 -49.52
CA GLY B 194 24.63 12.24 -50.75
C GLY B 194 25.84 11.31 -50.73
N VAL B 195 25.90 10.37 -49.81
CA VAL B 195 26.96 9.31 -49.78
C VAL B 195 27.01 8.65 -51.17
N LYS B 196 28.20 8.51 -51.73
CA LYS B 196 28.47 7.78 -52.99
C LYS B 196 29.36 6.59 -52.61
N ILE B 197 29.11 5.41 -53.18
CA ILE B 197 30.05 4.26 -53.15
C ILE B 197 31.24 4.61 -54.04
N LEU B 198 32.46 4.70 -53.48
CA LEU B 198 33.69 4.97 -54.27
C LEU B 198 33.97 3.76 -55.18
N GLY B 199 34.07 2.58 -54.59
CA GLY B 199 34.45 1.36 -55.31
C GLY B 199 33.69 0.14 -54.88
N ALA B 200 33.57 -0.85 -55.78
CA ALA B 200 32.91 -2.12 -55.51
C ALA B 200 33.76 -3.29 -56.03
N ILE B 201 33.62 -4.45 -55.41
CA ILE B 201 34.34 -5.70 -55.75
C ILE B 201 33.30 -6.80 -55.95
N LEU B 202 33.34 -7.47 -57.10
CA LEU B 202 32.66 -8.77 -57.33
C LEU B 202 33.74 -9.86 -57.42
N TYR B 203 33.86 -10.69 -56.38
CA TYR B 203 34.70 -11.90 -56.40
C TYR B 203 33.81 -13.08 -56.81
N TYR B 204 34.11 -13.71 -57.95
CA TYR B 204 33.30 -14.79 -58.55
C TYR B 204 31.88 -14.30 -58.76
N PRO B 205 31.61 -13.50 -59.81
CA PRO B 205 30.26 -13.01 -60.06
C PRO B 205 29.29 -14.19 -60.20
N TYR B 206 28.02 -13.98 -59.85
CA TYR B 206 26.94 -14.98 -60.03
C TYR B 206 25.90 -14.37 -60.96
N PHE B 207 26.07 -14.64 -62.25
CA PHE B 207 25.13 -14.30 -63.32
C PHE B 207 24.80 -15.59 -64.09
N ILE B 208 23.64 -15.60 -64.73
CA ILE B 208 23.22 -16.63 -65.71
C ILE B 208 22.88 -15.88 -66.98
N ILE B 209 23.66 -16.14 -68.03
CA ILE B 209 23.54 -15.52 -69.38
C ILE B 209 23.70 -16.64 -70.40
N PRO B 210 22.79 -16.74 -71.38
CA PRO B 210 23.02 -17.56 -72.57
C PRO B 210 24.26 -17.03 -73.33
N THR B 211 25.19 -17.93 -73.63
CA THR B 211 26.39 -17.70 -74.48
C THR B 211 26.35 -18.71 -75.63
N SER B 212 27.34 -18.68 -76.53
CA SER B 212 27.38 -19.55 -77.74
C SER B 212 27.75 -20.99 -77.35
N THR B 213 28.52 -21.18 -76.27
CA THR B 213 28.83 -22.51 -75.69
C THR B 213 27.91 -22.76 -74.47
N LYS B 214 27.09 -23.82 -74.54
CA LYS B 214 26.25 -24.37 -73.45
C LYS B 214 27.18 -24.74 -72.29
N LEU B 215 26.74 -24.55 -71.04
CA LEU B 215 27.36 -25.14 -69.84
C LEU B 215 27.19 -26.67 -69.95
N SER B 216 28.07 -27.47 -69.35
CA SER B 216 27.90 -28.94 -69.27
C SER B 216 26.71 -29.23 -68.36
N ASP B 217 26.08 -30.39 -68.55
CA ASP B 217 24.88 -30.83 -67.79
C ASP B 217 25.16 -30.66 -66.28
N ASP B 218 26.22 -31.29 -65.77
CA ASP B 218 26.48 -31.34 -64.30
C ASP B 218 26.72 -29.92 -63.77
N PHE B 219 27.50 -29.11 -64.47
CA PHE B 219 27.85 -27.76 -63.98
C PHE B 219 26.60 -26.88 -64.01
N GLU B 220 25.82 -26.94 -65.10
CA GLU B 220 24.55 -26.17 -65.24
C GLU B 220 23.68 -26.46 -64.01
N TYR B 221 23.46 -27.74 -63.67
CA TYR B 221 22.60 -28.14 -62.53
C TYR B 221 23.15 -27.54 -61.23
N ASN B 222 24.47 -27.64 -61.01
CA ASN B 222 25.09 -27.30 -59.70
C ASN B 222 25.37 -25.81 -59.59
N TYR B 223 25.21 -25.07 -60.69
CA TYR B 223 25.42 -23.60 -60.71
C TYR B 223 24.07 -22.87 -60.66
N THR B 224 23.13 -23.24 -61.53
CA THR B 224 21.82 -22.55 -61.68
C THR B 224 20.88 -22.89 -60.51
N CYS B 225 21.09 -24.01 -59.82
CA CYS B 225 20.20 -24.49 -58.73
C CYS B 225 19.98 -23.37 -57.68
N TYR B 226 20.99 -22.55 -57.40
CA TYR B 226 20.92 -21.54 -56.32
C TYR B 226 19.89 -20.47 -56.69
N TRP B 227 19.93 -19.97 -57.94
CA TRP B 227 18.92 -19.01 -58.46
C TRP B 227 17.53 -19.67 -58.44
N LYS B 228 17.42 -20.93 -58.82
CA LYS B 228 16.12 -21.63 -58.93
C LYS B 228 15.48 -21.79 -57.54
N LEU B 229 16.25 -22.11 -56.51
CA LEU B 229 15.70 -22.37 -55.16
C LEU B 229 15.48 -21.05 -54.43
N ALA B 230 16.25 -20.01 -54.76
CA ALA B 230 16.20 -18.69 -54.08
C ALA B 230 15.09 -17.81 -54.68
N TYR B 231 14.80 -17.96 -55.98
CA TYR B 231 13.82 -17.11 -56.70
C TYR B 231 13.00 -17.99 -57.64
N PRO B 232 12.23 -18.95 -57.10
CA PRO B 232 11.44 -19.84 -57.95
C PRO B 232 10.38 -18.99 -58.68
N ASN B 233 10.32 -19.17 -59.99
CA ASN B 233 9.36 -18.48 -60.89
C ASN B 233 9.56 -16.96 -60.78
N ALA B 234 10.84 -16.53 -60.66
CA ALA B 234 11.34 -15.18 -60.94
C ALA B 234 10.73 -14.79 -62.29
N PRO B 235 10.18 -13.57 -62.47
CA PRO B 235 9.70 -13.14 -63.78
C PRO B 235 10.86 -13.20 -64.80
N GLY B 236 10.66 -13.94 -65.90
CA GLY B 236 11.68 -14.18 -66.93
C GLY B 236 12.58 -15.38 -66.63
N GLY B 237 12.41 -16.03 -65.48
CA GLY B 237 13.20 -17.20 -65.06
C GLY B 237 14.67 -16.84 -64.90
N MET B 238 15.53 -17.51 -65.68
CA MET B 238 17.00 -17.24 -65.67
C MET B 238 17.34 -16.04 -66.60
N ASN B 239 16.33 -15.39 -67.19
CA ASN B 239 16.45 -14.13 -67.98
C ASN B 239 15.89 -12.95 -67.16
N ASN B 240 15.58 -13.18 -65.89
CA ASN B 240 15.27 -12.08 -64.93
C ASN B 240 16.45 -11.12 -64.93
N PRO B 241 16.22 -9.80 -65.09
CA PRO B 241 17.32 -8.82 -65.10
C PRO B 241 18.29 -8.88 -63.91
N MET B 242 17.86 -9.42 -62.78
CA MET B 242 18.67 -9.41 -61.53
C MET B 242 19.67 -10.56 -61.55
N ILE B 243 19.46 -11.57 -62.42
CA ILE B 243 20.40 -12.72 -62.63
C ILE B 243 21.09 -12.60 -64.00
N ASN B 244 20.42 -11.99 -64.99
CA ASN B 244 20.94 -11.83 -66.37
C ASN B 244 21.03 -10.34 -66.65
N PRO B 245 22.20 -9.72 -66.42
CA PRO B 245 22.32 -8.26 -66.47
C PRO B 245 22.31 -7.67 -67.89
N ILE B 246 22.16 -8.50 -68.94
CA ILE B 246 22.01 -8.06 -70.37
C ILE B 246 20.68 -8.55 -70.95
N ALA B 247 19.70 -8.93 -70.14
CA ALA B 247 18.33 -9.29 -70.60
C ALA B 247 17.69 -8.09 -71.31
N GLU B 248 16.69 -8.34 -72.18
CA GLU B 248 15.95 -7.29 -72.96
C GLU B 248 15.55 -6.13 -72.04
N ASN B 249 15.00 -6.41 -70.86
CA ASN B 249 14.40 -5.38 -69.97
C ASN B 249 15.39 -4.98 -68.85
N ALA B 250 16.68 -5.29 -68.99
CA ALA B 250 17.67 -5.13 -67.89
C ALA B 250 18.00 -3.65 -67.71
N PRO B 251 18.22 -3.18 -66.47
CA PRO B 251 18.66 -1.80 -66.25
C PRO B 251 20.04 -1.52 -66.85
N ASP B 252 20.19 -0.32 -67.39
CA ASP B 252 21.41 0.20 -68.07
C ASP B 252 22.57 0.12 -67.07
N LEU B 253 23.68 -0.50 -67.49
CA LEU B 253 24.88 -0.68 -66.62
C LEU B 253 25.61 0.65 -66.43
N ALA B 254 25.37 1.64 -67.28
CA ALA B 254 25.91 3.02 -67.18
C ALA B 254 25.51 3.64 -65.85
N GLY B 255 24.40 3.16 -65.28
CA GLY B 255 23.82 3.68 -64.02
C GLY B 255 24.54 3.18 -62.79
N TYR B 256 25.40 2.16 -62.89
CA TYR B 256 26.20 1.61 -61.76
C TYR B 256 26.65 2.77 -60.86
N GLY B 257 26.31 2.72 -59.57
CA GLY B 257 26.55 3.80 -58.60
C GLY B 257 27.85 3.57 -57.86
N CYS B 258 28.95 3.44 -58.60
CA CYS B 258 30.34 3.47 -58.08
C CYS B 258 31.25 4.07 -59.16
N SER B 259 32.41 4.58 -58.77
CA SER B 259 33.43 5.18 -59.67
C SER B 259 34.48 4.14 -60.08
N ARG B 260 34.68 3.10 -59.27
CA ARG B 260 35.73 2.07 -59.45
C ARG B 260 35.08 0.70 -59.25
N LEU B 261 35.46 -0.28 -60.06
CA LEU B 261 34.93 -1.66 -59.96
C LEU B 261 36.05 -2.67 -60.21
N LEU B 262 36.24 -3.58 -59.26
CA LEU B 262 37.12 -4.76 -59.39
C LEU B 262 36.27 -6.01 -59.61
N VAL B 263 36.44 -6.68 -60.74
CA VAL B 263 35.86 -8.03 -61.00
C VAL B 263 36.98 -9.06 -60.94
N THR B 264 36.94 -9.97 -59.98
CA THR B 264 37.94 -11.05 -59.79
C THR B 264 37.34 -12.39 -60.21
N LEU B 265 37.98 -13.08 -61.16
CA LEU B 265 37.51 -14.35 -61.74
C LEU B 265 38.50 -15.46 -61.36
N VAL B 266 37.99 -16.66 -61.18
CA VAL B 266 38.78 -17.87 -60.81
C VAL B 266 38.39 -18.97 -61.81
N SER B 267 39.06 -20.11 -61.76
CA SER B 267 38.99 -21.17 -62.79
C SER B 267 38.49 -22.50 -62.20
N MET B 268 38.47 -22.63 -60.87
CA MET B 268 38.15 -23.91 -60.20
C MET B 268 37.16 -23.64 -59.05
N ILE B 269 36.21 -24.55 -58.91
CA ILE B 269 35.42 -24.75 -57.67
C ILE B 269 35.96 -26.02 -57.03
N SER B 270 36.77 -25.87 -55.99
CA SER B 270 37.51 -27.02 -55.39
C SER B 270 38.28 -27.74 -56.52
N THR B 271 38.01 -29.03 -56.80
CA THR B 271 38.72 -29.78 -57.88
C THR B 271 37.86 -29.84 -59.16
N THR B 272 36.83 -29.01 -59.29
CA THR B 272 35.90 -28.97 -60.44
C THR B 272 36.20 -27.76 -61.33
N PRO B 273 36.49 -27.96 -62.62
CA PRO B 273 36.58 -26.85 -63.57
C PRO B 273 35.33 -25.95 -63.57
N ASP B 274 35.52 -24.68 -63.23
CA ASP B 274 34.48 -23.64 -63.34
C ASP B 274 34.20 -23.33 -64.83
N GLU B 275 32.98 -22.90 -65.16
CA GLU B 275 32.52 -22.69 -66.56
C GLU B 275 31.86 -21.32 -66.72
N THR B 276 32.15 -20.35 -65.85
CA THR B 276 31.55 -18.99 -65.90
C THR B 276 32.40 -18.01 -66.74
N LYS B 277 33.52 -18.45 -67.35
CA LYS B 277 34.43 -17.55 -68.14
C LYS B 277 33.56 -16.80 -69.16
N ASP B 278 32.77 -17.53 -69.97
CA ASP B 278 31.99 -16.93 -71.09
C ASP B 278 30.95 -15.95 -70.54
N ILE B 279 30.21 -16.33 -69.51
CA ILE B 279 29.17 -15.48 -68.86
C ILE B 279 29.79 -14.16 -68.42
N ASN B 280 30.91 -14.22 -67.68
CA ASN B 280 31.56 -13.02 -67.06
C ASN B 280 32.15 -12.14 -68.16
N ALA B 281 32.62 -12.74 -69.25
CA ALA B 281 33.12 -12.01 -70.45
C ALA B 281 31.98 -11.16 -71.03
N VAL B 282 30.81 -11.75 -71.25
CA VAL B 282 29.62 -11.04 -71.79
C VAL B 282 29.25 -9.88 -70.85
N TYR B 283 29.27 -10.12 -69.54
CA TYR B 283 28.95 -9.10 -68.52
C TYR B 283 29.94 -7.93 -68.66
N ILE B 284 31.24 -8.23 -68.66
CA ILE B 284 32.31 -7.19 -68.67
C ILE B 284 32.20 -6.39 -69.99
N GLU B 285 32.07 -7.06 -71.15
CA GLU B 285 31.91 -6.42 -72.48
C GLU B 285 30.72 -5.46 -72.43
N ALA B 286 29.64 -5.85 -71.74
CA ALA B 286 28.40 -5.05 -71.67
C ALA B 286 28.66 -3.80 -70.83
N LEU B 287 29.32 -3.95 -69.69
CA LEU B 287 29.72 -2.82 -68.83
C LEU B 287 30.60 -1.87 -69.65
N GLU B 288 31.67 -2.36 -70.27
CA GLU B 288 32.63 -1.54 -71.09
C GLU B 288 31.85 -0.84 -72.22
N LYS B 289 30.88 -1.51 -72.86
CA LYS B 289 30.08 -0.95 -73.99
C LYS B 289 28.94 -0.04 -73.47
N SER B 290 28.73 0.08 -72.16
CA SER B 290 27.55 0.77 -71.55
C SER B 290 27.70 2.30 -71.58
N GLY B 291 28.92 2.82 -71.51
CA GLY B 291 29.16 4.27 -71.34
C GLY B 291 29.29 4.65 -69.87
N TRP B 292 29.29 3.68 -68.97
CA TRP B 292 29.82 3.80 -67.58
C TRP B 292 31.25 4.33 -67.68
N LYS B 293 31.58 5.48 -67.09
CA LYS B 293 32.90 6.14 -67.34
C LYS B 293 33.78 5.90 -66.09
N GLY B 294 33.55 4.84 -65.35
CA GLY B 294 34.34 4.50 -64.15
C GLY B 294 35.61 3.75 -64.49
N GLU B 295 36.44 3.52 -63.47
CA GLU B 295 37.68 2.70 -63.54
C GLU B 295 37.30 1.23 -63.38
N LEU B 296 37.48 0.43 -64.42
CA LEU B 296 37.24 -1.05 -64.40
C LEU B 296 38.56 -1.77 -64.18
N GLU B 297 38.58 -2.68 -63.22
CA GLU B 297 39.73 -3.57 -62.91
C GLU B 297 39.23 -4.99 -63.03
N VAL B 298 39.86 -5.81 -63.87
CA VAL B 298 39.61 -7.27 -63.92
C VAL B 298 40.89 -8.01 -63.50
N ALA B 299 40.72 -9.06 -62.70
CA ALA B 299 41.78 -9.91 -62.16
C ALA B 299 41.35 -11.36 -62.36
N ASP B 300 42.01 -12.06 -63.29
CA ASP B 300 41.59 -13.41 -63.73
C ASP B 300 42.69 -14.38 -63.27
N PHE B 301 42.39 -15.24 -62.30
CA PHE B 301 43.36 -16.18 -61.67
C PHE B 301 43.03 -17.61 -62.09
N ASP B 302 44.08 -18.42 -62.25
CA ASP B 302 44.05 -19.90 -62.20
C ASP B 302 44.10 -20.29 -60.71
N ALA B 303 42.92 -20.42 -60.12
CA ALA B 303 42.74 -20.52 -58.66
C ALA B 303 41.37 -21.15 -58.37
N ASP B 304 41.27 -21.69 -57.16
CA ASP B 304 40.04 -22.24 -56.55
C ASP B 304 39.29 -21.10 -55.85
N TYR B 305 38.00 -20.93 -56.15
CA TYR B 305 37.09 -19.99 -55.45
C TYR B 305 37.42 -19.96 -53.94
N PHE B 306 37.57 -21.13 -53.32
CA PHE B 306 37.65 -21.28 -51.84
C PHE B 306 38.95 -20.70 -51.27
N GLU B 307 40.02 -20.61 -52.05
CA GLU B 307 41.40 -20.26 -51.56
C GLU B 307 41.42 -18.83 -51.01
N LEU B 308 40.55 -17.94 -51.49
CA LEU B 308 40.53 -16.54 -50.99
C LEU B 308 40.24 -16.52 -49.49
N PHE B 309 39.34 -17.39 -49.04
CA PHE B 309 38.71 -17.34 -47.69
C PHE B 309 39.61 -18.07 -46.68
N THR B 310 40.17 -19.22 -47.08
CA THR B 310 40.99 -20.16 -46.27
C THR B 310 42.42 -19.61 -46.10
N LEU B 311 42.98 -18.91 -47.09
CA LEU B 311 44.30 -18.20 -47.03
C LEU B 311 45.45 -19.17 -46.68
N GLU B 312 45.37 -20.43 -47.10
CA GLU B 312 46.36 -21.48 -46.77
C GLU B 312 47.43 -21.58 -47.88
N THR B 313 47.05 -21.23 -49.10
CA THR B 313 47.86 -21.37 -50.34
C THR B 313 48.39 -20.01 -50.80
N GLU B 314 49.47 -20.03 -51.57
CA GLU B 314 50.10 -18.81 -52.15
C GLU B 314 49.09 -18.14 -53.10
N MET B 315 48.37 -18.91 -53.93
CA MET B 315 47.38 -18.32 -54.87
C MET B 315 46.26 -17.64 -54.08
N GLY B 316 45.86 -18.23 -52.96
CA GLY B 316 44.88 -17.61 -52.04
C GLY B 316 45.37 -16.27 -51.55
N LYS B 317 46.62 -16.24 -51.09
CA LYS B 317 47.25 -15.00 -50.58
C LYS B 317 47.37 -13.98 -51.72
N ASN B 318 47.69 -14.39 -52.96
CA ASN B 318 47.79 -13.48 -54.12
C ASN B 318 46.45 -12.78 -54.33
N MET B 319 45.35 -13.55 -54.37
CA MET B 319 44.00 -12.98 -54.62
C MET B 319 43.62 -12.06 -53.47
N PHE B 320 43.95 -12.44 -52.24
CA PHE B 320 43.69 -11.60 -51.05
C PHE B 320 44.38 -10.25 -51.23
N ARG B 321 45.67 -10.30 -51.59
CA ARG B 321 46.50 -9.10 -51.79
C ARG B 321 45.96 -8.28 -52.97
N ARG B 322 45.45 -8.92 -54.03
CA ARG B 322 44.87 -8.19 -55.18
C ARG B 322 43.67 -7.35 -54.67
N LEU B 323 42.74 -7.96 -53.92
CA LEU B 323 41.57 -7.24 -53.37
C LEU B 323 42.05 -6.12 -52.43
N ALA B 324 43.05 -6.39 -51.60
CA ALA B 324 43.61 -5.40 -50.65
C ALA B 324 44.15 -4.19 -51.43
N SER B 325 44.79 -4.40 -52.58
CA SER B 325 45.35 -3.33 -53.45
C SER B 325 44.25 -2.41 -53.99
N PHE B 326 43.05 -2.95 -54.26
CA PHE B 326 41.90 -2.15 -54.75
C PHE B 326 41.53 -1.08 -53.71
N ILE B 327 41.70 -1.35 -52.41
CA ILE B 327 41.45 -0.35 -51.31
C ILE B 327 42.71 0.50 -51.10
N LYS B 328 42.62 1.82 -51.25
CA LYS B 328 43.76 2.76 -51.03
C LYS B 328 43.32 3.91 -50.11
N ASP C 10 -23.18 -2.06 34.07
CA ASP C 10 -23.56 -2.94 32.93
C ASP C 10 -24.69 -3.89 33.39
N GLU C 11 -25.26 -4.64 32.44
CA GLU C 11 -26.40 -5.57 32.62
C GLU C 11 -26.04 -6.62 33.69
N THR C 12 -27.03 -7.14 34.41
CA THR C 12 -26.87 -8.21 35.43
C THR C 12 -27.64 -9.47 35.03
N ILE C 13 -27.16 -10.63 35.49
CA ILE C 13 -27.87 -11.93 35.41
C ILE C 13 -28.78 -12.03 36.64
N TRP C 14 -28.23 -11.77 37.82
CA TRP C 14 -28.93 -11.77 39.12
C TRP C 14 -28.78 -10.41 39.80
N ASP C 15 -29.88 -9.64 39.88
CA ASP C 15 -29.99 -8.42 40.75
C ASP C 15 -30.79 -8.83 41.99
N LEU C 16 -30.09 -9.24 43.03
CA LEU C 16 -30.69 -9.65 44.32
C LEU C 16 -30.34 -8.59 45.38
N SER C 17 -30.30 -7.32 44.97
CA SER C 17 -30.31 -6.14 45.87
C SER C 17 -31.32 -6.38 47.00
N PRO C 18 -30.97 -6.15 48.28
CA PRO C 18 -29.71 -5.53 48.67
C PRO C 18 -28.61 -6.51 49.12
N TYR C 19 -28.64 -7.76 48.68
CA TYR C 19 -27.74 -8.85 49.14
C TYR C 19 -26.57 -9.06 48.15
N ILE C 20 -26.85 -9.29 46.87
CA ILE C 20 -25.79 -9.60 45.85
C ILE C 20 -26.27 -9.19 44.45
N LYS C 21 -25.32 -8.77 43.60
CA LYS C 21 -25.50 -8.54 42.14
C LYS C 21 -24.44 -9.35 41.41
N ILE C 22 -24.85 -10.16 40.44
CA ILE C 22 -23.96 -10.96 39.55
C ILE C 22 -24.15 -10.45 38.12
N PHE C 23 -23.11 -9.89 37.52
CA PHE C 23 -23.15 -9.13 36.25
C PHE C 23 -22.91 -10.08 35.06
N LYS C 24 -23.44 -9.76 33.87
CA LYS C 24 -23.16 -10.50 32.60
C LYS C 24 -21.64 -10.62 32.42
N ASP C 25 -20.87 -9.60 32.79
CA ASP C 25 -19.39 -9.52 32.57
C ASP C 25 -18.60 -10.23 33.69
N GLY C 26 -19.25 -10.99 34.59
CA GLY C 26 -18.57 -11.85 35.58
C GLY C 26 -18.41 -11.21 36.96
N ARG C 27 -18.46 -9.87 37.04
CA ARG C 27 -18.30 -9.09 38.32
C ARG C 27 -19.36 -9.53 39.35
N VAL C 28 -18.96 -9.61 40.62
CA VAL C 28 -19.85 -9.94 41.77
C VAL C 28 -19.76 -8.79 42.78
N GLU C 29 -20.86 -8.06 42.97
CA GLU C 29 -20.98 -7.03 44.04
C GLU C 29 -21.68 -7.64 45.24
N ARG C 30 -21.03 -7.65 46.39
CA ARG C 30 -21.63 -8.09 47.67
C ARG C 30 -22.03 -6.86 48.49
N LEU C 31 -23.31 -6.48 48.36
CA LEU C 31 -23.97 -5.32 49.01
C LEU C 31 -24.10 -5.57 50.53
N HIS C 32 -24.58 -6.74 50.96
CA HIS C 32 -24.61 -7.20 52.38
C HIS C 32 -23.32 -7.99 52.63
N ASN C 33 -22.22 -7.26 52.94
CA ASN C 33 -20.99 -7.90 53.46
C ASN C 33 -20.64 -7.24 54.79
N SER C 34 -20.99 -7.91 55.89
CA SER C 34 -20.65 -7.43 57.27
C SER C 34 -19.13 -7.36 57.42
N PRO C 35 -18.60 -6.43 58.23
CA PRO C 35 -17.16 -6.28 58.36
C PRO C 35 -16.43 -7.51 58.92
N TYR C 36 -15.18 -7.67 58.51
CA TYR C 36 -14.23 -8.64 59.08
C TYR C 36 -14.02 -8.31 60.56
N VAL C 37 -13.94 -9.33 61.38
CA VAL C 37 -13.60 -9.19 62.82
C VAL C 37 -12.40 -10.07 63.04
N PRO C 38 -11.24 -9.49 63.46
CA PRO C 38 -10.02 -10.26 63.64
C PRO C 38 -10.05 -11.22 64.81
N PRO C 39 -9.12 -12.19 64.88
CA PRO C 39 -9.01 -13.06 66.04
C PRO C 39 -8.89 -12.23 67.32
N SER C 40 -9.35 -12.77 68.43
CA SER C 40 -9.32 -12.08 69.74
C SER C 40 -9.15 -13.11 70.87
N LEU C 41 -8.36 -12.75 71.88
CA LEU C 41 -8.19 -13.52 73.13
C LEU C 41 -8.96 -12.80 74.26
N ASN C 42 -9.80 -13.54 75.02
CA ASN C 42 -10.51 -13.02 76.22
C ASN C 42 -11.32 -11.79 75.80
N ASP C 43 -12.24 -11.96 74.85
CA ASP C 43 -13.19 -10.90 74.43
C ASP C 43 -13.74 -10.24 75.68
N PRO C 44 -13.65 -8.90 75.86
CA PRO C 44 -14.16 -8.26 77.08
C PRO C 44 -15.64 -8.61 77.33
N GLU C 45 -16.50 -8.49 76.33
CA GLU C 45 -17.96 -8.73 76.51
C GLU C 45 -18.22 -10.18 76.94
N THR C 46 -17.65 -11.19 76.27
CA THR C 46 -18.12 -12.61 76.39
C THR C 46 -17.08 -13.53 77.04
N GLY C 47 -15.80 -13.12 77.13
CA GLY C 47 -14.69 -14.00 77.54
C GLY C 47 -14.34 -15.06 76.51
N VAL C 48 -14.99 -15.07 75.34
CA VAL C 48 -14.66 -16.05 74.26
C VAL C 48 -13.37 -15.61 73.57
N SER C 49 -12.56 -16.58 73.14
CA SER C 49 -11.35 -16.41 72.31
C SER C 49 -11.56 -17.12 70.98
N TRP C 50 -11.04 -16.58 69.88
CA TRP C 50 -11.15 -17.25 68.56
C TRP C 50 -9.89 -17.03 67.71
N LYS C 51 -9.67 -17.97 66.79
CA LYS C 51 -8.52 -18.02 65.86
C LYS C 51 -8.98 -18.61 64.54
N ASP C 52 -8.30 -18.27 63.45
CA ASP C 52 -8.59 -18.72 62.07
C ASP C 52 -7.48 -19.69 61.65
N VAL C 53 -7.86 -20.94 61.40
CA VAL C 53 -6.91 -22.06 61.21
C VAL C 53 -7.19 -22.71 59.86
N PRO C 54 -6.15 -23.24 59.21
CA PRO C 54 -6.31 -23.88 57.91
C PRO C 54 -6.69 -25.35 58.09
N ILE C 55 -7.57 -25.83 57.21
CA ILE C 55 -7.95 -27.27 57.12
C ILE C 55 -7.29 -27.85 55.87
N SER C 56 -7.33 -27.13 54.76
CA SER C 56 -6.67 -27.50 53.47
C SER C 56 -6.15 -26.24 52.80
N SER C 57 -5.76 -26.31 51.55
CA SER C 57 -5.32 -25.11 50.78
C SER C 57 -6.55 -24.29 50.40
N GLN C 58 -7.76 -24.85 50.51
CA GLN C 58 -9.02 -24.15 50.06
C GLN C 58 -10.03 -23.95 51.20
N VAL C 59 -9.84 -24.56 52.37
CA VAL C 59 -10.86 -24.55 53.46
C VAL C 59 -10.18 -24.16 54.76
N SER C 60 -10.84 -23.29 55.52
CA SER C 60 -10.36 -22.82 56.84
C SER C 60 -11.55 -22.78 57.80
N ALA C 61 -11.30 -22.46 59.07
CA ALA C 61 -12.37 -22.36 60.08
C ALA C 61 -11.97 -21.37 61.16
N ARG C 62 -12.97 -20.66 61.70
CA ARG C 62 -12.82 -19.91 62.96
C ARG C 62 -13.16 -20.88 64.11
N VAL C 63 -12.18 -21.09 64.98
CA VAL C 63 -12.31 -21.96 66.17
C VAL C 63 -12.49 -21.05 67.39
N TYR C 64 -13.46 -21.39 68.23
CA TYR C 64 -13.90 -20.58 69.41
C TYR C 64 -13.72 -21.44 70.67
N ILE C 65 -13.21 -20.84 71.73
CA ILE C 65 -13.17 -21.44 73.09
C ILE C 65 -13.72 -20.40 74.08
N PRO C 66 -14.61 -20.80 75.01
CA PRO C 66 -15.14 -19.88 76.02
C PRO C 66 -14.22 -19.79 77.24
N LYS C 67 -14.42 -18.79 78.12
CA LYS C 67 -13.76 -18.66 79.47
C LYS C 67 -13.75 -20.06 80.08
N ILE C 68 -12.59 -20.54 80.55
CA ILE C 68 -12.44 -21.92 81.07
C ILE C 68 -12.47 -21.86 82.60
N SER C 69 -13.22 -22.76 83.25
CA SER C 69 -13.25 -22.96 84.74
C SER C 69 -12.47 -24.24 85.10
N ASP C 70 -13.03 -25.42 84.78
CA ASP C 70 -12.45 -26.77 85.08
C ASP C 70 -11.36 -27.12 84.05
N HIS C 71 -10.84 -28.36 84.10
CA HIS C 71 -10.07 -28.99 83.00
C HIS C 71 -11.06 -29.68 82.03
N GLU C 72 -12.37 -29.64 82.36
CA GLU C 72 -13.46 -30.47 81.79
C GLU C 72 -13.61 -30.22 80.27
N LYS C 73 -13.90 -31.29 79.52
CA LYS C 73 -14.13 -31.29 78.06
C LYS C 73 -15.55 -30.81 77.75
N LEU C 74 -15.70 -30.13 76.60
CA LEU C 74 -16.92 -29.42 76.18
C LEU C 74 -17.51 -30.06 74.93
N PRO C 75 -18.82 -29.91 74.70
CA PRO C 75 -19.40 -30.30 73.43
C PRO C 75 -18.68 -29.52 72.32
N ILE C 76 -18.64 -30.12 71.13
CA ILE C 76 -18.05 -29.52 69.91
C ILE C 76 -19.22 -29.10 69.03
N PHE C 77 -19.26 -27.82 68.70
CA PHE C 77 -20.33 -27.20 67.90
C PHE C 77 -19.71 -26.77 66.57
N VAL C 78 -19.97 -27.55 65.51
CA VAL C 78 -19.51 -27.23 64.13
C VAL C 78 -20.61 -26.45 63.43
N TYR C 79 -20.35 -25.20 63.07
CA TYR C 79 -21.36 -24.32 62.43
C TYR C 79 -21.03 -24.14 60.95
N VAL C 80 -22.08 -24.13 60.14
CA VAL C 80 -22.01 -23.86 58.67
C VAL C 80 -22.91 -22.67 58.37
N HIS C 81 -22.34 -21.46 58.24
CA HIS C 81 -23.11 -20.24 57.96
C HIS C 81 -23.90 -20.41 56.66
N GLY C 82 -24.97 -19.64 56.50
CA GLY C 82 -25.76 -19.58 55.26
C GLY C 82 -25.55 -18.25 54.55
N ALA C 83 -26.62 -17.72 53.97
CA ALA C 83 -26.65 -16.51 53.13
C ALA C 83 -26.33 -16.91 51.68
N GLY C 84 -27.28 -17.58 51.03
CA GLY C 84 -27.44 -17.69 49.57
C GLY C 84 -26.44 -18.61 48.89
N PHE C 85 -25.62 -19.35 49.65
CA PHE C 85 -24.44 -20.12 49.15
C PHE C 85 -23.37 -19.17 48.58
N CYS C 86 -23.56 -17.85 48.69
CA CYS C 86 -22.81 -16.83 47.92
C CYS C 86 -22.46 -15.56 48.71
N LEU C 87 -22.65 -15.52 50.04
CA LEU C 87 -22.48 -14.25 50.81
C LEU C 87 -21.83 -14.54 52.17
N GLU C 88 -21.23 -13.50 52.76
CA GLU C 88 -20.76 -13.51 54.18
C GLU C 88 -19.67 -14.57 54.38
N SER C 89 -19.31 -14.84 55.63
CA SER C 89 -18.05 -15.50 56.03
C SER C 89 -18.12 -15.84 57.51
N ALA C 90 -17.47 -16.93 57.90
CA ALA C 90 -17.21 -17.26 59.32
C ALA C 90 -16.45 -16.13 60.01
N PHE C 91 -15.77 -15.26 59.24
CA PHE C 91 -14.81 -14.27 59.79
C PHE C 91 -15.43 -12.87 59.84
N ARG C 92 -16.65 -12.72 59.31
CA ARG C 92 -17.36 -11.42 59.30
C ARG C 92 -18.45 -11.38 60.39
N SER C 93 -18.84 -10.18 60.85
CA SER C 93 -19.56 -9.98 62.14
C SER C 93 -20.94 -10.65 62.13
N PHE C 94 -21.64 -10.69 60.99
CA PHE C 94 -23.03 -11.19 60.97
C PHE C 94 -23.08 -12.59 61.58
N PHE C 95 -22.29 -13.53 61.10
CA PHE C 95 -22.34 -14.92 61.62
C PHE C 95 -21.40 -15.05 62.83
N HIS C 96 -20.28 -14.33 62.85
CA HIS C 96 -19.27 -14.43 63.95
C HIS C 96 -19.90 -14.02 65.27
N THR C 97 -20.67 -12.93 65.29
CA THR C 97 -21.32 -12.36 66.50
C THR C 97 -22.25 -13.41 67.09
N PHE C 98 -23.06 -14.03 66.24
CA PHE C 98 -23.94 -15.16 66.65
C PHE C 98 -23.11 -16.28 67.27
N VAL C 99 -22.09 -16.78 66.57
CA VAL C 99 -21.38 -18.01 67.03
C VAL C 99 -20.68 -17.68 68.35
N LYS C 100 -20.13 -16.46 68.45
CA LYS C 100 -19.40 -15.99 69.66
C LYS C 100 -20.33 -16.09 70.87
N HIS C 101 -21.50 -15.44 70.77
CA HIS C 101 -22.52 -15.40 71.85
C HIS C 101 -22.96 -16.84 72.14
N PHE C 102 -23.24 -17.64 71.11
CA PHE C 102 -23.70 -19.03 71.28
C PHE C 102 -22.65 -19.84 72.05
N VAL C 103 -21.37 -19.62 71.75
CA VAL C 103 -20.26 -20.35 72.40
C VAL C 103 -20.23 -19.98 73.88
N ALA C 104 -20.34 -18.68 74.18
CA ALA C 104 -20.31 -18.13 75.56
C ALA C 104 -21.44 -18.77 76.37
N GLU C 105 -22.64 -18.81 75.80
CA GLU C 105 -23.91 -19.25 76.44
C GLU C 105 -23.90 -20.77 76.65
N THR C 106 -23.53 -21.56 75.64
CA THR C 106 -23.61 -23.06 75.69
C THR C 106 -22.29 -23.66 76.23
N LYS C 107 -21.21 -22.90 76.37
CA LYS C 107 -19.88 -23.41 76.81
C LYS C 107 -19.48 -24.62 75.94
N VAL C 108 -19.25 -24.36 74.66
CA VAL C 108 -18.82 -25.37 73.64
C VAL C 108 -17.53 -24.90 72.96
N ILE C 109 -16.79 -25.84 72.37
CA ILE C 109 -15.76 -25.54 71.34
C ILE C 109 -16.50 -25.29 70.02
N GLY C 110 -16.38 -24.06 69.51
CA GLY C 110 -16.97 -23.66 68.23
C GLY C 110 -16.00 -23.87 67.08
N VAL C 111 -16.50 -24.37 65.97
CA VAL C 111 -15.76 -24.51 64.69
C VAL C 111 -16.69 -24.04 63.60
N SER C 112 -16.54 -22.78 63.18
CA SER C 112 -17.34 -22.13 62.11
C SER C 112 -16.55 -22.25 60.81
N ILE C 113 -17.11 -22.98 59.84
CA ILE C 113 -16.37 -23.39 58.62
C ILE C 113 -16.39 -22.26 57.61
N GLU C 114 -15.20 -21.94 57.06
CA GLU C 114 -15.06 -20.98 55.94
C GLU C 114 -14.96 -21.83 54.67
N TYR C 115 -16.08 -21.99 54.00
CA TYR C 115 -16.24 -22.80 52.76
C TYR C 115 -16.26 -21.84 51.56
N ARG C 116 -15.95 -22.35 50.38
CA ARG C 116 -15.90 -21.51 49.16
C ARG C 116 -17.33 -21.15 48.72
N LEU C 117 -17.52 -19.88 48.36
CA LEU C 117 -18.82 -19.30 47.95
C LEU C 117 -19.01 -19.37 46.44
N ALA C 118 -20.26 -19.53 46.00
CA ALA C 118 -20.71 -19.29 44.61
C ALA C 118 -20.80 -17.78 44.41
N PRO C 119 -20.77 -17.23 43.17
CA PRO C 119 -20.58 -18.02 41.95
C PRO C 119 -19.13 -18.37 41.58
N GLU C 120 -18.14 -17.85 42.30
CA GLU C 120 -16.69 -18.08 42.03
C GLU C 120 -16.39 -19.59 42.13
N HIS C 121 -16.97 -20.27 43.11
CA HIS C 121 -16.87 -21.74 43.31
C HIS C 121 -18.27 -22.31 43.42
N LEU C 122 -18.79 -22.82 42.31
CA LEU C 122 -20.14 -23.42 42.20
C LEU C 122 -20.21 -24.65 43.09
N LEU C 123 -21.41 -25.02 43.52
CA LEU C 123 -21.64 -26.32 44.17
C LEU C 123 -21.23 -27.40 43.18
N PRO C 124 -20.74 -28.57 43.62
CA PRO C 124 -20.71 -28.94 45.05
C PRO C 124 -19.47 -28.56 45.90
N ALA C 125 -18.76 -27.49 45.53
CA ALA C 125 -17.59 -27.02 46.30
C ALA C 125 -17.95 -26.91 47.78
N ALA C 126 -18.99 -26.17 48.14
CA ALA C 126 -19.36 -25.92 49.56
C ALA C 126 -19.54 -27.28 50.27
N TYR C 127 -20.23 -28.23 49.64
CA TYR C 127 -20.54 -29.55 50.24
C TYR C 127 -19.23 -30.26 50.54
N GLU C 128 -18.32 -30.28 49.54
CA GLU C 128 -16.98 -30.93 49.65
C GLU C 128 -16.20 -30.27 50.78
N ASP C 129 -16.21 -28.94 50.84
CA ASP C 129 -15.41 -28.16 51.82
C ASP C 129 -15.88 -28.50 53.23
N CYS C 130 -17.21 -28.50 53.44
CA CYS C 130 -17.77 -28.71 54.80
C CYS C 130 -17.55 -30.17 55.21
N TRP C 131 -17.64 -31.11 54.27
CA TRP C 131 -17.30 -32.54 54.57
C TRP C 131 -15.83 -32.62 54.99
N GLU C 132 -14.94 -31.95 54.25
CA GLU C 132 -13.48 -32.00 54.54
C GLU C 132 -13.26 -31.39 55.94
N ALA C 133 -13.95 -30.30 56.27
CA ALA C 133 -13.81 -29.61 57.57
C ALA C 133 -14.30 -30.50 58.71
N LEU C 134 -15.39 -31.22 58.49
CA LEU C 134 -15.95 -32.12 59.53
C LEU C 134 -14.96 -33.25 59.78
N GLN C 135 -14.39 -33.82 58.71
CA GLN C 135 -13.40 -34.92 58.82
C GLN C 135 -12.16 -34.40 59.55
N TRP C 136 -11.83 -33.12 59.33
CA TRP C 136 -10.69 -32.47 60.01
C TRP C 136 -10.99 -32.45 61.52
N VAL C 137 -12.19 -32.02 61.90
CA VAL C 137 -12.60 -32.01 63.33
C VAL C 137 -12.48 -33.43 63.88
N ALA C 138 -13.10 -34.42 63.22
CA ALA C 138 -13.06 -35.84 63.63
C ALA C 138 -11.61 -36.32 63.84
N SER C 139 -10.67 -35.78 63.07
CA SER C 139 -9.28 -36.31 63.03
C SER C 139 -8.56 -36.02 64.35
N HIS C 140 -9.11 -35.14 65.18
CA HIS C 140 -8.51 -34.84 66.51
C HIS C 140 -8.82 -35.92 67.56
N VAL C 141 -9.78 -36.81 67.31
CA VAL C 141 -10.24 -37.78 68.35
C VAL C 141 -9.03 -38.60 68.85
N GLY C 142 -8.84 -38.64 70.16
CA GLY C 142 -7.86 -39.47 70.87
C GLY C 142 -6.42 -39.02 70.63
N LEU C 143 -6.12 -37.71 70.67
CA LEU C 143 -4.72 -37.21 70.46
C LEU C 143 -4.08 -36.67 71.77
N ASP C 144 -4.69 -36.87 72.93
CA ASP C 144 -4.19 -36.32 74.22
C ASP C 144 -2.79 -36.88 74.54
N THR C 150 1.84 -34.29 67.40
CA THR C 150 0.68 -33.71 66.65
C THR C 150 1.22 -33.01 65.39
N ALA C 151 0.67 -33.35 64.22
CA ALA C 151 0.86 -32.65 62.92
C ALA C 151 0.50 -31.16 63.04
N ILE C 152 1.01 -30.36 62.10
CA ILE C 152 0.92 -28.85 62.12
C ILE C 152 -0.52 -28.39 61.98
N ASP C 153 -1.43 -29.21 61.44
CA ASP C 153 -2.81 -28.78 61.09
C ASP C 153 -3.77 -28.99 62.27
N LYS C 154 -3.32 -29.67 63.34
CA LYS C 154 -4.19 -30.13 64.45
C LYS C 154 -4.34 -29.00 65.49
N ASP C 155 -5.57 -28.72 65.90
CA ASP C 155 -5.90 -27.63 66.84
C ASP C 155 -5.77 -28.12 68.28
N PRO C 156 -4.87 -27.55 69.12
CA PRO C 156 -4.77 -27.96 70.53
C PRO C 156 -6.03 -27.67 71.36
N TRP C 157 -6.83 -26.67 70.99
CA TRP C 157 -8.12 -26.38 71.66
C TRP C 157 -9.03 -27.62 71.51
N ILE C 158 -9.18 -28.13 70.30
CA ILE C 158 -10.03 -29.33 70.05
C ILE C 158 -9.41 -30.54 70.77
N ILE C 159 -8.10 -30.68 70.73
CA ILE C 159 -7.46 -31.87 71.33
C ILE C 159 -7.72 -31.85 72.84
N ASN C 160 -7.58 -30.69 73.45
CA ASN C 160 -7.57 -30.54 74.93
C ASN C 160 -9.00 -30.46 75.50
N TYR C 161 -9.96 -29.89 74.78
CA TYR C 161 -11.28 -29.48 75.33
C TYR C 161 -12.45 -30.08 74.55
N GLY C 162 -12.22 -30.75 73.43
CA GLY C 162 -13.31 -31.27 72.57
C GLY C 162 -13.81 -32.62 73.05
N ASP C 163 -15.11 -32.73 73.32
CA ASP C 163 -15.75 -34.01 73.73
C ASP C 163 -16.43 -34.61 72.50
N PHE C 164 -15.84 -35.66 71.95
CA PHE C 164 -16.27 -36.31 70.69
C PHE C 164 -17.54 -37.14 70.95
N ASP C 165 -17.90 -37.38 72.21
CA ASP C 165 -19.20 -38.00 72.60
C ASP C 165 -20.35 -37.00 72.46
N ARG C 166 -20.05 -35.70 72.35
CA ARG C 166 -21.08 -34.64 72.25
C ARG C 166 -20.73 -33.69 71.11
N LEU C 167 -20.62 -34.23 69.90
CA LEU C 167 -20.38 -33.44 68.67
C LEU C 167 -21.71 -33.03 68.06
N TYR C 168 -21.87 -31.74 67.80
CA TYR C 168 -23.07 -31.17 67.14
C TYR C 168 -22.63 -30.50 65.83
N LEU C 169 -23.49 -30.60 64.83
CA LEU C 169 -23.34 -29.97 63.51
C LEU C 169 -24.59 -29.10 63.25
N ALA C 170 -24.40 -27.81 63.02
CA ALA C 170 -25.49 -26.82 62.91
C ALA C 170 -25.25 -25.92 61.71
N GLY C 171 -26.34 -25.45 61.11
CA GLY C 171 -26.29 -24.48 60.01
C GLY C 171 -27.59 -23.74 59.83
N ASP C 172 -27.55 -22.64 59.08
CA ASP C 172 -28.76 -21.86 58.74
C ASP C 172 -28.86 -21.74 57.21
N SER C 173 -30.08 -21.62 56.71
CA SER C 173 -30.40 -21.36 55.29
C SER C 173 -29.53 -22.28 54.41
N PRO C 174 -28.89 -21.87 53.31
CA PRO C 174 -28.05 -22.82 52.57
C PRO C 174 -27.08 -23.63 53.43
N GLY C 175 -26.59 -23.06 54.53
CA GLY C 175 -25.76 -23.79 55.52
C GLY C 175 -26.50 -25.00 56.08
N ALA C 176 -27.80 -24.86 56.30
CA ALA C 176 -28.67 -25.96 56.80
C ALA C 176 -28.83 -26.99 55.69
N ASN C 177 -28.85 -26.54 54.43
CA ASN C 177 -28.88 -27.47 53.27
C ASN C 177 -27.56 -28.25 53.25
N ILE C 178 -26.45 -27.57 53.50
CA ILE C 178 -25.11 -28.25 53.57
C ILE C 178 -25.15 -29.27 54.71
N VAL C 179 -25.69 -28.88 55.87
CA VAL C 179 -25.75 -29.80 57.04
C VAL C 179 -26.60 -31.03 56.66
N HIS C 180 -27.73 -30.82 55.99
CA HIS C 180 -28.61 -31.93 55.52
C HIS C 180 -27.76 -32.91 54.71
N ASN C 181 -27.03 -32.40 53.72
CA ASN C 181 -26.31 -33.26 52.75
C ASN C 181 -25.14 -33.93 53.50
N THR C 182 -24.53 -33.22 54.46
CA THR C 182 -23.43 -33.76 55.31
C THR C 182 -23.95 -34.89 56.20
N LEU C 183 -25.19 -34.78 56.71
CA LEU C 183 -25.79 -35.80 57.60
C LEU C 183 -26.02 -37.08 56.78
N ILE C 184 -26.53 -36.93 55.56
CA ILE C 184 -26.73 -38.10 54.65
C ILE C 184 -25.37 -38.76 54.47
N ARG C 185 -24.35 -37.95 54.19
CA ARG C 185 -22.99 -38.45 53.88
C ARG C 185 -22.41 -39.12 55.13
N ALA C 186 -22.53 -38.50 56.31
CA ALA C 186 -22.02 -39.04 57.59
C ALA C 186 -22.64 -40.42 57.81
N GLY C 187 -23.90 -40.57 57.37
CA GLY C 187 -24.65 -41.84 57.41
C GLY C 187 -24.02 -42.91 56.54
N LYS C 188 -23.67 -42.58 55.28
CA LYS C 188 -23.15 -43.54 54.27
C LYS C 188 -21.67 -43.83 54.58
N GLU C 189 -20.85 -42.79 54.74
CA GLU C 189 -19.36 -42.85 54.64
C GLU C 189 -18.71 -43.08 56.01
N LYS C 190 -19.27 -42.55 57.11
CA LYS C 190 -18.62 -42.63 58.44
C LYS C 190 -17.44 -41.64 58.47
N LEU C 191 -17.04 -41.23 59.68
CA LEU C 191 -16.02 -40.21 59.95
C LEU C 191 -14.78 -40.91 60.51
N LYS C 192 -13.66 -40.21 60.47
CA LYS C 192 -12.37 -40.66 61.05
C LYS C 192 -12.58 -41.02 62.53
N GLY C 193 -11.90 -42.06 62.97
CA GLY C 193 -11.81 -42.47 64.38
C GLY C 193 -13.12 -43.02 64.91
N GLY C 194 -14.11 -43.23 64.03
CA GLY C 194 -15.45 -43.69 64.42
C GLY C 194 -16.30 -42.58 65.04
N VAL C 195 -15.87 -41.33 64.93
CA VAL C 195 -16.61 -40.17 65.50
C VAL C 195 -18.04 -40.21 64.95
N LYS C 196 -19.03 -40.04 65.83
CA LYS C 196 -20.48 -39.99 65.47
C LYS C 196 -20.97 -38.57 65.79
N ILE C 197 -21.75 -37.96 64.91
CA ILE C 197 -22.48 -36.70 65.22
C ILE C 197 -23.61 -37.01 66.21
N LEU C 198 -23.58 -36.44 67.42
CA LEU C 198 -24.65 -36.66 68.43
C LEU C 198 -25.92 -35.97 67.93
N GLY C 199 -25.84 -34.68 67.63
CA GLY C 199 -27.00 -33.88 67.25
C GLY C 199 -26.71 -32.87 66.17
N ALA C 200 -27.75 -32.46 65.46
CA ALA C 200 -27.66 -31.45 64.38
C ALA C 200 -28.83 -30.46 64.50
N ILE C 201 -28.60 -29.23 64.02
CA ILE C 201 -29.59 -28.11 64.00
C ILE C 201 -29.69 -27.59 62.57
N LEU C 202 -30.89 -27.53 62.02
CA LEU C 202 -31.23 -26.75 60.80
C LEU C 202 -32.07 -25.54 61.23
N TYR C 203 -31.50 -24.35 61.23
CA TYR C 203 -32.27 -23.08 61.42
C TYR C 203 -32.61 -22.54 60.03
N TYR C 204 -33.89 -22.45 59.70
CA TYR C 204 -34.42 -22.05 58.38
C TYR C 204 -33.87 -22.99 57.32
N PRO C 205 -34.38 -24.23 57.18
CA PRO C 205 -33.92 -25.13 56.13
C PRO C 205 -34.03 -24.45 54.76
N TYR C 206 -33.16 -24.85 53.83
CA TYR C 206 -33.20 -24.42 52.41
C TYR C 206 -33.39 -25.68 51.57
N PHE C 207 -34.65 -25.97 51.28
CA PHE C 207 -35.08 -27.02 50.33
C PHE C 207 -36.00 -26.37 49.29
N ILE C 208 -36.09 -27.00 48.12
CA ILE C 208 -37.11 -26.71 47.08
C ILE C 208 -37.85 -28.03 46.83
N ILE C 209 -39.14 -28.05 47.11
CA ILE C 209 -40.06 -29.19 46.93
C ILE C 209 -41.36 -28.67 46.35
N PRO C 210 -41.87 -29.29 45.26
CA PRO C 210 -43.24 -29.03 44.79
C PRO C 210 -44.25 -29.44 45.86
N THR C 211 -45.16 -28.53 46.23
CA THR C 211 -46.26 -28.73 47.20
C THR C 211 -47.59 -28.38 46.53
N SER C 212 -48.71 -28.51 47.26
CA SER C 212 -50.09 -28.26 46.76
C SER C 212 -50.33 -26.77 46.57
N THR C 213 -49.69 -25.89 47.38
CA THR C 213 -49.74 -24.42 47.18
C THR C 213 -48.44 -23.97 46.51
N LYS C 214 -48.53 -23.38 45.31
CA LYS C 214 -47.43 -22.70 44.57
C LYS C 214 -46.87 -21.60 45.46
N LEU C 215 -45.56 -21.34 45.44
CA LEU C 215 -44.96 -20.11 46.00
C LEU C 215 -45.46 -18.93 45.14
N SER C 216 -45.54 -17.72 45.69
CA SER C 216 -45.88 -16.50 44.91
C SER C 216 -44.73 -16.21 43.94
N ASP C 217 -45.00 -15.53 42.84
CA ASP C 217 -44.00 -15.21 41.77
C ASP C 217 -42.75 -14.59 42.42
N ASP C 218 -42.91 -13.50 43.15
CA ASP C 218 -41.76 -12.73 43.73
C ASP C 218 -40.97 -13.60 44.69
N PHE C 219 -41.64 -14.33 45.58
CA PHE C 219 -40.93 -15.16 46.59
C PHE C 219 -40.20 -16.31 45.88
N GLU C 220 -40.84 -16.98 44.93
CA GLU C 220 -40.25 -18.09 44.14
C GLU C 220 -38.92 -17.60 43.53
N TYR C 221 -38.94 -16.44 42.87
CA TYR C 221 -37.74 -15.85 42.22
C TYR C 221 -36.64 -15.61 43.27
N ASN C 222 -36.99 -14.99 44.41
CA ASN C 222 -36.02 -14.51 45.43
C ASN C 222 -35.63 -15.63 46.40
N TYR C 223 -36.24 -16.81 46.29
CA TYR C 223 -35.91 -17.99 47.12
C TYR C 223 -35.07 -18.98 46.29
N THR C 224 -35.55 -19.34 45.10
CA THR C 224 -34.93 -20.40 44.24
C THR C 224 -33.65 -19.88 43.59
N CYS C 225 -33.49 -18.56 43.44
CA CYS C 225 -32.33 -17.92 42.77
C CYS C 225 -31.01 -18.46 43.36
N TYR C 226 -30.94 -18.72 44.67
CA TYR C 226 -29.67 -19.11 45.34
C TYR C 226 -29.21 -20.48 44.81
N TRP C 227 -30.12 -21.43 44.72
CA TRP C 227 -29.84 -22.77 44.14
C TRP C 227 -29.45 -22.61 42.66
N LYS C 228 -30.14 -21.75 41.92
CA LYS C 228 -29.90 -21.60 40.47
C LYS C 228 -28.51 -21.00 40.21
N LEU C 229 -28.06 -20.04 41.01
CA LEU C 229 -26.76 -19.34 40.78
C LEU C 229 -25.63 -20.18 41.35
N ALA C 230 -25.90 -20.99 42.37
CA ALA C 230 -24.88 -21.81 43.07
C ALA C 230 -24.65 -23.15 42.34
N TYR C 231 -25.67 -23.71 41.69
CA TYR C 231 -25.59 -25.03 41.03
C TYR C 231 -26.33 -24.98 39.70
N PRO C 232 -25.88 -24.11 38.76
CA PRO C 232 -26.59 -23.92 37.51
C PRO C 232 -26.74 -25.20 36.69
N ASN C 233 -25.80 -26.13 36.78
CA ASN C 233 -25.80 -27.36 35.94
C ASN C 233 -26.31 -28.57 36.74
N ALA C 234 -27.11 -28.35 37.80
CA ALA C 234 -27.47 -29.43 38.74
C ALA C 234 -28.26 -30.50 37.98
N PRO C 235 -27.88 -31.79 38.04
CA PRO C 235 -28.70 -32.85 37.42
C PRO C 235 -30.06 -32.87 38.13
N GLY C 236 -31.14 -32.76 37.36
CA GLY C 236 -32.54 -32.69 37.86
C GLY C 236 -32.98 -31.28 38.18
N GLY C 237 -32.09 -30.28 38.07
CA GLY C 237 -32.39 -28.86 38.39
C GLY C 237 -32.80 -28.69 39.84
N MET C 238 -34.01 -28.19 40.08
CA MET C 238 -34.56 -27.99 41.45
C MET C 238 -35.16 -29.30 42.01
N ASN C 239 -35.08 -30.42 41.26
CA ASN C 239 -35.43 -31.79 41.74
C ASN C 239 -34.15 -32.61 41.96
N ASN C 240 -32.99 -31.97 41.93
CA ASN C 240 -31.73 -32.57 42.39
C ASN C 240 -31.92 -33.02 43.84
N PRO C 241 -31.58 -34.28 44.20
CA PRO C 241 -31.76 -34.76 45.58
C PRO C 241 -31.13 -33.89 46.69
N MET C 242 -30.15 -33.07 46.36
CA MET C 242 -29.39 -32.28 47.37
C MET C 242 -30.17 -31.00 47.73
N ILE C 243 -31.14 -30.61 46.89
CA ILE C 243 -32.06 -29.46 47.13
C ILE C 243 -33.49 -29.97 47.42
N ASN C 244 -33.89 -31.11 46.84
CA ASN C 244 -35.23 -31.72 47.03
C ASN C 244 -35.06 -33.08 47.70
N PRO C 245 -35.15 -33.14 49.04
CA PRO C 245 -34.79 -34.36 49.78
C PRO C 245 -35.83 -35.49 49.68
N ILE C 246 -36.93 -35.31 48.93
CA ILE C 246 -37.96 -36.36 48.64
C ILE C 246 -38.07 -36.61 47.12
N ALA C 247 -37.08 -36.22 46.32
CA ALA C 247 -37.02 -36.51 44.86
C ALA C 247 -37.01 -38.04 44.65
N GLU C 248 -37.43 -38.51 43.47
CA GLU C 248 -37.48 -39.94 43.04
C GLU C 248 -36.20 -40.67 43.48
N ASN C 249 -35.02 -40.10 43.21
CA ASN C 249 -33.71 -40.80 43.40
C ASN C 249 -33.06 -40.37 44.73
N ALA C 250 -33.79 -39.75 45.66
CA ALA C 250 -33.19 -39.05 46.83
C ALA C 250 -32.73 -40.09 47.86
N PRO C 251 -31.59 -39.86 48.56
CA PRO C 251 -31.12 -40.80 49.56
C PRO C 251 -32.07 -40.90 50.77
N ASP C 252 -32.23 -42.12 51.27
CA ASP C 252 -33.12 -42.49 52.41
C ASP C 252 -32.77 -41.64 53.62
N LEU C 253 -33.77 -40.95 54.20
CA LEU C 253 -33.57 -40.06 55.37
C LEU C 253 -33.28 -40.88 56.64
N ALA C 254 -33.63 -42.19 56.65
CA ALA C 254 -33.32 -43.13 57.76
C ALA C 254 -31.80 -43.19 57.99
N GLY C 255 -31.03 -42.86 56.96
CA GLY C 255 -29.55 -42.91 56.99
C GLY C 255 -28.93 -41.71 57.69
N TYR C 256 -29.68 -40.64 57.96
CA TYR C 256 -29.21 -39.44 58.69
C TYR C 256 -28.25 -39.87 59.81
N GLY C 257 -27.02 -39.37 59.79
CA GLY C 257 -25.94 -39.78 60.73
C GLY C 257 -25.90 -38.89 61.94
N CYS C 258 -27.01 -38.79 62.66
CA CYS C 258 -27.09 -38.16 64.02
C CYS C 258 -28.18 -38.87 64.81
N SER C 259 -28.14 -38.78 66.15
CA SER C 259 -29.17 -39.35 67.07
C SER C 259 -30.26 -38.32 67.41
N ARG C 260 -29.97 -37.03 67.30
CA ARG C 260 -30.86 -35.91 67.71
C ARG C 260 -30.86 -34.87 66.59
N LEU C 261 -32.01 -34.30 66.28
CA LEU C 261 -32.16 -33.25 65.23
C LEU C 261 -33.14 -32.18 65.70
N LEU C 262 -32.71 -30.92 65.69
CA LEU C 262 -33.55 -29.73 65.89
C LEU C 262 -33.78 -29.04 64.55
N VAL C 263 -35.02 -28.93 64.11
CA VAL C 263 -35.43 -28.09 62.95
C VAL C 263 -36.17 -26.86 63.48
N THR C 264 -35.61 -25.66 63.28
CA THR C 264 -36.21 -24.39 63.72
C THR C 264 -36.73 -23.63 62.48
N LEU C 265 -38.01 -23.27 62.48
CA LEU C 265 -38.71 -22.57 61.36
C LEU C 265 -39.11 -21.18 61.83
N VAL C 266 -39.16 -20.22 60.90
CA VAL C 266 -39.55 -18.81 61.15
C VAL C 266 -40.58 -18.44 60.09
N SER C 267 -41.17 -17.25 60.19
CA SER C 267 -42.35 -16.84 59.39
C SER C 267 -42.06 -15.60 58.54
N MET C 268 -40.95 -14.90 58.81
CA MET C 268 -40.64 -13.62 58.14
C MET C 268 -39.17 -13.63 57.67
N ILE C 269 -38.95 -13.09 56.49
CA ILE C 269 -37.61 -12.63 56.01
C ILE C 269 -37.67 -11.11 56.06
N SER C 270 -37.07 -10.50 57.08
CA SER C 270 -37.20 -9.06 57.38
C SER C 270 -38.71 -8.71 57.41
N THR C 271 -39.22 -7.85 56.54
CA THR C 271 -40.67 -7.46 56.53
C THR C 271 -41.44 -8.24 55.46
N THR C 272 -40.87 -9.32 54.91
CA THR C 272 -41.47 -10.15 53.84
C THR C 272 -41.98 -11.46 54.44
N PRO C 273 -43.28 -11.79 54.27
CA PRO C 273 -43.79 -13.12 54.62
C PRO C 273 -43.00 -14.25 53.93
N ASP C 274 -42.39 -15.11 54.74
CA ASP C 274 -41.76 -16.37 54.29
C ASP C 274 -42.83 -17.36 53.84
N GLU C 275 -42.51 -18.24 52.88
CA GLU C 275 -43.48 -19.18 52.24
C GLU C 275 -42.95 -20.62 52.26
N THR C 276 -42.00 -20.96 53.14
CA THR C 276 -41.37 -22.31 53.19
C THR C 276 -42.11 -23.25 54.17
N LYS C 277 -43.20 -22.82 54.83
CA LYS C 277 -43.98 -23.66 55.79
C LYS C 277 -44.29 -25.01 55.12
N ASP C 278 -44.89 -25.00 53.92
CA ASP C 278 -45.36 -26.24 53.25
C ASP C 278 -44.16 -27.14 52.89
N ILE C 279 -43.09 -26.56 52.33
CA ILE C 279 -41.85 -27.31 51.94
C ILE C 279 -41.31 -28.03 53.18
N ASN C 280 -41.13 -27.32 54.30
CA ASN C 280 -40.48 -27.85 55.51
C ASN C 280 -41.39 -28.91 56.16
N ALA C 281 -42.71 -28.74 56.05
CA ALA C 281 -43.71 -29.73 56.52
C ALA C 281 -43.49 -31.06 55.77
N VAL C 282 -43.40 -31.02 54.44
CA VAL C 282 -43.16 -32.23 53.59
C VAL C 282 -41.83 -32.89 54.02
N TYR C 283 -40.79 -32.09 54.26
CA TYR C 283 -39.47 -32.59 54.68
C TYR C 283 -39.62 -33.34 56.02
N ILE C 284 -40.24 -32.67 57.00
CA ILE C 284 -40.36 -33.22 58.38
C ILE C 284 -41.18 -34.53 58.33
N GLU C 285 -42.33 -34.53 57.63
CA GLU C 285 -43.20 -35.71 57.46
C GLU C 285 -42.38 -36.85 56.86
N ALA C 286 -41.47 -36.55 55.93
CA ALA C 286 -40.66 -37.56 55.21
C ALA C 286 -39.66 -38.18 56.21
N LEU C 287 -38.99 -37.33 56.98
CA LEU C 287 -38.06 -37.78 58.04
C LEU C 287 -38.84 -38.68 59.02
N GLU C 288 -39.96 -38.20 59.58
CA GLU C 288 -40.80 -38.96 60.56
C GLU C 288 -41.25 -40.29 59.94
N LYS C 289 -41.61 -40.31 58.65
CA LYS C 289 -42.10 -41.53 57.93
C LYS C 289 -40.93 -42.43 57.51
N SER C 290 -39.67 -42.02 57.67
CA SER C 290 -38.48 -42.70 57.10
C SER C 290 -38.09 -43.94 57.91
N GLY C 291 -38.34 -43.96 59.21
CA GLY C 291 -37.85 -45.03 60.09
C GLY C 291 -36.55 -44.66 60.76
N TRP C 292 -36.04 -43.45 60.53
CA TRP C 292 -35.03 -42.78 61.40
C TRP C 292 -35.55 -42.80 62.85
N LYS C 293 -34.85 -43.42 63.80
CA LYS C 293 -35.42 -43.64 65.16
C LYS C 293 -34.70 -42.67 66.12
N GLY C 294 -34.25 -41.53 65.63
CA GLY C 294 -33.62 -40.48 66.45
C GLY C 294 -34.64 -39.59 67.13
N GLU C 295 -34.18 -38.69 68.00
CA GLU C 295 -34.98 -37.65 68.69
C GLU C 295 -35.15 -36.46 67.74
N LEU C 296 -36.36 -36.19 67.27
CA LEU C 296 -36.71 -35.06 66.40
C LEU C 296 -37.31 -33.95 67.28
N GLU C 297 -36.78 -32.74 67.14
CA GLU C 297 -37.25 -31.52 67.80
C GLU C 297 -37.60 -30.52 66.70
N VAL C 298 -38.83 -30.01 66.69
CA VAL C 298 -39.25 -28.88 65.81
C VAL C 298 -39.62 -27.68 66.68
N ALA C 299 -39.18 -26.51 66.26
CA ALA C 299 -39.45 -25.21 66.91
C ALA C 299 -39.89 -24.22 65.83
N ASP C 300 -41.18 -23.87 65.81
CA ASP C 300 -41.79 -23.01 64.76
C ASP C 300 -42.13 -21.68 65.42
N PHE C 301 -41.44 -20.61 65.03
CA PHE C 301 -41.61 -19.25 65.62
C PHE C 301 -42.28 -18.31 64.61
N ASP C 302 -43.11 -17.40 65.14
CA ASP C 302 -43.53 -16.15 64.46
C ASP C 302 -42.41 -15.13 64.72
N ALA C 303 -41.45 -15.10 63.81
CA ALA C 303 -40.15 -14.42 63.97
C ALA C 303 -39.53 -14.18 62.58
N ASP C 304 -38.63 -13.20 62.56
CA ASP C 304 -37.77 -12.84 61.41
C ASP C 304 -36.51 -13.71 61.44
N TYR C 305 -36.19 -14.38 60.33
CA TYR C 305 -34.92 -15.11 60.11
C TYR C 305 -33.76 -14.36 60.78
N PHE C 306 -33.66 -13.06 60.53
CA PHE C 306 -32.47 -12.23 60.91
C PHE C 306 -32.30 -12.09 62.42
N GLU C 307 -33.39 -12.19 63.20
CA GLU C 307 -33.42 -11.83 64.65
C GLU C 307 -32.51 -12.78 65.45
N LEU C 308 -32.31 -14.01 65.00
CA LEU C 308 -31.43 -14.98 65.72
C LEU C 308 -30.02 -14.42 65.85
N PHE C 309 -29.54 -13.76 64.80
CA PHE C 309 -28.11 -13.39 64.60
C PHE C 309 -27.81 -12.06 65.30
N THR C 310 -28.75 -11.09 65.18
CA THR C 310 -28.67 -9.69 65.68
C THR C 310 -28.91 -9.65 67.19
N LEU C 311 -29.77 -10.51 67.74
CA LEU C 311 -30.04 -10.68 69.21
C LEU C 311 -30.48 -9.38 69.88
N GLU C 312 -31.20 -8.51 69.15
CA GLU C 312 -31.64 -7.18 69.64
C GLU C 312 -33.06 -7.27 70.21
N THR C 313 -33.84 -8.23 69.72
CA THR C 313 -35.28 -8.42 70.03
C THR C 313 -35.50 -9.62 70.97
N GLU C 314 -36.62 -9.61 71.69
CA GLU C 314 -37.00 -10.69 72.64
C GLU C 314 -37.19 -11.99 71.84
N MET C 315 -37.85 -11.94 70.68
CA MET C 315 -38.10 -13.17 69.87
C MET C 315 -36.76 -13.74 69.40
N GLY C 316 -35.81 -12.86 69.05
CA GLY C 316 -34.43 -13.28 68.69
C GLY C 316 -33.79 -14.03 69.83
N LYS C 317 -33.88 -13.46 71.04
CA LYS C 317 -33.31 -14.07 72.27
C LYS C 317 -34.01 -15.41 72.56
N ASN C 318 -35.33 -15.51 72.35
CA ASN C 318 -36.08 -16.78 72.58
C ASN C 318 -35.51 -17.87 71.69
N MET C 319 -35.35 -17.60 70.39
CA MET C 319 -34.85 -18.59 69.40
C MET C 319 -33.41 -18.96 69.77
N PHE C 320 -32.61 -17.99 70.18
CA PHE C 320 -31.22 -18.24 70.61
C PHE C 320 -31.24 -19.25 71.76
N ARG C 321 -32.07 -18.98 72.76
CA ARG C 321 -32.19 -19.82 73.96
C ARG C 321 -32.73 -21.21 73.56
N ARG C 322 -33.65 -21.29 72.58
CA ARG C 322 -34.17 -22.60 72.10
C ARG C 322 -32.99 -23.43 71.58
N LEU C 323 -32.16 -22.87 70.70
CA LEU C 323 -31.01 -23.60 70.11
C LEU C 323 -30.05 -23.97 71.24
N ALA C 324 -29.81 -23.06 72.18
CA ALA C 324 -28.89 -23.32 73.31
C ALA C 324 -29.38 -24.52 74.11
N SER C 325 -30.69 -24.67 74.32
CA SER C 325 -31.33 -25.79 75.08
C SER C 325 -31.08 -27.14 74.39
N PHE C 326 -31.02 -27.17 73.05
CA PHE C 326 -30.70 -28.41 72.31
C PHE C 326 -29.30 -28.95 72.70
N ILE C 327 -28.34 -28.08 73.03
CA ILE C 327 -26.99 -28.51 73.56
C ILE C 327 -27.04 -28.74 75.07
N LYS C 328 -26.81 -29.95 75.58
CA LYS C 328 -26.99 -30.23 77.06
C LYS C 328 -25.76 -30.94 77.66
N ASP D 10 -18.23 14.63 50.98
CA ASP D 10 -18.04 15.83 51.84
C ASP D 10 -16.56 16.24 51.77
N GLU D 11 -16.23 17.40 52.39
CA GLU D 11 -14.86 17.93 52.60
C GLU D 11 -14.02 16.87 53.34
N THR D 12 -12.71 16.86 53.07
CA THR D 12 -11.72 15.95 53.71
C THR D 12 -10.68 16.75 54.50
N ILE D 13 -10.10 16.12 55.52
CA ILE D 13 -8.92 16.62 56.27
C ILE D 13 -7.67 16.15 55.52
N TRP D 14 -7.63 14.86 55.18
CA TRP D 14 -6.53 14.21 54.42
C TRP D 14 -7.10 13.55 53.17
N ASP D 15 -6.78 14.09 51.99
CA ASP D 15 -6.99 13.43 50.67
C ASP D 15 -5.63 12.90 50.21
N LEU D 16 -5.33 11.65 50.56
CA LEU D 16 -4.09 10.96 50.18
C LEU D 16 -4.40 9.89 49.14
N SER D 17 -5.39 10.14 48.26
CA SER D 17 -5.62 9.38 47.01
C SER D 17 -4.27 9.08 46.35
N PRO D 18 -3.99 7.83 45.91
CA PRO D 18 -4.98 6.75 45.90
C PRO D 18 -4.91 5.78 47.09
N TYR D 19 -4.38 6.20 48.24
CA TYR D 19 -4.13 5.33 49.42
C TYR D 19 -5.25 5.45 50.45
N ILE D 20 -5.58 6.67 50.91
CA ILE D 20 -6.59 6.88 52.00
C ILE D 20 -7.19 8.29 51.91
N LYS D 21 -8.46 8.41 52.28
CA LYS D 21 -9.18 9.69 52.48
C LYS D 21 -9.76 9.69 53.90
N ILE D 22 -9.49 10.74 54.68
CA ILE D 22 -10.07 10.96 56.04
C ILE D 22 -10.93 12.23 55.97
N PHE D 23 -12.22 12.09 56.21
CA PHE D 23 -13.26 13.14 55.97
C PHE D 23 -13.43 13.99 57.24
N LYS D 24 -13.86 15.25 57.10
CA LYS D 24 -14.21 16.15 58.25
C LYS D 24 -15.22 15.40 59.16
N ASP D 25 -16.15 14.62 58.59
CA ASP D 25 -17.24 13.93 59.34
C ASP D 25 -16.79 12.59 59.94
N GLY D 26 -15.49 12.25 59.93
CA GLY D 26 -14.94 11.08 60.64
C GLY D 26 -14.79 9.83 59.77
N ARG D 27 -15.50 9.73 58.64
CA ARG D 27 -15.42 8.61 57.66
C ARG D 27 -13.98 8.40 57.17
N VAL D 28 -13.54 7.14 57.04
CA VAL D 28 -12.21 6.75 56.51
C VAL D 28 -12.42 5.83 55.31
N GLU D 29 -12.05 6.27 54.10
CA GLU D 29 -12.09 5.46 52.87
C GLU D 29 -10.70 4.93 52.59
N ARG D 30 -10.56 3.60 52.53
CA ARG D 30 -9.27 2.95 52.20
C ARG D 30 -9.31 2.48 50.74
N LEU D 31 -8.76 3.33 49.86
CA LEU D 31 -8.67 3.15 48.39
C LEU D 31 -7.70 2.01 48.04
N HIS D 32 -6.48 1.97 48.62
CA HIS D 32 -5.49 0.87 48.52
C HIS D 32 -5.74 -0.07 49.70
N ASN D 33 -6.72 -0.99 49.52
CA ASN D 33 -6.90 -2.12 50.46
C ASN D 33 -6.86 -3.41 49.65
N SER D 34 -5.70 -4.07 49.66
CA SER D 34 -5.52 -5.37 48.95
C SER D 34 -6.47 -6.41 49.56
N PRO D 35 -6.95 -7.39 48.77
CA PRO D 35 -7.88 -8.37 49.27
C PRO D 35 -7.38 -9.21 50.44
N TYR D 36 -8.31 -9.62 51.30
CA TYR D 36 -8.09 -10.60 52.37
C TYR D 36 -7.70 -11.91 51.71
N VAL D 37 -6.76 -12.61 52.32
CA VAL D 37 -6.37 -13.98 51.91
C VAL D 37 -6.55 -14.85 53.14
N PRO D 38 -7.44 -15.86 53.09
CA PRO D 38 -7.72 -16.70 54.26
C PRO D 38 -6.56 -17.61 54.62
N PRO D 39 -6.58 -18.21 55.82
CA PRO D 39 -5.59 -19.20 56.21
C PRO D 39 -5.53 -20.32 55.17
N SER D 40 -4.37 -20.94 55.02
CA SER D 40 -4.14 -22.04 54.05
C SER D 40 -3.11 -23.02 54.61
N LEU D 41 -3.34 -24.31 54.37
CA LEU D 41 -2.40 -25.40 54.66
C LEU D 41 -1.77 -25.87 53.34
N ASN D 42 -0.43 -26.00 53.28
CA ASN D 42 0.32 -26.55 52.12
C ASN D 42 -0.06 -25.75 50.87
N ASP D 43 0.18 -24.44 50.89
CA ASP D 43 -0.01 -23.55 49.70
C ASP D 43 0.57 -24.26 48.49
N PRO D 44 -0.18 -24.45 47.38
CA PRO D 44 0.37 -25.16 46.23
C PRO D 44 1.67 -24.53 45.71
N GLU D 45 1.72 -23.20 45.54
CA GLU D 45 2.90 -22.51 44.98
C GLU D 45 4.12 -22.73 45.91
N THR D 46 4.00 -22.49 47.23
CA THR D 46 5.18 -22.29 48.12
C THR D 46 5.33 -23.41 49.18
N GLY D 47 4.30 -24.21 49.42
CA GLY D 47 4.27 -25.19 50.53
C GLY D 47 4.15 -24.52 51.90
N VAL D 48 4.02 -23.20 51.98
CA VAL D 48 3.87 -22.50 53.28
C VAL D 48 2.43 -22.68 53.76
N SER D 49 2.25 -22.79 55.08
CA SER D 49 0.95 -22.84 55.77
C SER D 49 0.85 -21.62 56.70
N TRP D 50 -0.35 -21.06 56.87
CA TRP D 50 -0.53 -19.91 57.79
C TRP D 50 -1.90 -19.94 58.49
N LYS D 51 -1.94 -19.29 59.66
CA LYS D 51 -3.10 -19.23 60.57
C LYS D 51 -3.08 -17.88 61.29
N ASP D 52 -4.26 -17.40 61.69
CA ASP D 52 -4.45 -16.09 62.36
C ASP D 52 -4.82 -16.35 63.81
N VAL D 53 -3.96 -15.91 64.72
CA VAL D 53 -4.02 -16.30 66.15
C VAL D 53 -4.11 -15.04 66.99
N PRO D 54 -4.82 -15.10 68.12
CA PRO D 54 -4.99 -13.94 68.98
C PRO D 54 -3.84 -13.86 69.98
N ILE D 55 -3.40 -12.64 70.26
CA ILE D 55 -2.36 -12.32 71.27
C ILE D 55 -3.06 -11.68 72.47
N SER D 56 -3.98 -10.74 72.21
CA SER D 56 -4.81 -10.08 73.25
C SER D 56 -6.22 -9.86 72.69
N SER D 57 -7.04 -9.06 73.38
CA SER D 57 -8.38 -8.71 72.86
C SER D 57 -8.25 -7.71 71.71
N GLN D 58 -7.07 -7.09 71.53
CA GLN D 58 -6.86 -6.02 70.52
C GLN D 58 -5.75 -6.36 69.50
N VAL D 59 -4.96 -7.41 69.71
CA VAL D 59 -3.77 -7.71 68.87
C VAL D 59 -3.84 -9.17 68.43
N SER D 60 -3.58 -9.41 67.15
CA SER D 60 -3.49 -10.77 66.57
C SER D 60 -2.27 -10.82 65.64
N ALA D 61 -2.00 -11.98 65.06
CA ALA D 61 -0.87 -12.18 64.13
C ALA D 61 -1.17 -13.31 63.17
N ARG D 62 -0.67 -13.19 61.93
CA ARG D 62 -0.59 -14.33 61.00
C ARG D 62 0.74 -15.04 61.24
N VAL D 63 0.66 -16.31 61.60
CA VAL D 63 1.83 -17.18 61.85
C VAL D 63 2.00 -18.07 60.61
N TYR D 64 3.25 -18.17 60.14
CA TYR D 64 3.64 -18.89 58.91
C TYR D 64 4.64 -20.00 59.26
N ILE D 65 4.46 -21.18 58.69
CA ILE D 65 5.47 -22.28 58.74
C ILE D 65 5.69 -22.80 57.32
N PRO D 66 6.95 -23.02 56.90
CA PRO D 66 7.26 -23.58 55.57
C PRO D 66 7.19 -25.11 55.57
N LYS D 67 7.18 -25.75 54.38
CA LYS D 67 7.33 -27.22 54.20
C LYS D 67 8.45 -27.68 55.14
N ILE D 68 8.24 -28.72 55.95
CA ILE D 68 9.19 -29.16 57.02
C ILE D 68 10.00 -30.37 56.51
N SER D 69 11.32 -30.39 56.75
CA SER D 69 12.26 -31.48 56.37
C SER D 69 12.63 -32.34 57.61
N ASP D 70 13.46 -31.81 58.52
CA ASP D 70 13.92 -32.49 59.77
C ASP D 70 12.87 -32.29 60.89
N HIS D 71 13.25 -32.50 62.15
CA HIS D 71 12.56 -31.93 63.35
C HIS D 71 13.14 -30.53 63.64
N GLU D 72 14.10 -30.07 62.83
CA GLU D 72 15.06 -28.94 63.07
C GLU D 72 14.34 -27.61 63.33
N LYS D 73 14.85 -26.82 64.28
CA LYS D 73 14.27 -25.50 64.67
C LYS D 73 14.74 -24.43 63.68
N LEU D 74 13.89 -23.44 63.43
CA LEU D 74 14.06 -22.38 62.40
C LEU D 74 14.20 -21.03 63.06
N PRO D 75 14.85 -20.05 62.38
CA PRO D 75 14.84 -18.68 62.85
C PRO D 75 13.38 -18.23 62.93
N ILE D 76 13.12 -17.28 63.83
CA ILE D 76 11.79 -16.64 64.01
C ILE D 76 11.86 -15.26 63.39
N PHE D 77 10.99 -15.01 62.43
CA PHE D 77 10.92 -13.75 61.66
C PHE D 77 9.63 -13.04 62.06
N VAL D 78 9.73 -12.04 62.92
CA VAL D 78 8.57 -11.21 63.35
C VAL D 78 8.49 -9.99 62.42
N TYR D 79 7.41 -9.88 61.65
CA TYR D 79 7.26 -8.80 60.65
C TYR D 79 6.20 -7.81 61.13
N VAL D 80 6.46 -6.54 60.91
CA VAL D 80 5.54 -5.41 61.21
C VAL D 80 5.30 -4.65 59.91
N HIS D 81 4.17 -4.91 59.25
CA HIS D 81 3.84 -4.26 57.96
C HIS D 81 3.82 -2.75 58.15
N GLY D 82 3.99 -2.00 57.06
CA GLY D 82 3.85 -0.54 57.03
C GLY D 82 2.61 -0.14 56.27
N ALA D 83 2.70 0.93 55.48
CA ALA D 83 1.57 1.61 54.80
C ALA D 83 0.89 2.59 55.76
N GLY D 84 1.61 3.69 56.06
CA GLY D 84 1.04 4.96 56.57
C GLY D 84 0.59 4.93 58.02
N PHE D 85 0.86 3.85 58.77
CA PHE D 85 0.30 3.58 60.12
C PHE D 85 -1.22 3.41 60.06
N CYS D 86 -1.82 3.40 58.85
CA CYS D 86 -3.27 3.56 58.65
C CYS D 86 -3.86 2.67 57.55
N LEU D 87 -3.11 1.73 56.96
CA LEU D 87 -3.57 0.98 55.76
C LEU D 87 -3.14 -0.48 55.86
N GLU D 88 -3.83 -1.34 55.10
CA GLU D 88 -3.44 -2.75 54.86
C GLU D 88 -3.46 -3.53 56.17
N SER D 89 -2.90 -4.74 56.16
CA SER D 89 -3.15 -5.78 57.18
C SER D 89 -2.17 -6.93 56.93
N ALA D 90 -1.78 -7.60 57.99
CA ALA D 90 -1.06 -8.89 57.93
C ALA D 90 -1.87 -9.92 57.15
N PHE D 91 -3.18 -9.73 57.00
CA PHE D 91 -4.12 -10.74 56.47
C PHE D 91 -4.48 -10.44 55.01
N ARG D 92 -4.04 -9.30 54.49
CA ARG D 92 -4.34 -8.88 53.09
C ARG D 92 -3.12 -9.16 52.19
N SER D 93 -3.33 -9.31 50.87
CA SER D 93 -2.36 -9.95 49.94
C SER D 93 -1.06 -9.11 49.83
N PHE D 94 -1.14 -7.78 49.90
CA PHE D 94 0.04 -6.93 49.66
C PHE D 94 1.19 -7.38 50.57
N PHE D 95 0.98 -7.43 51.88
CA PHE D 95 2.06 -7.80 52.81
C PHE D 95 2.12 -9.32 52.98
N HIS D 96 0.97 -10.00 52.93
CA HIS D 96 0.90 -11.47 53.12
C HIS D 96 1.74 -12.19 52.06
N THR D 97 1.61 -11.77 50.80
CA THR D 97 2.28 -12.42 49.63
C THR D 97 3.80 -12.31 49.84
N PHE D 98 4.27 -11.12 50.22
CA PHE D 98 5.69 -10.90 50.57
C PHE D 98 6.10 -11.87 51.68
N VAL D 99 5.39 -11.88 52.81
CA VAL D 99 5.86 -12.65 54.01
C VAL D 99 5.86 -14.13 53.65
N LYS D 100 4.86 -14.57 52.90
CA LYS D 100 4.70 -15.98 52.47
C LYS D 100 5.96 -16.41 51.70
N HIS D 101 6.29 -15.66 50.66
CA HIS D 101 7.46 -15.93 49.78
C HIS D 101 8.73 -15.87 50.64
N PHE D 102 8.87 -14.86 51.49
CA PHE D 102 10.06 -14.70 52.35
C PHE D 102 10.22 -15.93 53.26
N VAL D 103 9.12 -16.42 53.80
CA VAL D 103 9.11 -17.61 54.70
C VAL D 103 9.60 -18.83 53.92
N ALA D 104 9.06 -19.03 52.71
CA ALA D 104 9.40 -20.17 51.82
C ALA D 104 10.90 -20.16 51.54
N GLU D 105 11.43 -18.99 51.19
CA GLU D 105 12.84 -18.76 50.72
C GLU D 105 13.80 -18.92 51.90
N THR D 106 13.53 -18.30 53.05
CA THR D 106 14.48 -18.26 54.20
C THR D 106 14.24 -19.45 55.15
N LYS D 107 13.15 -20.21 55.02
CA LYS D 107 12.82 -21.35 55.93
C LYS D 107 12.83 -20.84 57.38
N VAL D 108 11.89 -19.95 57.69
CA VAL D 108 11.70 -19.32 59.04
C VAL D 108 10.26 -19.55 59.51
N ILE D 109 10.03 -19.48 60.82
CA ILE D 109 8.68 -19.26 61.41
C ILE D 109 8.38 -17.76 61.28
N GLY D 110 7.34 -17.44 60.51
CA GLY D 110 6.86 -16.06 60.31
C GLY D 110 5.79 -15.71 61.32
N VAL D 111 5.86 -14.50 61.88
CA VAL D 111 4.84 -13.90 62.77
C VAL D 111 4.62 -12.47 62.30
N SER D 112 3.61 -12.25 61.46
CA SER D 112 3.23 -10.95 60.89
C SER D 112 2.15 -10.33 61.77
N ILE D 113 2.44 -9.19 62.40
CA ILE D 113 1.61 -8.67 63.52
C ILE D 113 0.47 -7.85 62.94
N GLU D 114 -0.74 -8.11 63.43
CA GLU D 114 -1.95 -7.31 63.08
C GLU D 114 -2.16 -6.33 64.24
N TYR D 115 -1.66 -5.13 64.06
CA TYR D 115 -1.68 -4.03 65.06
C TYR D 115 -2.80 -3.05 64.67
N ARG D 116 -3.29 -2.27 65.62
CA ARG D 116 -4.41 -1.34 65.36
C ARG D 116 -3.91 -0.15 64.52
N LEU D 117 -4.73 0.20 63.52
CA LEU D 117 -4.44 1.26 62.55
C LEU D 117 -5.01 2.60 63.01
N ALA D 118 -4.30 3.68 62.70
CA ALA D 118 -4.83 5.06 62.74
C ALA D 118 -5.74 5.27 61.54
N PRO D 119 -6.67 6.25 61.53
CA PRO D 119 -6.92 7.13 62.68
C PRO D 119 -7.88 6.58 63.76
N GLU D 120 -8.48 5.42 63.56
CA GLU D 120 -9.44 4.79 64.54
C GLU D 120 -8.72 4.54 65.87
N HIS D 121 -7.47 4.11 65.83
CA HIS D 121 -6.60 3.91 67.02
C HIS D 121 -5.28 4.66 66.77
N LEU D 122 -5.20 5.88 67.32
CA LEU D 122 -4.03 6.77 67.21
C LEU D 122 -2.83 6.10 67.87
N LEU D 123 -1.62 6.49 67.45
CA LEU D 123 -0.39 6.09 68.18
C LEU D 123 -0.50 6.70 69.57
N PRO D 124 0.07 6.09 70.62
CA PRO D 124 0.94 4.90 70.47
C PRO D 124 0.31 3.49 70.49
N ALA D 125 -0.95 3.35 70.09
CA ALA D 125 -1.61 2.03 70.00
C ALA D 125 -0.71 1.03 69.26
N ALA D 126 -0.28 1.34 68.05
CA ALA D 126 0.55 0.42 67.21
C ALA D 126 1.79 -0.02 67.99
N TYR D 127 2.46 0.92 68.65
CA TYR D 127 3.72 0.65 69.41
C TYR D 127 3.42 -0.34 70.53
N GLU D 128 2.34 -0.08 71.28
CA GLU D 128 1.89 -0.94 72.41
C GLU D 128 1.58 -2.34 71.86
N ASP D 129 0.86 -2.40 70.75
CA ASP D 129 0.40 -3.68 70.17
C ASP D 129 1.61 -4.51 69.76
N CYS D 130 2.57 -3.90 69.07
CA CYS D 130 3.75 -4.62 68.55
C CYS D 130 4.65 -5.05 69.70
N TRP D 131 4.77 -4.22 70.75
CA TRP D 131 5.52 -4.63 71.96
C TRP D 131 4.81 -5.85 72.60
N GLU D 132 3.49 -5.81 72.71
CA GLU D 132 2.71 -6.91 73.33
C GLU D 132 2.91 -8.17 72.48
N ALA D 133 2.90 -8.05 71.16
CA ALA D 133 3.04 -9.19 70.23
C ALA D 133 4.45 -9.79 70.37
N LEU D 134 5.47 -8.95 70.50
CA LEU D 134 6.87 -9.43 70.62
C LEU D 134 7.01 -10.20 71.92
N GLN D 135 6.44 -9.67 73.02
CA GLN D 135 6.50 -10.33 74.34
C GLN D 135 5.77 -11.67 74.26
N TRP D 136 4.68 -11.70 73.48
CA TRP D 136 3.90 -12.94 73.26
C TRP D 136 4.82 -13.96 72.59
N VAL D 137 5.52 -13.57 71.52
CA VAL D 137 6.48 -14.47 70.83
C VAL D 137 7.51 -14.97 71.84
N ALA D 138 8.17 -14.06 72.55
CA ALA D 138 9.19 -14.40 73.58
C ALA D 138 8.65 -15.41 74.59
N SER D 139 7.34 -15.36 74.88
CA SER D 139 6.74 -16.12 76.00
C SER D 139 6.74 -17.61 75.67
N HIS D 140 6.98 -17.99 74.42
CA HIS D 140 7.06 -19.44 74.03
C HIS D 140 8.40 -20.07 74.41
N VAL D 141 9.42 -19.27 74.75
CA VAL D 141 10.79 -19.83 74.97
C VAL D 141 10.72 -20.90 76.07
N GLY D 142 11.27 -22.08 75.78
CA GLY D 142 11.44 -23.18 76.75
C GLY D 142 10.14 -23.82 77.18
N LEU D 143 9.21 -24.10 76.25
CA LEU D 143 7.92 -24.77 76.53
C LEU D 143 7.89 -26.19 75.94
N ASP D 144 9.01 -26.74 75.43
CA ASP D 144 9.18 -28.20 75.16
C ASP D 144 10.22 -28.75 76.13
N THR D 150 0.29 -26.90 77.15
CA THR D 150 0.41 -25.51 76.61
C THR D 150 -0.87 -24.75 76.97
N ALA D 151 -0.76 -23.55 77.56
CA ALA D 151 -1.85 -22.56 77.77
C ALA D 151 -2.53 -22.20 76.44
N ILE D 152 -3.75 -21.67 76.50
CA ILE D 152 -4.70 -21.44 75.37
C ILE D 152 -4.09 -20.50 74.32
N ASP D 153 -3.24 -19.56 74.73
CA ASP D 153 -2.80 -18.47 73.82
C ASP D 153 -1.50 -18.85 73.09
N LYS D 154 -0.87 -19.96 73.45
CA LYS D 154 0.49 -20.35 72.98
C LYS D 154 0.40 -21.11 71.65
N ASP D 155 1.22 -20.71 70.69
CA ASP D 155 1.26 -21.32 69.34
C ASP D 155 2.18 -22.55 69.32
N PRO D 156 1.68 -23.76 69.02
CA PRO D 156 2.53 -24.95 68.95
C PRO D 156 3.59 -24.89 67.83
N TRP D 157 3.36 -24.14 66.75
CA TRP D 157 4.35 -23.93 65.67
C TRP D 157 5.58 -23.25 66.27
N ILE D 158 5.39 -22.17 67.01
CA ILE D 158 6.50 -21.43 67.65
C ILE D 158 7.17 -22.34 68.69
N ILE D 159 6.37 -23.07 69.48
CA ILE D 159 6.95 -23.89 70.56
C ILE D 159 7.87 -24.95 69.93
N ASN D 160 7.40 -25.58 68.87
CA ASN D 160 8.03 -26.79 68.30
C ASN D 160 9.18 -26.42 67.35
N TYR D 161 9.11 -25.29 66.63
CA TYR D 161 9.99 -25.00 65.47
C TYR D 161 10.73 -23.68 65.63
N GLY D 162 10.42 -22.87 66.63
CA GLY D 162 11.02 -21.55 66.81
C GLY D 162 12.36 -21.63 67.52
N ASP D 163 13.41 -21.08 66.91
CA ASP D 163 14.77 -21.02 67.50
C ASP D 163 14.96 -19.62 68.07
N PHE D 164 14.92 -19.51 69.40
CA PHE D 164 14.97 -18.21 70.13
C PHE D 164 16.40 -17.65 70.10
N ASP D 165 17.38 -18.46 69.70
CA ASP D 165 18.79 -18.01 69.48
C ASP D 165 18.88 -17.24 68.15
N ARG D 166 17.89 -17.35 67.26
CA ARG D 166 17.89 -16.67 65.94
C ARG D 166 16.56 -15.97 65.71
N LEU D 167 16.22 -15.03 66.60
CA LEU D 167 14.98 -14.20 66.49
C LEU D 167 15.30 -12.93 65.72
N TYR D 168 14.52 -12.66 64.68
CA TYR D 168 14.65 -11.42 63.87
C TYR D 168 13.33 -10.65 63.94
N LEU D 169 13.44 -9.34 63.94
CA LEU D 169 12.32 -8.37 63.96
C LEU D 169 12.52 -7.45 62.75
N ALA D 170 11.54 -7.39 61.87
CA ALA D 170 11.63 -6.69 60.58
C ALA D 170 10.36 -5.89 60.35
N GLY D 171 10.49 -4.78 59.64
CA GLY D 171 9.35 -3.95 59.24
C GLY D 171 9.71 -3.03 58.11
N ASP D 172 8.68 -2.49 57.45
CA ASP D 172 8.85 -1.50 56.36
C ASP D 172 8.10 -0.22 56.71
N SER D 173 8.58 0.90 56.20
CA SER D 173 7.92 2.23 56.30
C SER D 173 7.44 2.43 57.75
N PRO D 174 6.23 2.92 58.08
CA PRO D 174 5.88 3.06 59.50
C PRO D 174 6.13 1.80 60.35
N GLY D 175 6.04 0.60 59.74
CA GLY D 175 6.42 -0.66 60.41
C GLY D 175 7.88 -0.65 60.87
N ALA D 176 8.75 -0.06 60.07
CA ALA D 176 10.19 0.10 60.38
C ALA D 176 10.34 1.12 61.52
N ASN D 177 9.46 2.13 61.54
CA ASN D 177 9.41 3.10 62.67
C ASN D 177 9.02 2.35 63.95
N ILE D 178 8.03 1.46 63.84
CA ILE D 178 7.59 0.64 65.01
C ILE D 178 8.77 -0.22 65.44
N VAL D 179 9.47 -0.84 64.49
CA VAL D 179 10.62 -1.73 64.83
C VAL D 179 11.68 -0.90 65.56
N HIS D 180 11.97 0.31 65.07
CA HIS D 180 12.95 1.23 65.72
C HIS D 180 12.56 1.41 67.19
N ASN D 181 11.30 1.76 67.45
CA ASN D 181 10.83 2.11 68.81
C ASN D 181 10.83 0.84 69.67
N THR D 182 10.51 -0.31 69.05
CA THR D 182 10.53 -1.64 69.73
C THR D 182 11.96 -2.01 70.13
N LEU D 183 12.95 -1.69 69.27
CA LEU D 183 14.37 -2.02 69.55
C LEU D 183 14.85 -1.19 70.74
N ILE D 184 14.48 0.10 70.78
CA ILE D 184 14.82 0.98 71.93
C ILE D 184 14.24 0.33 73.20
N ARG D 185 12.98 -0.08 73.11
CA ARG D 185 12.24 -0.64 74.27
C ARG D 185 12.89 -1.97 74.68
N ALA D 186 13.18 -2.85 73.72
CA ALA D 186 13.82 -4.17 73.99
C ALA D 186 15.13 -3.93 74.76
N GLY D 187 15.80 -2.82 74.42
CA GLY D 187 17.03 -2.37 75.07
C GLY D 187 16.82 -2.00 76.53
N LYS D 188 15.77 -1.22 76.84
CA LYS D 188 15.50 -0.70 78.21
C LYS D 188 14.87 -1.83 79.05
N GLU D 189 13.83 -2.49 78.55
CA GLU D 189 12.91 -3.34 79.35
C GLU D 189 13.34 -4.80 79.41
N LYS D 190 13.90 -5.34 78.33
CA LYS D 190 14.18 -6.81 78.25
C LYS D 190 12.85 -7.56 77.99
N LEU D 191 12.95 -8.77 77.44
CA LEU D 191 11.82 -9.61 76.99
C LEU D 191 11.69 -10.78 77.94
N LYS D 192 10.54 -11.45 77.89
CA LYS D 192 10.25 -12.67 78.67
C LYS D 192 11.35 -13.71 78.41
N GLY D 193 11.74 -14.44 79.46
CA GLY D 193 12.64 -15.60 79.39
C GLY D 193 14.05 -15.23 79.04
N GLY D 194 14.37 -13.93 78.99
CA GLY D 194 15.70 -13.42 78.59
C GLY D 194 15.92 -13.49 77.08
N VAL D 195 14.88 -13.74 76.30
CA VAL D 195 14.94 -13.74 74.81
C VAL D 195 15.58 -12.44 74.36
N LYS D 196 16.56 -12.55 73.46
CA LYS D 196 17.27 -11.41 72.83
C LYS D 196 16.91 -11.44 71.34
N ILE D 197 16.65 -10.27 70.76
CA ILE D 197 16.52 -10.11 69.28
C ILE D 197 17.93 -10.23 68.68
N LEU D 198 18.18 -11.23 67.83
CA LEU D 198 19.51 -11.40 67.18
C LEU D 198 19.70 -10.26 66.18
N GLY D 199 18.75 -10.10 65.26
CA GLY D 199 18.87 -9.10 64.18
C GLY D 199 17.55 -8.44 63.88
N ALA D 200 17.63 -7.24 63.29
CA ALA D 200 16.44 -6.46 62.87
C ALA D 200 16.68 -5.89 61.48
N ILE D 201 15.60 -5.68 60.74
CA ILE D 201 15.58 -5.10 59.36
C ILE D 201 14.64 -3.91 59.36
N LEU D 202 15.11 -2.75 58.90
CA LEU D 202 14.30 -1.59 58.50
C LEU D 202 14.36 -1.46 56.98
N TYR D 203 13.30 -1.82 56.28
CA TYR D 203 13.16 -1.56 54.83
C TYR D 203 12.40 -0.25 54.67
N TYR D 204 13.03 0.75 54.06
CA TYR D 204 12.49 2.14 53.92
C TYR D 204 12.13 2.68 55.30
N PRO D 205 13.11 3.15 56.09
CA PRO D 205 12.82 3.69 57.40
C PRO D 205 11.82 4.85 57.28
N TYR D 206 11.03 5.07 58.33
CA TYR D 206 10.09 6.23 58.43
C TYR D 206 10.52 7.05 59.64
N PHE D 207 11.35 8.04 59.37
CA PHE D 207 11.76 9.09 60.33
C PHE D 207 11.44 10.46 59.71
N ILE D 208 11.28 11.47 60.55
CA ILE D 208 11.26 12.90 60.17
C ILE D 208 12.35 13.58 60.98
N ILE D 209 13.36 14.10 60.29
CA ILE D 209 14.52 14.82 60.86
C ILE D 209 14.76 16.05 59.99
N PRO D 210 14.89 17.25 60.60
CA PRO D 210 15.37 18.43 59.87
C PRO D 210 16.81 18.18 59.40
N THR D 211 17.06 18.41 58.11
CA THR D 211 18.40 18.34 57.45
C THR D 211 18.70 19.70 56.82
N SER D 212 19.87 19.86 56.17
CA SER D 212 20.31 21.14 55.57
C SER D 212 19.51 21.43 54.28
N THR D 213 19.08 20.39 53.56
CA THR D 213 18.21 20.49 52.35
C THR D 213 16.78 20.15 52.78
N LYS D 214 15.87 21.12 52.60
CA LYS D 214 14.39 21.02 52.81
C LYS D 214 13.88 19.89 51.89
N LEU D 215 12.89 19.13 52.32
CA LEU D 215 12.05 18.28 51.41
C LEU D 215 11.26 19.24 50.50
N SER D 216 10.91 18.82 49.28
CA SER D 216 10.05 19.62 48.37
C SER D 216 8.64 19.67 48.98
N ASP D 217 7.85 20.70 48.67
CA ASP D 217 6.52 20.93 49.28
C ASP D 217 5.67 19.65 49.12
N ASP D 218 5.50 19.14 47.89
CA ASP D 218 4.60 17.97 47.62
C ASP D 218 5.09 16.74 48.38
N PHE D 219 6.39 16.45 48.36
CA PHE D 219 6.91 15.23 49.04
C PHE D 219 6.75 15.39 50.56
N GLU D 220 7.07 16.56 51.12
CA GLU D 220 6.92 16.87 52.57
C GLU D 220 5.48 16.56 52.98
N TYR D 221 4.49 17.06 52.24
CA TYR D 221 3.05 16.85 52.55
C TYR D 221 2.72 15.37 52.52
N ASN D 222 3.17 14.64 51.49
CA ASN D 222 2.76 13.22 51.24
C ASN D 222 3.62 12.25 52.04
N TYR D 223 4.64 12.74 52.72
CA TYR D 223 5.52 11.90 53.59
C TYR D 223 5.14 12.11 55.07
N THR D 224 5.07 13.36 55.53
CA THR D 224 4.86 13.71 56.96
C THR D 224 3.40 13.48 57.38
N CYS D 225 2.46 13.47 56.41
CA CYS D 225 1.02 13.32 56.66
C CYS D 225 0.75 12.08 57.54
N TYR D 226 1.50 10.98 57.37
CA TYR D 226 1.21 9.71 58.06
C TYR D 226 1.45 9.88 59.56
N TRP D 227 2.55 10.50 59.94
CA TRP D 227 2.85 10.85 61.36
C TRP D 227 1.77 11.80 61.90
N LYS D 228 1.36 12.79 61.10
CA LYS D 228 0.41 13.81 61.56
C LYS D 228 -0.97 13.20 61.82
N LEU D 229 -1.43 12.26 60.98
CA LEU D 229 -2.80 11.68 61.11
C LEU D 229 -2.77 10.57 62.17
N ALA D 230 -1.62 9.92 62.36
CA ALA D 230 -1.45 8.77 63.29
C ALA D 230 -1.19 9.25 64.73
N TYR D 231 -0.53 10.40 64.92
CA TYR D 231 -0.13 10.91 66.25
C TYR D 231 -0.32 12.42 66.27
N PRO D 232 -1.55 12.93 66.06
CA PRO D 232 -1.77 14.36 65.91
C PRO D 232 -1.30 15.17 67.12
N ASN D 233 -1.41 14.61 68.33
CA ASN D 233 -1.09 15.35 69.58
C ASN D 233 0.22 14.82 70.15
N ALA D 234 1.15 14.44 69.29
CA ALA D 234 2.48 13.94 69.71
C ALA D 234 3.19 15.07 70.44
N PRO D 235 3.72 14.84 71.67
CA PRO D 235 4.55 15.86 72.32
C PRO D 235 5.80 16.10 71.46
N GLY D 236 6.06 17.35 71.10
CA GLY D 236 7.17 17.77 70.22
C GLY D 236 6.80 17.73 68.74
N GLY D 237 5.59 17.26 68.39
CA GLY D 237 5.11 17.16 67.00
C GLY D 237 6.01 16.23 66.18
N MET D 238 6.62 16.75 65.11
CA MET D 238 7.53 15.94 64.25
C MET D 238 8.96 15.88 64.84
N ASN D 239 9.18 16.46 66.02
CA ASN D 239 10.43 16.33 66.81
C ASN D 239 10.21 15.41 68.02
N ASN D 240 9.06 14.74 68.08
CA ASN D 240 8.83 13.64 69.05
C ASN D 240 9.93 12.60 68.84
N PRO D 241 10.62 12.15 69.90
CA PRO D 241 11.69 11.15 69.79
C PRO D 241 11.34 9.86 69.02
N MET D 242 10.05 9.52 68.92
CA MET D 242 9.60 8.24 68.31
C MET D 242 9.55 8.38 66.79
N ILE D 243 9.55 9.62 66.27
CA ILE D 243 9.62 9.94 64.81
C ILE D 243 10.97 10.57 64.45
N ASN D 244 11.60 11.30 65.39
CA ASN D 244 12.91 11.98 65.17
C ASN D 244 13.91 11.40 66.16
N PRO D 245 14.69 10.38 65.74
CA PRO D 245 15.52 9.62 66.68
C PRO D 245 16.77 10.35 67.16
N ILE D 246 17.00 11.60 66.73
CA ILE D 246 18.12 12.49 67.20
C ILE D 246 17.57 13.78 67.83
N ALA D 247 16.31 13.82 68.24
CA ALA D 247 15.72 14.95 69.01
C ALA D 247 16.48 15.15 70.34
N GLU D 248 16.44 16.35 70.92
CA GLU D 248 17.17 16.72 72.18
C GLU D 248 16.98 15.64 73.25
N ASN D 249 15.75 15.17 73.47
CA ASN D 249 15.42 14.25 74.60
C ASN D 249 15.30 12.80 74.09
N ALA D 250 15.85 12.48 72.92
CA ALA D 250 15.64 11.15 72.26
C ALA D 250 16.42 10.07 73.00
N PRO D 251 15.89 8.84 73.11
CA PRO D 251 16.63 7.75 73.74
C PRO D 251 17.90 7.36 72.96
N ASP D 252 18.98 7.07 73.71
CA ASP D 252 20.32 6.77 73.16
C ASP D 252 20.20 5.53 72.26
N LEU D 253 20.69 5.62 71.03
CA LEU D 253 20.65 4.52 70.02
C LEU D 253 21.59 3.38 70.43
N ALA D 254 22.56 3.62 71.32
CA ALA D 254 23.47 2.60 71.91
C ALA D 254 22.66 1.49 72.58
N GLY D 255 21.44 1.82 73.01
CA GLY D 255 20.55 0.91 73.74
C GLY D 255 19.85 -0.08 72.82
N TYR D 256 19.86 0.11 71.51
CA TYR D 256 19.20 -0.79 70.51
C TYR D 256 19.39 -2.24 70.96
N GLY D 257 18.30 -2.98 71.15
CA GLY D 257 18.31 -4.35 71.70
C GLY D 257 18.37 -5.40 70.61
N CYS D 258 19.38 -5.32 69.75
CA CYS D 258 19.74 -6.34 68.74
C CYS D 258 21.26 -6.31 68.54
N SER D 259 21.84 -7.39 68.03
CA SER D 259 23.29 -7.53 67.72
C SER D 259 23.59 -7.13 66.27
N ARG D 260 22.59 -7.27 65.37
CA ARG D 260 22.75 -7.09 63.92
C ARG D 260 21.60 -6.23 63.42
N LEU D 261 21.87 -5.32 62.50
CA LEU D 261 20.84 -4.42 61.93
C LEU D 261 21.08 -4.26 60.44
N LEU D 262 20.07 -4.55 59.62
CA LEU D 262 20.03 -4.25 58.18
C LEU D 262 19.11 -3.05 57.95
N VAL D 263 19.64 -1.95 57.41
CA VAL D 263 18.85 -0.80 56.89
C VAL D 263 18.89 -0.84 55.37
N THR D 264 17.76 -1.03 54.72
CA THR D 264 17.62 -1.05 53.25
C THR D 264 16.93 0.24 52.79
N LEU D 265 17.58 0.98 51.88
CA LEU D 265 17.11 2.27 51.34
C LEU D 265 16.81 2.07 49.85
N VAL D 266 15.82 2.82 49.35
CA VAL D 266 15.38 2.81 47.93
C VAL D 266 15.33 4.26 47.47
N SER D 267 15.06 4.50 46.19
CA SER D 267 15.21 5.82 45.55
C SER D 267 13.87 6.32 44.98
N MET D 268 12.88 5.44 44.85
CA MET D 268 11.59 5.76 44.19
C MET D 268 10.40 5.28 45.04
N ILE D 269 9.36 6.11 45.10
CA ILE D 269 7.99 5.69 45.50
C ILE D 269 7.16 5.64 44.22
N SER D 270 6.93 4.44 43.69
CA SER D 270 6.32 4.26 42.35
C SER D 270 7.13 5.11 41.35
N THR D 271 6.55 6.09 40.66
CA THR D 271 7.29 6.92 39.67
C THR D 271 7.68 8.29 40.27
N THR D 272 7.66 8.42 41.59
CA THR D 272 8.02 9.66 42.32
C THR D 272 9.40 9.50 42.96
N PRO D 273 10.35 10.40 42.66
CA PRO D 273 11.62 10.45 43.40
C PRO D 273 11.44 10.57 44.92
N ASP D 274 11.93 9.56 45.64
CA ASP D 274 12.01 9.59 47.13
C ASP D 274 13.04 10.62 47.59
N GLU D 275 12.85 11.21 48.78
CA GLU D 275 13.68 12.33 49.31
C GLU D 275 14.14 12.04 50.75
N THR D 276 14.16 10.77 51.17
CA THR D 276 14.55 10.40 52.57
C THR D 276 16.07 10.11 52.68
N LYS D 277 16.85 10.21 51.60
CA LYS D 277 18.33 9.90 51.63
C LYS D 277 18.94 10.69 52.80
N ASP D 278 18.75 12.01 52.89
CA ASP D 278 19.41 12.88 53.90
C ASP D 278 18.96 12.48 55.31
N ILE D 279 17.67 12.29 55.53
CA ILE D 279 17.09 11.87 56.85
C ILE D 279 17.77 10.56 57.31
N ASN D 280 17.80 9.55 56.44
CA ASN D 280 18.30 8.19 56.78
C ASN D 280 19.82 8.24 57.00
N ALA D 281 20.52 9.13 56.29
CA ALA D 281 21.97 9.37 56.46
C ALA D 281 22.22 9.86 57.88
N VAL D 282 21.48 10.87 58.33
CA VAL D 282 21.62 11.46 59.70
C VAL D 282 21.35 10.34 60.73
N TYR D 283 20.33 9.51 60.50
CA TYR D 283 19.97 8.40 61.42
C TYR D 283 21.17 7.44 61.51
N ILE D 284 21.67 6.99 60.37
CA ILE D 284 22.76 5.96 60.30
C ILE D 284 24.02 6.52 60.98
N GLU D 285 24.42 7.77 60.65
CA GLU D 285 25.60 8.47 61.26
C GLU D 285 25.42 8.48 62.78
N ALA D 286 24.19 8.69 63.27
CA ALA D 286 23.90 8.80 64.71
C ALA D 286 24.07 7.43 65.37
N LEU D 287 23.54 6.39 64.74
CA LEU D 287 23.71 4.99 65.20
C LEU D 287 25.21 4.68 65.26
N GLU D 288 25.96 4.88 64.16
CA GLU D 288 27.43 4.60 64.07
C GLU D 288 28.17 5.40 65.16
N LYS D 289 27.78 6.67 65.42
CA LYS D 289 28.44 7.55 66.43
C LYS D 289 27.97 7.22 67.86
N SER D 290 26.98 6.34 68.05
CA SER D 290 26.30 6.12 69.35
C SER D 290 27.13 5.27 70.31
N GLY D 291 27.97 4.37 69.80
CA GLY D 291 28.67 3.38 70.65
C GLY D 291 27.92 2.08 70.74
N TRP D 292 26.80 1.93 70.04
CA TRP D 292 26.19 0.62 69.68
C TRP D 292 27.26 -0.22 69.01
N LYS D 293 27.62 -1.39 69.55
CA LYS D 293 28.79 -2.18 69.05
C LYS D 293 28.24 -3.38 68.28
N GLY D 294 27.07 -3.26 67.68
CA GLY D 294 26.48 -4.30 66.82
C GLY D 294 27.01 -4.23 65.39
N GLU D 295 26.67 -5.24 64.59
CA GLU D 295 26.96 -5.32 63.14
C GLU D 295 25.89 -4.52 62.39
N LEU D 296 26.29 -3.42 61.75
CA LEU D 296 25.41 -2.58 60.90
C LEU D 296 25.59 -2.98 59.43
N GLU D 297 24.49 -3.22 58.75
CA GLU D 297 24.43 -3.50 57.30
C GLU D 297 23.53 -2.45 56.67
N VAL D 298 24.05 -1.71 55.69
CA VAL D 298 23.22 -0.80 54.84
C VAL D 298 23.23 -1.32 53.40
N ALA D 299 22.05 -1.28 52.78
CA ALA D 299 21.81 -1.72 51.39
C ALA D 299 21.00 -0.62 50.70
N ASP D 300 21.64 0.13 49.80
CA ASP D 300 21.04 1.32 49.14
C ASP D 300 20.84 0.95 47.67
N PHE D 301 19.59 0.81 47.24
CA PHE D 301 19.20 0.40 45.87
C PHE D 301 18.59 1.58 45.10
N ASP D 302 18.82 1.60 43.80
CA ASP D 302 18.06 2.38 42.80
C ASP D 302 16.86 1.50 42.42
N ALA D 303 15.77 1.70 43.15
CA ALA D 303 14.60 0.80 43.19
C ALA D 303 13.39 1.55 43.71
N ASP D 304 12.23 1.01 43.36
CA ASP D 304 10.88 1.42 43.83
C ASP D 304 10.59 0.67 45.14
N TYR D 305 10.21 1.40 46.20
CA TYR D 305 9.70 0.84 47.48
C TYR D 305 8.84 -0.41 47.20
N PHE D 306 7.91 -0.32 46.25
CA PHE D 306 6.85 -1.34 46.00
C PHE D 306 7.43 -2.65 45.45
N GLU D 307 8.58 -2.63 44.77
CA GLU D 307 9.14 -3.80 44.02
C GLU D 307 9.48 -4.94 44.97
N LEU D 308 9.81 -4.67 46.23
CA LEU D 308 10.14 -5.72 47.20
C LEU D 308 8.95 -6.68 47.37
N PHE D 309 7.74 -6.14 47.38
CA PHE D 309 6.49 -6.83 47.81
C PHE D 309 5.90 -7.60 46.63
N THR D 310 5.92 -6.99 45.43
CA THR D 310 5.31 -7.47 44.15
C THR D 310 6.21 -8.56 43.53
N LEU D 311 7.54 -8.47 43.66
CA LEU D 311 8.55 -9.49 43.23
C LEU D 311 8.44 -9.80 41.73
N GLU D 312 8.05 -8.82 40.91
CA GLU D 312 7.84 -9.00 39.44
C GLU D 312 9.12 -8.65 38.66
N THR D 313 9.96 -7.77 39.23
CA THR D 313 11.14 -7.15 38.60
C THR D 313 12.43 -7.74 39.17
N GLU D 314 13.53 -7.64 38.40
CA GLU D 314 14.87 -8.12 38.81
C GLU D 314 15.31 -7.34 40.06
N MET D 315 15.11 -6.02 40.09
CA MET D 315 15.55 -5.21 41.26
C MET D 315 14.75 -5.63 42.50
N GLY D 316 13.47 -5.94 42.32
CA GLY D 316 12.62 -6.46 43.41
C GLY D 316 13.20 -7.73 43.98
N LYS D 317 13.56 -8.67 43.09
CA LYS D 317 14.15 -9.96 43.46
C LYS D 317 15.52 -9.72 44.13
N ASN D 318 16.34 -8.77 43.67
CA ASN D 318 17.66 -8.45 44.29
C ASN D 318 17.43 -8.04 45.75
N MET D 319 16.52 -7.12 46.01
CA MET D 319 16.26 -6.60 47.37
C MET D 319 15.71 -7.73 48.24
N PHE D 320 14.85 -8.57 47.68
CA PHE D 320 14.31 -9.75 48.40
C PHE D 320 15.46 -10.63 48.85
N ARG D 321 16.35 -10.94 47.91
CA ARG D 321 17.54 -11.81 48.16
C ARG D 321 18.47 -11.14 49.16
N ARG D 322 18.61 -9.81 49.15
CA ARG D 322 19.48 -9.09 50.12
C ARG D 322 18.92 -9.35 51.52
N LEU D 323 17.62 -9.14 51.74
CA LEU D 323 16.98 -9.36 53.06
C LEU D 323 17.12 -10.84 53.44
N ALA D 324 16.92 -11.76 52.49
CA ALA D 324 17.03 -13.21 52.74
C ALA D 324 18.45 -13.54 53.24
N SER D 325 19.48 -12.91 52.68
CA SER D 325 20.92 -13.13 53.06
C SER D 325 21.18 -12.69 54.50
N PHE D 326 20.49 -11.65 54.98
CA PHE D 326 20.62 -11.18 56.38
C PHE D 326 20.22 -12.30 57.36
N ILE D 327 19.27 -13.17 57.01
CA ILE D 327 18.85 -14.34 57.83
C ILE D 327 19.74 -15.55 57.52
N LYS D 328 20.47 -16.08 58.49
CA LYS D 328 21.38 -17.25 58.31
C LYS D 328 21.10 -18.27 59.42
N ASP E 10 -7.94 48.74 -28.03
CA ASP E 10 -9.10 49.37 -27.32
C ASP E 10 -9.84 48.30 -26.52
N GLU E 11 -11.08 48.60 -26.11
CA GLU E 11 -11.94 47.78 -25.21
C GLU E 11 -12.11 46.37 -25.81
N THR E 12 -12.28 45.37 -24.93
CA THR E 12 -12.50 43.95 -25.29
C THR E 12 -13.87 43.48 -24.78
N ILE E 13 -14.44 42.47 -25.45
CA ILE E 13 -15.63 41.70 -25.00
C ILE E 13 -15.13 40.58 -24.09
N TRP E 14 -14.15 39.81 -24.56
CA TRP E 14 -13.49 38.70 -23.83
C TRP E 14 -12.00 38.98 -23.71
N ASP E 15 -11.52 39.23 -22.50
CA ASP E 15 -10.09 39.24 -22.13
C ASP E 15 -9.79 37.94 -21.38
N LEU E 16 -9.38 36.91 -22.12
CA LEU E 16 -8.95 35.61 -21.56
C LEU E 16 -7.42 35.47 -21.74
N SER E 17 -6.68 36.57 -21.56
CA SER E 17 -5.21 36.58 -21.30
C SER E 17 -4.84 35.41 -20.38
N PRO E 18 -3.81 34.61 -20.70
CA PRO E 18 -2.92 34.86 -21.84
C PRO E 18 -3.26 34.11 -23.14
N TYR E 19 -4.49 33.63 -23.33
CA TYR E 19 -4.85 32.71 -24.44
C TYR E 19 -5.53 33.46 -25.60
N ILE E 20 -6.58 34.23 -25.31
CA ILE E 20 -7.36 34.93 -26.37
C ILE E 20 -7.95 36.23 -25.84
N LYS E 21 -7.90 37.24 -26.69
CA LYS E 21 -8.58 38.54 -26.50
C LYS E 21 -9.47 38.74 -27.73
N ILE E 22 -10.75 39.00 -27.50
CA ILE E 22 -11.75 39.33 -28.57
C ILE E 22 -12.23 40.75 -28.32
N PHE E 23 -11.95 41.65 -29.25
CA PHE E 23 -12.11 43.13 -29.09
C PHE E 23 -13.51 43.54 -29.53
N LYS E 24 -14.04 44.65 -28.99
CA LYS E 24 -15.33 45.25 -29.43
C LYS E 24 -15.29 45.46 -30.95
N ASP E 25 -14.14 45.80 -31.55
CA ASP E 25 -14.01 46.08 -33.02
C ASP E 25 -13.85 44.80 -33.87
N GLY E 26 -14.05 43.61 -33.31
CA GLY E 26 -14.12 42.34 -34.06
C GLY E 26 -12.79 41.55 -34.03
N ARG E 27 -11.66 42.24 -33.92
CA ARG E 27 -10.29 41.67 -34.04
C ARG E 27 -10.04 40.68 -32.88
N VAL E 28 -9.28 39.63 -33.20
CA VAL E 28 -8.96 38.49 -32.30
C VAL E 28 -7.44 38.37 -32.16
N GLU E 29 -6.90 38.52 -30.95
CA GLU E 29 -5.48 38.22 -30.62
C GLU E 29 -5.38 36.85 -29.97
N ARG E 30 -4.65 35.92 -30.56
CA ARG E 30 -4.16 34.71 -29.82
C ARG E 30 -2.63 34.83 -29.68
N LEU E 31 -2.13 35.48 -28.63
CA LEU E 31 -0.68 35.80 -28.45
C LEU E 31 0.14 34.53 -28.13
N HIS E 32 -0.30 33.67 -27.23
CA HIS E 32 0.48 32.43 -26.87
C HIS E 32 0.01 31.14 -27.56
N ASN E 33 -0.21 31.15 -28.86
CA ASN E 33 -0.50 29.96 -29.71
C ASN E 33 0.82 29.21 -29.98
N SER E 34 0.90 27.89 -29.78
CA SER E 34 2.16 27.12 -29.95
C SER E 34 2.60 27.22 -31.41
N PRO E 35 3.91 27.16 -31.71
CA PRO E 35 4.38 27.31 -33.08
C PRO E 35 3.88 26.23 -34.06
N TYR E 36 3.75 26.64 -35.32
CA TYR E 36 3.47 25.71 -36.45
C TYR E 36 4.64 24.74 -36.57
N VAL E 37 4.33 23.50 -36.87
CA VAL E 37 5.33 22.46 -37.17
C VAL E 37 4.98 21.91 -38.55
N PRO E 38 5.86 22.06 -39.55
CA PRO E 38 5.56 21.61 -40.91
C PRO E 38 5.51 20.10 -41.08
N PRO E 39 4.95 19.59 -42.19
CA PRO E 39 4.99 18.16 -42.50
C PRO E 39 6.43 17.64 -42.43
N SER E 40 6.61 16.38 -42.08
CA SER E 40 7.93 15.74 -41.94
C SER E 40 7.83 14.25 -42.30
N LEU E 41 8.87 13.73 -42.94
CA LEU E 41 9.05 12.30 -43.28
C LEU E 41 10.11 11.69 -42.35
N ASN E 42 9.83 10.56 -41.69
CA ASN E 42 10.79 9.81 -40.85
C ASN E 42 11.34 10.78 -39.79
N ASP E 43 10.46 11.32 -38.95
CA ASP E 43 10.85 12.17 -37.80
C ASP E 43 12.01 11.48 -37.09
N PRO E 44 13.17 12.15 -36.85
CA PRO E 44 14.29 11.49 -36.20
C PRO E 44 13.91 10.87 -34.84
N GLU E 45 13.22 11.63 -33.98
CA GLU E 45 12.86 11.14 -32.62
C GLU E 45 11.95 9.90 -32.72
N THR E 46 10.87 9.93 -33.51
CA THR E 46 9.76 8.94 -33.40
C THR E 46 9.62 8.02 -34.62
N GLY E 47 10.22 8.35 -35.76
CA GLY E 47 10.00 7.64 -37.05
C GLY E 47 8.62 7.89 -37.65
N VAL E 48 7.80 8.73 -37.03
CA VAL E 48 6.46 9.07 -37.57
C VAL E 48 6.65 10.06 -38.73
N SER E 49 5.78 9.95 -39.74
CA SER E 49 5.67 10.88 -40.89
C SER E 49 4.27 11.52 -40.86
N TRP E 50 4.15 12.77 -41.28
CA TRP E 50 2.82 13.44 -41.33
C TRP E 50 2.73 14.41 -42.51
N LYS E 51 1.47 14.62 -42.93
CA LYS E 51 1.09 15.49 -44.06
C LYS E 51 -0.24 16.16 -43.73
N ASP E 52 -0.50 17.32 -44.33
CA ASP E 52 -1.73 18.11 -44.14
C ASP E 52 -2.54 18.03 -45.43
N VAL E 53 -3.74 17.46 -45.33
CA VAL E 53 -4.57 17.10 -46.51
C VAL E 53 -5.92 17.77 -46.38
N PRO E 54 -6.53 18.16 -47.51
CA PRO E 54 -7.84 18.79 -47.50
C PRO E 54 -8.95 17.73 -47.48
N ILE E 55 -10.00 18.03 -46.72
CA ILE E 55 -11.25 17.24 -46.64
C ILE E 55 -12.35 17.99 -47.42
N SER E 56 -12.43 19.30 -47.23
CA SER E 56 -13.33 20.21 -47.99
C SER E 56 -12.60 21.52 -48.23
N SER E 57 -13.31 22.54 -48.68
CA SER E 57 -12.73 23.89 -48.86
C SER E 57 -12.54 24.56 -47.49
N GLN E 58 -13.11 24.01 -46.42
CA GLN E 58 -13.07 24.63 -45.05
C GLN E 58 -12.48 23.71 -43.99
N VAL E 59 -12.24 22.43 -44.29
CA VAL E 59 -11.79 21.43 -43.28
C VAL E 59 -10.59 20.68 -43.84
N SER E 60 -9.56 20.50 -43.02
CA SER E 60 -8.34 19.73 -43.35
C SER E 60 -7.96 18.86 -42.16
N ALA E 61 -6.93 18.04 -42.32
CA ALA E 61 -6.44 17.17 -41.24
C ALA E 61 -4.95 16.93 -41.42
N ARG E 62 -4.24 16.77 -40.29
CA ARG E 62 -2.88 16.20 -40.28
C ARG E 62 -3.02 14.69 -40.15
N VAL E 63 -2.51 13.98 -41.14
CA VAL E 63 -2.51 12.50 -41.21
C VAL E 63 -1.10 12.02 -40.82
N TYR E 64 -1.05 11.02 -39.93
CA TYR E 64 0.19 10.48 -39.34
C TYR E 64 0.30 8.99 -39.68
N ILE E 65 1.51 8.55 -40.04
CA ILE E 65 1.85 7.10 -40.21
C ILE E 65 3.15 6.83 -39.46
N PRO E 66 3.24 5.73 -38.68
CA PRO E 66 4.48 5.35 -38.00
C PRO E 66 5.41 4.52 -38.90
N LYS E 67 6.68 4.32 -38.51
CA LYS E 67 7.68 3.49 -39.25
C LYS E 67 7.01 2.21 -39.74
N GLU E 72 1.08 -5.05 -42.43
CA GLU E 72 -0.12 -5.12 -41.57
C GLU E 72 -0.92 -3.81 -41.61
N LYS E 73 -2.26 -3.90 -41.59
CA LYS E 73 -3.18 -2.73 -41.42
C LYS E 73 -3.24 -2.35 -39.93
N LEU E 74 -3.41 -1.06 -39.65
CA LEU E 74 -3.32 -0.45 -38.29
C LEU E 74 -4.67 0.11 -37.87
N PRO E 75 -4.92 0.23 -36.56
CA PRO E 75 -6.09 0.97 -36.09
C PRO E 75 -6.02 2.38 -36.63
N ILE E 76 -7.18 2.99 -36.81
CA ILE E 76 -7.34 4.41 -37.26
C ILE E 76 -7.73 5.22 -36.04
N PHE E 77 -6.91 6.22 -35.72
CA PHE E 77 -7.06 7.08 -34.54
C PHE E 77 -7.41 8.49 -35.04
N VAL E 78 -8.68 8.87 -34.96
CA VAL E 78 -9.14 10.23 -35.34
C VAL E 78 -9.12 11.10 -34.08
N TYR E 79 -8.31 12.15 -34.08
CA TYR E 79 -8.18 13.06 -32.91
C TYR E 79 -8.86 14.40 -33.21
N VAL E 80 -9.51 14.96 -32.20
CA VAL E 80 -10.15 16.31 -32.22
C VAL E 80 -9.55 17.12 -31.09
N HIS E 81 -8.58 17.99 -31.39
CA HIS E 81 -7.90 18.82 -30.36
C HIS E 81 -8.95 19.69 -29.66
N GLY E 82 -8.63 20.14 -28.45
CA GLY E 82 -9.43 21.10 -27.67
C GLY E 82 -8.76 22.46 -27.62
N ALA E 83 -8.84 23.12 -26.46
CA ALA E 83 -8.42 24.52 -26.24
C ALA E 83 -9.53 25.49 -26.68
N GLY E 84 -10.61 25.53 -25.89
CA GLY E 84 -11.57 26.65 -25.81
C GLY E 84 -12.53 26.77 -26.98
N PHE E 85 -12.53 25.80 -27.93
CA PHE E 85 -13.25 25.91 -29.23
C PHE E 85 -12.68 27.04 -30.10
N CYS E 86 -11.60 27.71 -29.63
CA CYS E 86 -11.14 29.01 -30.17
C CYS E 86 -9.61 29.12 -30.25
N LEU E 87 -8.82 28.06 -30.00
CA LEU E 87 -7.33 28.19 -29.88
C LEU E 87 -6.63 26.99 -30.52
N GLU E 88 -5.34 27.16 -30.84
CA GLU E 88 -4.42 26.07 -31.26
C GLU E 88 -4.93 25.43 -32.56
N SER E 89 -4.34 24.28 -32.92
CA SER E 89 -4.39 23.74 -34.31
C SER E 89 -3.83 22.33 -34.28
N ALA E 90 -4.33 21.48 -35.15
CA ALA E 90 -3.74 20.14 -35.43
C ALA E 90 -2.29 20.34 -35.94
N PHE E 91 -1.93 21.52 -36.43
CA PHE E 91 -0.67 21.80 -37.14
C PHE E 91 0.36 22.49 -36.22
N ARG E 92 -0.05 22.85 -35.00
CA ARG E 92 0.85 23.54 -34.02
C ARG E 92 1.33 22.54 -32.96
N SER E 93 2.47 22.82 -32.30
CA SER E 93 3.25 21.80 -31.57
C SER E 93 2.48 21.24 -30.36
N PHE E 94 1.65 22.06 -29.70
CA PHE E 94 0.98 21.62 -28.45
C PHE E 94 0.23 20.30 -28.70
N PHE E 95 -0.64 20.25 -29.70
CA PHE E 95 -1.43 19.03 -29.95
C PHE E 95 -0.67 18.09 -30.86
N HIS E 96 0.11 18.63 -31.81
CA HIS E 96 0.84 17.81 -32.81
C HIS E 96 1.83 16.88 -32.10
N THR E 97 2.57 17.40 -31.11
CA THR E 97 3.61 16.66 -30.37
C THR E 97 2.97 15.46 -29.67
N PHE E 98 1.85 15.70 -29.00
CA PHE E 98 1.03 14.62 -28.38
C PHE E 98 0.65 13.58 -29.44
N VAL E 99 0.02 13.98 -30.54
CA VAL E 99 -0.55 12.99 -31.50
C VAL E 99 0.61 12.19 -32.11
N LYS E 100 1.72 12.87 -32.39
CA LYS E 100 2.91 12.24 -32.99
C LYS E 100 3.40 11.09 -32.10
N HIS E 101 3.64 11.41 -30.82
CA HIS E 101 4.12 10.43 -29.81
C HIS E 101 3.08 9.32 -29.69
N PHE E 102 1.80 9.66 -29.60
CA PHE E 102 0.70 8.67 -29.45
C PHE E 102 0.71 7.70 -30.64
N VAL E 103 0.93 8.23 -31.84
CA VAL E 103 0.94 7.41 -33.08
C VAL E 103 2.12 6.43 -33.01
N ALA E 104 3.30 6.92 -32.62
CA ALA E 104 4.54 6.13 -32.53
C ALA E 104 4.32 4.97 -31.56
N GLU E 105 3.73 5.27 -30.40
CA GLU E 105 3.53 4.34 -29.25
C GLU E 105 2.47 3.29 -29.60
N THR E 106 1.31 3.69 -30.14
CA THR E 106 0.15 2.79 -30.38
C THR E 106 0.22 2.16 -31.80
N LYS E 107 1.10 2.62 -32.68
CA LYS E 107 1.23 2.11 -34.08
C LYS E 107 -0.15 2.17 -34.75
N VAL E 108 -0.67 3.39 -34.94
CA VAL E 108 -1.98 3.69 -35.58
C VAL E 108 -1.79 4.67 -36.74
N ILE E 109 -2.75 4.69 -37.68
CA ILE E 109 -2.93 5.83 -38.63
C ILE E 109 -3.64 6.93 -37.87
N GLY E 110 -2.95 8.07 -37.71
CA GLY E 110 -3.50 9.26 -37.04
C GLY E 110 -4.15 10.20 -38.03
N VAL E 111 -5.30 10.75 -37.65
CA VAL E 111 -6.03 11.80 -38.41
C VAL E 111 -6.46 12.85 -37.41
N SER E 112 -5.68 13.92 -37.27
CA SER E 112 -5.93 15.06 -36.35
C SER E 112 -6.66 16.15 -37.13
N ILE E 113 -7.89 16.46 -36.74
CA ILE E 113 -8.80 17.28 -37.59
C ILE E 113 -8.52 18.76 -37.33
N GLU E 114 -8.37 19.52 -38.41
CA GLU E 114 -8.27 21.00 -38.37
C GLU E 114 -9.66 21.55 -38.67
N TYR E 115 -10.40 21.85 -37.62
CA TYR E 115 -11.80 22.36 -37.67
C TYR E 115 -11.79 23.88 -37.46
N ARG E 116 -12.83 24.58 -37.90
CA ARG E 116 -12.89 26.04 -37.80
C ARG E 116 -13.13 26.46 -36.35
N LEU E 117 -12.38 27.49 -35.93
CA LEU E 117 -12.35 28.01 -34.55
C LEU E 117 -13.34 29.17 -34.41
N ALA E 118 -13.95 29.30 -33.23
CA ALA E 118 -14.66 30.51 -32.79
C ALA E 118 -13.60 31.54 -32.39
N PRO E 119 -13.91 32.86 -32.33
CA PRO E 119 -15.22 33.40 -32.70
C PRO E 119 -15.45 33.66 -34.19
N GLU E 120 -14.44 33.47 -35.06
CA GLU E 120 -14.55 33.71 -36.52
C GLU E 120 -15.62 32.79 -37.10
N HIS E 121 -15.69 31.54 -36.65
CA HIS E 121 -16.71 30.54 -37.04
C HIS E 121 -17.34 29.96 -35.78
N LEU E 122 -18.47 30.51 -35.38
CA LEU E 122 -19.25 30.10 -34.18
C LEU E 122 -19.70 28.65 -34.33
N LEU E 123 -19.94 27.99 -33.21
CA LEU E 123 -20.61 26.66 -33.21
C LEU E 123 -21.98 26.87 -33.84
N PRO E 124 -22.54 25.84 -34.54
CA PRO E 124 -21.95 24.51 -34.64
C PRO E 124 -20.93 24.19 -35.76
N ALA E 125 -20.21 25.18 -36.25
CA ALA E 125 -19.18 24.99 -37.32
C ALA E 125 -18.25 23.82 -36.94
N ALA E 126 -17.65 23.84 -35.75
CA ALA E 126 -16.71 22.77 -35.32
C ALA E 126 -17.36 21.40 -35.43
N TYR E 127 -18.61 21.28 -34.97
CA TYR E 127 -19.37 20.00 -34.96
C TYR E 127 -19.53 19.50 -36.39
N GLU E 128 -19.95 20.40 -37.27
CA GLU E 128 -20.16 20.10 -38.72
C GLU E 128 -18.83 19.65 -39.33
N ASP E 129 -17.75 20.36 -39.03
CA ASP E 129 -16.41 20.11 -39.64
C ASP E 129 -15.94 18.71 -39.22
N CYS E 130 -16.06 18.39 -37.93
CA CYS E 130 -15.57 17.10 -37.40
C CYS E 130 -16.42 15.96 -37.94
N TRP E 131 -17.73 16.17 -38.09
CA TRP E 131 -18.61 15.17 -38.74
C TRP E 131 -18.16 14.96 -40.18
N GLU E 132 -17.89 16.05 -40.91
CA GLU E 132 -17.48 15.99 -42.34
C GLU E 132 -16.17 15.21 -42.41
N ALA E 133 -15.24 15.48 -41.48
CA ALA E 133 -13.90 14.84 -41.46
C ALA E 133 -14.04 13.34 -41.20
N LEU E 134 -14.93 12.97 -40.27
CA LEU E 134 -15.13 11.55 -39.90
C LEU E 134 -15.70 10.80 -41.12
N GLN E 135 -16.66 11.41 -41.81
CA GLN E 135 -17.28 10.82 -43.02
C GLN E 135 -16.23 10.69 -44.10
N TRP E 136 -15.30 11.64 -44.16
CA TRP E 136 -14.17 11.61 -45.12
C TRP E 136 -13.33 10.37 -44.82
N VAL E 137 -12.98 10.15 -43.55
CA VAL E 137 -12.21 8.95 -43.13
C VAL E 137 -12.98 7.70 -43.55
N ALA E 138 -14.26 7.59 -43.16
CA ALA E 138 -15.13 6.45 -43.50
C ALA E 138 -15.15 6.19 -45.01
N SER E 139 -15.01 7.24 -45.82
CA SER E 139 -15.21 7.15 -47.30
C SER E 139 -14.08 6.34 -47.93
N HIS E 140 -12.99 6.08 -47.22
CA HIS E 140 -11.88 5.26 -47.75
C HIS E 140 -12.20 3.75 -47.65
N VAL E 141 -13.21 3.33 -46.90
CA VAL E 141 -13.43 1.87 -46.63
C VAL E 141 -13.58 1.14 -47.97
N GLY E 142 -12.81 0.07 -48.13
CA GLY E 142 -12.92 -0.87 -49.27
C GLY E 142 -12.44 -0.26 -50.59
N LEU E 143 -11.34 0.48 -50.60
CA LEU E 143 -10.51 0.83 -51.78
C LEU E 143 -9.20 0.00 -51.77
N ASP E 144 -8.92 -0.83 -50.74
CA ASP E 144 -7.87 -1.88 -50.75
C ASP E 144 -8.58 -3.24 -50.69
N THR E 150 -8.77 6.07 -57.62
CA THR E 150 -9.05 6.88 -56.40
C THR E 150 -9.18 8.36 -56.80
N ALA E 151 -10.26 9.03 -56.36
CA ALA E 151 -10.50 10.49 -56.40
C ALA E 151 -9.33 11.26 -55.74
N ILE E 152 -9.18 12.54 -56.08
CA ILE E 152 -8.01 13.37 -55.69
C ILE E 152 -7.98 13.62 -54.17
N ASP E 153 -9.09 13.47 -53.47
CA ASP E 153 -9.20 13.83 -52.02
C ASP E 153 -8.86 12.63 -51.13
N LYS E 154 -8.68 11.44 -51.70
CA LYS E 154 -8.54 10.17 -50.94
C LYS E 154 -7.07 9.96 -50.53
N ASP E 155 -6.83 9.63 -49.26
CA ASP E 155 -5.48 9.47 -48.71
C ASP E 155 -4.98 8.05 -48.93
N PRO E 156 -3.88 7.82 -49.67
CA PRO E 156 -3.35 6.46 -49.84
C PRO E 156 -2.86 5.80 -48.55
N TRP E 157 -2.44 6.58 -47.55
CA TRP E 157 -2.05 6.04 -46.22
C TRP E 157 -3.27 5.34 -45.61
N ILE E 158 -4.42 6.02 -45.58
CA ILE E 158 -5.66 5.42 -45.01
C ILE E 158 -6.08 4.22 -45.87
N ILE E 159 -5.99 4.33 -47.19
CA ILE E 159 -6.47 3.24 -48.07
C ILE E 159 -5.64 2.00 -47.79
N ASN E 160 -4.32 2.18 -47.67
CA ASN E 160 -3.34 1.05 -47.67
C ASN E 160 -3.20 0.48 -46.26
N TYR E 161 -3.31 1.28 -45.20
CA TYR E 161 -2.88 0.89 -43.83
C TYR E 161 -4.02 1.02 -42.81
N GLY E 162 -5.16 1.60 -43.18
CA GLY E 162 -6.27 1.85 -42.23
C GLY E 162 -7.14 0.61 -42.05
N ASP E 163 -7.30 0.16 -40.80
CA ASP E 163 -8.17 -0.98 -40.45
C ASP E 163 -9.50 -0.42 -39.91
N PHE E 164 -10.56 -0.53 -40.73
CA PHE E 164 -11.88 0.07 -40.42
C PHE E 164 -12.59 -0.76 -39.35
N ASP E 165 -12.10 -1.97 -39.04
CA ASP E 165 -12.60 -2.80 -37.93
C ASP E 165 -12.09 -2.25 -36.59
N ARG E 166 -11.07 -1.38 -36.60
CA ARG E 166 -10.47 -0.82 -35.36
C ARG E 166 -10.33 0.69 -35.49
N LEU E 167 -11.46 1.37 -35.68
CA LEU E 167 -11.54 2.84 -35.79
C LEU E 167 -11.80 3.43 -34.41
N TYR E 168 -10.96 4.38 -33.99
CA TYR E 168 -11.11 5.10 -32.70
C TYR E 168 -11.28 6.59 -32.99
N LEU E 169 -12.05 7.25 -32.14
CA LEU E 169 -12.33 8.70 -32.17
C LEU E 169 -12.02 9.25 -30.78
N ALA E 170 -11.11 10.21 -30.68
CA ALA E 170 -10.62 10.75 -29.41
C ALA E 170 -10.59 12.27 -29.47
N GLY E 171 -10.74 12.91 -28.31
CA GLY E 171 -10.61 14.37 -28.16
C GLY E 171 -10.40 14.79 -26.73
N ASP E 172 -9.96 16.02 -26.54
CA ASP E 172 -9.76 16.62 -25.19
C ASP E 172 -10.56 17.92 -25.08
N SER E 173 -10.98 18.26 -23.87
CA SER E 173 -11.67 19.53 -23.53
C SER E 173 -12.73 19.81 -24.59
N PRO E 174 -12.95 21.02 -25.15
CA PRO E 174 -13.99 21.17 -26.17
C PRO E 174 -13.96 20.11 -27.28
N GLY E 175 -12.77 19.60 -27.62
CA GLY E 175 -12.62 18.47 -28.56
C GLY E 175 -13.37 17.23 -28.09
N ALA E 176 -13.38 16.98 -26.80
CA ALA E 176 -14.11 15.86 -26.16
C ALA E 176 -15.61 16.15 -26.24
N ASN E 177 -15.99 17.43 -26.14
CA ASN E 177 -17.39 17.85 -26.34
C ASN E 177 -17.79 17.56 -27.80
N ILE E 178 -16.91 17.87 -28.73
CA ILE E 178 -17.15 17.59 -30.17
C ILE E 178 -17.31 16.08 -30.34
N VAL E 179 -16.43 15.30 -29.71
CA VAL E 179 -16.45 13.81 -29.85
C VAL E 179 -17.80 13.32 -29.30
N HIS E 180 -18.24 13.84 -28.16
CA HIS E 180 -19.55 13.47 -27.55
C HIS E 180 -20.65 13.67 -28.60
N ASN E 181 -20.69 14.86 -29.21
CA ASN E 181 -21.79 15.24 -30.12
C ASN E 181 -21.66 14.36 -31.39
N THR E 182 -20.43 14.07 -31.82
CA THR E 182 -20.15 13.20 -33.00
C THR E 182 -20.62 11.78 -32.73
N LEU E 183 -20.44 11.27 -31.50
CA LEU E 183 -20.84 9.90 -31.13
C LEU E 183 -22.36 9.81 -31.18
N ILE E 184 -23.07 10.82 -30.66
CA ILE E 184 -24.55 10.87 -30.73
C ILE E 184 -24.96 10.80 -32.20
N ARG E 185 -24.30 11.60 -33.03
CA ARG E 185 -24.62 11.70 -34.46
C ARG E 185 -24.32 10.37 -35.15
N ALA E 186 -23.16 9.76 -34.89
CA ALA E 186 -22.76 8.46 -35.48
C ALA E 186 -23.83 7.43 -35.16
N GLY E 187 -24.42 7.55 -33.97
CA GLY E 187 -25.54 6.72 -33.49
C GLY E 187 -26.80 6.88 -34.33
N LYS E 188 -27.20 8.13 -34.62
CA LYS E 188 -28.46 8.45 -35.34
C LYS E 188 -28.26 8.21 -36.84
N GLU E 189 -27.20 8.75 -37.44
CA GLU E 189 -27.04 8.92 -38.92
C GLU E 189 -26.33 7.73 -39.55
N LYS E 190 -25.37 7.09 -38.87
CA LYS E 190 -24.52 6.03 -39.49
C LYS E 190 -23.49 6.69 -40.42
N LEU E 191 -22.39 6.00 -40.69
CA LEU E 191 -21.24 6.48 -41.49
C LEU E 191 -21.23 5.75 -42.83
N LYS E 192 -20.53 6.32 -43.81
CA LYS E 192 -20.39 5.72 -45.15
C LYS E 192 -19.85 4.29 -45.02
N GLY E 193 -20.33 3.41 -45.90
CA GLY E 193 -19.79 2.05 -46.07
C GLY E 193 -20.12 1.14 -44.88
N GLY E 194 -20.94 1.61 -43.94
CA GLY E 194 -21.28 0.88 -42.71
C GLY E 194 -20.16 0.93 -41.68
N VAL E 195 -19.16 1.78 -41.86
CA VAL E 195 -18.05 1.97 -40.88
C VAL E 195 -18.67 2.24 -39.50
N LYS E 196 -18.20 1.54 -38.47
CA LYS E 196 -18.61 1.69 -37.06
C LYS E 196 -17.38 2.20 -36.30
N ILE E 197 -17.54 3.15 -35.40
CA ILE E 197 -16.49 3.55 -34.43
C ILE E 197 -16.36 2.43 -33.39
N LEU E 198 -15.20 1.76 -33.30
CA LEU E 198 -14.97 0.70 -32.29
C LEU E 198 -14.94 1.34 -30.90
N GLY E 199 -14.05 2.34 -30.71
CA GLY E 199 -13.84 2.94 -29.38
C GLY E 199 -13.64 4.44 -29.48
N ALA E 200 -13.89 5.13 -28.36
CA ALA E 200 -13.74 6.60 -28.26
C ALA E 200 -13.09 6.94 -26.92
N ILE E 201 -12.38 8.08 -26.87
CA ILE E 201 -11.70 8.62 -25.67
C ILE E 201 -12.16 10.06 -25.46
N LEU E 202 -12.66 10.40 -24.27
CA LEU E 202 -12.82 11.81 -23.81
C LEU E 202 -11.77 12.05 -22.72
N TYR E 203 -10.74 12.83 -23.03
CA TYR E 203 -9.76 13.33 -22.02
C TYR E 203 -10.23 14.72 -21.57
N TYR E 204 -10.57 14.88 -20.29
CA TYR E 204 -11.11 16.14 -19.70
C TYR E 204 -12.38 16.52 -20.45
N PRO E 205 -13.53 15.87 -20.18
CA PRO E 205 -14.77 16.23 -20.87
C PRO E 205 -15.06 17.71 -20.65
N TYR E 206 -15.77 18.35 -21.60
CA TYR E 206 -16.23 19.76 -21.49
C TYR E 206 -17.75 19.72 -21.59
N PHE E 207 -18.38 19.64 -20.41
CA PHE E 207 -19.84 19.75 -20.22
C PHE E 207 -20.09 20.85 -19.18
N ILE E 208 -21.29 21.42 -19.25
CA ILE E 208 -21.85 22.33 -18.21
C ILE E 208 -23.17 21.68 -17.76
N ILE E 209 -23.23 21.28 -16.49
CA ILE E 209 -24.36 20.64 -15.81
C ILE E 209 -24.37 21.19 -14.39
N LYS E 214 -22.49 24.56 -6.66
CA LYS E 214 -22.13 25.67 -7.58
C LYS E 214 -20.61 25.62 -7.81
N LEU E 215 -20.14 25.93 -9.02
CA LEU E 215 -18.71 26.23 -9.31
C LEU E 215 -18.37 27.53 -8.57
N SER E 216 -17.11 27.74 -8.18
CA SER E 216 -16.65 29.02 -7.58
C SER E 216 -16.73 30.11 -8.67
N ASP E 217 -16.87 31.38 -8.27
CA ASP E 217 -16.98 32.54 -9.19
C ASP E 217 -15.88 32.47 -10.27
N ASP E 218 -14.62 32.43 -9.86
CA ASP E 218 -13.45 32.54 -10.79
C ASP E 218 -13.47 31.35 -11.75
N PHE E 219 -13.68 30.13 -11.24
CA PHE E 219 -13.63 28.92 -12.09
C PHE E 219 -14.82 28.94 -13.07
N GLU E 220 -16.02 29.28 -12.60
CA GLU E 220 -17.25 29.39 -13.44
C GLU E 220 -16.94 30.30 -14.63
N TYR E 221 -16.39 31.50 -14.37
CA TYR E 221 -16.08 32.49 -15.44
C TYR E 221 -15.07 31.87 -16.43
N ASN E 222 -14.00 31.24 -15.94
CA ASN E 222 -12.86 30.81 -16.79
C ASN E 222 -13.14 29.44 -17.43
N TYR E 223 -14.25 28.78 -17.05
CA TYR E 223 -14.64 27.47 -17.62
C TYR E 223 -15.76 27.67 -18.65
N THR E 224 -16.83 28.37 -18.27
CA THR E 224 -18.05 28.55 -19.12
C THR E 224 -17.79 29.53 -20.26
N CYS E 225 -16.80 30.42 -20.14
CA CYS E 225 -16.50 31.48 -21.14
C CYS E 225 -16.39 30.88 -22.55
N TYR E 226 -15.81 29.68 -22.67
CA TYR E 226 -15.51 29.08 -24.00
C TYR E 226 -16.83 28.75 -24.72
N TRP E 227 -17.79 28.13 -24.01
CA TRP E 227 -19.15 27.86 -24.53
C TRP E 227 -19.84 29.19 -24.90
N LYS E 228 -19.70 30.21 -24.07
CA LYS E 228 -20.40 31.49 -24.26
C LYS E 228 -19.89 32.21 -25.52
N LEU E 229 -18.57 32.19 -25.76
CA LEU E 229 -17.98 32.93 -26.90
C LEU E 229 -18.13 32.10 -28.18
N ALA E 230 -18.19 30.78 -28.06
CA ALA E 230 -18.25 29.85 -29.22
C ALA E 230 -19.71 29.67 -29.70
N TYR E 231 -20.70 29.77 -28.81
CA TYR E 231 -22.13 29.54 -29.13
C TYR E 231 -22.98 30.58 -28.40
N PRO E 232 -22.80 31.88 -28.73
CA PRO E 232 -23.57 32.93 -28.05
C PRO E 232 -25.06 32.75 -28.43
N ASN E 233 -25.92 32.71 -27.40
CA ASN E 233 -27.38 32.58 -27.57
C ASN E 233 -27.72 31.21 -28.14
N ALA E 234 -26.95 30.18 -27.76
CA ALA E 234 -27.26 28.75 -27.99
C ALA E 234 -28.69 28.56 -27.49
N PRO E 235 -29.58 27.85 -28.20
CA PRO E 235 -30.92 27.56 -27.68
C PRO E 235 -30.78 26.77 -26.36
N GLY E 236 -31.38 27.28 -25.29
CA GLY E 236 -31.27 26.75 -23.90
C GLY E 236 -30.05 27.26 -23.14
N GLY E 237 -29.19 28.06 -23.77
CA GLY E 237 -27.95 28.61 -23.17
C GLY E 237 -26.98 27.50 -22.77
N MET E 238 -26.67 27.42 -21.47
CA MET E 238 -25.78 26.36 -20.91
C MET E 238 -26.60 25.07 -20.63
N ASN E 239 -27.89 25.04 -20.97
CA ASN E 239 -28.75 23.82 -20.94
C ASN E 239 -29.01 23.32 -22.38
N ASN E 240 -28.32 23.89 -23.36
CA ASN E 240 -28.29 23.34 -24.74
C ASN E 240 -27.83 21.89 -24.65
N PRO E 241 -28.53 20.92 -25.26
CA PRO E 241 -28.14 19.51 -25.21
C PRO E 241 -26.68 19.19 -25.61
N MET E 242 -26.05 20.07 -26.40
CA MET E 242 -24.70 19.81 -26.95
C MET E 242 -23.63 20.16 -25.90
N ILE E 243 -24.00 20.94 -24.88
CA ILE E 243 -23.11 21.29 -23.72
C ILE E 243 -23.58 20.59 -22.44
N ASN E 244 -24.89 20.33 -22.31
CA ASN E 244 -25.50 19.66 -21.12
C ASN E 244 -26.14 18.36 -21.58
N PRO E 245 -25.42 17.23 -21.51
CA PRO E 245 -25.88 15.99 -22.12
C PRO E 245 -27.03 15.29 -21.37
N ILE E 246 -27.52 15.86 -20.25
CA ILE E 246 -28.70 15.36 -19.48
C ILE E 246 -29.80 16.43 -19.41
N ALA E 247 -29.79 17.43 -20.29
CA ALA E 247 -30.88 18.43 -20.42
C ALA E 247 -32.20 17.73 -20.76
N GLU E 248 -33.35 18.37 -20.45
CA GLU E 248 -34.72 17.83 -20.71
C GLU E 248 -34.81 17.27 -22.14
N ASN E 249 -34.33 18.00 -23.14
CA ASN E 249 -34.51 17.64 -24.58
C ASN E 249 -33.25 16.95 -25.15
N ALA E 250 -32.36 16.43 -24.29
CA ALA E 250 -31.05 15.90 -24.72
C ALA E 250 -31.23 14.54 -25.39
N PRO E 251 -30.44 14.21 -26.43
CA PRO E 251 -30.49 12.87 -27.03
C PRO E 251 -30.03 11.77 -26.07
N ASP E 252 -30.70 10.63 -26.14
CA ASP E 252 -30.47 9.40 -25.34
C ASP E 252 -28.99 8.98 -25.49
N LEU E 253 -28.29 8.79 -24.37
CA LEU E 253 -26.86 8.39 -24.35
C LEU E 253 -26.69 6.93 -24.81
N ALA E 254 -27.75 6.12 -24.74
CA ALA E 254 -27.79 4.72 -25.24
C ALA E 254 -27.43 4.69 -26.73
N GLY E 255 -27.67 5.81 -27.44
CA GLY E 255 -27.46 5.93 -28.88
C GLY E 255 -26.01 6.14 -29.25
N TYR E 256 -25.11 6.44 -28.30
CA TYR E 256 -23.64 6.57 -28.53
C TYR E 256 -23.19 5.52 -29.55
N GLY E 257 -22.60 5.94 -30.66
CA GLY E 257 -22.20 5.06 -31.77
C GLY E 257 -20.76 4.59 -31.63
N CYS E 258 -20.44 3.97 -30.49
CA CYS E 258 -19.16 3.22 -30.27
C CYS E 258 -19.46 2.04 -29.33
N SER E 259 -18.62 1.02 -29.33
CA SER E 259 -18.74 -0.19 -28.47
C SER E 259 -17.93 -0.03 -27.18
N ARG E 260 -16.89 0.80 -27.18
CA ARG E 260 -15.96 1.01 -26.04
C ARG E 260 -15.77 2.52 -25.84
N LEU E 261 -15.73 2.97 -24.60
CA LEU E 261 -15.52 4.40 -24.25
C LEU E 261 -14.58 4.51 -23.04
N LEU E 262 -13.49 5.25 -23.21
CA LEU E 262 -12.59 5.66 -22.09
C LEU E 262 -12.86 7.13 -21.74
N VAL E 263 -13.28 7.42 -20.51
CA VAL E 263 -13.34 8.80 -19.96
C VAL E 263 -12.21 8.99 -18.97
N THR E 264 -11.28 9.91 -19.27
CA THR E 264 -10.13 10.23 -18.40
C THR E 264 -10.37 11.60 -17.74
N LEU E 265 -10.32 11.67 -16.42
CA LEU E 265 -10.54 12.89 -15.61
C LEU E 265 -9.23 13.29 -14.93
N VAL E 266 -9.04 14.59 -14.73
CA VAL E 266 -7.84 15.16 -14.03
C VAL E 266 -8.34 16.12 -12.95
N SER E 267 -7.45 16.67 -12.14
CA SER E 267 -7.80 17.40 -10.89
C SER E 267 -7.26 18.83 -10.90
N MET E 268 -6.36 19.16 -11.83
CA MET E 268 -5.69 20.48 -11.86
C MET E 268 -5.70 21.04 -13.30
N ILE E 269 -5.93 22.35 -13.39
CA ILE E 269 -5.59 23.16 -14.60
C ILE E 269 -4.38 23.98 -14.21
N SER E 270 -3.20 23.56 -14.66
CA SER E 270 -1.91 24.16 -14.23
C SER E 270 -1.87 24.13 -12.69
N THR E 271 -1.80 25.26 -11.97
CA THR E 271 -1.73 25.27 -10.48
C THR E 271 -3.11 25.60 -9.88
N THR E 272 -4.18 25.51 -10.66
CA THR E 272 -5.57 25.83 -10.25
C THR E 272 -6.36 24.54 -10.06
N PRO E 273 -6.95 24.31 -8.87
CA PRO E 273 -7.90 23.22 -8.68
C PRO E 273 -9.05 23.23 -9.70
N ASP E 274 -9.15 22.15 -10.48
CA ASP E 274 -10.29 21.89 -11.39
C ASP E 274 -11.55 21.56 -10.58
N GLU E 275 -12.74 21.88 -11.11
CA GLU E 275 -14.05 21.76 -10.39
C GLU E 275 -15.07 21.02 -11.25
N THR E 276 -14.63 20.20 -12.22
CA THR E 276 -15.54 19.43 -13.12
C THR E 276 -15.83 18.02 -12.54
N LYS E 277 -15.31 17.65 -11.36
CA LYS E 277 -15.53 16.31 -10.73
C LYS E 277 -17.03 16.03 -10.73
N ASP E 278 -17.85 16.94 -10.17
CA ASP E 278 -19.31 16.71 -9.96
C ASP E 278 -20.01 16.58 -11.31
N ILE E 279 -19.71 17.49 -12.26
CA ILE E 279 -20.31 17.49 -13.62
C ILE E 279 -20.05 16.14 -14.29
N ASN E 280 -18.80 15.68 -14.30
CA ASN E 280 -18.37 14.46 -15.04
C ASN E 280 -18.96 13.22 -14.36
N ALA E 281 -19.14 13.25 -13.03
CA ALA E 281 -19.79 12.18 -12.25
C ALA E 281 -21.23 12.02 -12.74
N VAL E 282 -21.98 13.12 -12.85
CA VAL E 282 -23.40 13.11 -13.31
C VAL E 282 -23.45 12.52 -14.74
N TYR E 283 -22.51 12.94 -15.59
CA TYR E 283 -22.43 12.46 -17.00
C TYR E 283 -22.22 10.94 -16.99
N ILE E 284 -21.21 10.47 -16.25
CA ILE E 284 -20.83 9.02 -16.23
C ILE E 284 -22.01 8.20 -15.69
N GLU E 285 -22.63 8.61 -14.57
CA GLU E 285 -23.81 7.94 -13.96
C GLU E 285 -24.92 7.83 -15.01
N ALA E 286 -25.10 8.87 -15.83
CA ALA E 286 -26.16 8.92 -16.85
C ALA E 286 -25.86 7.91 -17.96
N LEU E 287 -24.62 7.88 -18.43
CA LEU E 287 -24.14 6.90 -19.44
C LEU E 287 -24.38 5.49 -18.89
N GLU E 288 -23.88 5.18 -17.68
CA GLU E 288 -24.00 3.84 -17.02
C GLU E 288 -25.49 3.49 -16.88
N LYS E 289 -26.36 4.46 -16.52
CA LYS E 289 -27.83 4.24 -16.34
C LYS E 289 -28.56 4.16 -17.70
N SER E 290 -27.91 4.45 -18.83
CA SER E 290 -28.57 4.64 -20.15
C SER E 290 -28.95 3.29 -20.80
N GLY E 291 -28.18 2.24 -20.56
CA GLY E 291 -28.37 0.93 -21.22
C GLY E 291 -27.71 0.88 -22.59
N TRP E 292 -26.74 1.76 -22.87
CA TRP E 292 -25.75 1.56 -23.96
C TRP E 292 -25.12 0.18 -23.79
N LYS E 293 -25.19 -0.72 -24.76
CA LYS E 293 -24.60 -2.08 -24.68
C LYS E 293 -23.09 -2.13 -25.10
N GLY E 294 -22.28 -1.41 -24.33
CA GLY E 294 -20.85 -1.22 -24.60
C GLY E 294 -20.02 -1.02 -23.32
N GLU E 295 -18.71 -1.17 -23.45
CA GLU E 295 -17.73 -1.18 -22.34
C GLU E 295 -17.37 0.27 -22.00
N LEU E 296 -17.73 0.74 -20.80
CA LEU E 296 -17.29 2.04 -20.24
C LEU E 296 -16.04 1.82 -19.36
N GLU E 297 -15.02 2.64 -19.60
CA GLU E 297 -13.77 2.70 -18.81
C GLU E 297 -13.62 4.12 -18.29
N VAL E 298 -13.45 4.31 -16.97
CA VAL E 298 -13.10 5.61 -16.37
C VAL E 298 -11.71 5.54 -15.73
N ALA E 299 -10.92 6.61 -15.87
CA ALA E 299 -9.57 6.78 -15.30
C ALA E 299 -9.49 8.18 -14.70
N ASP E 300 -9.41 8.27 -13.37
CA ASP E 300 -9.42 9.55 -12.63
C ASP E 300 -8.01 9.74 -12.03
N PHE E 301 -7.28 10.76 -12.52
CA PHE E 301 -5.90 11.05 -12.08
C PHE E 301 -5.85 12.34 -11.25
N ASP E 302 -4.98 12.33 -10.25
CA ASP E 302 -4.48 13.55 -9.55
C ASP E 302 -3.33 14.09 -10.40
N ALA E 303 -3.67 14.97 -11.33
CA ALA E 303 -2.82 15.38 -12.46
C ALA E 303 -3.33 16.70 -13.03
N ASP E 304 -2.42 17.40 -13.70
CA ASP E 304 -2.64 18.65 -14.47
C ASP E 304 -3.09 18.27 -15.88
N TYR E 305 -4.21 18.83 -16.35
CA TYR E 305 -4.68 18.71 -17.75
C TYR E 305 -3.50 18.72 -18.72
N PHE E 306 -2.60 19.69 -18.54
CA PHE E 306 -1.53 20.00 -19.53
C PHE E 306 -0.49 18.87 -19.63
N GLU E 307 -0.29 18.08 -18.57
CA GLU E 307 0.82 17.09 -18.46
C GLU E 307 0.70 16.00 -19.53
N LEU E 308 -0.51 15.69 -20.01
CA LEU E 308 -0.70 14.63 -21.03
C LEU E 308 0.09 15.00 -22.29
N PHE E 309 0.09 16.28 -22.65
CA PHE E 309 0.51 16.81 -23.97
C PHE E 309 2.03 17.04 -23.97
N THR E 310 2.55 17.59 -22.85
CA THR E 310 3.97 18.00 -22.64
C THR E 310 4.84 16.76 -22.37
N LEU E 311 4.33 15.73 -21.70
CA LEU E 311 4.99 14.40 -21.47
C LEU E 311 6.31 14.56 -20.72
N GLU E 312 6.45 15.57 -19.85
CA GLU E 312 7.71 15.90 -19.12
C GLU E 312 7.72 15.22 -17.75
N THR E 313 6.54 14.97 -17.18
CA THR E 313 6.33 14.45 -15.80
C THR E 313 5.90 12.98 -15.85
N GLU E 314 6.12 12.28 -14.73
CA GLU E 314 5.75 10.85 -14.59
C GLU E 314 4.23 10.72 -14.70
N MET E 315 3.45 11.61 -14.06
CA MET E 315 1.97 11.55 -14.11
C MET E 315 1.51 11.74 -15.56
N GLY E 316 2.16 12.64 -16.31
CA GLY E 316 1.89 12.84 -17.74
C GLY E 316 2.07 11.54 -18.50
N LYS E 317 3.20 10.88 -18.27
CA LYS E 317 3.52 9.59 -18.93
C LYS E 317 2.52 8.52 -18.51
N ASN E 318 2.08 8.47 -17.24
CA ASN E 318 1.07 7.48 -16.77
C ASN E 318 -0.22 7.64 -17.60
N MET E 319 -0.72 8.87 -17.71
CA MET E 319 -1.99 9.14 -18.42
C MET E 319 -1.81 8.79 -19.90
N PHE E 320 -0.66 9.10 -20.48
CA PHE E 320 -0.35 8.77 -21.89
C PHE E 320 -0.49 7.25 -22.07
N ARG E 321 0.16 6.51 -21.19
CA ARG E 321 0.18 5.01 -21.23
C ARG E 321 -1.25 4.49 -21.01
N ARG E 322 -2.06 5.12 -20.14
CA ARG E 322 -3.46 4.68 -19.91
C ARG E 322 -4.23 4.78 -21.25
N LEU E 323 -4.14 5.91 -21.94
CA LEU E 323 -4.85 6.11 -23.24
C LEU E 323 -4.30 5.10 -24.27
N ALA E 324 -2.99 4.89 -24.29
CA ALA E 324 -2.35 3.92 -25.22
C ALA E 324 -2.91 2.51 -24.97
N SER E 325 -3.16 2.13 -23.73
CA SER E 325 -3.76 0.80 -23.33
C SER E 325 -5.18 0.63 -23.89
N PHE E 326 -5.95 1.70 -24.01
CA PHE E 326 -7.32 1.66 -24.62
C PHE E 326 -7.23 1.16 -26.07
N ILE E 327 -6.15 1.45 -26.80
CA ILE E 327 -5.92 0.92 -28.19
C ILE E 327 -5.27 -0.47 -28.12
N ASP F 10 15.59 45.44 -27.84
CA ASP F 10 17.08 45.43 -27.66
C ASP F 10 17.75 45.81 -28.99
N GLU F 11 19.08 45.96 -28.99
CA GLU F 11 19.93 46.30 -30.17
C GLU F 11 19.70 45.26 -31.27
N THR F 12 19.80 45.67 -32.54
CA THR F 12 19.69 44.77 -33.72
C THR F 12 21.01 44.78 -34.53
N ILE F 13 21.27 43.67 -35.23
CA ILE F 13 22.36 43.53 -36.22
C ILE F 13 21.81 43.98 -37.57
N TRP F 14 20.65 43.47 -37.95
CA TRP F 14 19.94 43.80 -39.22
C TRP F 14 18.55 44.35 -38.89
N ASP F 15 18.36 45.67 -39.09
CA ASP F 15 17.04 46.34 -39.10
C ASP F 15 16.65 46.55 -40.55
N LEU F 16 15.93 45.60 -41.12
CA LEU F 16 15.43 45.63 -42.52
C LEU F 16 13.90 45.82 -42.47
N SER F 17 13.40 46.58 -41.50
CA SER F 17 12.02 47.13 -41.48
C SER F 17 11.68 47.61 -42.88
N PRO F 18 10.48 47.27 -43.44
CA PRO F 18 9.44 46.54 -42.72
C PRO F 18 9.38 45.03 -43.01
N TYR F 19 10.51 44.42 -43.39
CA TYR F 19 10.58 42.99 -43.82
C TYR F 19 11.05 42.09 -42.66
N ILE F 20 12.21 42.39 -42.05
CA ILE F 20 12.80 41.53 -40.98
C ILE F 20 13.72 42.35 -40.08
N LYS F 21 13.78 41.98 -38.79
CA LYS F 21 14.73 42.47 -37.78
C LYS F 21 15.44 41.25 -37.19
N ILE F 22 16.78 41.25 -37.17
CA ILE F 22 17.63 40.23 -36.50
C ILE F 22 18.39 40.91 -35.36
N PHE F 23 18.13 40.47 -34.13
CA PHE F 23 18.59 41.11 -32.87
C PHE F 23 19.95 40.53 -32.46
N LYS F 24 20.76 41.33 -31.72
CA LYS F 24 22.05 40.87 -31.13
C LYS F 24 21.79 39.58 -30.33
N ASP F 25 20.66 39.46 -29.64
CA ASP F 25 20.34 38.34 -28.71
C ASP F 25 19.73 37.14 -29.45
N GLY F 26 19.74 37.10 -30.79
CA GLY F 26 19.35 35.91 -31.56
C GLY F 26 17.90 35.91 -32.04
N ARG F 27 17.03 36.71 -31.42
CA ARG F 27 15.58 36.88 -31.81
C ARG F 27 15.48 37.35 -33.28
N VAL F 28 14.51 36.82 -34.00
CA VAL F 28 14.17 37.19 -35.40
C VAL F 28 12.70 37.61 -35.41
N GLU F 29 12.42 38.88 -35.71
CA GLU F 29 11.05 39.41 -35.92
C GLU F 29 10.79 39.47 -37.42
N ARG F 30 9.78 38.73 -37.88
CA ARG F 30 9.32 38.78 -39.28
C ARG F 30 8.07 39.68 -39.36
N LEU F 31 8.33 40.94 -39.73
CA LEU F 31 7.35 42.04 -39.89
C LEU F 31 6.44 41.77 -41.12
N HIS F 32 7.02 41.38 -42.29
CA HIS F 32 6.29 40.89 -43.48
C HIS F 32 6.17 39.37 -43.35
N ASN F 33 5.16 38.89 -42.58
CA ASN F 33 4.81 37.45 -42.57
C ASN F 33 3.32 37.31 -42.88
N SER F 34 3.01 37.01 -44.14
CA SER F 34 1.62 36.83 -44.60
C SER F 34 1.00 35.64 -43.86
N PRO F 35 -0.32 35.64 -43.60
CA PRO F 35 -0.93 34.56 -42.84
C PRO F 35 -0.82 33.17 -43.51
N TYR F 36 -0.80 32.15 -42.66
CA TYR F 36 -0.93 30.74 -43.07
C TYR F 36 -2.28 30.55 -43.74
N VAL F 37 -2.29 29.75 -44.80
CA VAL F 37 -3.51 29.32 -45.50
C VAL F 37 -3.50 27.81 -45.48
N PRO F 38 -4.50 27.17 -44.83
CA PRO F 38 -4.53 25.71 -44.71
C PRO F 38 -4.83 24.99 -46.01
N PRO F 39 -4.58 23.67 -46.08
CA PRO F 39 -4.95 22.89 -47.26
C PRO F 39 -6.44 23.08 -47.57
N SER F 40 -6.81 22.97 -48.85
CA SER F 40 -8.20 23.16 -49.31
C SER F 40 -8.47 22.27 -50.52
N LEU F 41 -9.67 21.72 -50.59
CA LEU F 41 -10.19 20.92 -51.74
C LEU F 41 -11.20 21.79 -52.50
N ASN F 42 -11.08 21.87 -53.83
CA ASN F 42 -12.05 22.58 -54.72
C ASN F 42 -12.24 24.01 -54.20
N ASP F 43 -11.15 24.78 -54.15
CA ASP F 43 -11.18 26.22 -53.78
C ASP F 43 -12.34 26.86 -54.52
N PRO F 44 -13.29 27.56 -53.86
CA PRO F 44 -14.43 28.15 -54.57
C PRO F 44 -13.97 29.08 -55.72
N GLU F 45 -13.03 29.99 -55.48
CA GLU F 45 -12.60 30.97 -56.50
C GLU F 45 -11.98 30.23 -57.71
N THR F 46 -11.04 29.30 -57.53
CA THR F 46 -10.14 28.81 -58.61
C THR F 46 -10.38 27.33 -58.98
N GLY F 47 -11.06 26.55 -58.15
CA GLY F 47 -11.19 25.09 -58.32
C GLY F 47 -9.89 24.34 -58.04
N VAL F 48 -8.84 25.02 -57.61
CA VAL F 48 -7.54 24.36 -57.27
C VAL F 48 -7.68 23.69 -55.89
N SER F 49 -7.04 22.55 -55.71
CA SER F 49 -6.88 21.82 -54.43
C SER F 49 -5.38 21.78 -54.05
N TRP F 50 -5.06 21.83 -52.77
CA TRP F 50 -3.65 21.74 -52.33
C TRP F 50 -3.51 21.02 -50.99
N LYS F 51 -2.32 20.44 -50.79
CA LYS F 51 -1.94 19.63 -49.61
C LYS F 51 -0.46 19.87 -49.32
N ASP F 52 -0.06 19.68 -48.06
CA ASP F 52 1.33 19.89 -47.57
C ASP F 52 1.93 18.52 -47.25
N VAL F 53 2.97 18.13 -47.99
CA VAL F 53 3.49 16.74 -47.99
C VAL F 53 4.96 16.77 -47.64
N PRO F 54 5.46 15.73 -46.94
CA PRO F 54 6.84 15.69 -46.52
C PRO F 54 7.73 15.10 -47.63
N ILE F 55 8.92 15.67 -47.77
CA ILE F 55 9.99 15.17 -48.68
C ILE F 55 11.08 14.52 -47.84
N SER F 56 11.47 15.15 -46.73
CA SER F 56 12.43 14.61 -45.74
C SER F 56 11.98 15.02 -44.33
N SER F 57 12.81 14.85 -43.33
CA SER F 57 12.52 15.32 -41.95
C SER F 57 12.67 16.84 -41.90
N GLN F 58 13.27 17.49 -42.90
CA GLN F 58 13.55 18.94 -42.89
C GLN F 58 12.92 19.69 -44.08
N VAL F 59 12.36 18.99 -45.07
CA VAL F 59 11.84 19.62 -46.32
C VAL F 59 10.44 19.10 -46.58
N SER F 60 9.55 20.01 -46.95
CA SER F 60 8.16 19.70 -47.34
C SER F 60 7.80 20.55 -48.57
N ALA F 61 6.61 20.34 -49.10
CA ALA F 61 6.11 21.10 -50.26
C ALA F 61 4.58 21.21 -50.20
N ARG F 62 4.05 22.32 -50.69
CA ARG F 62 2.61 22.43 -51.03
C ARG F 62 2.43 21.96 -52.47
N VAL F 63 1.65 20.92 -52.64
CA VAL F 63 1.33 20.34 -53.97
C VAL F 63 -0.08 20.82 -54.35
N TYR F 64 -0.22 21.27 -55.60
CA TYR F 64 -1.44 21.89 -56.15
C TYR F 64 -1.91 21.07 -57.36
N ILE F 65 -3.21 20.85 -57.45
CA ILE F 65 -3.86 20.24 -58.65
C ILE F 65 -5.06 21.12 -59.02
N PRO F 66 -5.26 21.44 -60.31
CA PRO F 66 -6.42 22.21 -60.75
C PRO F 66 -7.63 21.31 -61.00
N LYS F 67 -8.84 21.88 -61.15
CA LYS F 67 -10.08 21.15 -61.60
C LYS F 67 -9.66 20.21 -62.74
N ILE F 68 -9.97 18.91 -62.68
CA ILE F 68 -9.47 17.91 -63.68
C ILE F 68 -10.63 17.59 -64.65
N SER F 69 -10.37 17.64 -65.96
CA SER F 69 -11.37 17.50 -67.06
C SER F 69 -11.18 16.13 -67.75
N ASP F 70 -10.07 15.96 -68.50
CA ASP F 70 -9.70 14.74 -69.27
C ASP F 70 -9.09 13.68 -68.34
N HIS F 71 -8.48 12.64 -68.93
CA HIS F 71 -7.50 11.74 -68.26
C HIS F 71 -6.09 12.38 -68.32
N GLU F 72 -5.97 13.50 -69.06
CA GLU F 72 -4.70 14.06 -69.64
C GLU F 72 -3.71 14.44 -68.53
N LYS F 73 -2.42 14.17 -68.77
CA LYS F 73 -1.30 14.55 -67.87
C LYS F 73 -0.94 16.02 -68.13
N LEU F 74 -0.47 16.71 -67.09
CA LEU F 74 -0.24 18.18 -67.05
C LEU F 74 1.24 18.46 -66.89
N PRO F 75 1.71 19.64 -67.33
CA PRO F 75 3.06 20.08 -67.00
C PRO F 75 3.21 20.11 -65.49
N ILE F 76 4.43 19.90 -65.01
CA ILE F 76 4.81 19.98 -63.58
C ILE F 76 5.56 21.28 -63.37
N PHE F 77 5.02 22.10 -62.48
CA PHE F 77 5.56 23.44 -62.15
C PHE F 77 6.12 23.41 -60.75
N VAL F 78 7.44 23.33 -60.61
CA VAL F 78 8.14 23.35 -59.29
C VAL F 78 8.52 24.79 -58.98
N TYR F 79 7.96 25.37 -57.91
CA TYR F 79 8.20 26.78 -57.54
C TYR F 79 9.08 26.85 -56.29
N VAL F 80 9.98 27.83 -56.29
CA VAL F 80 10.87 28.14 -55.15
C VAL F 80 10.65 29.59 -54.78
N HIS F 81 9.86 29.85 -53.73
CA HIS F 81 9.55 31.23 -53.29
C HIS F 81 10.86 31.96 -52.93
N GLY F 82 10.83 33.29 -52.97
CA GLY F 82 11.94 34.15 -52.53
C GLY F 82 11.61 34.86 -51.23
N ALA F 83 12.02 36.12 -51.14
CA ALA F 83 11.93 36.97 -49.94
C ALA F 83 13.15 36.71 -49.04
N GLY F 84 14.31 37.22 -49.46
CA GLY F 84 15.51 37.53 -48.62
C GLY F 84 16.28 36.28 -48.15
N PHE F 85 15.91 35.08 -48.61
CA PHE F 85 16.39 33.76 -48.08
C PHE F 85 15.92 33.55 -46.64
N CYS F 86 15.10 34.47 -46.10
CA CYS F 86 14.81 34.58 -44.66
C CYS F 86 13.33 34.89 -44.32
N LEU F 87 12.39 34.86 -45.27
CA LEU F 87 11.00 35.33 -45.02
C LEU F 87 10.00 34.43 -45.74
N GLU F 88 8.76 34.44 -45.26
CA GLU F 88 7.59 33.85 -45.95
C GLU F 88 7.76 32.32 -46.07
N SER F 89 6.91 31.68 -46.85
CA SER F 89 6.62 30.23 -46.79
C SER F 89 5.75 29.85 -47.97
N ALA F 90 5.92 28.64 -48.47
CA ALA F 90 5.02 28.05 -49.49
C ALA F 90 3.59 27.97 -48.92
N PHE F 91 3.43 28.06 -47.59
CA PHE F 91 2.14 27.78 -46.90
C PHE F 91 1.44 29.10 -46.52
N ARG F 92 2.10 30.23 -46.73
CA ARG F 92 1.54 31.57 -46.38
C ARG F 92 1.04 32.28 -47.65
N SER F 93 0.10 33.23 -47.50
CA SER F 93 -0.77 33.70 -48.61
C SER F 93 0.04 34.42 -49.69
N PHE F 94 1.10 35.14 -49.33
CA PHE F 94 1.83 35.96 -50.33
C PHE F 94 2.25 35.08 -51.53
N PHE F 95 2.93 33.98 -51.30
CA PHE F 95 3.39 33.12 -52.40
C PHE F 95 2.30 32.11 -52.78
N HIS F 96 1.52 31.64 -51.81
CA HIS F 96 0.48 30.61 -52.04
C HIS F 96 -0.58 31.13 -53.03
N THR F 97 -1.03 32.37 -52.84
CA THR F 97 -2.06 33.04 -53.67
C THR F 97 -1.58 33.08 -55.12
N PHE F 98 -0.34 33.50 -55.33
CA PHE F 98 0.29 33.50 -56.67
C PHE F 98 0.26 32.08 -57.25
N VAL F 99 0.79 31.08 -56.54
CA VAL F 99 0.98 29.74 -57.12
C VAL F 99 -0.40 29.16 -57.43
N LYS F 100 -1.37 29.40 -56.56
CA LYS F 100 -2.77 28.90 -56.72
C LYS F 100 -3.33 29.41 -58.05
N HIS F 101 -3.29 30.73 -58.23
CA HIS F 101 -3.81 31.40 -59.45
C HIS F 101 -3.02 30.87 -60.66
N PHE F 102 -1.70 30.79 -60.56
CA PHE F 102 -0.83 30.31 -61.68
C PHE F 102 -1.23 28.89 -62.07
N VAL F 103 -1.51 28.04 -61.08
CA VAL F 103 -1.90 26.62 -61.33
C VAL F 103 -3.24 26.61 -62.07
N ALA F 104 -4.21 27.40 -61.62
CA ALA F 104 -5.56 27.47 -62.21
C ALA F 104 -5.46 27.89 -63.68
N GLU F 105 -4.65 28.91 -63.95
CA GLU F 105 -4.50 29.57 -65.27
C GLU F 105 -3.75 28.65 -66.23
N THR F 106 -2.63 28.05 -65.82
CA THR F 106 -1.75 27.25 -66.71
C THR F 106 -2.15 25.76 -66.72
N LYS F 107 -3.03 25.31 -65.82
CA LYS F 107 -3.46 23.89 -65.70
C LYS F 107 -2.20 23.00 -65.58
N VAL F 108 -1.48 23.15 -64.48
CA VAL F 108 -0.23 22.41 -64.14
C VAL F 108 -0.39 21.74 -62.76
N ILE F 109 0.39 20.70 -62.51
CA ILE F 109 0.68 20.20 -61.13
C ILE F 109 1.71 21.13 -60.50
N GLY F 110 1.32 21.83 -59.45
CA GLY F 110 2.21 22.75 -58.70
C GLY F 110 2.89 22.04 -57.54
N VAL F 111 4.18 22.32 -57.37
CA VAL F 111 4.99 21.84 -56.22
C VAL F 111 5.80 23.03 -55.71
N SER F 112 5.28 23.69 -54.67
CA SER F 112 5.90 24.88 -54.04
C SER F 112 6.71 24.42 -52.84
N ILE F 113 8.03 24.62 -52.86
CA ILE F 113 8.95 23.95 -51.91
C ILE F 113 9.03 24.75 -50.62
N GLU F 114 8.90 24.08 -49.49
CA GLU F 114 9.11 24.68 -48.15
C GLU F 114 10.51 24.31 -47.72
N TYR F 115 11.44 25.23 -47.95
CA TYR F 115 12.89 25.08 -47.65
C TYR F 115 13.19 25.83 -46.34
N ARG F 116 14.28 25.47 -45.68
CA ARG F 116 14.67 26.10 -44.40
C ARG F 116 15.21 27.52 -44.65
N LEU F 117 14.76 28.46 -43.82
CA LEU F 117 15.08 29.91 -43.93
C LEU F 117 16.29 30.27 -43.07
N ALA F 118 17.10 31.22 -43.53
CA ALA F 118 18.10 31.94 -42.70
C ALA F 118 17.35 32.93 -41.81
N PRO F 119 17.92 33.41 -40.68
CA PRO F 119 19.23 32.98 -40.20
C PRO F 119 19.27 31.68 -39.37
N GLU F 120 18.11 31.09 -39.06
CA GLU F 120 18.01 29.84 -38.25
C GLU F 120 18.78 28.70 -38.95
N HIS F 121 18.67 28.62 -40.27
CA HIS F 121 19.38 27.65 -41.12
C HIS F 121 20.08 28.43 -42.23
N LEU F 122 21.37 28.69 -42.03
CA LEU F 122 22.22 29.43 -42.99
C LEU F 122 22.33 28.62 -44.29
N LEU F 123 22.59 29.31 -45.39
CA LEU F 123 22.95 28.64 -46.66
C LEU F 123 24.22 27.85 -46.40
N PRO F 124 24.45 26.69 -47.08
CA PRO F 124 23.60 26.26 -48.20
C PRO F 124 22.35 25.38 -47.91
N ALA F 125 21.78 25.46 -46.71
CA ALA F 125 20.58 24.68 -46.35
C ALA F 125 19.51 24.79 -47.46
N ALA F 126 19.11 26.00 -47.85
CA ALA F 126 18.04 26.22 -48.86
C ALA F 126 18.39 25.47 -50.14
N TYR F 127 19.64 25.57 -50.60
CA TYR F 127 20.10 24.95 -51.86
C TYR F 127 19.94 23.44 -51.76
N GLU F 128 20.38 22.87 -50.64
CA GLU F 128 20.33 21.40 -50.37
C GLU F 128 18.85 20.98 -50.36
N ASP F 129 17.99 21.75 -49.68
CA ASP F 129 16.57 21.41 -49.52
C ASP F 129 15.89 21.37 -50.89
N CYS F 130 16.13 22.40 -51.71
CA CYS F 130 15.47 22.53 -53.01
C CYS F 130 15.99 21.44 -53.98
N TRP F 131 17.28 21.10 -53.90
CA TRP F 131 17.82 19.97 -54.69
C TRP F 131 17.13 18.68 -54.25
N GLU F 132 17.00 18.46 -52.93
CA GLU F 132 16.35 17.24 -52.39
C GLU F 132 14.90 17.19 -52.92
N ALA F 133 14.20 18.33 -52.90
CA ALA F 133 12.78 18.43 -53.31
C ALA F 133 12.65 18.11 -54.81
N LEU F 134 13.58 18.61 -55.62
CA LEU F 134 13.54 18.40 -57.08
C LEU F 134 13.74 16.91 -57.37
N GLN F 135 14.68 16.28 -56.67
CA GLN F 135 14.99 14.83 -56.84
C GLN F 135 13.76 14.03 -56.40
N TRP F 136 13.06 14.52 -55.39
CA TRP F 136 11.83 13.88 -54.88
C TRP F 136 10.79 13.91 -56.02
N VAL F 137 10.60 15.08 -56.64
CA VAL F 137 9.66 15.22 -57.80
C VAL F 137 10.07 14.22 -58.89
N ALA F 138 11.34 14.24 -59.32
CA ALA F 138 11.88 13.34 -60.36
C ALA F 138 11.59 11.88 -60.01
N SER F 139 11.56 11.53 -58.72
CA SER F 139 11.49 10.12 -58.27
C SER F 139 10.13 9.50 -58.63
N HIS F 140 9.14 10.32 -58.97
CA HIS F 140 7.80 9.80 -59.35
C HIS F 140 7.78 9.30 -60.80
N VAL F 141 8.78 9.59 -61.63
CA VAL F 141 8.73 9.27 -63.08
C VAL F 141 8.46 7.77 -63.27
N GLY F 142 7.44 7.45 -64.07
CA GLY F 142 7.08 6.09 -64.51
C GLY F 142 6.59 5.20 -63.38
N LEU F 143 5.70 5.70 -62.52
CA LEU F 143 5.09 4.90 -61.41
C LEU F 143 3.61 4.56 -61.69
N ASP F 144 3.06 4.90 -62.87
CA ASP F 144 1.70 4.46 -63.32
C ASP F 144 1.88 3.53 -64.53
N ALA F 151 5.50 3.49 -52.18
CA ALA F 151 6.12 3.98 -50.93
C ALA F 151 5.34 5.19 -50.38
N ILE F 152 5.42 5.39 -49.06
CA ILE F 152 4.58 6.36 -48.29
C ILE F 152 4.92 7.80 -48.69
N ASP F 153 6.10 8.08 -49.27
CA ASP F 153 6.55 9.46 -49.56
C ASP F 153 6.05 9.94 -50.94
N LYS F 154 5.49 9.04 -51.77
CA LYS F 154 5.18 9.32 -53.19
C LYS F 154 3.79 9.96 -53.31
N ASP F 155 3.68 11.04 -54.05
CA ASP F 155 2.42 11.81 -54.22
C ASP F 155 1.60 11.22 -55.36
N PRO F 156 0.37 10.71 -55.12
CA PRO F 156 -0.45 10.17 -56.20
C PRO F 156 -0.87 11.21 -57.26
N TRP F 157 -0.96 12.49 -56.88
CA TRP F 157 -1.26 13.60 -57.82
C TRP F 157 -0.15 13.64 -58.88
N ILE F 158 1.11 13.65 -58.44
CA ILE F 158 2.27 13.69 -59.38
C ILE F 158 2.28 12.39 -60.19
N ILE F 159 2.02 11.24 -59.56
CA ILE F 159 2.13 9.95 -60.28
C ILE F 159 1.09 9.94 -61.40
N ASN F 160 -0.12 10.40 -61.09
CA ASN F 160 -1.30 10.22 -61.98
C ASN F 160 -1.35 11.31 -63.04
N TYR F 161 -0.92 12.54 -62.74
CA TYR F 161 -1.21 13.73 -63.58
C TYR F 161 0.07 14.45 -64.03
N GLY F 162 1.25 14.08 -63.52
CA GLY F 162 2.51 14.77 -63.83
C GLY F 162 3.11 14.31 -65.16
N ASP F 163 3.35 15.23 -66.08
CA ASP F 163 4.01 14.96 -67.38
C ASP F 163 5.48 15.36 -67.26
N PHE F 164 6.37 14.37 -67.16
CA PHE F 164 7.82 14.57 -66.92
C PHE F 164 8.50 15.08 -68.21
N ASP F 165 7.82 15.03 -69.35
CA ASP F 165 8.28 15.64 -70.62
C ASP F 165 8.10 17.16 -70.58
N ARG F 166 7.30 17.68 -69.65
CA ARG F 166 7.05 19.15 -69.52
C ARG F 166 7.21 19.56 -68.06
N LEU F 167 8.41 19.37 -67.52
CA LEU F 167 8.78 19.79 -66.15
C LEU F 167 9.38 21.18 -66.20
N TYR F 168 8.84 22.10 -65.40
CA TYR F 168 9.35 23.49 -65.27
C TYR F 168 9.79 23.70 -63.83
N LEU F 169 10.83 24.50 -63.67
CA LEU F 169 11.39 24.94 -62.37
C LEU F 169 11.43 26.46 -62.38
N ALA F 170 10.76 27.11 -61.43
CA ALA F 170 10.57 28.57 -61.38
C ALA F 170 10.85 29.08 -59.98
N GLY F 171 11.32 30.32 -59.88
CA GLY F 171 11.55 30.99 -58.59
C GLY F 171 11.66 32.49 -58.76
N ASP F 172 11.53 33.20 -57.65
CA ASP F 172 11.68 34.68 -57.63
C ASP F 172 12.75 35.06 -56.61
N SER F 173 13.42 36.19 -56.85
CA SER F 173 14.41 36.80 -55.92
C SER F 173 15.33 35.70 -55.39
N PRO F 174 15.70 35.59 -54.09
CA PRO F 174 16.56 34.48 -53.68
C PRO F 174 16.13 33.09 -54.20
N GLY F 175 14.83 32.88 -54.37
CA GLY F 175 14.29 31.64 -55.00
C GLY F 175 14.83 31.44 -56.40
N ALA F 176 14.98 32.53 -57.16
CA ALA F 176 15.55 32.53 -58.53
C ALA F 176 17.05 32.24 -58.43
N ASN F 177 17.70 32.70 -57.36
CA ASN F 177 19.12 32.36 -57.10
C ASN F 177 19.20 30.85 -56.83
N ILE F 178 18.28 30.31 -56.06
CA ILE F 178 18.24 28.84 -55.78
C ILE F 178 18.02 28.12 -57.10
N VAL F 179 17.11 28.60 -57.94
CA VAL F 179 16.79 27.93 -59.23
C VAL F 179 18.07 27.95 -60.09
N HIS F 180 18.77 29.08 -60.14
CA HIS F 180 20.06 29.19 -60.89
C HIS F 180 20.99 28.06 -60.44
N ASN F 181 21.19 27.92 -59.13
CA ASN F 181 22.19 26.99 -58.58
C ASN F 181 21.69 25.56 -58.83
N THR F 182 20.37 25.34 -58.76
CA THR F 182 19.73 24.03 -59.02
C THR F 182 19.92 23.64 -60.50
N LEU F 183 19.83 24.61 -61.41
CA LEU F 183 19.98 24.35 -62.87
C LEU F 183 21.42 23.93 -63.14
N ILE F 184 22.39 24.61 -62.53
CA ILE F 184 23.83 24.24 -62.68
C ILE F 184 23.98 22.79 -62.21
N ARG F 185 23.39 22.48 -61.07
CA ARG F 185 23.53 21.16 -60.42
C ARG F 185 22.84 20.12 -61.31
N ALA F 186 21.62 20.39 -61.79
CA ALA F 186 20.87 19.46 -62.68
C ALA F 186 21.73 19.13 -63.90
N GLY F 187 22.49 20.13 -64.35
CA GLY F 187 23.46 20.01 -65.46
C GLY F 187 24.59 19.04 -65.15
N LYS F 188 25.22 19.15 -63.96
CA LYS F 188 26.41 18.36 -63.57
C LYS F 188 25.96 16.95 -63.18
N GLU F 189 24.96 16.82 -62.29
CA GLU F 189 24.64 15.59 -61.54
C GLU F 189 23.60 14.72 -62.30
N LYS F 190 22.65 15.31 -63.01
CA LYS F 190 21.50 14.57 -63.61
C LYS F 190 20.49 14.26 -62.49
N LEU F 191 19.24 14.02 -62.88
CA LEU F 191 18.10 13.76 -61.93
C LEU F 191 17.73 12.28 -62.04
N LYS F 192 17.04 11.77 -61.04
CA LYS F 192 16.56 10.37 -61.01
C LYS F 192 15.72 10.10 -62.27
N GLY F 193 15.84 8.87 -62.79
CA GLY F 193 14.98 8.34 -63.87
C GLY F 193 15.26 9.00 -65.20
N GLY F 194 16.29 9.83 -65.28
CA GLY F 194 16.67 10.58 -66.50
C GLY F 194 15.78 11.79 -66.72
N VAL F 195 14.98 12.17 -65.74
CA VAL F 195 14.11 13.38 -65.82
C VAL F 195 14.98 14.57 -66.23
N LYS F 196 14.52 15.33 -67.22
CA LYS F 196 15.16 16.57 -67.72
C LYS F 196 14.18 17.73 -67.41
N ILE F 197 14.68 18.84 -66.91
CA ILE F 197 13.90 20.10 -66.77
C ILE F 197 13.70 20.68 -68.18
N LEU F 198 12.46 20.81 -68.64
CA LEU F 198 12.18 21.41 -69.98
C LEU F 198 12.51 22.90 -69.93
N GLY F 199 11.92 23.62 -68.98
CA GLY F 199 12.06 25.09 -68.91
C GLY F 199 12.18 25.58 -67.48
N ALA F 200 12.78 26.75 -67.32
CA ALA F 200 12.95 27.42 -66.01
C ALA F 200 12.61 28.90 -66.13
N ILE F 201 12.14 29.50 -65.03
CA ILE F 201 11.79 30.94 -64.94
C ILE F 201 12.55 31.54 -63.77
N LEU F 202 13.28 32.63 -64.02
CA LEU F 202 13.81 33.53 -62.96
C LEU F 202 13.02 34.83 -63.01
N TYR F 203 12.15 35.07 -62.04
CA TYR F 203 11.48 36.39 -61.87
C TYR F 203 12.29 37.17 -60.85
N TYR F 204 12.84 38.32 -61.25
CA TYR F 204 13.74 39.18 -60.44
C TYR F 204 14.93 38.35 -59.95
N PRO F 205 15.94 38.08 -60.80
CA PRO F 205 17.10 37.31 -60.36
C PRO F 205 17.73 37.96 -59.13
N TYR F 206 18.38 37.18 -58.28
CA TYR F 206 19.18 37.68 -57.13
C TYR F 206 20.63 37.24 -57.35
N PHE F 207 21.39 38.12 -57.99
CA PHE F 207 22.86 38.00 -58.15
C PHE F 207 23.51 39.25 -57.59
N ILE F 208 24.77 39.12 -57.17
CA ILE F 208 25.67 40.26 -56.86
C ILE F 208 26.89 40.11 -57.77
N ILE F 209 27.07 41.09 -58.66
CA ILE F 209 28.17 41.16 -59.64
C ILE F 209 28.69 42.60 -59.65
N PRO F 210 30.02 42.79 -59.54
CA PRO F 210 30.63 44.09 -59.83
C PRO F 210 30.36 44.49 -61.29
N THR F 211 29.86 45.70 -61.49
CA THR F 211 29.66 46.37 -62.81
C THR F 211 30.46 47.69 -62.80
N SER F 212 30.45 48.44 -63.91
CA SER F 212 31.24 49.68 -64.05
C SER F 212 30.59 50.83 -63.24
N THR F 213 29.27 50.80 -63.07
CA THR F 213 28.50 51.77 -62.24
C THR F 213 28.18 51.10 -60.89
N LYS F 214 28.67 51.71 -59.80
CA LYS F 214 28.42 51.29 -58.39
C LYS F 214 26.91 51.38 -58.15
N LEU F 215 26.34 50.47 -57.36
CA LEU F 215 24.99 50.60 -56.75
C LEU F 215 25.05 51.79 -55.80
N SER F 216 23.92 52.47 -55.54
CA SER F 216 23.87 53.57 -54.55
C SER F 216 24.04 52.95 -53.16
N ASP F 217 24.51 53.74 -52.20
CA ASP F 217 24.85 53.28 -50.82
C ASP F 217 23.63 52.53 -50.25
N ASP F 218 22.46 53.20 -50.20
CA ASP F 218 21.25 52.65 -49.51
C ASP F 218 20.81 51.38 -50.23
N PHE F 219 20.76 51.35 -51.56
CA PHE F 219 20.28 50.15 -52.29
C PHE F 219 21.26 49.00 -52.09
N GLU F 220 22.58 49.25 -52.18
CA GLU F 220 23.64 48.24 -51.97
C GLU F 220 23.41 47.58 -50.61
N TYR F 221 23.21 48.36 -49.55
CA TYR F 221 23.01 47.85 -48.17
C TYR F 221 21.75 46.98 -48.12
N ASN F 222 20.65 47.45 -48.72
CA ASN F 222 19.31 46.80 -48.58
C ASN F 222 19.13 45.68 -49.60
N TYR F 223 20.09 45.50 -50.51
CA TYR F 223 20.08 44.41 -51.52
C TYR F 223 21.04 43.29 -51.08
N THR F 224 22.29 43.64 -50.76
CA THR F 224 23.36 42.66 -50.43
C THR F 224 23.15 42.05 -49.03
N CYS F 225 22.43 42.73 -48.15
CA CYS F 225 22.19 42.29 -46.75
C CYS F 225 21.66 40.84 -46.73
N TYR F 226 20.83 40.43 -47.68
CA TYR F 226 20.17 39.10 -47.66
C TYR F 226 21.24 38.00 -47.83
N TRP F 227 22.16 38.18 -48.77
CA TRP F 227 23.31 37.25 -48.97
C TRP F 227 24.20 37.26 -47.72
N LYS F 228 24.44 38.43 -47.13
CA LYS F 228 25.33 38.56 -45.95
C LYS F 228 24.74 37.82 -44.74
N LEU F 229 23.43 37.91 -44.49
CA LEU F 229 22.81 37.33 -43.27
C LEU F 229 22.54 35.84 -43.53
N ALA F 230 22.34 35.43 -44.78
CA ALA F 230 22.01 34.03 -45.16
C ALA F 230 23.27 33.17 -45.29
N TYR F 231 24.40 33.74 -45.71
CA TYR F 231 25.66 32.99 -45.99
C TYR F 231 26.84 33.84 -45.51
N PRO F 232 26.90 34.16 -44.20
CA PRO F 232 27.95 35.06 -43.70
C PRO F 232 29.36 34.53 -43.97
N ASN F 233 29.55 33.20 -43.98
CA ASN F 233 30.87 32.55 -44.09
C ASN F 233 31.07 32.02 -45.51
N ALA F 234 30.45 32.64 -46.52
CA ALA F 234 30.53 32.15 -47.91
C ALA F 234 31.99 32.25 -48.34
N PRO F 235 32.62 31.18 -48.90
CA PRO F 235 33.96 31.34 -49.46
C PRO F 235 33.89 32.32 -50.64
N GLY F 236 34.69 33.38 -50.61
CA GLY F 236 34.69 34.45 -51.62
C GLY F 236 33.71 35.57 -51.31
N GLY F 237 32.89 35.44 -50.26
CA GLY F 237 31.92 36.47 -49.83
C GLY F 237 30.88 36.71 -50.91
N MET F 238 30.77 37.94 -51.41
CA MET F 238 29.81 38.27 -52.50
C MET F 238 30.37 37.91 -53.89
N ASN F 239 31.58 37.32 -53.95
CA ASN F 239 32.17 36.74 -55.19
C ASN F 239 32.10 35.21 -55.16
N ASN F 240 31.40 34.63 -54.17
CA ASN F 240 31.05 33.20 -54.18
C ASN F 240 30.31 32.90 -55.47
N PRO F 241 30.70 31.86 -56.24
CA PRO F 241 30.02 31.49 -57.48
C PRO F 241 28.50 31.33 -57.41
N MET F 242 27.94 31.08 -56.22
CA MET F 242 26.49 30.80 -56.05
C MET F 242 25.69 32.11 -56.00
N ILE F 243 26.37 33.24 -55.77
CA ILE F 243 25.77 34.61 -55.78
C ILE F 243 26.30 35.41 -56.98
N ASN F 244 27.54 35.14 -57.42
CA ASN F 244 28.17 35.84 -58.57
C ASN F 244 28.45 34.82 -59.67
N PRO F 245 27.53 34.65 -60.64
CA PRO F 245 27.63 33.55 -61.59
C PRO F 245 28.69 33.74 -62.67
N ILE F 246 29.46 34.84 -62.65
CA ILE F 246 30.63 35.09 -63.55
C ILE F 246 31.93 35.26 -62.73
N ALA F 247 31.99 34.79 -61.49
CA ALA F 247 33.23 34.75 -60.67
C ALA F 247 34.28 33.88 -61.37
N GLU F 248 35.58 34.06 -61.07
CA GLU F 248 36.73 33.38 -61.72
C GLU F 248 36.46 31.87 -61.81
N ASN F 249 36.06 31.23 -60.71
CA ASN F 249 35.96 29.74 -60.66
C ASN F 249 34.49 29.34 -60.72
N ALA F 250 33.61 30.17 -61.28
CA ALA F 250 32.15 29.92 -61.36
C ALA F 250 31.86 28.82 -62.37
N PRO F 251 30.88 27.93 -62.11
CA PRO F 251 30.56 26.84 -63.04
C PRO F 251 29.99 27.37 -64.36
N ASP F 252 30.40 26.71 -65.46
CA ASP F 252 30.08 27.10 -66.85
C ASP F 252 28.55 27.14 -67.00
N LEU F 253 28.02 28.26 -67.51
CA LEU F 253 26.56 28.47 -67.70
C LEU F 253 26.02 27.58 -68.84
N ALA F 254 26.90 27.10 -69.74
CA ALA F 254 26.57 26.15 -70.83
C ALA F 254 25.97 24.87 -70.22
N GLY F 255 26.30 24.58 -68.97
CA GLY F 255 25.85 23.36 -68.26
C GLY F 255 24.44 23.48 -67.72
N TYR F 256 23.81 24.66 -67.73
CA TYR F 256 22.39 24.86 -67.30
C TYR F 256 21.56 23.67 -67.79
N GLY F 257 20.89 22.96 -66.89
CA GLY F 257 20.14 21.71 -67.18
C GLY F 257 18.69 22.00 -67.50
N CYS F 258 18.43 22.87 -68.48
CA CYS F 258 17.09 23.12 -69.07
C CYS F 258 17.29 23.48 -70.54
N SER F 259 16.24 23.33 -71.36
CA SER F 259 16.23 23.67 -72.81
C SER F 259 15.72 25.09 -73.04
N ARG F 260 14.90 25.62 -72.13
CA ARG F 260 14.22 26.94 -72.27
C ARG F 260 14.39 27.70 -70.96
N LEU F 261 14.62 29.01 -71.06
CA LEU F 261 14.79 29.87 -69.86
C LEU F 261 14.09 31.21 -70.10
N LEU F 262 13.18 31.57 -69.19
CA LEU F 262 12.55 32.92 -69.15
C LEU F 262 13.17 33.71 -67.99
N VAL F 263 13.81 34.84 -68.28
CA VAL F 263 14.29 35.82 -67.27
C VAL F 263 13.37 37.04 -67.34
N THR F 264 12.65 37.31 -66.25
CA THR F 264 11.73 38.46 -66.16
C THR F 264 12.35 39.50 -65.21
N LEU F 265 12.50 40.74 -65.67
CA LEU F 265 13.11 41.86 -64.90
C LEU F 265 12.03 42.91 -64.63
N VAL F 266 12.15 43.60 -63.51
CA VAL F 266 11.24 44.70 -63.10
C VAL F 266 12.12 45.90 -62.73
N SER F 267 11.52 47.04 -62.43
CA SER F 267 12.20 48.35 -62.32
C SER F 267 11.99 48.97 -60.92
N MET F 268 11.06 48.45 -60.13
CA MET F 268 10.68 49.04 -58.83
C MET F 268 10.59 47.94 -57.76
N ILE F 269 11.07 48.25 -56.56
CA ILE F 269 10.74 47.54 -55.31
C ILE F 269 9.81 48.46 -54.54
N SER F 270 8.51 48.17 -54.58
CA SER F 270 7.46 49.07 -54.06
C SER F 270 7.68 50.45 -54.69
N THR F 271 7.94 51.53 -53.93
CA THR F 271 8.12 52.90 -54.50
C THR F 271 9.62 53.25 -54.60
N THR F 272 10.51 52.27 -54.53
CA THR F 272 11.98 52.44 -54.60
C THR F 272 12.49 51.97 -55.95
N PRO F 273 13.19 52.83 -56.72
CA PRO F 273 13.90 52.39 -57.92
C PRO F 273 14.86 51.22 -57.66
N ASP F 274 14.60 50.10 -58.34
CA ASP F 274 15.52 48.93 -58.38
C ASP F 274 16.76 49.27 -59.20
N GLU F 275 17.92 48.66 -58.88
CA GLU F 275 19.24 48.98 -59.49
C GLU F 275 19.95 47.72 -59.99
N THR F 276 19.22 46.63 -60.26
CA THR F 276 19.80 45.34 -60.73
C THR F 276 19.87 45.26 -62.26
N LYS F 277 19.44 46.29 -63.01
CA LYS F 277 19.53 46.36 -64.51
C LYS F 277 20.94 45.89 -64.93
N ASP F 278 21.99 46.55 -64.42
CA ASP F 278 23.38 46.32 -64.86
C ASP F 278 23.81 44.89 -64.53
N ILE F 279 23.55 44.44 -63.30
CA ILE F 279 23.90 43.06 -62.83
C ILE F 279 23.27 42.02 -63.78
N ASN F 280 21.97 42.13 -64.04
CA ASN F 280 21.20 41.13 -64.81
C ASN F 280 21.65 41.17 -66.28
N ALA F 281 22.04 42.33 -66.78
CA ALA F 281 22.60 42.50 -68.14
C ALA F 281 23.88 41.66 -68.27
N VAL F 282 24.81 41.79 -67.30
CA VAL F 282 26.10 41.05 -67.29
C VAL F 282 25.78 39.54 -67.26
N TYR F 283 24.81 39.12 -66.44
CA TYR F 283 24.40 37.70 -66.31
C TYR F 283 23.93 37.21 -67.69
N ILE F 284 23.00 37.94 -68.31
CA ILE F 284 22.37 37.52 -69.59
C ILE F 284 23.45 37.44 -70.67
N GLU F 285 24.32 38.46 -70.80
CA GLU F 285 25.45 38.50 -71.77
C GLU F 285 26.33 37.26 -71.57
N ALA F 286 26.54 36.84 -70.32
CA ALA F 286 27.41 35.69 -69.98
C ALA F 286 26.72 34.39 -70.46
N LEU F 287 25.42 34.25 -70.19
CA LEU F 287 24.61 33.10 -70.65
C LEU F 287 24.69 33.05 -72.18
N GLU F 288 24.37 34.15 -72.88
CA GLU F 288 24.36 34.24 -74.37
C GLU F 288 25.78 33.90 -74.89
N LYS F 289 26.85 34.35 -74.23
CA LYS F 289 28.26 34.11 -74.64
C LYS F 289 28.72 32.68 -74.24
N SER F 290 27.93 31.91 -73.48
CA SER F 290 28.37 30.63 -72.85
C SER F 290 28.42 29.47 -73.86
N GLY F 291 27.57 29.49 -74.87
CA GLY F 291 27.40 28.33 -75.78
C GLY F 291 26.31 27.39 -75.32
N TRP F 292 25.58 27.76 -74.26
CA TRP F 292 24.25 27.17 -73.91
C TRP F 292 23.36 27.29 -75.14
N LYS F 293 22.85 26.17 -75.68
CA LYS F 293 22.16 26.17 -76.99
C LYS F 293 20.64 26.09 -76.73
N GLY F 294 20.20 26.53 -75.54
CA GLY F 294 18.77 26.61 -75.21
C GLY F 294 18.11 27.87 -75.75
N GLU F 295 16.78 27.93 -75.63
CA GLU F 295 15.93 29.09 -75.99
C GLU F 295 15.95 30.06 -74.79
N LEU F 296 16.53 31.25 -74.95
CA LEU F 296 16.53 32.31 -73.92
C LEU F 296 15.42 33.30 -74.24
N GLU F 297 14.58 33.59 -73.23
CA GLU F 297 13.49 34.59 -73.31
C GLU F 297 13.74 35.62 -72.20
N VAL F 298 13.81 36.89 -72.55
CA VAL F 298 13.88 38.01 -71.56
C VAL F 298 12.62 38.88 -71.68
N ALA F 299 12.07 39.29 -70.53
CA ALA F 299 10.85 40.12 -70.40
C ALA F 299 11.15 41.20 -69.36
N ASP F 300 11.28 42.44 -69.82
CA ASP F 300 11.73 43.58 -68.97
C ASP F 300 10.53 44.52 -68.81
N PHE F 301 9.98 44.62 -67.60
CA PHE F 301 8.78 45.44 -67.30
C PHE F 301 9.15 46.67 -66.47
N ASP F 302 8.46 47.78 -66.74
CA ASP F 302 8.33 48.95 -65.84
C ASP F 302 7.21 48.62 -64.85
N ALA F 303 7.58 48.01 -63.74
CA ALA F 303 6.69 47.33 -62.79
C ALA F 303 7.39 47.19 -61.45
N ASP F 304 6.55 47.03 -60.42
CA ASP F 304 6.93 46.73 -59.03
C ASP F 304 7.05 45.20 -58.88
N TYR F 305 8.18 44.73 -58.35
CA TYR F 305 8.41 43.31 -57.98
C TYR F 305 7.13 42.69 -57.41
N PHE F 306 6.48 43.40 -56.49
CA PHE F 306 5.37 42.86 -55.66
C PHE F 306 4.10 42.59 -56.49
N GLU F 307 3.91 43.30 -57.61
CA GLU F 307 2.64 43.31 -58.39
C GLU F 307 2.35 41.92 -58.97
N LEU F 308 3.38 41.12 -59.23
CA LEU F 308 3.17 39.76 -59.83
C LEU F 308 2.30 38.93 -58.89
N PHE F 309 2.53 39.07 -57.58
CA PHE F 309 2.02 38.15 -56.52
C PHE F 309 0.61 38.57 -56.10
N THR F 310 0.39 39.89 -55.96
CA THR F 310 -0.85 40.54 -55.48
C THR F 310 -1.93 40.54 -56.57
N LEU F 311 -1.56 40.66 -57.86
CA LEU F 311 -2.46 40.56 -59.04
C LEU F 311 -3.65 41.54 -58.96
N GLU F 312 -3.43 42.72 -58.37
CA GLU F 312 -4.47 43.77 -58.21
C GLU F 312 -4.39 44.77 -59.37
N THR F 313 -3.20 44.92 -59.97
CA THR F 313 -2.88 45.93 -61.02
C THR F 313 -2.78 45.27 -62.40
N GLU F 314 -2.97 46.09 -63.45
CA GLU F 314 -2.90 45.63 -64.85
C GLU F 314 -1.47 45.15 -65.14
N MET F 315 -0.45 45.88 -64.68
CA MET F 315 0.96 45.49 -64.94
C MET F 315 1.23 44.14 -64.26
N GLY F 316 0.69 43.93 -63.06
CA GLY F 316 0.78 42.64 -62.36
C GLY F 316 0.21 41.52 -63.22
N LYS F 317 -0.99 41.74 -63.75
CA LYS F 317 -1.68 40.76 -64.62
C LYS F 317 -0.89 40.53 -65.91
N ASN F 318 -0.28 41.58 -66.50
CA ASN F 318 0.56 41.42 -67.73
C ASN F 318 1.72 40.45 -67.44
N MET F 319 2.44 40.67 -66.34
CA MET F 319 3.62 39.84 -65.99
C MET F 319 3.15 38.41 -65.71
N PHE F 320 2.01 38.26 -65.05
CA PHE F 320 1.44 36.94 -64.75
C PHE F 320 1.20 36.20 -66.07
N ARG F 321 0.54 36.89 -67.01
CA ARG F 321 0.21 36.32 -68.33
C ARG F 321 1.50 36.01 -69.11
N ARG F 322 2.55 36.83 -68.98
CA ARG F 322 3.85 36.56 -69.68
C ARG F 322 4.40 35.21 -69.16
N LEU F 323 4.47 35.02 -67.85
CA LEU F 323 4.97 33.75 -67.24
C LEU F 323 4.07 32.58 -67.67
N ALA F 324 2.75 32.79 -67.67
CA ALA F 324 1.78 31.75 -68.08
C ALA F 324 2.06 31.32 -69.53
N SER F 325 2.41 32.26 -70.42
CA SER F 325 2.73 32.01 -71.85
C SER F 325 3.95 31.11 -72.00
N PHE F 326 4.94 31.22 -71.10
CA PHE F 326 6.16 30.38 -71.13
C PHE F 326 5.77 28.90 -70.96
N ILE F 327 4.71 28.58 -70.21
CA ILE F 327 4.19 27.18 -70.06
C ILE F 327 3.22 26.85 -71.21
N LYS F 328 3.52 25.84 -72.04
CA LYS F 328 2.61 25.38 -73.11
C LYS F 328 2.53 23.85 -73.05
N ASP G 10 -3.27 22.87 36.56
CA ASP G 10 -3.03 24.35 36.31
C ASP G 10 -4.40 25.06 36.37
N GLU G 11 -4.37 26.39 36.30
CA GLU G 11 -5.52 27.32 36.28
C GLU G 11 -6.45 26.93 35.11
N THR G 12 -7.76 27.16 35.29
CA THR G 12 -8.84 26.89 34.30
C THR G 12 -9.55 28.18 33.89
N ILE G 13 -10.12 28.20 32.69
CA ILE G 13 -11.09 29.24 32.21
C ILE G 13 -12.48 28.81 32.67
N TRP G 14 -12.84 27.55 32.41
CA TRP G 14 -14.13 26.93 32.79
C TRP G 14 -13.87 25.69 33.64
N ASP G 15 -14.21 25.76 34.92
CA ASP G 15 -14.22 24.58 35.85
C ASP G 15 -15.68 24.18 36.03
N LEU G 16 -16.16 23.27 35.18
CA LEU G 16 -17.56 22.79 35.21
C LEU G 16 -17.52 21.32 35.67
N SER G 17 -16.57 20.97 36.58
CA SER G 17 -16.58 19.72 37.37
C SER G 17 -18.01 19.44 37.85
N PRO G 18 -18.55 18.21 37.70
CA PRO G 18 -17.78 17.06 37.20
C PRO G 18 -18.00 16.72 35.72
N TYR G 19 -18.35 17.71 34.89
CA TYR G 19 -18.71 17.49 33.46
C TYR G 19 -17.50 17.80 32.53
N ILE G 20 -16.92 19.01 32.64
CA ILE G 20 -15.80 19.44 31.76
C ILE G 20 -14.94 20.49 32.46
N LYS G 21 -13.63 20.47 32.18
CA LYS G 21 -12.67 21.52 32.56
C LYS G 21 -11.98 21.99 31.29
N ILE G 22 -11.94 23.31 31.05
CA ILE G 22 -11.17 23.95 29.94
C ILE G 22 -10.09 24.83 30.59
N PHE G 23 -8.82 24.49 30.36
CA PHE G 23 -7.65 25.05 31.07
C PHE G 23 -7.13 26.28 30.33
N LYS G 24 -6.48 27.22 31.03
CA LYS G 24 -5.81 28.41 30.42
C LYS G 24 -4.82 27.90 29.36
N ASP G 25 -4.16 26.75 29.58
CA ASP G 25 -3.10 26.18 28.71
C ASP G 25 -3.68 25.38 27.53
N GLY G 26 -5.00 25.39 27.29
CA GLY G 26 -5.59 24.80 26.07
C GLY G 26 -6.16 23.40 26.27
N ARG G 27 -5.70 22.67 27.30
CA ARG G 27 -6.18 21.31 27.65
C ARG G 27 -7.70 21.31 27.91
N VAL G 28 -8.39 20.27 27.42
CA VAL G 28 -9.84 20.01 27.68
C VAL G 28 -9.95 18.64 28.35
N GLU G 29 -10.35 18.59 29.64
CA GLU G 29 -10.62 17.34 30.37
C GLU G 29 -12.13 17.08 30.33
N ARG G 30 -12.53 15.94 29.78
CA ARG G 30 -13.94 15.49 29.77
C ARG G 30 -14.12 14.43 30.86
N LEU G 31 -14.55 14.91 32.03
CA LEU G 31 -14.75 14.15 33.30
C LEU G 31 -15.97 13.20 33.14
N HIS G 32 -17.11 13.69 32.62
CA HIS G 32 -18.28 12.88 32.19
C HIS G 32 -18.10 12.51 30.71
N ASN G 33 -17.35 11.43 30.44
CA ASN G 33 -17.32 10.81 29.09
C ASN G 33 -17.68 9.33 29.19
N SER G 34 -18.93 9.00 28.94
CA SER G 34 -19.45 7.60 29.02
C SER G 34 -18.70 6.75 27.98
N PRO G 35 -18.49 5.45 28.23
CA PRO G 35 -17.75 4.62 27.30
C PRO G 35 -18.37 4.49 25.91
N TYR G 36 -17.50 4.28 24.92
CA TYR G 36 -17.87 3.91 23.54
C TYR G 36 -18.60 2.56 23.59
N VAL G 37 -19.62 2.43 22.77
CA VAL G 37 -20.36 1.17 22.58
C VAL G 37 -20.31 0.88 21.09
N PRO G 38 -19.69 -0.23 20.65
CA PRO G 38 -19.54 -0.52 19.23
C PRO G 38 -20.84 -0.90 18.56
N PRO G 39 -20.90 -0.90 17.21
CA PRO G 39 -22.07 -1.38 16.47
C PRO G 39 -22.43 -2.78 16.94
N SER G 40 -23.71 -3.14 16.88
CA SER G 40 -24.23 -4.46 17.30
C SER G 40 -25.44 -4.84 16.44
N LEU G 41 -25.56 -6.13 16.15
CA LEU G 41 -26.70 -6.76 15.44
C LEU G 41 -27.54 -7.56 16.47
N ASN G 42 -28.85 -7.39 16.49
CA ASN G 42 -29.82 -8.17 17.32
C ASN G 42 -29.37 -8.11 18.78
N ASP G 43 -29.27 -6.90 19.34
CA ASP G 43 -28.92 -6.67 20.76
C ASP G 43 -29.76 -7.66 21.58
N PRO G 44 -29.17 -8.49 22.47
CA PRO G 44 -29.95 -9.46 23.23
C PRO G 44 -31.10 -8.80 24.02
N GLU G 45 -30.83 -7.72 24.74
CA GLU G 45 -31.86 -7.04 25.59
C GLU G 45 -33.01 -6.53 24.71
N THR G 46 -32.75 -5.80 23.63
CA THR G 46 -33.78 -4.96 22.95
C THR G 46 -34.12 -5.44 21.53
N GLY G 47 -33.32 -6.32 20.92
CA GLY G 47 -33.44 -6.70 19.49
C GLY G 47 -33.06 -5.58 18.53
N VAL G 48 -32.61 -4.42 19.02
CA VAL G 48 -32.20 -3.30 18.14
C VAL G 48 -30.80 -3.62 17.57
N SER G 49 -30.56 -3.20 16.32
CA SER G 49 -29.26 -3.24 15.63
C SER G 49 -28.82 -1.80 15.32
N TRP G 50 -27.53 -1.51 15.36
CA TRP G 50 -27.03 -0.15 15.00
C TRP G 50 -25.67 -0.20 14.31
N LYS G 51 -25.41 0.84 13.53
CA LYS G 51 -24.20 1.01 12.68
C LYS G 51 -23.84 2.50 12.66
N ASP G 52 -22.56 2.80 12.43
CA ASP G 52 -22.03 4.19 12.35
C ASP G 52 -21.67 4.48 10.91
N VAL G 53 -22.33 5.45 10.31
CA VAL G 53 -22.28 5.71 8.85
C VAL G 53 -21.83 7.15 8.63
N PRO G 54 -21.07 7.40 7.56
CA PRO G 54 -20.56 8.73 7.29
C PRO G 54 -21.58 9.52 6.48
N ILE G 55 -21.69 10.81 6.78
CA ILE G 55 -22.56 11.77 6.05
C ILE G 55 -21.65 12.69 5.22
N SER G 56 -20.56 13.17 5.81
CA SER G 56 -19.50 13.96 5.11
C SER G 56 -18.13 13.55 5.65
N SER G 57 -17.08 14.30 5.34
CA SER G 57 -15.74 14.05 5.92
C SER G 57 -15.72 14.49 7.39
N GLN G 58 -16.71 15.26 7.85
CA GLN G 58 -16.71 15.82 9.24
C GLN G 58 -17.94 15.39 10.06
N VAL G 59 -18.95 14.76 9.44
CA VAL G 59 -20.23 14.43 10.12
C VAL G 59 -20.56 12.97 9.88
N SER G 60 -20.99 12.28 10.94
CA SER G 60 -21.44 10.87 10.88
C SER G 60 -22.70 10.72 11.74
N ALA G 61 -23.27 9.52 11.78
CA ALA G 61 -24.48 9.22 12.57
C ALA G 61 -24.51 7.75 12.95
N ARG G 62 -25.06 7.45 14.13
CA ARG G 62 -25.46 6.09 14.51
C ARG G 62 -26.90 5.88 14.03
N VAL G 63 -27.09 4.90 13.15
CA VAL G 63 -28.41 4.52 12.61
C VAL G 63 -28.86 3.25 13.36
N TYR G 64 -30.12 3.25 13.78
CA TYR G 64 -30.75 2.18 14.59
C TYR G 64 -31.95 1.61 13.84
N ILE G 65 -32.10 0.28 13.87
CA ILE G 65 -33.31 -0.41 13.36
C ILE G 65 -33.75 -1.41 14.43
N PRO G 66 -35.06 -1.50 14.74
CA PRO G 66 -35.56 -2.48 15.70
C PRO G 66 -35.84 -3.83 15.04
N LYS G 67 -36.04 -4.91 15.84
CA LYS G 67 -36.55 -6.25 15.38
C LYS G 67 -37.68 -5.96 14.38
N ILE G 68 -37.66 -6.55 13.17
CA ILE G 68 -38.67 -6.22 12.11
C ILE G 68 -39.74 -7.33 12.09
N SER G 69 -41.02 -6.95 12.08
CA SER G 69 -42.22 -7.85 12.12
C SER G 69 -42.87 -7.96 10.74
N ASP G 70 -43.51 -6.89 10.24
CA ASP G 70 -44.15 -6.78 8.90
C ASP G 70 -43.08 -6.48 7.82
N HIS G 71 -43.50 -6.10 6.60
CA HIS G 71 -42.65 -5.38 5.62
C HIS G 71 -42.75 -3.86 5.89
N GLU G 72 -43.60 -3.45 6.86
CA GLU G 72 -44.12 -2.08 7.08
C GLU G 72 -43.00 -1.06 7.33
N LYS G 73 -43.12 0.15 6.77
CA LYS G 73 -42.20 1.29 6.97
C LYS G 73 -42.48 1.96 8.32
N LEU G 74 -41.44 2.52 8.93
CA LEU G 74 -41.42 3.05 10.32
C LEU G 74 -41.20 4.56 10.32
N PRO G 75 -41.65 5.27 11.37
CA PRO G 75 -41.27 6.67 11.55
C PRO G 75 -39.75 6.76 11.60
N ILE G 76 -39.22 7.90 11.18
CA ILE G 76 -37.77 8.22 11.22
C ILE G 76 -37.57 9.20 12.37
N PHE G 77 -36.72 8.82 13.32
CA PHE G 77 -36.44 9.58 14.55
C PHE G 77 -34.99 10.06 14.47
N VAL G 78 -34.80 11.33 14.13
CA VAL G 78 -33.45 11.97 14.05
C VAL G 78 -33.16 12.62 15.39
N TYR G 79 -32.15 12.13 16.11
CA TYR G 79 -31.81 12.63 17.46
C TYR G 79 -30.53 13.46 17.40
N VAL G 80 -30.52 14.54 18.18
CA VAL G 80 -29.36 15.44 18.38
C VAL G 80 -29.05 15.47 19.87
N HIS G 81 -28.06 14.71 20.33
CA HIS G 81 -27.67 14.64 21.75
C HIS G 81 -27.28 16.05 22.22
N GLY G 82 -27.36 16.28 23.53
CA GLY G 82 -26.89 17.51 24.18
C GLY G 82 -25.64 17.27 24.99
N ALA G 83 -25.56 17.90 26.17
CA ALA G 83 -24.37 17.94 27.03
C ALA G 83 -23.41 19.05 26.58
N GLY G 84 -23.82 20.30 26.81
CA GLY G 84 -22.97 21.52 26.89
C GLY G 84 -22.43 22.00 25.56
N PHE G 85 -22.87 21.44 24.43
CA PHE G 85 -22.29 21.66 23.07
C PHE G 85 -20.85 21.11 23.01
N CYS G 86 -20.38 20.45 24.08
CA CYS G 86 -18.94 20.15 24.30
C CYS G 86 -18.67 18.75 24.91
N LEU G 87 -19.65 17.86 25.03
CA LEU G 87 -19.46 16.57 25.77
C LEU G 87 -20.19 15.43 25.06
N GLU G 88 -19.77 14.20 25.32
CA GLU G 88 -20.46 12.94 24.93
C GLU G 88 -20.54 12.83 23.40
N SER G 89 -21.34 11.89 22.90
CA SER G 89 -21.25 11.34 21.53
C SER G 89 -22.48 10.47 21.29
N ALA G 90 -22.94 10.43 20.04
CA ALA G 90 -23.95 9.46 19.59
C ALA G 90 -23.45 8.02 19.82
N PHE G 91 -22.13 7.83 19.99
CA PHE G 91 -21.49 6.48 19.99
C PHE G 91 -21.15 6.04 21.41
N ARG G 92 -21.37 6.92 22.39
CA ARG G 92 -21.08 6.61 23.82
C ARG G 92 -22.40 6.29 24.56
N SER G 93 -22.32 5.54 25.66
CA SER G 93 -23.47 4.81 26.26
C SER G 93 -24.54 5.78 26.78
N PHE G 94 -24.16 6.94 27.29
CA PHE G 94 -25.15 7.87 27.93
C PHE G 94 -26.30 8.13 26.96
N PHE G 95 -26.02 8.59 25.75
CA PHE G 95 -27.10 8.93 24.79
C PHE G 95 -27.48 7.68 24.00
N HIS G 96 -26.53 6.79 23.70
CA HIS G 96 -26.78 5.57 22.89
C HIS G 96 -27.83 4.68 23.57
N THR G 97 -27.69 4.48 24.89
CA THR G 97 -28.57 3.60 25.70
C THR G 97 -30.00 4.13 25.63
N PHE G 98 -30.17 5.43 25.81
CA PHE G 98 -31.47 6.12 25.62
C PHE G 98 -32.02 5.84 24.22
N VAL G 99 -31.26 6.14 23.17
CA VAL G 99 -31.81 6.09 21.78
C VAL G 99 -32.17 4.63 21.48
N LYS G 100 -31.35 3.69 21.93
CA LYS G 100 -31.54 2.24 21.70
C LYS G 100 -32.90 1.83 22.27
N HIS G 101 -33.13 2.12 23.55
CA HIS G 101 -34.39 1.79 24.27
C HIS G 101 -35.55 2.50 23.57
N PHE G 102 -35.39 3.78 23.23
CA PHE G 102 -36.46 4.57 22.55
C PHE G 102 -36.82 3.91 21.22
N VAL G 103 -35.82 3.43 20.48
CA VAL G 103 -36.04 2.81 19.15
C VAL G 103 -36.84 1.52 19.35
N ALA G 104 -36.44 0.70 20.33
CA ALA G 104 -37.08 -0.59 20.65
C ALA G 104 -38.57 -0.35 20.98
N GLU G 105 -38.85 0.65 21.82
CA GLU G 105 -40.18 0.97 22.38
C GLU G 105 -41.08 1.56 21.27
N THR G 106 -40.60 2.54 20.50
CA THR G 106 -41.42 3.29 19.51
C THR G 106 -41.40 2.61 18.14
N LYS G 107 -40.53 1.63 17.89
CA LYS G 107 -40.40 0.94 16.57
C LYS G 107 -40.20 2.01 15.47
N VAL G 108 -39.06 2.71 15.54
CA VAL G 108 -38.65 3.76 14.58
C VAL G 108 -37.26 3.43 14.01
N ILE G 109 -36.94 3.98 12.84
CA ILE G 109 -35.54 4.11 12.34
C ILE G 109 -34.91 5.29 13.08
N GLY G 110 -33.89 5.01 13.89
CA GLY G 110 -33.13 6.02 14.65
C GLY G 110 -31.92 6.51 13.85
N VAL G 111 -31.68 7.82 13.86
CA VAL G 111 -30.50 8.49 13.28
C VAL G 111 -29.97 9.50 14.29
N SER G 112 -29.01 9.10 15.10
CA SER G 112 -28.38 9.91 16.16
C SER G 112 -27.11 10.57 15.59
N ILE G 113 -27.09 11.88 15.50
CA ILE G 113 -26.10 12.63 14.70
C ILE G 113 -24.84 12.84 15.53
N GLU G 114 -23.67 12.52 14.95
CA GLU G 114 -22.36 12.81 15.55
C GLU G 114 -21.86 14.10 14.92
N TYR G 115 -22.08 15.21 15.64
CA TYR G 115 -21.72 16.58 15.24
C TYR G 115 -20.43 16.98 15.97
N ARG G 116 -19.70 17.95 15.44
CA ARG G 116 -18.42 18.40 16.04
C ARG G 116 -18.70 19.20 17.32
N LEU G 117 -17.93 18.92 18.36
CA LEU G 117 -18.06 19.52 19.72
C LEU G 117 -17.18 20.76 19.86
N ALA G 118 -17.64 21.74 20.62
CA ALA G 118 -16.82 22.85 21.16
C ALA G 118 -15.99 22.31 22.33
N PRO G 119 -14.87 22.95 22.74
CA PRO G 119 -14.33 24.14 22.09
C PRO G 119 -13.46 23.90 20.83
N GLU G 120 -13.15 22.64 20.50
CA GLU G 120 -12.30 22.29 19.32
C GLU G 120 -12.94 22.80 18.02
N HIS G 121 -14.26 22.69 17.90
CA HIS G 121 -15.06 23.23 16.78
C HIS G 121 -16.19 24.10 17.36
N LEU G 122 -15.95 25.41 17.41
CA LEU G 122 -16.92 26.42 17.92
C LEU G 122 -18.19 26.39 17.06
N LEU G 123 -19.30 26.84 17.63
CA LEU G 123 -20.53 27.11 16.85
C LEU G 123 -20.17 28.19 15.83
N PRO G 124 -20.80 28.21 14.64
CA PRO G 124 -21.92 27.33 14.29
C PRO G 124 -21.63 25.94 13.67
N ALA G 125 -20.46 25.36 13.92
CA ALA G 125 -20.12 24.00 13.42
C ALA G 125 -21.28 23.02 13.70
N ALA G 126 -21.72 22.88 14.95
CA ALA G 126 -22.75 21.89 15.33
C ALA G 126 -24.01 22.12 14.48
N TYR G 127 -24.43 23.38 14.32
CA TYR G 127 -25.65 23.75 13.57
C TYR G 127 -25.51 23.27 12.12
N GLU G 128 -24.35 23.57 11.51
CA GLU G 128 -24.05 23.21 10.10
C GLU G 128 -24.08 21.67 9.97
N ASP G 129 -23.46 20.98 10.93
CA ASP G 129 -23.32 19.51 10.87
C ASP G 129 -24.73 18.88 10.91
N CYS G 130 -25.57 19.34 11.84
CA CYS G 130 -26.92 18.74 12.05
C CYS G 130 -27.81 19.07 10.85
N TRP G 131 -27.68 20.27 10.26
CA TRP G 131 -28.41 20.60 9.01
C TRP G 131 -27.96 19.64 7.90
N GLU G 132 -26.65 19.42 7.77
CA GLU G 132 -26.10 18.56 6.69
C GLU G 132 -26.66 17.15 6.91
N ALA G 133 -26.70 16.68 8.17
CA ALA G 133 -27.17 15.32 8.50
C ALA G 133 -28.65 15.17 8.15
N LEU G 134 -29.45 16.20 8.45
CA LEU G 134 -30.91 16.17 8.19
C LEU G 134 -31.14 16.09 6.69
N GLN G 135 -30.39 16.88 5.92
CA GLN G 135 -30.51 16.89 4.44
C GLN G 135 -30.10 15.53 3.90
N TRP G 136 -29.11 14.90 4.55
CA TRP G 136 -28.65 13.55 4.17
C TRP G 136 -29.82 12.57 4.35
N VAL G 137 -30.49 12.64 5.51
CA VAL G 137 -31.68 11.78 5.77
C VAL G 137 -32.73 12.03 4.67
N ALA G 138 -33.11 13.29 4.46
CA ALA G 138 -34.08 13.70 3.42
C ALA G 138 -33.71 13.12 2.04
N SER G 139 -32.41 12.98 1.75
CA SER G 139 -31.92 12.64 0.39
C SER G 139 -32.30 11.19 0.05
N HIS G 140 -32.73 10.39 1.03
CA HIS G 140 -33.15 8.99 0.76
C HIS G 140 -34.57 8.93 0.21
N VAL G 141 -35.36 10.00 0.27
CA VAL G 141 -36.81 9.92 -0.09
C VAL G 141 -36.95 9.41 -1.53
N GLY G 142 -37.76 8.36 -1.71
CA GLY G 142 -38.15 7.81 -3.02
C GLY G 142 -36.99 7.13 -3.76
N LEU G 143 -36.20 6.31 -3.08
CA LEU G 143 -35.07 5.53 -3.68
C LEU G 143 -35.40 4.03 -3.76
N ASP G 144 -36.63 3.57 -3.48
CA ASP G 144 -37.10 2.20 -3.82
C ASP G 144 -38.16 2.29 -4.93
N ALA G 151 -26.07 5.22 -4.56
CA ALA G 151 -24.81 5.91 -4.19
C ALA G 151 -24.23 5.33 -2.90
N ILE G 152 -22.92 5.42 -2.72
CA ILE G 152 -22.18 4.75 -1.60
C ILE G 152 -22.61 5.33 -0.23
N ASP G 153 -23.15 6.55 -0.19
CA ASP G 153 -23.41 7.25 1.10
C ASP G 153 -24.84 6.95 1.62
N LYS G 154 -25.67 6.29 0.80
CA LYS G 154 -27.11 6.08 1.08
C LYS G 154 -27.31 4.83 1.94
N ASP G 155 -28.11 4.97 3.00
CA ASP G 155 -28.36 3.90 4.00
C ASP G 155 -29.52 3.02 3.53
N PRO G 156 -29.32 1.71 3.29
CA PRO G 156 -30.41 0.83 2.88
C PRO G 156 -31.52 0.67 3.95
N TRP G 157 -31.18 0.82 5.25
CA TRP G 157 -32.18 0.80 6.34
C TRP G 157 -33.18 1.93 6.12
N ILE G 158 -32.69 3.15 5.90
CA ILE G 158 -33.56 4.33 5.66
C ILE G 158 -34.35 4.11 4.36
N ILE G 159 -33.70 3.61 3.32
CA ILE G 159 -34.37 3.47 2.00
C ILE G 159 -35.53 2.49 2.16
N ASN G 160 -35.29 1.38 2.85
CA ASN G 160 -36.22 0.22 2.88
C ASN G 160 -37.31 0.43 3.95
N TYR G 161 -37.02 1.09 5.07
CA TYR G 161 -37.89 1.08 6.27
C TYR G 161 -38.30 2.49 6.72
N GLY G 162 -37.74 3.54 6.14
CA GLY G 162 -37.98 4.93 6.57
C GLY G 162 -39.25 5.48 5.94
N ASP G 163 -40.19 5.95 6.78
CA ASP G 163 -41.46 6.57 6.34
C ASP G 163 -41.29 8.09 6.43
N PHE G 164 -41.14 8.73 5.28
CA PHE G 164 -40.85 10.19 5.18
C PHE G 164 -42.11 11.00 5.51
N ASP G 165 -43.28 10.36 5.57
CA ASP G 165 -44.56 10.98 6.03
C ASP G 165 -44.54 11.12 7.56
N ARG G 166 -43.66 10.41 8.26
CA ARG G 166 -43.59 10.44 9.74
C ARG G 166 -42.15 10.63 10.18
N LEU G 167 -41.55 11.76 9.78
CA LEU G 167 -40.17 12.15 10.19
C LEU G 167 -40.25 13.01 11.45
N TYR G 168 -39.51 12.63 12.48
CA TYR G 168 -39.39 13.38 13.75
C TYR G 168 -37.93 13.81 13.94
N LEU G 169 -37.76 15.01 14.48
CA LEU G 169 -36.45 15.58 14.85
C LEU G 169 -36.50 15.94 16.34
N ALA G 170 -35.59 15.38 17.12
CA ALA G 170 -35.60 15.46 18.59
C ALA G 170 -34.20 15.77 19.10
N GLY G 171 -34.13 16.47 20.23
CA GLY G 171 -32.86 16.77 20.91
C GLY G 171 -33.06 17.15 22.36
N ASP G 172 -31.98 17.11 23.14
CA ASP G 172 -31.99 17.54 24.56
C ASP G 172 -30.94 18.62 24.78
N SER G 173 -31.20 19.50 25.75
CA SER G 173 -30.27 20.57 26.20
C SER G 173 -29.66 21.25 24.96
N PRO G 174 -28.36 21.55 24.83
CA PRO G 174 -27.89 22.19 23.60
C PRO G 174 -28.35 21.50 22.31
N GLY G 175 -28.56 20.18 22.33
CA GLY G 175 -29.16 19.44 21.20
C GLY G 175 -30.54 19.99 20.83
N ALA G 176 -31.31 20.36 21.84
CA ALA G 176 -32.66 20.96 21.67
C ALA G 176 -32.50 22.37 21.08
N ASN G 177 -31.43 23.06 21.46
CA ASN G 177 -31.10 24.38 20.87
C ASN G 177 -30.78 24.17 19.39
N ILE G 178 -30.01 23.14 19.06
CA ILE G 178 -29.70 22.81 17.65
C ILE G 178 -31.00 22.50 16.91
N VAL G 179 -31.89 21.72 17.53
CA VAL G 179 -33.17 21.34 16.87
C VAL G 179 -33.98 22.63 16.61
N HIS G 180 -34.02 23.53 17.58
CA HIS G 180 -34.72 24.84 17.43
C HIS G 180 -34.23 25.52 16.17
N ASN G 181 -32.90 25.65 16.04
CA ASN G 181 -32.28 26.44 14.95
C ASN G 181 -32.52 25.69 13.63
N THR G 182 -32.49 24.35 13.67
CA THR G 182 -32.75 23.49 12.49
C THR G 182 -34.21 23.64 12.03
N LEU G 183 -35.15 23.77 12.97
CA LEU G 183 -36.60 23.90 12.64
C LEU G 183 -36.81 25.25 11.94
N ILE G 184 -36.18 26.32 12.44
CA ILE G 184 -36.25 27.65 11.79
C ILE G 184 -35.73 27.49 10.35
N ARG G 185 -34.60 26.82 10.21
CA ARG G 185 -33.92 26.66 8.90
C ARG G 185 -34.81 25.81 7.98
N ALA G 186 -35.35 24.69 8.47
CA ALA G 186 -36.24 23.79 7.69
C ALA G 186 -37.42 24.61 7.16
N GLY G 187 -37.86 25.58 7.97
CA GLY G 187 -38.92 26.54 7.62
C GLY G 187 -38.56 27.44 6.46
N LYS G 188 -37.35 28.03 6.48
CA LYS G 188 -36.88 29.03 5.47
C LYS G 188 -36.47 28.28 4.19
N GLU G 189 -35.63 27.25 4.31
CA GLU G 189 -34.87 26.65 3.17
C GLU G 189 -35.64 25.49 2.52
N LYS G 190 -36.39 24.69 3.27
CA LYS G 190 -37.00 23.43 2.76
C LYS G 190 -35.91 22.37 2.67
N LEU G 191 -36.32 21.10 2.65
CA LEU G 191 -35.45 19.91 2.62
C LEU G 191 -35.55 19.29 1.23
N LYS G 192 -34.56 18.47 0.89
CA LYS G 192 -34.53 17.71 -0.38
C LYS G 192 -35.83 16.91 -0.52
N GLY G 193 -36.31 16.80 -1.76
CA GLY G 193 -37.42 15.91 -2.16
C GLY G 193 -38.75 16.35 -1.59
N GLY G 194 -38.80 17.54 -0.99
CA GLY G 194 -40.01 18.09 -0.34
C GLY G 194 -40.31 17.43 1.00
N VAL G 195 -39.34 16.71 1.56
CA VAL G 195 -39.47 16.08 2.90
C VAL G 195 -39.89 17.16 3.90
N LYS G 196 -40.91 16.88 4.71
CA LYS G 196 -41.40 17.77 5.79
C LYS G 196 -41.14 17.05 7.12
N ILE G 197 -40.63 17.76 8.12
CA ILE G 197 -40.58 17.24 9.52
C ILE G 197 -42.02 17.23 10.08
N LEU G 198 -42.54 16.05 10.43
CA LEU G 198 -43.90 15.92 10.99
C LEU G 198 -43.90 16.53 12.39
N GLY G 199 -42.99 16.07 13.25
CA GLY G 199 -42.97 16.49 14.66
C GLY G 199 -41.54 16.65 15.16
N ALA G 200 -41.39 17.48 16.19
CA ALA G 200 -40.10 17.72 16.86
C ALA G 200 -40.28 17.68 18.37
N ILE G 201 -39.22 17.30 19.08
CA ILE G 201 -39.15 17.20 20.57
C ILE G 201 -37.97 18.02 21.06
N LEU G 202 -38.21 18.95 21.98
CA LEU G 202 -37.16 19.60 22.80
C LEU G 202 -37.31 19.08 24.23
N TYR G 203 -36.42 18.20 24.68
CA TYR G 203 -36.29 17.80 26.10
C TYR G 203 -35.25 18.72 26.76
N TYR G 204 -35.68 19.50 27.75
CA TYR G 204 -34.86 20.53 28.46
C TYR G 204 -34.31 21.51 27.42
N PRO G 205 -35.13 22.47 26.94
CA PRO G 205 -34.62 23.45 25.98
C PRO G 205 -33.40 24.19 26.58
N TYR G 206 -32.51 24.66 25.71
CA TYR G 206 -31.34 25.50 26.08
C TYR G 206 -31.49 26.84 25.36
N PHE G 207 -32.10 27.78 26.05
CA PHE G 207 -32.22 29.20 25.64
C PHE G 207 -31.69 30.07 26.78
N ILE G 208 -31.24 31.27 26.43
CA ILE G 208 -30.91 32.36 27.39
C ILE G 208 -31.78 33.55 26.99
N ILE G 209 -32.67 33.96 27.89
CA ILE G 209 -33.61 35.09 27.71
C ILE G 209 -33.65 35.86 29.02
N PRO G 210 -33.50 37.21 28.97
CA PRO G 210 -33.82 38.06 30.12
C PRO G 210 -35.30 37.92 30.50
N THR G 211 -35.56 37.66 31.79
CA THR G 211 -36.90 37.61 32.43
C THR G 211 -36.91 38.61 33.59
N SER G 212 -38.03 38.75 34.30
CA SER G 212 -38.18 39.77 35.39
C SER G 212 -37.41 39.31 36.65
N THR G 213 -37.28 37.99 36.86
CA THR G 213 -36.47 37.39 37.95
C THR G 213 -35.11 36.96 37.39
N LYS G 214 -34.03 37.53 37.95
CA LYS G 214 -32.60 37.18 37.69
C LYS G 214 -32.42 35.70 38.06
N LEU G 215 -31.60 34.95 37.31
CA LEU G 215 -31.08 33.63 37.73
C LEU G 215 -30.17 33.86 38.95
N SER G 216 -30.01 32.87 39.82
CA SER G 216 -29.04 32.96 40.95
C SER G 216 -27.63 32.96 40.37
N ASP G 217 -26.67 33.53 41.10
CA ASP G 217 -25.26 33.68 40.62
C ASP G 217 -24.73 32.31 40.15
N ASP G 218 -24.78 31.30 41.01
CA ASP G 218 -24.17 29.96 40.72
C ASP G 218 -24.85 29.34 39.50
N PHE G 219 -26.18 29.37 39.42
CA PHE G 219 -26.91 28.72 38.31
C PHE G 219 -26.62 29.48 37.00
N GLU G 220 -26.65 30.82 37.03
CA GLU G 220 -26.33 31.68 35.85
C GLU G 220 -24.97 31.25 35.28
N TYR G 221 -23.95 31.17 36.14
CA TYR G 221 -22.58 30.80 35.71
C TYR G 221 -22.58 29.41 35.08
N ASN G 222 -23.24 28.43 35.71
CA ASN G 222 -23.16 26.99 35.32
C ASN G 222 -24.16 26.67 34.22
N TYR G 223 -25.01 27.62 33.84
CA TYR G 223 -25.99 27.45 32.73
C TYR G 223 -25.47 28.15 31.47
N THR G 224 -25.11 29.45 31.59
CA THR G 224 -24.72 30.31 30.43
C THR G 224 -23.33 29.93 29.91
N CYS G 225 -22.48 29.32 30.73
CA CYS G 225 -21.09 28.93 30.39
C CYS G 225 -21.06 28.14 29.06
N TYR G 226 -22.05 27.28 28.78
CA TYR G 226 -22.00 26.39 27.59
C TYR G 226 -22.08 27.24 26.32
N TRP G 227 -22.99 28.21 26.28
CA TRP G 227 -23.09 29.17 25.16
C TRP G 227 -21.79 29.99 25.04
N LYS G 228 -21.24 30.42 26.17
CA LYS G 228 -20.04 31.30 26.17
C LYS G 228 -18.82 30.54 25.61
N LEU G 229 -18.65 29.26 25.96
CA LEU G 229 -17.46 28.48 25.56
C LEU G 229 -17.65 27.96 24.12
N ALA G 230 -18.90 27.75 23.70
CA ALA G 230 -19.23 27.17 22.37
C ALA G 230 -19.29 28.27 21.28
N TYR G 231 -19.66 29.49 21.63
CA TYR G 231 -19.84 30.61 20.66
C TYR G 231 -19.31 31.90 21.28
N PRO G 232 -18.00 31.96 21.63
CA PRO G 232 -17.45 33.11 22.33
C PRO G 232 -17.61 34.42 21.55
N ASN G 233 -17.60 34.39 20.21
CA ASN G 233 -17.65 35.63 19.40
C ASN G 233 -19.04 35.82 18.82
N ALA G 234 -20.09 35.33 19.48
CA ALA G 234 -21.46 35.35 18.93
C ALA G 234 -21.89 36.80 18.77
N PRO G 235 -22.37 37.24 17.57
CA PRO G 235 -22.92 38.59 17.43
C PRO G 235 -24.15 38.72 18.34
N GLY G 236 -24.15 39.73 19.22
CA GLY G 236 -25.20 39.98 20.22
C GLY G 236 -24.94 39.25 21.54
N GLY G 237 -23.89 38.42 21.62
CA GLY G 237 -23.55 37.63 22.83
C GLY G 237 -24.67 36.67 23.19
N MET G 238 -25.23 36.79 24.39
CA MET G 238 -26.35 35.93 24.86
C MET G 238 -27.71 36.46 24.34
N ASN G 239 -27.72 37.53 23.52
CA ASN G 239 -28.91 38.01 22.78
C ASN G 239 -28.80 37.66 21.29
N ASN G 240 -27.82 36.83 20.93
CA ASN G 240 -27.77 36.20 19.59
C ASN G 240 -29.08 35.46 19.36
N PRO G 241 -29.78 35.66 18.22
CA PRO G 241 -31.04 34.97 17.95
C PRO G 241 -31.04 33.44 18.08
N MET G 242 -29.87 32.81 18.00
CA MET G 242 -29.75 31.32 18.00
C MET G 242 -29.78 30.79 19.43
N ILE G 243 -29.54 31.67 20.42
CA ILE G 243 -29.64 31.35 21.88
C ILE G 243 -30.84 32.06 22.52
N ASN G 244 -31.24 33.23 22.00
CA ASN G 244 -32.38 34.02 22.52
C ASN G 244 -33.43 34.13 21.41
N PRO G 245 -34.42 33.23 21.38
CA PRO G 245 -35.34 33.14 20.24
C PRO G 245 -36.39 34.26 20.18
N ILE G 246 -36.36 35.23 21.11
CA ILE G 246 -37.22 36.45 21.11
C ILE G 246 -36.38 37.74 21.05
N ALA G 247 -35.10 37.66 20.66
CA ALA G 247 -34.22 38.84 20.46
C ALA G 247 -34.82 39.75 19.37
N GLU G 248 -34.46 41.04 19.36
CA GLU G 248 -34.91 42.07 18.38
C GLU G 248 -34.86 41.50 16.95
N ASN G 249 -33.75 40.88 16.56
CA ASN G 249 -33.50 40.44 15.16
C ASN G 249 -33.81 38.95 14.97
N ALA G 250 -34.56 38.32 15.88
CA ALA G 250 -34.75 36.85 15.90
C ALA G 250 -35.71 36.44 14.78
N PRO G 251 -35.49 35.28 14.13
CA PRO G 251 -36.44 34.77 13.14
C PRO G 251 -37.81 34.43 13.74
N ASP G 252 -38.87 34.73 12.99
CA ASP G 252 -40.29 34.50 13.34
C ASP G 252 -40.48 33.01 13.64
N LEU G 253 -41.04 32.70 14.81
CA LEU G 253 -41.28 31.30 15.26
C LEU G 253 -42.42 30.65 14.44
N ALA G 254 -43.26 31.45 13.77
CA ALA G 254 -44.34 30.99 12.85
C ALA G 254 -43.72 30.15 11.73
N GLY G 255 -42.44 30.37 11.44
CA GLY G 255 -41.72 29.68 10.37
C GLY G 255 -41.28 28.28 10.75
N TYR G 256 -41.33 27.89 12.03
CA TYR G 256 -40.98 26.52 12.51
C TYR G 256 -41.47 25.49 11.48
N GLY G 257 -40.56 24.67 10.95
CA GLY G 257 -40.85 23.70 9.88
C GLY G 257 -41.23 22.34 10.43
N CYS G 258 -42.28 22.31 11.27
CA CYS G 258 -42.90 21.05 11.77
C CYS G 258 -44.38 21.35 12.04
N SER G 259 -45.23 20.31 12.07
CA SER G 259 -46.69 20.41 12.34
C SER G 259 -46.98 20.20 13.84
N ARG G 260 -46.11 19.48 14.54
CA ARG G 260 -46.32 19.04 15.95
C ARG G 260 -45.02 19.32 16.71
N LEU G 261 -45.15 19.80 17.94
CA LEU G 261 -43.97 20.09 18.79
C LEU G 261 -44.26 19.67 20.23
N LEU G 262 -43.40 18.82 20.78
CA LEU G 262 -43.38 18.47 22.22
C LEU G 262 -42.22 19.20 22.91
N VAL G 263 -42.52 20.07 23.88
CA VAL G 263 -41.51 20.68 24.78
C VAL G 263 -41.65 20.04 26.17
N THR G 264 -40.61 19.34 26.62
CA THR G 264 -40.60 18.64 27.92
C THR G 264 -39.66 19.39 28.88
N LEU G 265 -40.17 19.81 30.04
CA LEU G 265 -39.43 20.60 31.07
C LEU G 265 -39.28 19.74 32.31
N VAL G 266 -38.19 19.96 33.05
CA VAL G 266 -37.85 19.24 34.31
C VAL G 266 -37.50 20.31 35.34
N SER G 267 -37.26 19.92 36.58
CA SER G 267 -37.16 20.84 37.74
C SER G 267 -35.79 20.72 38.43
N MET G 268 -35.03 19.66 38.13
CA MET G 268 -33.74 19.38 38.81
C MET G 268 -32.66 19.03 37.78
N ILE G 269 -31.45 19.54 38.02
CA ILE G 269 -30.20 19.04 37.40
C ILE G 269 -29.47 18.28 38.50
N SER G 270 -29.55 16.95 38.48
CA SER G 270 -29.07 16.09 39.59
C SER G 270 -29.72 16.60 40.89
N THR G 271 -28.96 17.06 41.89
CA THR G 271 -29.52 17.55 43.18
C THR G 271 -29.58 19.09 43.21
N THR G 272 -29.48 19.75 42.06
CA THR G 272 -29.51 21.24 41.93
C THR G 272 -30.86 21.67 41.37
N PRO G 273 -31.61 22.54 42.08
CA PRO G 273 -32.79 23.18 41.51
C PRO G 273 -32.52 23.89 40.17
N ASP G 274 -33.17 23.43 39.10
CA ASP G 274 -33.17 24.09 37.78
C ASP G 274 -33.94 25.41 37.84
N GLU G 275 -33.58 26.40 37.02
CA GLU G 275 -34.12 27.78 37.06
C GLU G 275 -34.51 28.25 35.66
N THR G 276 -34.78 27.33 34.73
CA THR G 276 -35.17 27.66 33.33
C THR G 276 -36.70 27.77 33.17
N LYS G 277 -37.50 27.60 34.24
CA LYS G 277 -38.99 27.71 34.19
C LYS G 277 -39.34 29.03 33.47
N ASP G 278 -38.83 30.17 33.94
CA ASP G 278 -39.22 31.52 33.43
C ASP G 278 -38.80 31.65 31.95
N ILE G 279 -37.57 31.27 31.62
CA ILE G 279 -37.02 31.33 30.22
C ILE G 279 -37.94 30.54 29.28
N ASN G 280 -38.26 29.29 29.63
CA ASN G 280 -39.02 28.36 28.75
C ASN G 280 -40.47 28.85 28.63
N ALA G 281 -41.01 29.47 29.69
CA ALA G 281 -42.35 30.10 29.67
C ALA G 281 -42.37 31.21 28.60
N VAL G 282 -41.39 32.11 28.60
CA VAL G 282 -41.29 33.23 27.61
C VAL G 282 -41.20 32.62 26.19
N TYR G 283 -40.41 31.57 26.02
CA TYR G 283 -40.25 30.87 24.71
C TYR G 283 -41.62 30.35 24.25
N ILE G 284 -42.30 29.59 25.12
CA ILE G 284 -43.58 28.93 24.78
C ILE G 284 -44.64 30.01 24.45
N GLU G 285 -44.76 31.05 25.28
CA GLU G 285 -45.71 32.20 25.07
C GLU G 285 -45.43 32.81 23.70
N ALA G 286 -44.15 32.91 23.31
CA ALA G 286 -43.73 33.55 22.03
C ALA G 286 -44.17 32.66 20.87
N LEU G 287 -43.94 31.35 20.97
CA LEU G 287 -44.40 30.36 19.97
C LEU G 287 -45.92 30.47 19.84
N GLU G 288 -46.68 30.36 20.95
CA GLU G 288 -48.16 30.44 20.97
C GLU G 288 -48.63 31.77 20.36
N LYS G 289 -47.94 32.89 20.64
CA LYS G 289 -48.30 34.25 20.15
C LYS G 289 -47.82 34.45 18.70
N SER G 290 -47.07 33.52 18.10
CA SER G 290 -46.37 33.70 16.80
C SER G 290 -47.34 33.57 15.61
N GLY G 291 -48.39 32.75 15.74
CA GLY G 291 -49.28 32.41 14.61
C GLY G 291 -48.86 31.11 13.95
N TRP G 292 -47.83 30.43 14.47
CA TRP G 292 -47.57 28.99 14.22
C TRP G 292 -48.86 28.22 14.54
N LYS G 293 -49.46 27.51 13.58
CA LYS G 293 -50.81 26.90 13.78
C LYS G 293 -50.61 25.38 13.91
N GLY G 294 -49.45 24.96 14.43
CA GLY G 294 -49.17 23.54 14.71
C GLY G 294 -49.75 23.09 16.04
N GLU G 295 -49.67 21.79 16.31
CA GLU G 295 -50.06 21.14 17.59
C GLU G 295 -48.90 21.31 18.58
N LEU G 296 -49.10 22.07 19.65
CA LEU G 296 -48.11 22.28 20.73
C LEU G 296 -48.45 21.35 21.90
N GLU G 297 -47.46 20.61 22.37
CA GLU G 297 -47.56 19.70 23.53
C GLU G 297 -46.48 20.15 24.53
N VAL G 298 -46.88 20.47 25.75
CA VAL G 298 -45.93 20.74 26.87
C VAL G 298 -46.10 19.66 27.94
N ALA G 299 -44.98 19.18 28.46
CA ALA G 299 -44.88 18.15 29.51
C ALA G 299 -43.91 18.68 30.56
N ASP G 300 -44.42 19.09 31.72
CA ASP G 300 -43.62 19.72 32.80
C ASP G 300 -43.58 18.74 33.97
N PHE G 301 -42.41 18.16 34.26
CA PHE G 301 -42.21 17.13 35.31
C PHE G 301 -41.40 17.70 36.48
N ASP G 302 -41.72 17.23 37.68
CA ASP G 302 -40.85 17.30 38.89
C ASP G 302 -39.92 16.10 38.78
N ALA G 303 -38.76 16.32 38.17
CA ALA G 303 -37.84 15.26 37.73
C ALA G 303 -36.45 15.88 37.52
N ASP G 304 -35.46 14.99 37.55
CA ASP G 304 -34.04 15.25 37.24
C ASP G 304 -33.84 15.07 35.73
N TYR G 305 -33.25 16.08 35.07
CA TYR G 305 -32.82 16.01 33.65
C TYR G 305 -32.28 14.60 33.32
N PHE G 306 -31.40 14.07 34.17
CA PHE G 306 -30.61 12.84 33.90
C PHE G 306 -31.49 11.58 33.86
N GLU G 307 -32.64 11.57 34.53
CA GLU G 307 -33.48 10.36 34.75
C GLU G 307 -34.02 9.83 33.41
N LEU G 308 -34.21 10.69 32.42
CA LEU G 308 -34.73 10.25 31.08
C LEU G 308 -33.79 9.19 30.49
N PHE G 309 -32.48 9.40 30.65
CA PHE G 309 -31.40 8.68 29.90
C PHE G 309 -31.07 7.37 30.62
N THR G 310 -31.01 7.42 31.96
CA THR G 310 -30.61 6.31 32.89
C THR G 310 -31.77 5.30 33.03
N LEU G 311 -33.03 5.75 33.02
CA LEU G 311 -34.26 4.90 33.03
C LEU G 311 -34.29 3.95 34.24
N GLU G 312 -33.74 4.37 35.38
CA GLU G 312 -33.64 3.56 36.62
C GLU G 312 -34.83 3.85 37.54
N THR G 313 -35.39 5.06 37.44
CA THR G 313 -36.46 5.60 38.32
C THR G 313 -37.81 5.61 37.58
N GLU G 314 -38.89 5.59 38.35
CA GLU G 314 -40.28 5.63 37.82
C GLU G 314 -40.47 6.95 37.05
N MET G 315 -40.01 8.07 37.60
CA MET G 315 -40.18 9.38 36.93
C MET G 315 -39.44 9.38 35.60
N GLY G 316 -38.25 8.76 35.56
CA GLY G 316 -37.49 8.59 34.31
C GLY G 316 -38.32 7.84 33.27
N LYS G 317 -38.89 6.71 33.69
CA LYS G 317 -39.75 5.87 32.81
C LYS G 317 -40.99 6.66 32.37
N ASN G 318 -41.59 7.48 33.24
CA ASN G 318 -42.78 8.31 32.87
C ASN G 318 -42.41 9.25 31.73
N MET G 319 -41.31 9.98 31.86
CA MET G 319 -40.86 10.96 30.84
C MET G 319 -40.54 10.21 29.53
N PHE G 320 -39.92 9.06 29.64
CA PHE G 320 -39.59 8.21 28.45
C PHE G 320 -40.91 7.89 27.73
N ARG G 321 -41.89 7.42 28.48
CA ARG G 321 -43.21 7.01 27.93
C ARG G 321 -43.93 8.24 27.36
N ARG G 322 -43.78 9.42 27.96
CA ARG G 322 -44.40 10.66 27.42
C ARG G 322 -43.83 10.91 26.01
N LEU G 323 -42.51 10.89 25.86
CA LEU G 323 -41.85 11.12 24.53
C LEU G 323 -42.29 10.02 23.57
N ALA G 324 -42.36 8.77 24.01
CA ALA G 324 -42.78 7.64 23.16
C ALA G 324 -44.20 7.87 22.63
N SER G 325 -45.10 8.41 23.46
CA SER G 325 -46.51 8.71 23.09
C SER G 325 -46.58 9.78 21.99
N PHE G 326 -45.66 10.74 21.96
CA PHE G 326 -45.60 11.78 20.90
C PHE G 326 -45.41 11.11 19.52
N ILE G 327 -44.69 9.98 19.43
CA ILE G 327 -44.53 9.20 18.17
C ILE G 327 -45.71 8.23 17.99
N LYS G 328 -46.48 8.34 16.90
CA LYS G 328 -47.63 7.44 16.60
C LYS G 328 -47.50 6.92 15.16
N GLU H 11 -1.91 -3.04 43.27
CA GLU H 11 -1.02 -4.11 42.76
C GLU H 11 -1.52 -4.59 41.39
N THR H 12 -0.60 -5.00 40.50
CA THR H 12 -0.92 -5.46 39.12
C THR H 12 -0.51 -6.92 38.92
N ILE H 13 -1.18 -7.61 38.00
CA ILE H 13 -0.80 -8.96 37.47
C ILE H 13 0.19 -8.74 36.32
N TRP H 14 -0.15 -7.85 35.39
CA TRP H 14 0.68 -7.45 34.23
C TRP H 14 0.91 -5.95 34.23
N ASP H 15 2.15 -5.52 34.44
CA ASP H 15 2.63 -4.13 34.20
C ASP H 15 3.42 -4.14 32.88
N LEU H 16 2.74 -3.89 31.77
CA LEU H 16 3.35 -3.82 30.43
C LEU H 16 3.34 -2.35 29.96
N SER H 17 3.51 -1.40 30.89
CA SER H 17 3.83 0.03 30.60
C SER H 17 4.89 0.06 29.50
N PRO H 18 4.74 0.89 28.44
CA PRO H 18 3.67 1.88 28.35
C PRO H 18 2.44 1.47 27.51
N TYR H 19 2.17 0.16 27.37
CA TYR H 19 1.09 -0.37 26.50
C TYR H 19 -0.17 -0.70 27.31
N ILE H 20 -0.07 -1.50 28.36
CA ILE H 20 -1.26 -1.96 29.17
C ILE H 20 -0.82 -2.33 30.59
N LYS H 21 -1.71 -2.06 31.55
CA LYS H 21 -1.61 -2.52 32.96
C LYS H 21 -2.90 -3.28 33.28
N ILE H 22 -2.79 -4.50 33.79
CA ILE H 22 -3.94 -5.34 34.25
C ILE H 22 -3.77 -5.56 35.75
N PHE H 23 -4.73 -5.08 36.54
CA PHE H 23 -4.64 -4.99 38.03
C PHE H 23 -5.20 -6.28 38.64
N LYS H 24 -4.74 -6.64 39.87
CA LYS H 24 -5.30 -7.78 40.65
C LYS H 24 -6.82 -7.62 40.76
N ASP H 25 -7.33 -6.38 40.89
CA ASP H 25 -8.77 -6.06 41.13
C ASP H 25 -9.58 -6.02 39.82
N GLY H 26 -9.01 -6.42 38.67
CA GLY H 26 -9.76 -6.55 37.40
C GLY H 26 -9.68 -5.35 36.48
N ARG H 27 -9.33 -4.16 37.01
CA ARG H 27 -9.16 -2.88 36.23
C ARG H 27 -8.11 -3.07 35.13
N VAL H 28 -8.36 -2.48 33.96
CA VAL H 28 -7.46 -2.50 32.78
C VAL H 28 -7.17 -1.05 32.38
N GLU H 29 -5.92 -0.59 32.50
CA GLU H 29 -5.47 0.75 32.02
C GLU H 29 -4.79 0.57 30.67
N ARG H 30 -5.35 1.16 29.62
CA ARG H 30 -4.70 1.26 28.29
C ARG H 30 -4.34 2.73 28.08
N LEU H 31 -3.17 3.17 28.57
CA LEU H 31 -2.80 4.62 28.70
C LEU H 31 -2.47 5.19 27.30
N HIS H 32 -1.64 4.52 26.50
CA HIS H 32 -1.36 4.94 25.08
C HIS H 32 -2.23 4.06 24.17
N ASN H 33 -3.52 4.35 24.08
CA ASN H 33 -4.44 3.81 23.07
C ASN H 33 -4.62 4.98 22.08
N SER H 34 -4.37 4.77 20.79
CA SER H 34 -4.54 5.82 19.76
C SER H 34 -5.99 6.32 19.73
N PRO H 35 -6.24 7.60 19.41
CA PRO H 35 -7.60 8.12 19.44
C PRO H 35 -8.56 7.45 18.45
N TYR H 36 -9.84 7.44 18.82
CA TYR H 36 -10.96 7.04 17.94
C TYR H 36 -11.00 8.00 16.76
N VAL H 37 -11.27 7.46 15.60
CA VAL H 37 -11.49 8.24 14.36
C VAL H 37 -12.86 7.85 13.84
N PRO H 38 -13.81 8.79 13.76
CA PRO H 38 -15.17 8.49 13.34
C PRO H 38 -15.29 8.13 11.87
N PRO H 39 -16.42 7.54 11.44
CA PRO H 39 -16.66 7.26 10.02
C PRO H 39 -16.51 8.56 9.22
N SER H 40 -16.11 8.44 7.95
CA SER H 40 -15.89 9.59 7.06
C SER H 40 -16.21 9.19 5.62
N LEU H 41 -16.79 10.11 4.88
CA LEU H 41 -17.05 10.01 3.41
C LEU H 41 -16.05 10.88 2.66
N ASN H 42 -15.39 10.34 1.62
CA ASN H 42 -14.48 11.08 0.70
C ASN H 42 -13.41 11.80 1.54
N ASP H 43 -12.63 11.03 2.32
CA ASP H 43 -11.50 11.55 3.11
C ASP H 43 -10.72 12.51 2.23
N PRO H 44 -10.46 13.77 2.63
CA PRO H 44 -9.72 14.71 1.77
C PRO H 44 -8.36 14.13 1.31
N GLU H 45 -7.56 13.60 2.23
CA GLU H 45 -6.20 13.09 1.90
C GLU H 45 -6.29 11.94 0.88
N THR H 46 -7.13 10.92 1.10
CA THR H 46 -7.03 9.62 0.39
C THR H 46 -8.23 9.33 -0.53
N GLY H 47 -9.35 10.04 -0.40
CA GLY H 47 -10.62 9.72 -1.09
C GLY H 47 -11.30 8.45 -0.58
N VAL H 48 -10.75 7.81 0.45
CA VAL H 48 -11.36 6.59 1.04
C VAL H 48 -12.55 7.02 1.91
N SER H 49 -13.59 6.20 1.94
CA SER H 49 -14.78 6.32 2.83
C SER H 49 -14.84 5.09 3.74
N TRP H 50 -15.30 5.26 4.98
CA TRP H 50 -15.43 4.10 5.90
C TRP H 50 -16.65 4.25 6.82
N LYS H 51 -17.14 3.10 7.25
CA LYS H 51 -18.34 2.94 8.10
C LYS H 51 -18.10 1.75 9.05
N ASP H 52 -18.76 1.77 10.20
CA ASP H 52 -18.66 0.73 11.26
C ASP H 52 -19.98 -0.03 11.29
N VAL H 53 -19.92 -1.32 10.99
CA VAL H 53 -21.11 -2.16 10.69
C VAL H 53 -21.09 -3.35 11.63
N PRO H 54 -22.29 -3.82 12.04
CA PRO H 54 -22.39 -4.95 12.96
C PRO H 54 -22.37 -6.27 12.18
N ILE H 55 -21.70 -7.26 12.73
CA ILE H 55 -21.64 -8.65 12.21
C ILE H 55 -22.49 -9.53 13.12
N SER H 56 -22.35 -9.36 14.44
CA SER H 56 -23.16 -10.06 15.47
C SER H 56 -23.43 -9.09 16.61
N SER H 57 -23.95 -9.58 17.73
CA SER H 57 -24.15 -8.77 18.95
C SER H 57 -22.79 -8.49 19.60
N GLN H 58 -21.73 -9.20 19.24
CA GLN H 58 -20.38 -9.08 19.88
C GLN H 58 -19.28 -8.68 18.88
N VAL H 59 -19.51 -8.68 17.59
CA VAL H 59 -18.46 -8.45 16.55
C VAL H 59 -18.95 -7.39 15.58
N SER H 60 -18.05 -6.46 15.25
CA SER H 60 -18.29 -5.42 14.23
C SER H 60 -17.04 -5.30 13.33
N ALA H 61 -17.10 -4.43 12.34
CA ALA H 61 -15.99 -4.17 11.42
C ALA H 61 -16.06 -2.76 10.89
N ARG H 62 -14.89 -2.16 10.63
CA ARG H 62 -14.80 -0.95 9.79
C ARG H 62 -14.63 -1.41 8.33
N VAL H 63 -15.57 -1.03 7.50
CA VAL H 63 -15.56 -1.31 6.04
C VAL H 63 -15.08 -0.06 5.32
N TYR H 64 -14.16 -0.24 4.37
CA TYR H 64 -13.48 0.84 3.62
C TYR H 64 -13.76 0.63 2.13
N ILE H 65 -14.07 1.73 1.45
CA ILE H 65 -14.15 1.76 -0.03
C ILE H 65 -13.32 2.93 -0.54
N PRO H 66 -12.49 2.74 -1.60
CA PRO H 66 -11.72 3.84 -2.19
C PRO H 66 -12.54 4.62 -3.21
N LYS H 67 -12.08 5.80 -3.64
CA LYS H 67 -12.57 6.59 -4.81
C LYS H 67 -12.97 5.58 -5.90
N ILE H 68 -14.20 5.66 -6.42
CA ILE H 68 -14.74 4.66 -7.38
C ILE H 68 -14.72 5.30 -8.76
N SER H 69 -14.28 4.56 -9.81
CA SER H 69 -14.37 5.00 -11.24
C SER H 69 -15.50 4.22 -11.96
N ASP H 70 -15.27 2.95 -12.27
CA ASP H 70 -16.20 2.05 -13.02
C ASP H 70 -17.26 1.47 -12.05
N HIS H 71 -18.03 0.48 -12.51
CA HIS H 71 -18.82 -0.46 -11.67
C HIS H 71 -17.91 -1.63 -11.27
N GLU H 72 -16.64 -1.64 -11.71
CA GLU H 72 -15.65 -2.76 -11.67
C GLU H 72 -15.38 -3.24 -10.23
N LYS H 73 -15.30 -4.57 -10.06
CA LYS H 73 -15.20 -5.21 -8.71
C LYS H 73 -13.75 -5.22 -8.25
N LEU H 74 -13.52 -5.13 -6.94
CA LEU H 74 -12.20 -4.95 -6.30
C LEU H 74 -11.88 -6.18 -5.44
N PRO H 75 -10.58 -6.45 -5.20
CA PRO H 75 -10.20 -7.47 -4.23
C PRO H 75 -10.79 -7.07 -2.88
N ILE H 76 -11.05 -8.07 -2.04
CA ILE H 76 -11.57 -7.88 -0.66
C ILE H 76 -10.41 -8.15 0.28
N PHE H 77 -10.08 -7.17 1.09
CA PHE H 77 -8.93 -7.18 2.02
C PHE H 77 -9.50 -7.20 3.45
N VAL H 78 -9.52 -8.35 4.08
CA VAL H 78 -10.00 -8.52 5.48
C VAL H 78 -8.80 -8.41 6.40
N TYR H 79 -8.76 -7.39 7.26
CA TYR H 79 -7.63 -7.13 8.16
C TYR H 79 -8.01 -7.47 9.60
N VAL H 80 -7.06 -8.05 10.31
CA VAL H 80 -7.18 -8.40 11.75
C VAL H 80 -6.04 -7.70 12.49
N HIS H 81 -6.32 -6.56 13.12
CA HIS H 81 -5.28 -5.77 13.82
C HIS H 81 -4.65 -6.64 14.90
N GLY H 82 -3.44 -6.28 15.31
CA GLY H 82 -2.74 -6.91 16.45
C GLY H 82 -2.67 -5.97 17.62
N ALA H 83 -1.53 -5.94 18.30
CA ALA H 83 -1.30 -5.24 19.59
C ALA H 83 -1.81 -6.11 20.76
N GLY H 84 -1.10 -7.20 21.03
CA GLY H 84 -1.12 -7.95 22.28
C GLY H 84 -2.35 -8.79 22.54
N PHE H 85 -3.28 -8.92 21.56
CA PHE H 85 -4.62 -9.53 21.73
C PHE H 85 -5.48 -8.66 22.66
N CYS H 86 -4.97 -7.50 23.11
CA CYS H 86 -5.53 -6.75 24.26
C CYS H 86 -5.49 -5.21 24.09
N LEU H 87 -5.19 -4.68 22.90
CA LEU H 87 -4.99 -3.22 22.74
C LEU H 87 -5.55 -2.75 21.41
N GLU H 88 -5.81 -1.44 21.31
CA GLU H 88 -6.17 -0.75 20.06
C GLU H 88 -7.48 -1.33 19.50
N SER H 89 -7.79 -1.00 18.25
CA SER H 89 -9.15 -1.12 17.69
C SER H 89 -9.06 -0.86 16.19
N ALA H 90 -9.94 -1.50 15.43
CA ALA H 90 -10.16 -1.18 14.01
C ALA H 90 -10.57 0.30 13.87
N PHE H 91 -11.07 0.93 14.95
CA PHE H 91 -11.72 2.26 14.93
C PHE H 91 -10.76 3.35 15.41
N ARG H 92 -9.58 2.98 15.90
CA ARG H 92 -8.59 3.95 16.42
C ARG H 92 -7.46 4.17 15.40
N SER H 93 -6.76 5.31 15.45
CA SER H 93 -5.95 5.86 14.32
C SER H 93 -4.76 4.94 13.99
N PHE H 94 -4.15 4.27 14.97
CA PHE H 94 -2.94 3.46 14.73
C PHE H 94 -3.22 2.45 13.61
N PHE H 95 -4.26 1.63 13.70
CA PHE H 95 -4.51 0.61 12.67
C PHE H 95 -5.38 1.20 11.56
N HIS H 96 -6.27 2.13 11.88
CA HIS H 96 -7.19 2.73 10.90
C HIS H 96 -6.41 3.46 9.80
N THR H 97 -5.40 4.24 10.20
CA THR H 97 -4.57 5.07 9.29
C THR H 97 -3.86 4.14 8.30
N PHE H 98 -3.28 3.06 8.80
CA PHE H 98 -2.66 2.01 7.95
C PHE H 98 -3.70 1.48 6.96
N VAL H 99 -4.85 1.00 7.43
CA VAL H 99 -5.80 0.28 6.54
C VAL H 99 -6.31 1.27 5.49
N LYS H 100 -6.55 2.51 5.91
CA LYS H 100 -7.06 3.59 5.01
C LYS H 100 -6.09 3.78 3.84
N HIS H 101 -4.82 4.02 4.16
CA HIS H 101 -3.73 4.22 3.15
C HIS H 101 -3.62 2.96 2.28
N PHE H 102 -3.62 1.78 2.89
CA PHE H 102 -3.50 0.50 2.14
C PHE H 102 -4.66 0.38 1.15
N VAL H 103 -5.87 0.76 1.58
CA VAL H 103 -7.07 0.67 0.71
C VAL H 103 -6.91 1.62 -0.48
N ALA H 104 -6.47 2.85 -0.22
CA ALA H 104 -6.28 3.89 -1.24
C ALA H 104 -5.28 3.39 -2.30
N GLU H 105 -4.17 2.81 -1.84
CA GLU H 105 -3.01 2.38 -2.66
C GLU H 105 -3.39 1.13 -3.48
N THR H 106 -4.01 0.12 -2.87
CA THR H 106 -4.29 -1.19 -3.54
C THR H 106 -5.67 -1.18 -4.22
N LYS H 107 -6.52 -0.18 -3.98
CA LYS H 107 -7.91 -0.10 -4.54
C LYS H 107 -8.63 -1.44 -4.23
N VAL H 108 -8.87 -1.68 -2.94
CA VAL H 108 -9.59 -2.88 -2.40
C VAL H 108 -10.77 -2.44 -1.55
N ILE H 109 -11.75 -3.33 -1.37
CA ILE H 109 -12.75 -3.24 -0.26
C ILE H 109 -12.06 -3.72 1.01
N GLY H 110 -11.91 -2.82 1.98
CA GLY H 110 -11.32 -3.13 3.30
C GLY H 110 -12.38 -3.52 4.30
N VAL H 111 -12.11 -4.56 5.08
CA VAL H 111 -12.93 -5.02 6.23
C VAL H 111 -11.99 -5.27 7.39
N SER H 112 -11.87 -4.29 8.28
CA SER H 112 -11.00 -4.34 9.49
C SER H 112 -11.86 -4.78 10.66
N ILE H 113 -11.55 -5.95 11.24
CA ILE H 113 -12.47 -6.63 12.18
C ILE H 113 -12.26 -6.06 13.59
N GLU H 114 -13.35 -5.70 14.25
CA GLU H 114 -13.36 -5.29 15.66
C GLU H 114 -13.77 -6.52 16.47
N TYR H 115 -12.77 -7.24 16.97
CA TYR H 115 -12.92 -8.51 17.71
C TYR H 115 -12.77 -8.17 19.19
N ARG H 116 -13.30 -9.01 20.07
CA ARG H 116 -13.25 -8.74 21.53
C ARG H 116 -11.82 -8.96 22.02
N LEU H 117 -11.35 -8.01 22.85
CA LEU H 117 -9.98 -7.95 23.37
C LEU H 117 -9.90 -8.69 24.71
N ALA H 118 -8.76 -9.32 24.98
CA ALA H 118 -8.36 -9.76 26.33
C ALA H 118 -7.93 -8.53 27.13
N PRO H 119 -7.91 -8.56 28.48
CA PRO H 119 -8.36 -9.71 29.27
C PRO H 119 -9.88 -9.80 29.52
N GLU H 120 -10.67 -8.80 29.12
CA GLU H 120 -12.15 -8.78 29.33
C GLU H 120 -12.79 -10.01 28.65
N HIS H 121 -12.32 -10.36 27.45
CA HIS H 121 -12.74 -11.56 26.69
C HIS H 121 -11.50 -12.36 26.30
N LEU H 122 -11.20 -13.39 27.09
CA LEU H 122 -10.06 -14.30 26.89
C LEU H 122 -10.21 -15.05 25.57
N LEU H 123 -9.10 -15.48 24.99
CA LEU H 123 -9.12 -16.42 23.85
C LEU H 123 -9.83 -17.69 24.33
N PRO H 124 -10.55 -18.42 23.45
CA PRO H 124 -10.57 -18.16 22.00
C PRO H 124 -11.62 -17.17 21.44
N ALA H 125 -12.11 -16.22 22.24
CA ALA H 125 -13.08 -15.20 21.79
C ALA H 125 -12.60 -14.59 20.46
N ALA H 126 -11.38 -14.04 20.40
CA ALA H 126 -10.89 -13.34 19.20
C ALA H 126 -10.98 -14.29 17.98
N TYR H 127 -10.59 -15.55 18.14
CA TYR H 127 -10.57 -16.56 17.04
C TYR H 127 -12.00 -16.74 16.53
N GLU H 128 -12.94 -16.93 17.45
CA GLU H 128 -14.39 -17.13 17.13
C GLU H 128 -14.91 -15.88 16.41
N ASP H 129 -14.58 -14.70 16.91
CA ASP H 129 -15.08 -13.42 16.36
C ASP H 129 -14.59 -13.28 14.91
N CYS H 130 -13.31 -13.50 14.68
CA CYS H 130 -12.70 -13.30 13.33
C CYS H 130 -13.24 -14.35 12.37
N TRP H 131 -13.45 -15.58 12.83
CA TRP H 131 -14.10 -16.63 11.98
C TRP H 131 -15.53 -16.17 11.64
N GLU H 132 -16.28 -15.65 12.61
CA GLU H 132 -17.68 -15.20 12.39
C GLU H 132 -17.65 -14.06 11.38
N ALA H 133 -16.69 -13.13 11.51
CA ALA H 133 -16.55 -11.95 10.61
C ALA H 133 -16.25 -12.43 9.18
N LEU H 134 -15.39 -13.42 9.03
CA LEU H 134 -15.01 -13.95 7.71
C LEU H 134 -16.23 -14.59 7.06
N GLN H 135 -17.00 -15.37 7.82
CA GLN H 135 -18.23 -16.03 7.32
C GLN H 135 -19.24 -14.95 6.91
N TRP H 136 -19.26 -13.84 7.65
CA TRP H 136 -20.13 -12.69 7.34
C TRP H 136 -19.73 -12.13 5.98
N VAL H 137 -18.43 -11.92 5.76
CA VAL H 137 -17.91 -11.44 4.44
C VAL H 137 -18.35 -12.41 3.36
N ALA H 138 -18.04 -13.71 3.53
CA ALA H 138 -18.38 -14.78 2.56
C ALA H 138 -19.88 -14.74 2.23
N SER H 139 -20.72 -14.35 3.18
CA SER H 139 -22.19 -14.49 3.05
C SER H 139 -22.71 -13.52 1.99
N HIS H 140 -21.92 -12.54 1.57
CA HIS H 140 -22.34 -11.59 0.52
C HIS H 140 -22.21 -12.20 -0.90
N VAL H 141 -21.52 -13.33 -1.07
CA VAL H 141 -21.24 -13.88 -2.43
C VAL H 141 -22.58 -14.12 -3.15
N GLY H 142 -22.70 -13.59 -4.37
CA GLY H 142 -23.83 -13.82 -5.29
C GLY H 142 -25.12 -13.17 -4.83
N LEU H 143 -25.08 -11.92 -4.35
CA LEU H 143 -26.30 -11.16 -3.91
C LEU H 143 -26.64 -10.02 -4.89
N ASP H 144 -25.97 -9.89 -6.04
CA ASP H 144 -26.43 -9.00 -7.17
C ASP H 144 -26.84 -9.87 -8.36
N THR H 150 -32.16 -7.82 0.28
CA THR H 150 -30.96 -7.97 1.15
C THR H 150 -31.40 -7.85 2.61
N ALA H 151 -31.05 -8.83 3.46
CA ALA H 151 -31.11 -8.83 4.94
C ALA H 151 -30.42 -7.59 5.52
N ILE H 152 -30.79 -7.21 6.75
CA ILE H 152 -30.38 -5.92 7.39
C ILE H 152 -28.86 -5.88 7.65
N ASP H 153 -28.20 -7.03 7.74
CA ASP H 153 -26.78 -7.12 8.18
C ASP H 153 -25.83 -7.04 6.98
N LYS H 154 -26.36 -7.09 5.75
CA LYS H 154 -25.54 -7.23 4.50
C LYS H 154 -25.06 -5.85 4.02
N ASP H 155 -23.77 -5.73 3.72
CA ASP H 155 -23.14 -4.46 3.33
C ASP H 155 -23.27 -4.27 1.82
N PRO H 156 -23.94 -3.22 1.32
CA PRO H 156 -24.04 -2.98 -0.12
C PRO H 156 -22.69 -2.67 -0.80
N TRP H 157 -21.70 -2.14 -0.07
CA TRP H 157 -20.32 -1.94 -0.61
C TRP H 157 -19.75 -3.30 -1.02
N ILE H 158 -19.82 -4.29 -0.14
CA ILE H 158 -19.29 -5.65 -0.42
C ILE H 158 -20.12 -6.26 -1.56
N ILE H 159 -21.43 -6.10 -1.53
CA ILE H 159 -22.29 -6.76 -2.54
C ILE H 159 -21.91 -6.21 -3.91
N ASN H 160 -21.74 -4.89 -4.00
CA ASN H 160 -21.62 -4.18 -5.29
C ASN H 160 -20.17 -4.22 -5.81
N TYR H 161 -19.15 -4.22 -4.95
CA TYR H 161 -17.75 -3.96 -5.34
C TYR H 161 -16.80 -5.09 -4.94
N GLY H 162 -17.25 -6.07 -4.17
CA GLY H 162 -16.39 -7.16 -3.65
C GLY H 162 -16.20 -8.28 -4.66
N ASP H 163 -14.95 -8.59 -4.99
CA ASP H 163 -14.60 -9.71 -5.90
C ASP H 163 -14.19 -10.91 -5.06
N PHE H 164 -15.06 -11.91 -4.99
CA PHE H 164 -14.88 -13.11 -4.12
C PHE H 164 -13.82 -14.06 -4.73
N ASP H 165 -13.42 -13.84 -5.99
CA ASP H 165 -12.29 -14.54 -6.64
C ASP H 165 -10.96 -14.00 -6.12
N ARG H 166 -10.94 -12.82 -5.48
CA ARG H 166 -9.70 -12.18 -4.99
C ARG H 166 -9.88 -11.72 -3.55
N LEU H 167 -10.18 -12.67 -2.66
CA LEU H 167 -10.34 -12.41 -1.21
C LEU H 167 -8.98 -12.61 -0.52
N TYR H 168 -8.55 -11.62 0.23
CA TYR H 168 -7.28 -11.67 1.02
C TYR H 168 -7.63 -11.49 2.49
N LEU H 169 -6.90 -12.21 3.33
CA LEU H 169 -6.98 -12.14 4.80
C LEU H 169 -5.59 -11.79 5.33
N ALA H 170 -5.48 -10.69 6.07
CA ALA H 170 -4.19 -10.16 6.54
C ALA H 170 -4.31 -9.78 8.02
N GLY H 171 -3.20 -9.87 8.73
CA GLY H 171 -3.10 -9.45 10.13
C GLY H 171 -1.67 -9.23 10.55
N ASP H 172 -1.49 -8.55 11.67
CA ASP H 172 -0.15 -8.30 12.26
C ASP H 172 -0.13 -8.81 13.69
N SER H 173 1.06 -9.21 14.16
CA SER H 173 1.33 -9.63 15.55
C SER H 173 0.19 -10.56 15.99
N PRO H 174 -0.42 -10.49 17.20
CA PRO H 174 -1.49 -11.44 17.51
C PRO H 174 -2.58 -11.56 16.44
N GLY H 175 -2.84 -10.49 15.68
CA GLY H 175 -3.74 -10.53 14.51
C GLY H 175 -3.28 -11.56 13.48
N ALA H 176 -1.97 -11.68 13.29
CA ALA H 176 -1.36 -12.67 12.38
C ALA H 176 -1.53 -14.07 12.97
N ASN H 177 -1.49 -14.17 14.30
CA ASN H 177 -1.79 -15.45 14.98
C ASN H 177 -3.25 -15.83 14.72
N ILE H 178 -4.15 -14.86 14.80
CA ILE H 178 -5.58 -15.10 14.51
C ILE H 178 -5.71 -15.56 13.06
N VAL H 179 -5.01 -14.88 12.15
CA VAL H 179 -5.10 -15.22 10.70
C VAL H 179 -4.61 -16.66 10.52
N HIS H 180 -3.51 -17.03 11.17
CA HIS H 180 -2.96 -18.41 11.13
C HIS H 180 -4.07 -19.40 11.48
N ASN H 181 -4.73 -19.18 12.60
CA ASN H 181 -5.72 -20.15 13.15
C ASN H 181 -6.95 -20.14 12.23
N THR H 182 -7.30 -18.98 11.66
CA THR H 182 -8.42 -18.84 10.69
C THR H 182 -8.09 -19.62 9.41
N LEU H 183 -6.84 -19.59 8.96
CA LEU H 183 -6.41 -20.31 7.71
C LEU H 183 -6.52 -21.82 7.94
N ILE H 184 -6.11 -22.29 9.11
CA ILE H 184 -6.26 -23.73 9.47
C ILE H 184 -7.75 -24.08 9.39
N ARG H 185 -8.58 -23.24 9.97
CA ARG H 185 -10.03 -23.47 10.04
C ARG H 185 -10.63 -23.41 8.63
N ALA H 186 -10.24 -22.42 7.82
CA ALA H 186 -10.73 -22.27 6.43
C ALA H 186 -10.42 -23.54 5.65
N GLY H 187 -9.31 -24.18 6.00
CA GLY H 187 -8.87 -25.47 5.46
C GLY H 187 -9.83 -26.59 5.78
N LYS H 188 -10.33 -26.72 7.01
CA LYS H 188 -11.27 -27.82 7.35
C LYS H 188 -12.69 -27.42 6.94
N GLU H 189 -13.15 -26.27 7.38
CA GLU H 189 -14.61 -25.89 7.43
C GLU H 189 -14.97 -25.04 6.20
N LYS H 190 -16.09 -25.32 5.53
CA LYS H 190 -16.47 -24.58 4.30
C LYS H 190 -17.07 -23.22 4.71
N LEU H 191 -17.03 -22.27 3.79
CA LEU H 191 -17.67 -20.93 3.85
C LEU H 191 -18.89 -20.90 2.94
N LYS H 192 -19.75 -19.89 3.06
CA LYS H 192 -20.94 -19.79 2.16
C LYS H 192 -20.44 -19.70 0.71
N GLY H 193 -21.15 -20.33 -0.23
CA GLY H 193 -20.90 -20.21 -1.67
C GLY H 193 -19.61 -20.87 -2.11
N GLY H 194 -18.93 -21.57 -1.21
CA GLY H 194 -17.60 -22.15 -1.47
C GLY H 194 -16.49 -21.10 -1.47
N VAL H 195 -16.74 -19.88 -1.00
CA VAL H 195 -15.77 -18.76 -1.00
C VAL H 195 -14.44 -19.27 -0.42
N LYS H 196 -13.36 -19.03 -1.17
CA LYS H 196 -11.99 -19.49 -0.89
C LYS H 196 -11.17 -18.22 -0.66
N ILE H 197 -10.29 -18.24 0.35
CA ILE H 197 -9.28 -17.18 0.56
C ILE H 197 -8.20 -17.34 -0.52
N LEU H 198 -8.01 -16.34 -1.39
CA LEU H 198 -6.96 -16.39 -2.44
C LEU H 198 -5.60 -16.31 -1.76
N GLY H 199 -5.39 -15.26 -0.96
CA GLY H 199 -4.09 -15.00 -0.34
C GLY H 199 -4.22 -14.49 1.07
N ALA H 200 -3.18 -14.70 1.88
CA ALA H 200 -3.10 -14.19 3.26
C ALA H 200 -1.73 -13.54 3.51
N ILE H 201 -1.68 -12.61 4.45
CA ILE H 201 -0.46 -11.88 4.90
C ILE H 201 -0.35 -12.04 6.42
N LEU H 202 0.80 -12.51 6.90
CA LEU H 202 1.22 -12.39 8.32
C LEU H 202 2.36 -11.37 8.39
N TYR H 203 2.08 -10.16 8.88
CA TYR H 203 3.14 -9.15 9.19
C TYR H 203 3.51 -9.31 10.66
N TYR H 204 4.76 -9.66 10.94
CA TYR H 204 5.28 -9.97 12.30
C TYR H 204 4.46 -11.10 12.89
N PRO H 205 4.67 -12.37 12.48
CA PRO H 205 3.90 -13.46 13.04
C PRO H 205 4.07 -13.49 14.56
N TYR H 206 3.04 -14.00 15.26
CA TYR H 206 3.08 -14.19 16.73
C TYR H 206 2.89 -15.68 17.00
N PHE H 207 4.02 -16.36 17.10
CA PHE H 207 4.14 -17.77 17.52
C PHE H 207 5.11 -17.82 18.69
N ILE H 208 4.96 -18.87 19.50
CA ILE H 208 5.96 -19.27 20.55
C ILE H 208 6.33 -20.72 20.22
N ILE H 209 7.61 -20.91 19.88
CA ILE H 209 8.21 -22.23 19.52
C ILE H 209 9.56 -22.32 20.21
N PRO H 210 9.86 -23.43 20.92
CA PRO H 210 11.22 -23.72 21.38
C PRO H 210 12.16 -23.86 20.18
N THR H 211 13.29 -23.14 20.20
CA THR H 211 14.40 -23.19 19.21
C THR H 211 15.70 -23.53 19.95
N SER H 212 16.82 -23.63 19.23
CA SER H 212 18.16 -23.99 19.80
C SER H 212 18.73 -22.83 20.63
N THR H 213 18.42 -21.58 20.28
CA THR H 213 18.81 -20.37 21.04
C THR H 213 17.59 -19.90 21.86
N LYS H 214 17.75 -19.86 23.20
CA LYS H 214 16.80 -19.26 24.18
C LYS H 214 16.59 -17.78 23.80
N LEU H 215 15.36 -17.26 23.96
CA LEU H 215 15.09 -15.80 23.95
C LEU H 215 15.77 -15.21 25.20
N SER H 216 16.17 -13.93 25.17
CA SER H 216 16.73 -13.25 26.37
C SER H 216 15.60 -13.09 27.39
N ASP H 217 15.95 -12.98 28.67
CA ASP H 217 14.98 -12.88 29.80
C ASP H 217 13.96 -11.76 29.49
N ASP H 218 14.43 -10.53 29.25
CA ASP H 218 13.54 -9.35 29.07
C ASP H 218 12.62 -9.56 27.86
N PHE H 219 13.15 -10.02 26.74
CA PHE H 219 12.35 -10.17 25.51
C PHE H 219 11.32 -11.29 25.72
N GLU H 220 11.73 -12.43 26.30
CA GLU H 220 10.83 -13.59 26.61
C GLU H 220 9.62 -13.05 27.39
N TYR H 221 9.86 -12.30 28.47
CA TYR H 221 8.78 -11.75 29.33
C TYR H 221 7.86 -10.85 28.51
N ASN H 222 8.42 -9.95 27.70
CA ASN H 222 7.63 -8.88 27.01
C ASN H 222 7.06 -9.38 25.70
N TYR H 223 7.38 -10.61 25.29
CA TYR H 223 6.84 -11.24 24.06
C TYR H 223 5.74 -12.25 24.45
N THR H 224 6.05 -13.17 25.37
CA THR H 224 5.14 -14.29 25.74
C THR H 224 3.97 -13.79 26.60
N CYS H 225 4.12 -12.65 27.27
CA CYS H 225 3.09 -12.06 28.17
C CYS H 225 1.73 -12.00 27.46
N TYR H 226 1.68 -11.68 26.18
CA TYR H 226 0.40 -11.44 25.44
C TYR H 226 -0.40 -12.74 25.37
N TRP H 227 0.26 -13.86 25.03
CA TRP H 227 -0.37 -15.21 25.05
C TRP H 227 -0.82 -15.56 26.46
N LYS H 228 0.00 -15.26 27.47
CA LYS H 228 -0.29 -15.65 28.87
C LYS H 228 -1.51 -14.89 29.40
N LEU H 229 -1.67 -13.61 29.06
CA LEU H 229 -2.78 -12.78 29.60
C LEU H 229 -4.04 -13.02 28.78
N ALA H 230 -3.90 -13.40 27.50
CA ALA H 230 -5.04 -13.61 26.58
C ALA H 230 -5.62 -15.03 26.71
N TYR H 231 -4.79 -16.03 27.05
CA TYR H 231 -5.21 -17.45 27.13
C TYR H 231 -4.55 -18.10 28.34
N PRO H 232 -4.84 -17.60 29.57
CA PRO H 232 -4.14 -18.09 30.76
C PRO H 232 -4.34 -19.59 30.99
N ASN H 233 -5.47 -20.16 30.61
CA ASN H 233 -5.76 -21.59 30.90
C ASN H 233 -5.58 -22.44 29.63
N ALA H 234 -4.69 -22.03 28.72
CA ALA H 234 -4.53 -22.71 27.42
C ALA H 234 -4.06 -24.14 27.66
N PRO H 235 -4.74 -25.18 27.10
CA PRO H 235 -4.23 -26.55 27.21
C PRO H 235 -2.87 -26.63 26.49
N GLY H 236 -1.83 -27.09 27.19
CA GLY H 236 -0.44 -27.18 26.70
C GLY H 236 0.34 -25.90 26.95
N GLY H 237 -0.29 -24.85 27.49
CA GLY H 237 0.36 -23.55 27.78
C GLY H 237 0.87 -22.89 26.51
N MET H 238 2.17 -22.64 26.43
CA MET H 238 2.82 -22.05 25.22
C MET H 238 3.13 -23.13 24.17
N ASN H 239 2.76 -24.39 24.41
CA ASN H 239 2.81 -25.49 23.41
C ASN H 239 1.39 -25.83 22.91
N ASN H 240 0.40 -25.01 23.26
CA ASN H 240 -0.94 -25.05 22.64
C ASN H 240 -0.77 -24.90 21.13
N PRO H 241 -1.38 -25.80 20.32
CA PRO H 241 -1.26 -25.72 18.86
C PRO H 241 -1.58 -24.36 18.20
N MET H 242 -2.37 -23.52 18.89
CA MET H 242 -2.85 -22.22 18.32
C MET H 242 -1.76 -21.15 18.48
N ILE H 243 -0.77 -21.38 19.35
CA ILE H 243 0.40 -20.49 19.56
C ILE H 243 1.70 -21.15 19.04
N ASN H 244 1.76 -22.49 19.08
CA ASN H 244 2.95 -23.28 18.61
C ASN H 244 2.50 -24.18 17.46
N PRO H 245 2.65 -23.72 16.20
CA PRO H 245 2.06 -24.42 15.06
C PRO H 245 2.78 -25.71 14.66
N ILE H 246 3.85 -26.11 15.37
CA ILE H 246 4.59 -27.40 15.17
C ILE H 246 4.56 -28.25 16.45
N ALA H 247 3.63 -27.99 17.38
CA ALA H 247 3.42 -28.83 18.58
C ALA H 247 3.03 -30.26 18.15
N GLU H 248 3.28 -31.27 19.01
CA GLU H 248 2.95 -32.71 18.78
C GLU H 248 1.53 -32.85 18.20
N ASN H 249 0.54 -32.16 18.79
CA ASN H 249 -0.90 -32.34 18.45
C ASN H 249 -1.38 -31.25 17.48
N ALA H 250 -0.47 -30.53 16.80
CA ALA H 250 -0.83 -29.33 16.00
C ALA H 250 -1.52 -29.74 14.70
N PRO H 251 -2.52 -28.98 14.21
CA PRO H 251 -3.13 -29.26 12.92
C PRO H 251 -2.13 -29.07 11.75
N ASP H 252 -2.22 -29.97 10.77
CA ASP H 252 -1.31 -30.04 9.59
C ASP H 252 -1.36 -28.71 8.85
N LEU H 253 -0.19 -28.09 8.60
CA LEU H 253 -0.07 -26.81 7.87
C LEU H 253 -0.43 -26.98 6.39
N ALA H 254 -0.39 -28.20 5.86
CA ALA H 254 -0.82 -28.56 4.48
C ALA H 254 -2.27 -28.16 4.26
N GLY H 255 -3.04 -28.05 5.34
CA GLY H 255 -4.48 -27.72 5.31
C GLY H 255 -4.73 -26.24 5.12
N TYR H 256 -3.73 -25.37 5.28
CA TYR H 256 -3.86 -23.89 5.11
C TYR H 256 -4.82 -23.58 3.95
N GLY H 257 -5.88 -22.84 4.23
CA GLY H 257 -6.98 -22.56 3.27
C GLY H 257 -6.76 -21.27 2.55
N CYS H 258 -5.60 -21.14 1.90
CA CYS H 258 -5.27 -20.09 0.92
C CYS H 258 -4.34 -20.69 -0.13
N SER H 259 -4.25 -20.06 -1.30
CA SER H 259 -3.34 -20.46 -2.42
C SER H 259 -2.00 -19.72 -2.32
N ARG H 260 -1.98 -18.54 -1.71
CA ARG H 260 -0.82 -17.61 -1.66
C ARG H 260 -0.65 -17.13 -0.23
N LEU H 261 0.58 -17.04 0.26
CA LEU H 261 0.88 -16.56 1.62
C LEU H 261 2.13 -15.67 1.61
N LEU H 262 2.00 -14.44 2.11
CA LEU H 262 3.12 -13.53 2.38
C LEU H 262 3.41 -13.48 3.88
N VAL H 263 4.61 -13.89 4.28
CA VAL H 263 5.13 -13.73 5.68
C VAL H 263 6.18 -12.61 5.67
N THR H 264 5.92 -11.52 6.37
CA THR H 264 6.84 -10.35 6.45
C THR H 264 7.46 -10.30 7.85
N LEU H 265 8.78 -10.30 7.93
CA LEU H 265 9.56 -10.32 9.20
C LEU H 265 10.33 -9.01 9.32
N VAL H 266 10.54 -8.57 10.56
CA VAL H 266 11.25 -7.30 10.88
C VAL H 266 12.28 -7.65 11.95
N SER H 267 13.12 -6.69 12.32
CA SER H 267 14.32 -6.92 13.17
C SER H 267 14.26 -6.09 14.45
N MET H 268 13.36 -5.10 14.53
CA MET H 268 13.31 -4.15 15.67
C MET H 268 11.86 -4.00 16.16
N ILE H 269 11.69 -3.93 17.48
CA ILE H 269 10.49 -3.36 18.15
C ILE H 269 10.93 -2.00 18.69
N SER H 270 10.56 -0.92 18.01
CA SER H 270 11.04 0.44 18.32
C SER H 270 12.59 0.39 18.36
N THR H 271 13.26 0.69 19.48
CA THR H 271 14.74 0.67 19.57
C THR H 271 15.25 -0.64 20.22
N THR H 272 14.40 -1.67 20.31
CA THR H 272 14.73 -2.98 20.94
C THR H 272 14.94 -4.03 19.84
N PRO H 273 16.10 -4.71 19.80
CA PRO H 273 16.27 -5.88 18.95
C PRO H 273 15.18 -6.95 19.16
N ASP H 274 14.42 -7.23 18.11
CA ASP H 274 13.44 -8.35 18.03
C ASP H 274 14.20 -9.67 17.97
N GLU H 275 13.61 -10.76 18.49
CA GLU H 275 14.26 -12.09 18.64
C GLU H 275 13.38 -13.21 18.05
N THR H 276 12.46 -12.89 17.15
CA THR H 276 11.52 -13.89 16.56
C THR H 276 12.08 -14.50 15.26
N LYS H 277 13.29 -14.13 14.79
CA LYS H 277 13.90 -14.67 13.54
C LYS H 277 13.84 -16.20 13.62
N ASP H 278 14.35 -16.80 14.70
CA ASP H 278 14.50 -18.28 14.82
C ASP H 278 13.11 -18.94 14.84
N ILE H 279 12.17 -18.40 15.63
CA ILE H 279 10.77 -18.91 15.73
C ILE H 279 10.15 -18.97 14.32
N ASN H 280 10.21 -17.84 13.60
CA ASN H 280 9.52 -17.68 12.29
C ASN H 280 10.20 -18.57 11.24
N ALA H 281 11.51 -18.78 11.35
CA ALA H 281 12.28 -19.70 10.49
C ALA H 281 11.73 -21.11 10.64
N VAL H 282 11.56 -21.59 11.88
CA VAL H 282 11.02 -22.95 12.17
C VAL H 282 9.61 -23.07 11.56
N TYR H 283 8.79 -22.03 11.72
CA TYR H 283 7.41 -21.99 11.18
C TYR H 283 7.47 -22.14 9.66
N ILE H 284 8.27 -21.31 8.99
CA ILE H 284 8.32 -21.25 7.51
C ILE H 284 8.82 -22.62 6.99
N GLU H 285 9.92 -23.17 7.58
CA GLU H 285 10.49 -24.49 7.20
C GLU H 285 9.40 -25.54 7.32
N ALA H 286 8.54 -25.45 8.35
CA ALA H 286 7.47 -26.44 8.63
C ALA H 286 6.40 -26.34 7.54
N LEU H 287 5.99 -25.12 7.20
CA LEU H 287 5.03 -24.87 6.10
C LEU H 287 5.61 -25.45 4.81
N GLU H 288 6.85 -25.07 4.42
CA GLU H 288 7.54 -25.55 3.18
C GLU H 288 7.62 -27.08 3.21
N LYS H 289 7.90 -27.71 4.36
CA LYS H 289 8.06 -29.18 4.49
C LYS H 289 6.68 -29.88 4.61
N SER H 290 5.57 -29.14 4.69
CA SER H 290 4.21 -29.69 5.03
C SER H 290 3.57 -30.39 3.82
N GLY H 291 3.88 -29.96 2.60
CA GLY H 291 3.20 -30.44 1.39
C GLY H 291 2.06 -29.53 1.00
N TRP H 292 1.89 -28.40 1.70
CA TRP H 292 1.11 -27.22 1.22
C TRP H 292 1.68 -26.82 -0.14
N LYS H 293 0.88 -26.81 -1.21
CA LYS H 293 1.37 -26.63 -2.59
C LYS H 293 1.05 -25.20 -3.04
N GLY H 294 0.88 -24.27 -2.10
CA GLY H 294 0.61 -22.85 -2.41
C GLY H 294 1.88 -22.07 -2.70
N GLU H 295 1.72 -20.82 -3.12
CA GLU H 295 2.81 -19.84 -3.37
C GLU H 295 3.19 -19.20 -2.04
N LEU H 296 4.39 -19.46 -1.54
CA LEU H 296 4.94 -18.86 -0.30
C LEU H 296 5.84 -17.69 -0.68
N GLU H 297 5.61 -16.55 -0.04
CA GLU H 297 6.42 -15.31 -0.19
C GLU H 297 6.91 -14.95 1.21
N VAL H 298 8.21 -14.82 1.39
CA VAL H 298 8.82 -14.28 2.63
C VAL H 298 9.55 -12.97 2.30
N ALA H 299 9.42 -12.00 3.18
CA ALA H 299 9.99 -10.64 3.06
C ALA H 299 10.60 -10.30 4.42
N ASP H 300 11.91 -10.26 4.50
CA ASP H 300 12.66 -10.11 5.77
C ASP H 300 13.37 -8.75 5.72
N PHE H 301 12.92 -7.78 6.52
CA PHE H 301 13.44 -6.39 6.53
C PHE H 301 14.24 -6.12 7.81
N ASP H 302 15.26 -5.30 7.68
CA ASP H 302 15.94 -4.55 8.77
C ASP H 302 15.09 -3.30 9.00
N ALA H 303 14.11 -3.42 9.89
CA ALA H 303 13.01 -2.46 10.07
C ALA H 303 12.39 -2.64 11.44
N ASP H 304 11.76 -1.57 11.91
CA ASP H 304 10.93 -1.47 13.13
C ASP H 304 9.50 -1.93 12.80
N TYR H 305 8.97 -2.88 13.57
CA TYR H 305 7.54 -3.31 13.51
C TYR H 305 6.63 -2.10 13.23
N PHE H 306 6.83 -1.01 13.97
CA PHE H 306 5.91 0.17 14.00
C PHE H 306 5.92 0.93 12.67
N GLU H 307 6.99 0.87 11.87
CA GLU H 307 7.22 1.73 10.69
C GLU H 307 6.17 1.44 9.61
N LEU H 308 5.64 0.23 9.54
CA LEU H 308 4.61 -0.11 8.52
C LEU H 308 3.40 0.81 8.66
N PHE H 309 3.01 1.10 9.91
CA PHE H 309 1.70 1.71 10.28
C PHE H 309 1.81 3.23 10.18
N THR H 310 2.93 3.79 10.65
CA THR H 310 3.24 5.26 10.77
C THR H 310 3.60 5.83 9.39
N LEU H 311 4.27 5.07 8.50
CA LEU H 311 4.58 5.43 7.09
C LEU H 311 5.35 6.75 6.98
N GLU H 312 6.21 7.07 7.96
CA GLU H 312 7.00 8.33 7.99
C GLU H 312 8.38 8.09 7.38
N THR H 313 8.87 6.85 7.43
CA THR H 313 10.25 6.44 7.07
C THR H 313 10.27 5.68 5.73
N GLU H 314 11.42 5.68 5.05
CA GLU H 314 11.59 5.00 3.73
C GLU H 314 11.39 3.50 3.94
N MET H 315 11.94 2.91 5.00
CA MET H 315 11.81 1.45 5.24
C MET H 315 10.33 1.11 5.49
N GLY H 316 9.60 1.99 6.18
CA GLY H 316 8.15 1.84 6.37
C GLY H 316 7.44 1.79 5.04
N LYS H 317 7.76 2.74 4.17
CA LYS H 317 7.15 2.82 2.81
C LYS H 317 7.54 1.57 2.00
N ASN H 318 8.76 1.07 2.11
CA ASN H 318 9.18 -0.17 1.38
C ASN H 318 8.29 -1.33 1.78
N MET H 319 8.11 -1.55 3.09
CA MET H 319 7.31 -2.69 3.60
C MET H 319 5.85 -2.51 3.18
N PHE H 320 5.35 -1.28 3.20
CA PHE H 320 3.98 -0.97 2.74
C PHE H 320 3.84 -1.41 1.28
N ARG H 321 4.79 -0.99 0.46
CA ARG H 321 4.80 -1.31 -1.00
C ARG H 321 4.95 -2.84 -1.19
N ARG H 322 5.72 -3.54 -0.35
CA ARG H 322 5.87 -5.01 -0.46
C ARG H 322 4.50 -5.65 -0.26
N LEU H 323 3.77 -5.28 0.79
CA LEU H 323 2.41 -5.84 1.07
C LEU H 323 1.48 -5.47 -0.09
N ALA H 324 1.55 -4.24 -0.59
CA ALA H 324 0.70 -3.77 -1.71
C ALA H 324 0.96 -4.65 -2.94
N SER H 325 2.22 -5.05 -3.21
CA SER H 325 2.61 -5.90 -4.38
C SER H 325 1.96 -7.29 -4.29
N PHE H 326 1.79 -7.83 -3.08
CA PHE H 326 1.11 -9.13 -2.88
C PHE H 326 -0.33 -9.09 -3.41
N ILE H 327 -1.03 -7.94 -3.34
CA ILE H 327 -2.39 -7.76 -3.91
C ILE H 327 -2.28 -7.37 -5.39
N LYS H 328 -2.60 -8.21 -6.35
CA LYS H 328 -2.39 -7.83 -7.79
C LYS H 328 -3.73 -7.29 -8.34
N HIS H 329 -4.02 -6.00 -8.08
CA HIS H 329 -5.18 -5.23 -8.60
C HIS H 329 -4.85 -4.82 -10.05
C1 KJE I . 19.00 -27.46 -19.60
N2 KJE I . 18.09 -29.85 -15.63
C3 KJE I . 18.09 -25.39 -20.48
C4 KJE I . 18.14 -24.78 -19.26
C6 KJE I . 19.02 -26.88 -18.32
C8 KJE I . 19.39 -27.34 -17.03
C9 KJE I . 19.94 -28.71 -16.75
C10 KJE I . 18.89 -29.85 -16.86
C11 KJE I . 19.30 -26.13 -14.68
C12 KJE I . 18.02 -26.56 -13.99
C13 KJE I . 17.57 -28.05 -14.03
C15 KJE I . 18.35 -30.37 -13.36
C16 KJE I . 18.13 -30.82 -14.66
C17 KJE I . 17.35 -28.61 -15.43
C18 KJE I . 18.64 -31.24 -12.15
C2 KJE I . 18.53 -26.71 -20.66
C5 KJE I . 18.58 -25.54 -18.18
N1 KJE I . 18.69 -25.23 -16.86
C7 KJE I . 19.15 -26.30 -16.16
C14 KJE I . 18.39 -28.97 -13.18
C19 KJE I . 18.28 -32.69 -12.33
C20 KJE I . 20.54 -26.76 -14.11
O1 KJE I . 20.40 -27.09 -12.84
O2 KJE I . 21.54 -26.86 -14.72
C21 KJE I . 21.58 -27.54 -12.14
O1 P6G J . 22.47 -20.70 -41.98
C2 P6G J . 21.80 -20.39 -40.75
C3 P6G J . 22.19 -18.97 -40.29
O4 P6G J . 23.25 -18.98 -39.30
C5 P6G J . 23.35 -17.83 -38.48
C6 P6G J . 24.30 -17.95 -37.29
O7 P6G J . 23.88 -19.01 -36.43
C8 P6G J . 24.73 -19.18 -35.24
C9 P6G J . 24.55 -20.55 -34.51
O10 P6G J . 24.68 -20.57 -33.07
C11 P6G J . 25.59 -19.66 -32.43
C12 P6G J . 25.36 -19.40 -30.93
O13 P6G J . 26.33 -20.09 -30.17
C14 P6G J . 26.26 -19.96 -28.76
C15 P6G J . 26.80 -21.18 -28.00
O16 P6G J . 26.09 -22.44 -28.11
C17 P6G J . 26.69 -23.54 -27.35
C18 P6G J . 27.95 -24.15 -28.01
O19 P6G J . 27.73 -24.55 -29.41
C1 KJE K . 29.20 -23.29 -50.09
N2 KJE K . 29.59 -24.20 -54.77
C3 KJE K . 30.57 -22.01 -48.54
C4 KJE K . 30.79 -21.04 -49.49
C6 KJE K . 29.41 -22.31 -51.07
C8 KJE K . 29.01 -22.17 -52.43
C9 KJE K . 28.13 -23.13 -53.16
C10 KJE K . 28.83 -24.43 -53.56
C11 KJE K . 29.57 -20.25 -54.19
C12 KJE K . 30.66 -20.76 -55.13
C13 KJE K . 30.68 -22.19 -55.68
C15 KJE K . 29.32 -23.82 -57.07
C16 KJE K . 29.20 -24.68 -56.00
C17 KJE K . 30.70 -23.28 -54.61
C18 KJE K . 29.01 -24.22 -58.51
C2 KJE K . 29.79 -23.12 -48.84
C5 KJE K . 30.21 -21.21 -50.73
N1 KJE K . 30.28 -20.42 -51.86
C7 KJE K . 29.56 -20.99 -52.87
C14 KJE K . 29.67 -22.47 -56.77
C19 KJE K . 29.43 -25.61 -58.88
C20 KJE K . 28.23 -20.19 -54.90
O1 KJE K . 28.38 -19.98 -56.20
O2 KJE K . 27.21 -20.17 -54.31
C21 KJE K . 27.21 -20.15 -57.04
C1 KJE L . -28.27 -12.48 53.19
N2 KJE L . -32.69 -13.58 52.11
C3 KJE L . -27.17 -12.39 55.34
C4 KJE L . -27.78 -13.55 55.75
C6 KJE L . -28.91 -13.67 53.57
C8 KJE L . -29.84 -14.56 52.93
C9 KJE L . -30.40 -14.35 51.57
C10 KJE L . -31.39 -13.16 51.57
C11 KJE L . -31.05 -16.73 53.83
C12 KJE L . -32.44 -16.39 54.38
C13 KJE L . -33.34 -15.37 53.69
C15 KJE L . -34.33 -15.04 51.36
C16 KJE L . -33.73 -13.81 51.30
C17 KJE L . -32.71 -13.97 53.52
C18 KJE L . -35.33 -15.50 50.32
C2 KJE L . -27.43 -11.86 54.08
C5 KJE L . -28.65 -14.19 54.85
N1 KJE L . -29.39 -15.31 54.99
C7 KJE L . -30.15 -15.52 53.86
C14 KJE L . -33.94 -15.89 52.42
C19 KJE L . -36.77 -15.33 50.72
C20 KJE L . -31.02 -17.45 52.51
O1 KJE L . -32.14 -18.15 52.30
O2 KJE L . -30.05 -17.47 51.81
C21 KJE L . -32.27 -18.83 51.03
O1 P6G M . -9.32 -1.55 57.31
C2 P6G M . -8.20 -2.40 56.97
C3 P6G M . -8.20 -3.63 57.87
O4 P6G M . -8.22 -4.88 57.12
C5 P6G M . -8.24 -6.03 58.02
C6 P6G M . -8.59 -7.37 57.33
O7 P6G M . -9.85 -7.30 56.69
C8 P6G M . -9.98 -8.30 55.69
C9 P6G M . -11.46 -8.65 55.66
O10 P6G M . -12.18 -8.76 54.44
C11 P6G M . -12.34 -10.12 53.96
C12 P6G M . -12.81 -11.28 54.86
O13 P6G M . -13.88 -11.89 54.13
C14 P6G M . -13.75 -13.26 53.84
C15 P6G M . -14.56 -13.56 52.58
O16 P6G M . -15.61 -12.61 52.41
C17 P6G M . -16.63 -12.98 51.41
C18 P6G M . -16.57 -12.37 49.98
O19 P6G M . -16.14 -10.98 49.92
C1 KJE N . 0.33 2.21 50.63
N2 KJE N . 3.33 5.88 49.89
C3 KJE N . 0.62 -0.20 50.57
C4 KJE N . 1.88 -0.11 51.13
C6 KJE N . 1.60 2.33 51.22
C8 KJE N . 2.39 3.44 51.66
C9 KJE N . 1.91 4.86 51.59
C10 KJE N . 1.96 5.47 50.19
C11 KJE N . 4.81 3.51 52.78
C12 KJE N . 5.75 3.81 51.62
C13 KJE N . 5.51 4.94 50.60
C15 KJE N . 4.93 7.42 50.68
C16 KJE N . 3.74 7.18 49.99
C17 KJE N . 4.26 4.77 49.70
C18 KJE N . 5.52 8.79 50.93
C2 KJE N . -0.14 0.95 50.33
C5 KJE N . 2.35 1.16 51.45
N1 KJE N . 3.53 1.55 52.03
C7 KJE N . 3.54 2.91 52.21
C14 KJE N . 5.62 6.31 51.21
C19 KJE N . 5.64 9.61 49.69
C20 KJE N . 4.67 4.65 53.79
O1 KJE N . 5.85 5.28 53.98
O2 KJE N . 3.69 4.87 54.44
C21 KJE N . 5.81 6.66 54.42
C1 KJE O . -5.36 26.73 -23.75
N2 KJE O . -7.66 26.45 -19.77
C3 KJE O . -3.77 25.28 -24.81
C4 KJE O . -4.52 24.16 -24.54
C6 KJE O . -6.14 25.61 -23.42
C8 KJE O . -7.37 25.42 -22.71
C9 KJE O . -8.16 26.54 -22.11
C10 KJE O . -7.43 27.23 -20.97
C11 KJE O . -8.74 23.25 -22.07
C12 KJE O . -8.50 22.96 -20.58
C13 KJE O . -8.33 24.06 -19.51
C15 KJE O . -9.50 26.05 -18.42
C16 KJE O . -8.48 26.90 -18.81
C17 KJE O . -7.18 25.06 -19.78
C18 KJE O . -10.39 26.37 -17.26
C2 KJE O . -4.18 26.55 -24.43
C5 KJE O . -5.69 24.35 -23.82
N1 KJE O . -6.62 23.43 -23.38
C7 KJE O . -7.64 24.08 -22.70
C14 KJE O . -9.59 24.79 -19.12
C19 KJE O . -9.64 27.08 -16.16
C20 KJE O . -10.12 23.82 -22.26
O1 KJE O . -10.99 23.23 -21.46
O2 KJE O . -10.38 24.68 -23.04
C21 KJE O . -12.15 24.01 -21.07
O1 P6G P . 8.32 32.44 -41.65
C2 P6G P . 8.02 31.52 -40.59
C3 P6G P . 7.68 30.14 -41.18
O4 P6G P . 6.30 30.12 -41.62
C5 P6G P . 5.93 28.88 -42.22
C6 P6G P . 4.45 28.58 -42.07
O7 P6G P . 4.27 28.47 -40.68
C8 P6G P . 3.38 29.39 -40.11
C9 P6G P . 2.05 28.74 -39.89
O10 P6G P . 1.38 29.32 -38.74
C11 P6G P . -0.06 29.16 -38.75
C12 P6G P . -0.52 27.70 -38.79
O13 P6G P . -1.54 27.48 -37.84
C14 P6G P . -2.84 27.47 -38.35
C15 P6G P . -3.60 27.36 -37.06
O16 P6G P . -3.96 28.63 -36.50
C17 P6G P . -5.11 28.54 -35.63
C18 P6G P . -5.23 29.71 -34.65
O19 P6G P . -4.61 30.89 -35.18
C1 KJE Q . 9.94 40.55 -48.60
N2 KJE Q . 12.75 43.60 -50.83
C3 KJE Q . 8.03 39.28 -49.36
C4 KJE Q . 8.62 39.01 -50.58
C6 KJE Q . 10.56 40.31 -49.83
C8 KJE Q . 11.81 40.70 -50.40
C9 KJE Q . 12.80 41.50 -49.61
C10 KJE Q . 12.47 42.97 -49.54
C11 KJE Q . 12.86 40.18 -52.81
C12 KJE Q . 12.78 41.38 -53.74
C13 KJE Q . 12.95 42.81 -53.17
C15 KJE Q . 14.68 44.18 -51.89
C16 KJE Q . 13.71 44.49 -50.97
C17 KJE Q . 12.00 43.09 -51.98
C18 KJE Q . 16.02 44.86 -51.87
C2 KJE Q . 8.68 40.04 -48.38
C5 KJE Q . 9.89 39.54 -50.81
N1 KJE Q . 10.70 39.45 -51.91
C7 KJE Q . 11.84 40.18 -51.70
C14 KJE Q . 14.37 43.18 -52.85
C19 KJE Q . 16.01 46.04 -52.80
C20 KJE Q . 14.27 39.91 -52.31
O1 KJE Q . 15.16 40.78 -52.74
O2 KJE Q . 14.56 38.97 -51.62
C21 KJE Q . 16.45 40.22 -53.02
C1 KJE R . -23.30 16.48 31.05
N2 KJE R . -25.47 20.08 33.34
C3 KJE R . -24.18 14.39 30.23
C4 KJE R . -25.33 14.99 29.79
C6 KJE R . -24.45 17.13 30.60
C8 KJE R . -24.91 18.49 30.63
C9 KJE R . -24.16 19.63 31.26
C10 KJE R . -24.19 19.60 32.81
C11 KJE R . -27.13 19.63 29.77
C12 KJE R . -28.15 19.75 30.93
C13 KJE R . -27.72 20.18 32.35
C15 KJE R . -26.54 22.15 33.51
C16 KJE R . -25.59 21.27 34.01
C17 KJE R . -26.65 19.28 32.99
C18 KJE R . -26.68 23.59 33.95
C2 KJE R . -23.18 15.12 30.87
C5 KJE R . -25.46 16.37 29.98
N1 KJE R . -26.47 17.23 29.62
C7 KJE R . -26.15 18.51 30.01
C14 KJE R . -27.37 21.64 32.47
C19 KJE R . -26.97 23.77 35.43
C20 KJE R . -26.51 20.96 29.38
O1 KJE R . -27.12 22.00 29.95
O2 KJE R . -25.64 21.06 28.58
C21 KJE R . -27.48 23.11 29.09
C1 KJE S . 1.10 -1.78 21.09
N2 KJE S . 4.99 -4.51 21.56
C3 KJE S . 0.19 -0.59 19.21
C4 KJE S . 0.45 -1.64 18.35
C6 KJE S . 1.42 -2.87 20.24
C8 KJE S . 2.04 -4.14 20.43
C9 KJE S . 2.56 -4.67 21.74
C10 KJE S . 3.81 -3.94 22.22
C11 KJE S . 2.65 -6.11 18.74
C12 KJE S . 4.13 -5.94 18.35
C13 KJE S . 5.27 -5.61 19.34
C15 KJE S . 6.32 -6.46 21.52
C16 KJE S . 5.84 -5.34 22.21
C17 KJE S . 5.10 -4.28 20.11
C18 KJE S . 7.47 -7.31 22.05
C2 KJE S . 0.48 -0.67 20.56
C5 KJE S . 1.08 -2.76 18.88
N1 KJE S . 1.48 -3.93 18.27
C7 KJE S . 2.06 -4.78 19.19
C14 KJE S . 5.66 -6.74 20.27
C19 KJE S . 8.62 -6.52 22.66
C20 KJE S . 2.43 -7.29 19.68
O1 KJE S . 3.20 -8.35 19.35
O2 KJE S . 1.63 -7.30 20.57
C21 KJE S . 3.34 -9.44 20.29
O1 P6G T . -14.11 14.36 23.06
C2 P6G T . -15.02 13.28 23.20
C3 P6G T . -15.73 13.07 21.88
O4 P6G T . -16.27 11.75 21.91
C5 P6G T . -15.88 11.04 20.73
C6 P6G T . -16.56 9.69 20.69
O7 P6G T . -15.58 8.73 20.42
C8 P6G T . -15.76 7.47 21.03
C9 P6G T . -14.42 6.78 20.99
O10 P6G T . -14.01 6.07 22.16
C11 P6G T . -13.05 5.02 21.88
C12 P6G T . -13.37 3.99 20.76
O13 P6G T . -12.96 2.73 21.22
C14 P6G T . -12.94 1.65 20.31
C15 P6G T . -12.39 0.46 21.11
O16 P6G T . -11.35 0.81 22.02
C17 P6G T . -11.20 -0.05 23.20
C18 P6G T . -10.08 -1.10 23.11
O19 P6G T . -8.73 -0.56 23.27
#